data_1AK7
#
_entry.id   1AK7
#
_cell.length_a   1.000
_cell.length_b   1.000
_cell.length_c   1.000
_cell.angle_alpha   90.00
_cell.angle_beta   90.00
_cell.angle_gamma   90.00
#
_symmetry.space_group_name_H-M   'P 1'
#
_entity_poly.entity_id   1
_entity_poly.type   'polypeptide(L)'
_entity_poly.pdbx_seq_one_letter_code
;TMITPSSGNSASGVQVADEVCRIFYDMKVRKCSTPEEIKKRKKAVIFCLSADKKCIIVEEGKEILVGDVGVTITDPFKHF
VGMLPEKDCRYALYDASFETKESRKEELMFFLWAPELAPLKSKMIYASSKDAIKKKFQGIKHECQANGPEDLNRACIAEK
LGGSLIVAFEGCPV
;
_entity_poly.pdbx_strand_id   A
#
# COMPACT_ATOMS: atom_id res chain seq x y z
N THR A 1 1.88 -4.91 36.13
CA THR A 1 1.63 -4.70 34.67
C THR A 1 2.60 -5.56 33.86
N MET A 2 2.55 -6.85 34.02
CA MET A 2 3.48 -7.73 33.26
C MET A 2 2.69 -8.49 32.18
N ILE A 3 3.13 -8.42 30.95
CA ILE A 3 2.42 -9.14 29.86
C ILE A 3 3.23 -10.38 29.46
N THR A 4 2.68 -11.24 28.65
CA THR A 4 3.44 -12.45 28.23
C THR A 4 2.85 -13.01 26.93
N PRO A 5 3.09 -12.32 25.86
CA PRO A 5 2.61 -12.73 24.52
C PRO A 5 3.51 -13.83 23.95
N SER A 6 3.31 -14.19 22.70
CA SER A 6 4.15 -15.26 22.09
C SER A 6 5.56 -14.72 21.84
N SER A 7 6.29 -15.35 20.94
CA SER A 7 7.67 -14.88 20.65
C SER A 7 7.99 -15.13 19.17
N GLY A 8 7.47 -14.30 18.30
CA GLY A 8 7.72 -14.46 16.84
C GLY A 8 7.24 -13.20 16.14
N ASN A 9 5.96 -13.11 15.87
CA ASN A 9 5.43 -11.90 15.21
C ASN A 9 5.15 -10.84 16.27
N SER A 10 5.28 -11.19 17.53
CA SER A 10 5.04 -10.18 18.61
C SER A 10 6.16 -9.15 18.54
N ALA A 11 7.37 -9.58 18.33
CA ALA A 11 8.50 -8.62 18.23
C ALA A 11 8.85 -8.47 16.75
N SER A 12 7.90 -8.76 15.89
CA SER A 12 8.12 -8.64 14.42
C SER A 12 8.69 -9.95 13.86
N GLY A 13 7.86 -10.74 13.22
CA GLY A 13 8.34 -12.03 12.66
C GLY A 13 7.56 -12.34 11.38
N VAL A 14 7.22 -11.31 10.63
CA VAL A 14 6.47 -11.54 9.36
C VAL A 14 7.45 -11.93 8.26
N GLN A 15 6.93 -12.27 7.11
CA GLN A 15 7.84 -12.70 6.01
C GLN A 15 7.17 -12.56 4.62
N VAL A 16 6.38 -11.55 4.37
CA VAL A 16 5.74 -11.38 3.01
C VAL A 16 5.03 -12.65 2.56
N ALA A 17 3.82 -12.45 2.19
CA ALA A 17 2.91 -13.54 1.73
C ALA A 17 3.35 -14.11 0.39
N ASP A 18 4.32 -13.50 -0.24
CA ASP A 18 4.76 -13.93 -1.60
C ASP A 18 3.87 -13.18 -2.58
N GLU A 19 2.58 -13.18 -2.34
CA GLU A 19 1.67 -12.43 -3.21
C GLU A 19 2.12 -10.97 -3.12
N VAL A 20 2.83 -10.65 -2.06
CA VAL A 20 3.33 -9.26 -1.89
C VAL A 20 4.50 -9.09 -2.80
N CYS A 21 5.23 -10.13 -2.96
CA CYS A 21 6.33 -10.04 -3.93
C CYS A 21 5.67 -9.81 -5.29
N ARG A 22 4.34 -9.89 -5.34
CA ARG A 22 3.60 -9.63 -6.59
C ARG A 22 2.89 -8.30 -6.42
N ILE A 23 2.66 -7.90 -5.21
CA ILE A 23 1.99 -6.62 -5.00
C ILE A 23 2.90 -5.54 -5.58
N PHE A 24 4.10 -5.47 -5.11
CA PHE A 24 5.05 -4.47 -5.66
C PHE A 24 5.12 -4.76 -7.16
N TYR A 25 5.36 -5.99 -7.49
CA TYR A 25 5.40 -6.44 -8.91
C TYR A 25 4.31 -5.76 -9.72
N ASP A 26 3.17 -5.52 -9.14
CA ASP A 26 2.08 -4.93 -9.95
C ASP A 26 2.04 -3.44 -9.66
N MET A 27 0.88 -2.86 -9.60
CA MET A 27 0.79 -1.40 -9.27
C MET A 27 1.95 -0.60 -9.90
N LYS A 28 2.53 -1.11 -10.96
CA LYS A 28 3.66 -0.42 -11.63
C LYS A 28 3.11 0.59 -12.64
N VAL A 29 3.23 0.32 -13.92
CA VAL A 29 2.72 1.28 -14.93
C VAL A 29 2.01 0.54 -16.08
N ARG A 30 2.54 0.57 -17.27
CA ARG A 30 1.87 -0.13 -18.41
C ARG A 30 2.13 -1.64 -18.32
N LYS A 31 2.82 -2.08 -17.31
CA LYS A 31 3.09 -3.53 -17.18
C LYS A 31 1.78 -4.31 -17.37
N CYS A 32 0.66 -3.66 -17.16
CA CYS A 32 -0.64 -4.38 -17.34
C CYS A 32 -0.63 -5.12 -18.67
N SER A 33 -0.59 -6.45 -18.61
CA SER A 33 -0.64 -7.28 -19.85
C SER A 33 -1.47 -6.49 -20.83
N THR A 34 -2.65 -6.37 -20.41
CA THR A 34 -3.68 -5.56 -21.06
C THR A 34 -4.47 -5.07 -19.84
N PRO A 35 -4.48 -3.79 -19.64
CA PRO A 35 -5.05 -3.19 -18.43
C PRO A 35 -6.58 -3.34 -18.38
N GLU A 36 -7.16 -3.83 -19.43
CA GLU A 36 -8.65 -4.00 -19.46
C GLU A 36 -9.04 -5.21 -18.60
N GLU A 37 -8.07 -5.96 -18.18
CA GLU A 37 -8.34 -7.14 -17.31
C GLU A 37 -7.45 -6.96 -16.10
N ILE A 38 -6.34 -6.36 -16.33
CA ILE A 38 -5.42 -6.01 -15.29
C ILE A 38 -6.15 -5.18 -14.26
N LYS A 39 -7.05 -4.40 -14.77
CA LYS A 39 -7.88 -3.52 -13.92
C LYS A 39 -8.53 -4.37 -12.86
N LYS A 40 -8.84 -5.56 -13.26
CA LYS A 40 -9.48 -6.53 -12.33
C LYS A 40 -8.48 -7.65 -12.05
N ARG A 41 -7.23 -7.31 -11.92
CA ARG A 41 -6.18 -8.33 -11.65
C ARG A 41 -5.48 -8.07 -10.34
N LYS A 42 -5.99 -7.17 -9.56
CA LYS A 42 -5.34 -6.84 -8.26
C LYS A 42 -4.06 -6.06 -8.55
N LYS A 43 -4.14 -4.75 -8.54
CA LYS A 43 -2.93 -3.93 -8.84
C LYS A 43 -2.79 -2.81 -7.79
N ALA A 44 -3.67 -2.78 -6.83
CA ALA A 44 -3.59 -1.82 -5.71
C ALA A 44 -3.94 -2.69 -4.52
N VAL A 45 -3.45 -2.44 -3.36
CA VAL A 45 -3.75 -3.39 -2.27
C VAL A 45 -3.25 -2.96 -0.90
N ILE A 46 -3.87 -3.50 0.11
CA ILE A 46 -3.42 -3.30 1.48
C ILE A 46 -3.00 -4.68 1.94
N PHE A 47 -2.23 -4.81 2.96
CA PHE A 47 -1.89 -6.17 3.42
C PHE A 47 -1.72 -6.14 4.93
N CYS A 48 -1.39 -7.24 5.59
CA CYS A 48 -1.24 -7.15 7.05
C CYS A 48 -0.28 -8.21 7.60
N LEU A 49 -0.69 -9.45 7.67
CA LEU A 49 0.21 -10.50 8.29
C LEU A 49 -0.14 -11.96 7.95
N SER A 50 -1.04 -12.58 8.61
CA SER A 50 -1.31 -14.02 8.27
C SER A 50 -2.40 -14.59 9.18
N ALA A 51 -2.67 -15.86 9.07
CA ALA A 51 -3.68 -16.47 9.97
C ALA A 51 -3.11 -16.35 11.39
N ASP A 52 -1.90 -16.81 11.58
CA ASP A 52 -1.25 -16.66 12.91
C ASP A 52 -0.54 -15.30 12.93
N LYS A 53 -0.62 -14.59 11.83
CA LYS A 53 0.01 -13.24 11.72
C LYS A 53 1.50 -13.35 11.46
N LYS A 54 1.87 -13.07 10.24
CA LYS A 54 3.27 -13.15 9.82
C LYS A 54 3.35 -12.48 8.43
N CYS A 55 3.77 -13.20 7.43
CA CYS A 55 3.85 -12.66 6.03
C CYS A 55 3.06 -11.38 5.83
N ILE A 56 3.58 -10.44 5.12
CA ILE A 56 2.72 -9.28 4.81
C ILE A 56 1.50 -9.98 4.20
N ILE A 57 0.31 -9.63 4.55
CA ILE A 57 -0.83 -10.47 4.05
C ILE A 57 -2.06 -9.70 3.63
N VAL A 58 -3.04 -10.41 3.21
CA VAL A 58 -4.31 -9.74 2.92
C VAL A 58 -5.20 -10.19 4.07
N GLU A 59 -5.18 -9.48 5.17
CA GLU A 59 -5.96 -9.93 6.36
C GLU A 59 -7.44 -9.75 6.16
N GLU A 60 -7.84 -9.44 4.99
CA GLU A 60 -9.27 -9.23 4.79
C GLU A 60 -9.57 -9.00 3.31
N GLY A 61 -10.41 -8.08 3.01
CA GLY A 61 -10.75 -7.82 1.58
C GLY A 61 -10.44 -6.38 1.20
N LYS A 62 -9.27 -5.88 1.52
CA LYS A 62 -8.93 -4.51 1.12
C LYS A 62 -8.68 -4.56 -0.38
N GLU A 63 -7.66 -3.89 -0.81
CA GLU A 63 -7.23 -3.94 -2.23
C GLU A 63 -8.07 -3.16 -3.24
N ILE A 64 -7.40 -2.26 -3.91
CA ILE A 64 -8.00 -1.55 -5.04
C ILE A 64 -7.35 -2.23 -6.22
N LEU A 65 -7.75 -2.04 -7.40
CA LEU A 65 -7.00 -2.70 -8.48
C LEU A 65 -6.97 -1.84 -9.72
N VAL A 66 -7.06 -0.54 -9.59
CA VAL A 66 -7.00 0.32 -10.79
C VAL A 66 -8.28 0.19 -11.64
N GLY A 67 -8.81 -0.99 -11.81
CA GLY A 67 -10.06 -1.13 -12.60
C GLY A 67 -11.21 -0.54 -11.80
N ASP A 68 -11.34 -0.94 -10.56
CA ASP A 68 -12.44 -0.36 -9.74
C ASP A 68 -12.41 1.14 -9.96
N VAL A 69 -11.26 1.75 -9.78
CA VAL A 69 -11.11 3.21 -9.99
C VAL A 69 -12.07 3.66 -11.09
N GLY A 70 -13.22 4.13 -10.71
CA GLY A 70 -14.24 4.58 -11.70
C GLY A 70 -15.56 3.86 -11.43
N VAL A 71 -15.61 3.11 -10.36
CA VAL A 71 -16.84 2.39 -9.96
C VAL A 71 -17.18 2.91 -8.57
N THR A 72 -16.75 2.22 -7.56
CA THR A 72 -16.95 2.73 -6.20
C THR A 72 -15.88 3.81 -6.00
N ILE A 73 -14.99 3.93 -6.96
CA ILE A 73 -13.91 4.94 -6.87
C ILE A 73 -13.89 5.77 -8.15
N THR A 74 -12.83 6.48 -8.41
CA THR A 74 -12.78 7.30 -9.65
C THR A 74 -11.37 7.77 -9.97
N ASP A 75 -10.37 6.99 -9.61
CA ASP A 75 -8.95 7.35 -9.93
C ASP A 75 -8.14 7.99 -8.79
N PRO A 76 -8.76 8.50 -7.74
CA PRO A 76 -7.99 9.09 -6.63
C PRO A 76 -7.42 7.94 -5.81
N PHE A 77 -7.70 7.84 -4.54
CA PHE A 77 -7.15 6.71 -3.78
C PHE A 77 -7.75 6.68 -2.35
N LYS A 78 -8.19 7.82 -1.85
CA LYS A 78 -8.77 7.87 -0.47
C LYS A 78 -9.81 6.76 -0.34
N HIS A 79 -10.43 6.36 -1.41
CA HIS A 79 -11.40 5.25 -1.25
C HIS A 79 -10.62 4.09 -0.67
N PHE A 80 -9.50 3.82 -1.28
CA PHE A 80 -8.62 2.73 -0.81
C PHE A 80 -8.29 2.97 0.67
N VAL A 81 -8.12 4.20 1.07
CA VAL A 81 -7.82 4.45 2.50
C VAL A 81 -9.04 3.96 3.27
N GLY A 82 -10.16 4.10 2.66
CA GLY A 82 -11.42 3.62 3.27
C GLY A 82 -11.35 2.10 3.36
N MET A 83 -10.69 1.47 2.40
CA MET A 83 -10.57 -0.01 2.48
C MET A 83 -9.94 -0.32 3.81
N LEU A 84 -8.87 0.36 4.09
CA LEU A 84 -8.17 0.17 5.38
C LEU A 84 -8.74 1.16 6.41
N PRO A 85 -9.35 0.64 7.43
CA PRO A 85 -9.96 1.43 8.49
C PRO A 85 -8.87 1.83 9.47
N GLU A 86 -8.70 1.07 10.52
CA GLU A 86 -7.64 1.38 11.53
C GLU A 86 -7.37 0.15 12.40
N LYS A 87 -8.33 -0.70 12.57
CA LYS A 87 -8.13 -1.87 13.46
C LYS A 87 -7.53 -3.08 12.72
N ASP A 88 -7.00 -2.98 11.53
CA ASP A 88 -6.48 -4.26 10.93
C ASP A 88 -5.85 -4.13 9.53
N CYS A 89 -4.56 -3.88 9.46
CA CYS A 89 -3.81 -3.82 8.15
C CYS A 89 -2.80 -2.66 8.19
N ARG A 90 -1.70 -2.78 7.49
CA ARG A 90 -0.70 -1.67 7.54
C ARG A 90 0.14 -1.51 6.26
N TYR A 91 0.49 -2.55 5.53
CA TYR A 91 1.32 -2.29 4.30
C TYR A 91 0.46 -2.36 3.05
N ALA A 92 0.47 -1.33 2.23
CA ALA A 92 -0.42 -1.34 1.04
C ALA A 92 0.22 -0.71 -0.19
N LEU A 93 0.15 -1.40 -1.28
CA LEU A 93 0.65 -0.85 -2.56
C LEU A 93 -0.54 -0.59 -3.45
N TYR A 94 -0.82 0.63 -3.72
CA TYR A 94 -1.99 0.93 -4.58
C TYR A 94 -1.53 1.54 -5.91
N ASP A 95 -1.86 0.92 -7.00
CA ASP A 95 -1.45 1.49 -8.31
C ASP A 95 -1.75 2.99 -8.30
N ALA A 96 -0.74 3.81 -8.20
CA ALA A 96 -1.02 5.28 -8.17
C ALA A 96 -1.09 5.85 -9.59
N SER A 97 -2.27 6.15 -10.06
CA SER A 97 -2.37 6.76 -11.42
C SER A 97 -2.39 8.27 -11.25
N PHE A 98 -1.27 8.90 -11.39
CA PHE A 98 -1.24 10.38 -11.19
C PHE A 98 -0.26 11.03 -12.16
N GLU A 99 -0.61 12.16 -12.70
CA GLU A 99 0.35 12.85 -13.60
C GLU A 99 1.33 13.62 -12.74
N THR A 100 2.39 14.03 -13.32
CA THR A 100 3.40 14.77 -12.53
C THR A 100 4.08 15.77 -13.48
N LYS A 101 5.10 16.48 -13.06
CA LYS A 101 5.78 17.34 -14.05
C LYS A 101 6.17 16.37 -15.18
N GLU A 102 6.29 15.10 -14.83
CA GLU A 102 6.61 14.06 -15.83
C GLU A 102 5.33 13.71 -16.60
N SER A 103 4.19 13.79 -15.92
CA SER A 103 2.86 13.49 -16.53
C SER A 103 2.30 12.17 -16.02
N ARG A 104 1.09 11.87 -16.41
CA ARG A 104 0.44 10.59 -16.02
C ARG A 104 1.39 9.48 -16.38
N LYS A 105 1.96 8.90 -15.38
CA LYS A 105 2.92 7.79 -15.62
C LYS A 105 2.79 6.72 -14.54
N GLU A 106 1.73 6.79 -13.79
CA GLU A 106 1.46 5.80 -12.73
C GLU A 106 2.69 5.37 -11.93
N GLU A 107 2.66 5.63 -10.65
CA GLU A 107 3.76 5.20 -9.75
C GLU A 107 3.14 4.86 -8.39
N LEU A 108 2.88 3.61 -8.18
CA LEU A 108 2.26 3.17 -6.89
C LEU A 108 3.04 3.69 -5.71
N MET A 109 2.58 3.38 -4.53
CA MET A 109 3.26 3.89 -3.33
C MET A 109 3.09 2.96 -2.14
N PHE A 110 4.12 2.80 -1.38
CA PHE A 110 4.05 1.92 -0.18
C PHE A 110 3.14 2.57 0.86
N PHE A 111 2.33 1.80 1.53
CA PHE A 111 1.47 2.43 2.55
C PHE A 111 1.65 1.73 3.89
N LEU A 112 2.29 2.36 4.84
CA LEU A 112 2.45 1.73 6.18
C LEU A 112 1.24 2.08 6.99
N TRP A 113 0.09 1.89 6.42
CA TRP A 113 -1.18 2.20 7.12
C TRP A 113 -1.04 1.83 8.60
N ALA A 114 -0.59 2.73 9.43
CA ALA A 114 -0.42 2.38 10.87
C ALA A 114 -1.31 3.26 11.72
N PRO A 115 -2.51 2.80 11.92
CA PRO A 115 -3.51 3.53 12.71
C PRO A 115 -3.11 3.53 14.18
N GLU A 116 -3.36 4.62 14.85
CA GLU A 116 -2.98 4.70 16.27
C GLU A 116 -3.82 3.72 17.10
N LEU A 117 -4.71 3.00 16.48
CA LEU A 117 -5.57 2.06 17.24
C LEU A 117 -5.29 0.61 16.82
N ALA A 118 -4.78 0.38 15.63
CA ALA A 118 -4.51 -1.02 15.19
C ALA A 118 -3.95 -1.82 16.35
N PRO A 119 -3.94 -3.09 16.15
CA PRO A 119 -3.42 -4.05 17.14
C PRO A 119 -1.91 -3.89 17.25
N LEU A 120 -1.34 -4.20 18.38
CA LEU A 120 0.13 -4.05 18.54
C LEU A 120 0.84 -4.87 17.45
N LYS A 121 0.45 -6.10 17.29
CA LYS A 121 1.09 -6.96 16.26
C LYS A 121 1.22 -6.24 14.92
N SER A 122 0.46 -5.22 14.68
CA SER A 122 0.57 -4.50 13.38
C SER A 122 1.22 -3.14 13.66
N LYS A 123 2.21 -3.14 14.51
CA LYS A 123 2.93 -1.90 14.88
C LYS A 123 4.34 -2.31 15.28
N MET A 124 4.42 -3.22 16.21
CA MET A 124 5.73 -3.75 16.66
C MET A 124 6.28 -4.65 15.58
N ILE A 125 5.40 -5.09 14.74
CA ILE A 125 5.77 -6.03 13.71
C ILE A 125 6.23 -5.35 12.46
N TYR A 126 5.45 -4.44 12.04
CA TYR A 126 5.75 -3.69 10.81
C TYR A 126 7.07 -2.98 11.01
N ALA A 127 7.38 -2.74 12.24
CA ALA A 127 8.66 -2.11 12.58
C ALA A 127 9.77 -2.87 11.85
N SER A 128 9.67 -4.17 11.86
CA SER A 128 10.69 -5.00 11.16
C SER A 128 10.06 -5.62 9.91
N SER A 129 8.80 -5.41 9.70
CA SER A 129 8.16 -5.99 8.48
C SER A 129 8.61 -5.18 7.30
N LYS A 130 8.90 -3.93 7.52
CA LYS A 130 9.40 -3.08 6.44
C LYS A 130 10.89 -3.35 6.33
N ASP A 131 11.10 -4.43 5.70
CA ASP A 131 12.44 -5.01 5.46
C ASP A 131 12.14 -6.31 4.76
N ALA A 132 11.11 -6.93 5.25
CA ALA A 132 10.62 -8.19 4.63
C ALA A 132 9.88 -7.78 3.37
N ILE A 133 8.87 -6.96 3.55
CA ILE A 133 8.13 -6.42 2.40
C ILE A 133 9.11 -5.74 1.50
N LYS A 134 10.06 -5.07 2.10
CA LYS A 134 11.12 -4.35 1.37
C LYS A 134 11.89 -5.34 0.48
N LYS A 135 12.18 -6.50 1.01
CA LYS A 135 12.94 -7.50 0.21
C LYS A 135 12.12 -7.88 -1.03
N LYS A 136 10.87 -7.52 -1.03
CA LYS A 136 9.99 -7.82 -2.19
C LYS A 136 9.55 -6.49 -2.79
N PHE A 137 9.73 -5.42 -2.04
CA PHE A 137 9.34 -4.07 -2.56
C PHE A 137 10.56 -3.45 -3.20
N GLN A 138 11.29 -4.28 -3.88
CA GLN A 138 12.52 -3.86 -4.60
C GLN A 138 12.40 -2.38 -4.99
N GLY A 139 11.24 -2.01 -5.46
CA GLY A 139 10.99 -0.59 -5.84
C GLY A 139 9.63 -0.19 -5.28
N ILE A 140 9.60 0.42 -4.13
CA ILE A 140 8.31 0.80 -3.52
C ILE A 140 7.72 1.98 -4.24
N LYS A 141 8.55 2.81 -4.78
CA LYS A 141 8.07 4.04 -5.47
C LYS A 141 7.78 5.06 -4.41
N HIS A 142 7.10 4.66 -3.36
CA HIS A 142 6.80 5.69 -2.31
C HIS A 142 6.58 5.14 -0.91
N GLU A 143 7.62 4.93 -0.15
CA GLU A 143 7.38 4.50 1.23
C GLU A 143 6.60 5.61 1.91
N CYS A 144 5.36 5.39 2.13
CA CYS A 144 4.48 6.43 2.76
C CYS A 144 3.73 5.86 3.96
N GLN A 145 4.02 6.32 5.15
CA GLN A 145 3.29 5.79 6.35
C GLN A 145 2.07 6.67 6.63
N ALA A 146 1.10 6.14 7.35
CA ALA A 146 -0.12 6.93 7.65
C ALA A 146 -0.70 6.47 8.99
N ASN A 147 -0.61 7.28 9.99
CA ASN A 147 -1.19 6.90 11.31
C ASN A 147 -2.43 7.74 11.49
N GLY A 148 -3.14 7.73 10.41
CA GLY A 148 -4.39 8.46 10.24
C GLY A 148 -4.65 8.27 8.76
N PRO A 149 -5.86 8.02 8.39
CA PRO A 149 -6.17 7.79 6.99
C PRO A 149 -5.90 9.09 6.19
N GLU A 150 -5.50 10.13 6.88
CA GLU A 150 -5.21 11.43 6.22
C GLU A 150 -3.74 11.49 5.78
N ASP A 151 -2.85 10.75 6.41
CA ASP A 151 -1.44 10.80 5.94
C ASP A 151 -1.42 10.18 4.55
N LEU A 152 -2.45 9.44 4.25
CA LEU A 152 -2.60 8.81 2.93
C LEU A 152 -3.22 9.83 2.00
N ASN A 153 -3.88 10.78 2.58
CA ASN A 153 -4.57 11.85 1.83
C ASN A 153 -3.88 12.10 0.51
N ARG A 154 -4.61 11.96 -0.55
CA ARG A 154 -4.02 12.18 -1.91
C ARG A 154 -3.38 13.56 -1.99
N ALA A 155 -3.93 14.51 -1.29
CA ALA A 155 -3.35 15.87 -1.29
C ALA A 155 -1.96 15.74 -0.69
N CYS A 156 -1.88 14.89 0.29
CA CYS A 156 -0.59 14.64 0.98
C CYS A 156 0.24 13.71 0.15
N ILE A 157 -0.40 12.93 -0.64
CA ILE A 157 0.34 12.05 -1.50
C ILE A 157 0.72 12.96 -2.66
N ALA A 158 0.02 14.07 -2.68
CA ALA A 158 0.24 15.14 -3.66
C ALA A 158 1.23 16.12 -3.02
N GLU A 159 1.97 15.58 -2.13
CA GLU A 159 3.02 16.30 -1.39
C GLU A 159 4.21 15.37 -1.39
N LYS A 160 3.94 14.12 -1.19
CA LYS A 160 5.00 13.10 -1.26
C LYS A 160 5.38 13.04 -2.74
N LEU A 161 4.45 13.39 -3.58
CA LEU A 161 4.69 13.49 -5.04
C LEU A 161 4.46 14.95 -5.43
N GLY A 162 3.46 15.55 -4.84
CA GLY A 162 3.12 16.97 -5.16
C GLY A 162 3.87 17.89 -4.23
N GLY A 163 4.78 17.35 -3.51
CA GLY A 163 5.59 18.18 -2.60
C GLY A 163 6.94 18.40 -3.28
N SER A 164 7.03 18.06 -4.54
CA SER A 164 8.29 18.22 -5.27
C SER A 164 8.01 18.61 -6.72
N LEU A 165 7.52 17.70 -7.54
CA LEU A 165 7.30 18.08 -8.95
C LEU A 165 6.33 17.15 -9.69
N ILE A 166 5.05 17.18 -9.40
CA ILE A 166 4.16 16.33 -10.21
C ILE A 166 3.29 17.23 -11.10
N VAL A 167 2.00 17.07 -11.07
CA VAL A 167 1.11 17.87 -11.95
C VAL A 167 -0.36 17.55 -11.60
N ALA A 168 -0.58 16.39 -11.06
CA ALA A 168 -1.94 15.96 -10.66
C ALA A 168 -1.81 15.34 -9.30
N PHE A 169 -2.88 15.37 -8.55
CA PHE A 169 -2.86 14.90 -7.14
C PHE A 169 -2.55 16.16 -6.37
N GLU A 170 -1.58 16.86 -6.88
CA GLU A 170 -1.17 18.17 -6.35
C GLU A 170 -1.57 19.22 -7.38
N GLY A 171 -1.92 18.79 -8.58
CA GLY A 171 -2.27 19.80 -9.63
C GLY A 171 -3.72 19.64 -10.17
N CYS A 172 -3.95 18.71 -11.08
CA CYS A 172 -5.32 18.58 -11.68
C CYS A 172 -6.40 18.16 -10.67
N PRO A 173 -6.35 16.92 -10.23
CA PRO A 173 -7.33 16.39 -9.27
C PRO A 173 -7.16 17.04 -7.90
N VAL A 174 -5.96 17.29 -7.48
CA VAL A 174 -5.77 17.94 -6.14
C VAL A 174 -4.45 18.70 -6.13
N THR A 1 27.45 -18.46 27.09
CA THR A 1 26.42 -17.70 27.84
C THR A 1 25.02 -18.22 27.48
N MET A 2 24.28 -18.68 28.45
CA MET A 2 22.91 -19.19 28.16
C MET A 2 22.21 -18.21 27.21
N ILE A 3 21.50 -18.71 26.24
CA ILE A 3 20.81 -17.79 25.29
C ILE A 3 19.80 -18.56 24.45
N THR A 4 18.93 -17.87 23.78
CA THR A 4 17.91 -18.56 22.94
C THR A 4 17.74 -17.75 21.64
N PRO A 5 18.44 -18.18 20.62
CA PRO A 5 18.41 -17.51 19.31
C PRO A 5 17.11 -17.83 18.56
N SER A 6 16.08 -17.06 18.79
CA SER A 6 14.79 -17.30 18.09
C SER A 6 14.47 -16.10 17.19
N SER A 7 13.22 -15.79 17.01
CA SER A 7 12.86 -14.62 16.15
C SER A 7 11.35 -14.47 16.06
N GLY A 8 10.75 -13.76 16.98
CA GLY A 8 9.27 -13.55 16.93
C GLY A 8 8.98 -12.21 16.27
N ASN A 9 7.75 -11.85 16.11
CA ASN A 9 7.46 -10.53 15.46
C ASN A 9 6.95 -9.53 16.49
N SER A 10 7.16 -9.80 17.75
CA SER A 10 6.70 -8.83 18.79
C SER A 10 7.32 -7.47 18.47
N ALA A 11 8.56 -7.48 18.04
CA ALA A 11 9.23 -6.21 17.67
C ALA A 11 9.62 -6.29 16.20
N SER A 12 8.73 -6.77 15.38
CA SER A 12 9.01 -6.90 13.92
C SER A 12 9.67 -8.25 13.63
N GLY A 13 8.87 -9.20 13.24
CA GLY A 13 9.38 -10.56 12.92
C GLY A 13 8.65 -11.08 11.66
N VAL A 14 7.81 -10.25 11.10
CA VAL A 14 7.05 -10.62 9.87
C VAL A 14 7.87 -11.50 8.94
N GLN A 15 7.19 -12.13 8.03
CA GLN A 15 7.85 -13.06 7.08
C GLN A 15 7.40 -12.77 5.67
N VAL A 16 6.59 -11.77 5.53
CA VAL A 16 6.07 -11.36 4.20
C VAL A 16 5.54 -12.52 3.40
N ALA A 17 4.37 -12.32 2.93
CA ALA A 17 3.70 -13.31 2.09
C ALA A 17 4.42 -13.34 0.76
N ASP A 18 4.38 -14.42 0.05
CA ASP A 18 5.06 -14.39 -1.27
C ASP A 18 4.20 -13.52 -2.17
N GLU A 19 2.95 -13.42 -1.85
CA GLU A 19 2.04 -12.58 -2.65
C GLU A 19 2.57 -11.15 -2.59
N VAL A 20 3.43 -10.86 -1.66
CA VAL A 20 4.00 -9.49 -1.58
C VAL A 20 4.91 -9.32 -2.80
N CYS A 21 5.65 -10.33 -3.15
CA CYS A 21 6.52 -10.24 -4.35
C CYS A 21 5.67 -10.37 -5.61
N ARG A 22 4.38 -10.50 -5.45
CA ARG A 22 3.47 -10.62 -6.63
C ARG A 22 2.58 -9.38 -6.65
N ILE A 23 2.50 -8.68 -5.55
CA ILE A 23 1.67 -7.46 -5.49
C ILE A 23 2.43 -6.37 -6.24
N PHE A 24 3.60 -6.05 -5.75
CA PHE A 24 4.43 -5.04 -6.45
C PHE A 24 4.50 -5.52 -7.89
N TYR A 25 4.75 -6.80 -8.07
CA TYR A 25 4.76 -7.38 -9.44
C TYR A 25 3.55 -6.85 -10.19
N ASP A 26 2.38 -6.90 -9.60
CA ASP A 26 1.16 -6.44 -10.32
C ASP A 26 1.35 -5.01 -10.80
N MET A 27 1.90 -4.19 -9.97
CA MET A 27 2.12 -2.77 -10.31
C MET A 27 2.84 -2.61 -11.65
N LYS A 28 4.15 -2.57 -11.61
CA LYS A 28 4.94 -2.37 -12.87
C LYS A 28 5.09 -3.64 -13.67
N VAL A 29 5.67 -4.66 -13.07
CA VAL A 29 5.88 -5.96 -13.74
C VAL A 29 6.41 -5.73 -15.15
N ARG A 30 5.54 -5.46 -16.03
CA ARG A 30 5.95 -5.18 -17.44
C ARG A 30 5.18 -3.96 -17.94
N LYS A 31 5.26 -2.88 -17.22
CA LYS A 31 4.56 -1.63 -17.62
C LYS A 31 3.15 -1.94 -18.11
N CYS A 32 2.40 -2.70 -17.34
CA CYS A 32 1.00 -3.03 -17.72
C CYS A 32 0.89 -3.22 -19.23
N SER A 33 1.26 -4.41 -19.72
CA SER A 33 1.14 -4.72 -21.20
C SER A 33 0.47 -3.58 -21.88
N THR A 34 -0.78 -3.53 -21.61
CA THR A 34 -1.66 -2.45 -22.03
C THR A 34 -2.43 -2.22 -20.73
N PRO A 35 -2.26 -1.08 -20.16
CA PRO A 35 -2.81 -0.79 -18.85
C PRO A 35 -4.34 -0.63 -18.91
N GLU A 36 -4.89 -0.62 -20.09
CA GLU A 36 -6.38 -0.46 -20.25
C GLU A 36 -7.10 -1.77 -19.93
N GLU A 37 -6.36 -2.74 -19.52
CA GLU A 37 -6.95 -4.06 -19.16
C GLU A 37 -6.28 -4.46 -17.87
N ILE A 38 -5.08 -4.01 -17.74
CA ILE A 38 -4.24 -4.17 -16.57
C ILE A 38 -4.97 -3.70 -15.30
N LYS A 39 -5.87 -2.77 -15.45
CA LYS A 39 -6.63 -2.24 -14.28
C LYS A 39 -7.47 -3.38 -13.71
N LYS A 40 -7.64 -4.38 -14.50
CA LYS A 40 -8.43 -5.56 -14.04
C LYS A 40 -7.46 -6.73 -13.87
N ARG A 41 -6.23 -6.40 -13.67
CA ARG A 41 -5.18 -7.44 -13.48
C ARG A 41 -4.82 -7.48 -11.99
N LYS A 42 -5.45 -6.65 -11.21
CA LYS A 42 -5.19 -6.62 -9.74
C LYS A 42 -3.80 -6.05 -9.44
N LYS A 43 -3.76 -5.01 -8.66
CA LYS A 43 -2.47 -4.39 -8.28
C LYS A 43 -2.70 -3.66 -6.97
N ALA A 44 -3.71 -2.84 -6.91
CA ALA A 44 -4.00 -2.13 -5.67
C ALA A 44 -4.32 -3.15 -4.64
N VAL A 45 -3.70 -3.03 -3.54
CA VAL A 45 -3.88 -4.05 -2.51
C VAL A 45 -3.42 -3.58 -1.14
N ILE A 46 -3.86 -4.28 -0.15
CA ILE A 46 -3.44 -4.04 1.21
C ILE A 46 -2.95 -5.40 1.68
N PHE A 47 -2.11 -5.53 2.63
CA PHE A 47 -1.77 -6.90 3.04
C PHE A 47 -1.61 -6.92 4.55
N CYS A 48 -1.53 -8.05 5.22
CA CYS A 48 -1.46 -7.90 6.71
C CYS A 48 -1.00 -9.09 7.61
N LEU A 49 0.24 -9.47 7.55
CA LEU A 49 0.76 -10.44 8.58
C LEU A 49 0.12 -11.83 8.67
N SER A 50 -0.95 -11.98 9.37
CA SER A 50 -1.51 -13.36 9.51
C SER A 50 -2.49 -13.43 10.69
N ALA A 51 -2.77 -14.62 11.16
CA ALA A 51 -3.67 -14.74 12.34
C ALA A 51 -2.95 -14.14 13.54
N ASP A 52 -1.84 -14.73 13.93
CA ASP A 52 -1.06 -14.16 15.06
C ASP A 52 -0.44 -12.84 14.58
N LYS A 53 -0.48 -12.61 13.29
CA LYS A 53 0.08 -11.36 12.71
C LYS A 53 1.58 -11.49 12.54
N LYS A 54 2.00 -11.75 11.33
CA LYS A 54 3.43 -11.95 11.04
C LYS A 54 3.79 -11.45 9.61
N CYS A 55 3.47 -12.23 8.62
CA CYS A 55 3.79 -11.92 7.18
C CYS A 55 3.40 -10.50 6.74
N ILE A 56 3.39 -10.33 5.44
CA ILE A 56 2.93 -9.04 4.84
C ILE A 56 1.47 -9.32 4.54
N ILE A 57 1.24 -10.52 4.07
CA ILE A 57 -0.13 -11.05 3.78
C ILE A 57 -0.76 -10.39 2.54
N VAL A 58 -2.03 -10.59 2.27
CA VAL A 58 -2.57 -10.08 0.99
C VAL A 58 -3.58 -8.93 1.07
N GLU A 59 -4.33 -8.75 2.14
CA GLU A 59 -5.31 -7.60 2.19
C GLU A 59 -6.50 -7.90 3.05
N GLU A 60 -6.44 -8.87 3.92
CA GLU A 60 -7.60 -9.12 4.82
C GLU A 60 -8.92 -8.97 4.08
N GLY A 61 -8.86 -9.11 2.81
CA GLY A 61 -10.09 -8.94 1.97
C GLY A 61 -10.23 -7.47 1.54
N LYS A 62 -9.16 -6.85 1.09
CA LYS A 62 -9.22 -5.43 0.65
C LYS A 62 -8.74 -5.35 -0.81
N GLU A 63 -7.92 -4.37 -1.12
CA GLU A 63 -7.34 -4.21 -2.48
C GLU A 63 -8.26 -3.49 -3.44
N ILE A 64 -7.67 -2.79 -4.36
CA ILE A 64 -8.41 -2.09 -5.41
C ILE A 64 -7.94 -2.68 -6.74
N LEU A 65 -8.46 -2.26 -7.83
CA LEU A 65 -8.00 -2.87 -9.12
C LEU A 65 -7.40 -1.81 -10.03
N VAL A 66 -7.39 -0.58 -9.61
CA VAL A 66 -6.91 0.51 -10.51
C VAL A 66 -8.04 0.79 -11.50
N GLY A 67 -8.52 -0.20 -12.21
CA GLY A 67 -9.65 0.02 -13.15
C GLY A 67 -10.88 0.40 -12.33
N ASP A 68 -11.10 -0.23 -11.20
CA ASP A 68 -12.28 0.14 -10.38
C ASP A 68 -12.27 1.65 -10.28
N VAL A 69 -11.10 2.22 -10.16
CA VAL A 69 -10.98 3.69 -10.07
C VAL A 69 -11.71 4.35 -11.25
N GLY A 70 -12.84 4.91 -10.97
CA GLY A 70 -13.65 5.57 -12.02
C GLY A 70 -15.09 5.12 -11.88
N VAL A 71 -15.27 3.89 -11.50
CA VAL A 71 -16.63 3.34 -11.31
C VAL A 71 -17.11 3.78 -9.93
N THR A 72 -16.70 3.08 -8.92
CA THR A 72 -17.07 3.46 -7.54
C THR A 72 -16.01 4.42 -7.03
N ILE A 73 -14.86 4.39 -7.65
CA ILE A 73 -13.77 5.30 -7.21
C ILE A 73 -13.57 6.39 -8.28
N THR A 74 -12.59 7.24 -8.16
CA THR A 74 -12.45 8.32 -9.20
C THR A 74 -10.99 8.74 -9.39
N ASP A 75 -10.04 7.94 -8.94
CA ASP A 75 -8.59 8.28 -9.14
C ASP A 75 -7.89 8.95 -7.94
N PRO A 76 -8.61 9.39 -6.92
CA PRO A 76 -7.95 10.02 -5.76
C PRO A 76 -7.24 8.93 -4.93
N PHE A 77 -7.80 8.54 -3.82
CA PHE A 77 -7.16 7.49 -2.98
C PHE A 77 -8.01 7.23 -1.73
N LYS A 78 -8.73 8.23 -1.29
CA LYS A 78 -9.56 8.11 -0.05
C LYS A 78 -10.64 7.02 -0.19
N HIS A 79 -10.69 6.32 -1.28
CA HIS A 79 -11.67 5.23 -1.37
C HIS A 79 -10.93 3.98 -0.89
N PHE A 80 -9.74 3.80 -1.41
CA PHE A 80 -8.89 2.66 -1.02
C PHE A 80 -8.69 2.74 0.50
N VAL A 81 -8.65 3.94 1.03
CA VAL A 81 -8.52 4.10 2.50
C VAL A 81 -9.75 3.48 3.12
N GLY A 82 -10.86 3.63 2.46
CA GLY A 82 -12.12 3.03 2.95
C GLY A 82 -11.82 1.54 3.14
N MET A 83 -11.07 0.96 2.24
CA MET A 83 -10.68 -0.46 2.39
C MET A 83 -9.86 -0.54 3.65
N LEU A 84 -9.07 0.46 3.85
CA LEU A 84 -8.24 0.56 5.07
C LEU A 84 -9.14 0.93 6.25
N PRO A 85 -9.39 0.01 7.16
CA PRO A 85 -10.24 0.30 8.31
C PRO A 85 -9.40 1.00 9.37
N GLU A 86 -9.74 0.92 10.60
CA GLU A 86 -8.92 1.59 11.63
C GLU A 86 -8.48 0.56 12.67
N LYS A 87 -8.97 -0.63 12.55
CA LYS A 87 -8.64 -1.73 13.50
C LYS A 87 -7.76 -2.80 12.85
N ASP A 88 -7.28 -2.56 11.66
CA ASP A 88 -6.50 -3.63 10.98
C ASP A 88 -5.00 -3.69 11.41
N CYS A 89 -4.10 -3.50 10.47
CA CYS A 89 -2.64 -3.62 10.67
C CYS A 89 -2.12 -4.22 9.37
N ARG A 90 -2.40 -3.55 8.29
CA ARG A 90 -2.06 -4.10 6.94
C ARG A 90 -1.29 -3.09 6.08
N TYR A 91 -0.25 -3.51 5.40
CA TYR A 91 0.47 -2.58 4.49
C TYR A 91 -0.39 -2.44 3.24
N ALA A 92 0.13 -1.98 2.11
CA ALA A 92 -0.76 -1.90 0.91
C ALA A 92 -0.10 -1.21 -0.29
N LEU A 93 -0.16 -1.84 -1.43
CA LEU A 93 0.37 -1.18 -2.64
C LEU A 93 -0.76 -0.84 -3.56
N TYR A 94 -1.08 0.40 -3.63
CA TYR A 94 -2.20 0.80 -4.51
C TYR A 94 -1.70 1.55 -5.73
N ASP A 95 -1.73 0.92 -6.87
CA ASP A 95 -1.28 1.62 -8.10
C ASP A 95 -1.95 3.00 -8.10
N ALA A 96 -1.18 4.05 -8.02
CA ALA A 96 -1.78 5.40 -7.99
C ALA A 96 -1.90 5.93 -9.40
N SER A 97 -2.94 6.66 -9.68
CA SER A 97 -3.11 7.24 -11.03
C SER A 97 -2.96 8.75 -10.92
N PHE A 98 -1.79 9.24 -11.18
CA PHE A 98 -1.54 10.70 -11.06
C PHE A 98 -0.40 11.11 -11.98
N GLU A 99 -0.42 12.32 -12.47
CA GLU A 99 0.71 12.76 -13.33
C GLU A 99 1.82 13.26 -12.42
N THR A 100 2.55 14.23 -12.84
CA THR A 100 3.64 14.75 -11.98
C THR A 100 4.51 15.63 -12.88
N LYS A 101 5.56 16.26 -12.41
CA LYS A 101 6.37 17.02 -13.38
C LYS A 101 6.74 15.98 -14.43
N GLU A 102 6.84 14.77 -13.98
CA GLU A 102 7.11 13.65 -14.88
C GLU A 102 6.08 13.65 -15.99
N SER A 103 4.84 13.74 -15.58
CA SER A 103 3.66 13.73 -16.49
C SER A 103 2.64 12.74 -15.95
N ARG A 104 1.63 12.45 -16.73
CA ARG A 104 0.62 11.47 -16.31
C ARG A 104 1.33 10.15 -16.07
N LYS A 105 1.27 9.69 -14.87
CA LYS A 105 1.97 8.43 -14.51
C LYS A 105 1.21 7.73 -13.39
N GLU A 106 0.61 6.61 -13.66
CA GLU A 106 -0.08 5.92 -12.58
C GLU A 106 0.98 5.12 -11.86
N GLU A 107 1.34 5.56 -10.70
CA GLU A 107 2.43 4.88 -9.94
C GLU A 107 1.99 4.53 -8.53
N LEU A 108 1.87 3.26 -8.27
CA LEU A 108 1.47 2.78 -6.91
C LEU A 108 2.28 3.46 -5.84
N MET A 109 1.97 3.15 -4.62
CA MET A 109 2.71 3.73 -3.49
C MET A 109 2.54 2.83 -2.29
N PHE A 110 3.63 2.39 -1.76
CA PHE A 110 3.58 1.50 -0.60
C PHE A 110 2.63 2.10 0.44
N PHE A 111 1.86 1.30 1.15
CA PHE A 111 0.97 1.90 2.16
C PHE A 111 1.00 1.07 3.43
N LEU A 112 1.58 1.60 4.46
CA LEU A 112 1.60 0.85 5.73
C LEU A 112 0.35 1.21 6.46
N TRP A 113 -0.76 0.87 5.87
CA TRP A 113 -2.03 1.20 6.52
C TRP A 113 -1.99 0.67 7.95
N ALA A 114 -1.64 1.50 8.89
CA ALA A 114 -1.55 1.05 10.30
C ALA A 114 -2.25 2.09 11.17
N PRO A 115 -3.49 1.83 11.51
CA PRO A 115 -4.31 2.76 12.29
C PRO A 115 -3.82 2.90 13.73
N GLU A 116 -3.99 4.07 14.29
CA GLU A 116 -3.56 4.30 15.70
C GLU A 116 -4.34 3.34 16.61
N LEU A 117 -5.39 2.76 16.09
CA LEU A 117 -6.19 1.81 16.90
C LEU A 117 -5.67 0.42 16.62
N ALA A 118 -5.19 0.22 15.41
CA ALA A 118 -4.65 -1.12 15.04
C ALA A 118 -3.83 -1.65 16.20
N PRO A 119 -3.47 -2.88 16.08
CA PRO A 119 -2.67 -3.56 17.11
C PRO A 119 -1.24 -3.04 17.07
N LEU A 120 -0.54 -3.13 18.17
CA LEU A 120 0.87 -2.65 18.18
C LEU A 120 1.70 -3.54 17.27
N LYS A 121 1.12 -4.60 16.76
CA LYS A 121 1.88 -5.51 15.86
C LYS A 121 1.91 -4.91 14.46
N SER A 122 1.27 -3.81 14.26
CA SER A 122 1.31 -3.17 12.92
C SER A 122 2.02 -1.82 13.05
N LYS A 123 2.66 -1.59 14.17
CA LYS A 123 3.39 -0.32 14.38
C LYS A 123 4.82 -0.66 14.83
N MET A 124 4.97 -1.72 15.58
CA MET A 124 6.32 -2.15 16.03
C MET A 124 6.88 -3.12 15.02
N ILE A 125 5.99 -3.78 14.35
CA ILE A 125 6.38 -4.81 13.42
C ILE A 125 6.64 -4.24 12.05
N TYR A 126 5.67 -3.55 11.57
CA TYR A 126 5.75 -2.96 10.23
C TYR A 126 6.99 -2.08 10.21
N ALA A 127 7.29 -1.54 11.33
CA ALA A 127 8.49 -0.72 11.48
C ALA A 127 9.65 -1.43 10.77
N SER A 128 9.80 -2.70 11.04
CA SER A 128 10.89 -3.48 10.39
C SER A 128 10.31 -4.35 9.27
N SER A 129 9.02 -4.36 9.12
CA SER A 129 8.41 -5.18 8.02
C SER A 129 8.72 -4.50 6.71
N LYS A 130 8.84 -3.20 6.76
CA LYS A 130 9.22 -2.44 5.54
C LYS A 130 10.72 -2.54 5.41
N ASP A 131 11.07 -3.66 4.94
CA ASP A 131 12.47 -4.07 4.74
C ASP A 131 12.35 -5.49 4.23
N ALA A 132 11.42 -6.18 4.82
CA ALA A 132 11.11 -7.56 4.38
C ALA A 132 10.32 -7.43 3.10
N ILE A 133 9.23 -6.72 3.18
CA ILE A 133 8.39 -6.45 1.99
C ILE A 133 9.24 -5.76 0.96
N LYS A 134 10.17 -4.97 1.41
CA LYS A 134 11.06 -4.22 0.51
C LYS A 134 11.85 -5.18 -0.36
N LYS A 135 12.24 -6.30 0.18
CA LYS A 135 13.03 -7.28 -0.64
C LYS A 135 12.16 -7.80 -1.78
N LYS A 136 10.89 -7.50 -1.74
CA LYS A 136 9.97 -7.92 -2.81
C LYS A 136 9.43 -6.65 -3.46
N PHE A 137 9.52 -5.54 -2.77
CA PHE A 137 9.03 -4.25 -3.34
C PHE A 137 10.16 -3.57 -4.07
N GLN A 138 10.91 -4.37 -4.77
CA GLN A 138 12.07 -3.86 -5.56
C GLN A 138 11.82 -2.40 -5.95
N GLY A 139 10.61 -2.12 -6.38
CA GLY A 139 10.24 -0.73 -6.75
C GLY A 139 8.92 -0.38 -6.05
N ILE A 140 8.97 0.07 -4.83
CA ILE A 140 7.74 0.40 -4.10
C ILE A 140 7.10 1.63 -4.70
N LYS A 141 7.91 2.50 -5.20
CA LYS A 141 7.39 3.78 -5.75
C LYS A 141 7.19 4.70 -4.58
N HIS A 142 6.54 4.22 -3.55
CA HIS A 142 6.36 5.15 -2.40
C HIS A 142 6.13 4.47 -1.06
N GLU A 143 7.15 4.42 -0.25
CA GLU A 143 6.94 3.88 1.11
C GLU A 143 6.12 4.93 1.85
N CYS A 144 4.88 4.67 2.03
CA CYS A 144 3.99 5.66 2.71
C CYS A 144 3.20 5.02 3.84
N GLN A 145 3.56 5.28 5.06
CA GLN A 145 2.78 4.70 6.20
C GLN A 145 1.63 5.64 6.53
N ALA A 146 0.57 5.12 7.07
CA ALA A 146 -0.59 5.96 7.42
C ALA A 146 -1.14 5.54 8.78
N ASN A 147 -0.98 6.38 9.75
CA ASN A 147 -1.49 6.06 11.10
C ASN A 147 -2.78 6.84 11.27
N GLY A 148 -3.54 6.76 10.23
CA GLY A 148 -4.83 7.45 10.13
C GLY A 148 -5.08 7.44 8.63
N PRO A 149 -6.29 7.35 8.24
CA PRO A 149 -6.59 7.31 6.81
C PRO A 149 -6.23 8.68 6.20
N GLU A 150 -5.77 9.60 7.03
CA GLU A 150 -5.40 10.96 6.55
C GLU A 150 -3.93 10.99 6.11
N ASP A 151 -3.11 10.07 6.56
CA ASP A 151 -1.70 10.09 6.07
C ASP A 151 -1.75 9.64 4.60
N LEU A 152 -2.84 9.01 4.26
CA LEU A 152 -3.08 8.56 2.87
C LEU A 152 -3.66 9.74 2.10
N ASN A 153 -4.05 10.76 2.83
CA ASN A 153 -4.63 11.96 2.24
C ASN A 153 -3.97 12.19 0.91
N ARG A 154 -4.75 12.41 -0.08
CA ARG A 154 -4.16 12.59 -1.42
C ARG A 154 -3.33 13.86 -1.46
N ALA A 155 -3.63 14.80 -0.61
CA ALA A 155 -2.84 16.05 -0.56
C ALA A 155 -1.48 15.67 0.02
N CYS A 156 -1.54 14.77 0.95
CA CYS A 156 -0.29 14.27 1.60
C CYS A 156 0.37 13.30 0.68
N ILE A 157 -0.37 12.73 -0.19
CA ILE A 157 0.20 11.84 -1.14
C ILE A 157 0.67 12.79 -2.22
N ALA A 158 0.09 13.96 -2.16
CA ALA A 158 0.43 15.09 -3.06
C ALA A 158 1.52 15.91 -2.35
N GLU A 159 2.18 15.24 -1.50
CA GLU A 159 3.28 15.79 -0.71
C GLU A 159 4.40 14.78 -0.82
N LYS A 160 4.01 13.55 -0.73
CA LYS A 160 4.97 12.43 -0.90
C LYS A 160 5.34 12.47 -2.39
N LEU A 161 4.42 12.94 -3.18
CA LEU A 161 4.66 13.12 -4.64
C LEU A 161 4.54 14.62 -4.92
N GLY A 162 3.57 15.25 -4.29
CA GLY A 162 3.34 16.70 -4.49
C GLY A 162 4.25 17.49 -3.57
N GLY A 163 5.06 16.79 -2.85
CA GLY A 163 6.01 17.46 -1.94
C GLY A 163 7.39 17.31 -2.53
N SER A 164 7.45 16.99 -3.80
CA SER A 164 8.76 16.82 -4.47
C SER A 164 8.67 17.35 -5.90
N LEU A 165 7.95 16.69 -6.78
CA LEU A 165 7.88 17.18 -8.17
C LEU A 165 6.78 16.52 -8.99
N ILE A 166 5.53 16.76 -8.71
CA ILE A 166 4.51 16.13 -9.58
C ILE A 166 3.80 17.20 -10.45
N VAL A 167 2.50 17.18 -10.46
CA VAL A 167 1.71 18.12 -11.31
C VAL A 167 0.25 17.92 -10.93
N ALA A 168 -0.08 16.70 -10.64
CA ALA A 168 -1.44 16.33 -10.18
C ALA A 168 -1.21 15.63 -8.88
N PHE A 169 -2.23 15.54 -8.08
CA PHE A 169 -2.09 14.98 -6.71
C PHE A 169 -1.81 16.23 -5.90
N GLU A 170 -0.83 16.96 -6.32
CA GLU A 170 -0.50 18.25 -5.71
C GLU A 170 -1.05 19.34 -6.63
N GLY A 171 -1.46 18.98 -7.83
CA GLY A 171 -1.98 20.03 -8.76
C GLY A 171 -3.40 19.75 -9.28
N CYS A 172 -3.54 18.94 -10.30
CA CYS A 172 -4.92 18.71 -10.89
C CYS A 172 -5.94 18.31 -9.81
N PRO A 173 -5.89 17.08 -9.36
CA PRO A 173 -6.82 16.60 -8.34
C PRO A 173 -6.56 17.29 -7.00
N VAL A 174 -5.33 17.57 -6.69
CA VAL A 174 -5.06 18.27 -5.40
C VAL A 174 -3.73 19.01 -5.45
N THR A 1 19.80 -21.85 36.53
CA THR A 1 20.46 -21.63 35.21
C THR A 1 19.50 -22.04 34.09
N MET A 2 18.23 -22.06 34.36
CA MET A 2 17.25 -22.44 33.30
C MET A 2 16.94 -21.21 32.44
N ILE A 3 16.78 -21.39 31.15
CA ILE A 3 16.49 -20.21 30.29
C ILE A 3 15.57 -20.63 29.13
N THR A 4 14.93 -19.66 28.52
CA THR A 4 14.02 -19.97 27.39
C THR A 4 13.82 -18.70 26.56
N PRO A 5 14.77 -18.45 25.70
CA PRO A 5 14.76 -17.27 24.82
C PRO A 5 13.76 -17.47 23.68
N SER A 6 13.19 -16.39 23.19
CA SER A 6 12.21 -16.50 22.08
C SER A 6 12.21 -15.21 21.26
N SER A 7 11.66 -15.25 20.08
CA SER A 7 11.64 -14.02 19.24
C SER A 7 10.78 -14.29 17.99
N GLY A 8 9.89 -13.40 17.65
CA GLY A 8 9.04 -13.60 16.46
C GLY A 8 8.30 -12.31 16.10
N ASN A 9 7.04 -12.40 15.80
CA ASN A 9 6.26 -11.18 15.44
C ASN A 9 6.04 -10.33 16.69
N SER A 10 6.23 -10.88 17.86
CA SER A 10 6.03 -10.08 19.09
C SER A 10 7.00 -8.89 19.06
N ALA A 11 8.17 -9.11 18.54
CA ALA A 11 9.15 -7.99 18.44
C ALA A 11 9.34 -7.66 16.97
N SER A 12 8.28 -7.74 16.21
CA SER A 12 8.36 -7.45 14.75
C SER A 12 9.32 -8.42 14.08
N GLY A 13 8.81 -9.32 13.29
CA GLY A 13 9.69 -10.30 12.60
C GLY A 13 8.96 -10.82 11.37
N VAL A 14 8.03 -10.08 10.86
CA VAL A 14 7.28 -10.53 9.65
C VAL A 14 8.27 -10.92 8.57
N GLN A 15 7.92 -11.89 7.78
CA GLN A 15 8.88 -12.39 6.77
C GLN A 15 8.34 -12.24 5.37
N VAL A 16 7.40 -11.35 5.19
CA VAL A 16 6.82 -11.10 3.82
C VAL A 16 6.56 -12.37 3.04
N ALA A 17 5.35 -12.52 2.75
CA ALA A 17 4.87 -13.63 1.92
C ALA A 17 5.51 -13.48 0.55
N ASP A 18 5.78 -14.54 -0.15
CA ASP A 18 6.37 -14.34 -1.51
C ASP A 18 5.30 -13.74 -2.40
N GLU A 19 4.07 -13.84 -1.97
CA GLU A 19 2.96 -13.28 -2.77
C GLU A 19 3.08 -11.76 -2.71
N VAL A 20 3.74 -11.22 -1.72
CA VAL A 20 3.89 -9.76 -1.67
C VAL A 20 4.80 -9.34 -2.81
N CYS A 21 5.56 -10.25 -3.35
CA CYS A 21 6.43 -9.91 -4.51
C CYS A 21 5.58 -9.96 -5.78
N ARG A 22 4.28 -9.96 -5.62
CA ARG A 22 3.34 -9.96 -6.76
C ARG A 22 2.49 -8.72 -6.62
N ILE A 23 2.76 -7.94 -5.60
CA ILE A 23 2.02 -6.71 -5.41
C ILE A 23 2.87 -5.59 -5.93
N PHE A 24 4.01 -5.37 -5.34
CA PHE A 24 4.90 -4.32 -5.88
C PHE A 24 5.20 -4.75 -7.31
N TYR A 25 5.36 -6.02 -7.44
CA TYR A 25 5.64 -6.67 -8.74
C TYR A 25 4.63 -6.28 -9.80
N ASP A 26 3.42 -5.99 -9.43
CA ASP A 26 2.44 -5.67 -10.50
C ASP A 26 2.32 -4.16 -10.54
N MET A 27 1.14 -3.63 -10.43
CA MET A 27 1.08 -2.17 -10.35
C MET A 27 1.95 -1.60 -11.49
N LYS A 28 2.45 -0.42 -11.35
CA LYS A 28 3.33 0.13 -12.41
C LYS A 28 2.54 0.30 -13.70
N VAL A 29 2.53 1.49 -14.16
CA VAL A 29 1.82 1.85 -15.42
C VAL A 29 2.23 0.94 -16.58
N ARG A 30 3.44 0.50 -16.59
CA ARG A 30 3.93 -0.35 -17.72
C ARG A 30 3.75 -1.83 -17.38
N LYS A 31 3.71 -2.17 -16.13
CA LYS A 31 3.55 -3.60 -15.76
C LYS A 31 2.09 -4.05 -15.94
N CYS A 32 1.29 -3.26 -16.60
CA CYS A 32 -0.14 -3.66 -16.84
C CYS A 32 -0.28 -4.22 -18.24
N SER A 33 0.67 -5.04 -18.70
CA SER A 33 0.55 -5.62 -20.08
C SER A 33 -0.11 -4.57 -20.95
N THR A 34 -1.39 -4.71 -21.05
CA THR A 34 -2.22 -3.71 -21.70
C THR A 34 -3.15 -3.36 -20.52
N PRO A 35 -3.08 -2.16 -20.09
CA PRO A 35 -3.80 -1.74 -18.89
C PRO A 35 -5.32 -1.68 -19.16
N GLU A 36 -5.71 -1.84 -20.40
CA GLU A 36 -7.15 -1.79 -20.77
C GLU A 36 -7.88 -3.02 -20.24
N GLU A 37 -7.18 -3.92 -19.64
CA GLU A 37 -7.83 -5.14 -19.08
C GLU A 37 -7.33 -5.24 -17.65
N ILE A 38 -6.11 -4.84 -17.50
CA ILE A 38 -5.43 -4.74 -16.23
C ILE A 38 -6.32 -4.13 -15.17
N LYS A 39 -7.14 -3.20 -15.55
CA LYS A 39 -8.05 -2.55 -14.58
C LYS A 39 -8.73 -3.62 -13.78
N LYS A 40 -8.79 -4.79 -14.31
CA LYS A 40 -9.42 -5.94 -13.61
C LYS A 40 -8.34 -7.00 -13.39
N ARG A 41 -7.21 -6.59 -12.91
CA ARG A 41 -6.08 -7.52 -12.69
C ARG A 41 -5.42 -7.22 -11.34
N LYS A 42 -6.17 -6.64 -10.43
CA LYS A 42 -5.63 -6.27 -9.07
C LYS A 42 -5.24 -4.78 -9.10
N LYS A 43 -4.02 -4.45 -9.38
CA LYS A 43 -3.60 -3.01 -9.46
C LYS A 43 -3.42 -2.38 -8.09
N ALA A 44 -4.35 -2.55 -7.20
CA ALA A 44 -4.21 -1.99 -5.86
C ALA A 44 -4.44 -3.11 -4.91
N VAL A 45 -3.92 -3.01 -3.76
CA VAL A 45 -4.07 -4.12 -2.82
C VAL A 45 -3.59 -3.81 -1.41
N ILE A 46 -4.28 -4.28 -0.42
CA ILE A 46 -3.79 -4.12 0.95
C ILE A 46 -3.25 -5.49 1.37
N PHE A 47 -2.36 -5.52 2.29
CA PHE A 47 -1.78 -6.80 2.75
C PHE A 47 -1.62 -6.70 4.28
N CYS A 48 -1.88 -7.74 5.08
CA CYS A 48 -1.70 -7.51 6.55
C CYS A 48 -1.18 -8.75 7.32
N LEU A 49 -0.08 -9.31 6.90
CA LEU A 49 0.52 -10.44 7.68
C LEU A 49 -0.29 -11.74 7.64
N SER A 50 0.41 -12.82 7.34
CA SER A 50 -0.20 -14.18 7.25
C SER A 50 -1.18 -14.45 8.40
N ALA A 51 -1.78 -15.61 8.41
CA ALA A 51 -2.73 -15.94 9.52
C ALA A 51 -1.92 -16.07 10.82
N ASP A 52 -2.43 -15.50 11.89
CA ASP A 52 -1.68 -15.55 13.19
C ASP A 52 -0.64 -14.43 13.21
N LYS A 53 -0.40 -13.82 12.07
CA LYS A 53 0.57 -12.71 11.97
C LYS A 53 1.96 -13.26 11.72
N LYS A 54 2.57 -12.73 10.70
CA LYS A 54 3.90 -13.14 10.26
C LYS A 54 3.86 -13.15 8.75
N CYS A 55 4.87 -12.66 8.16
CA CYS A 55 4.96 -12.60 6.68
C CYS A 55 3.98 -11.60 6.15
N ILE A 56 4.44 -10.52 5.60
CA ILE A 56 3.50 -9.58 5.00
C ILE A 56 2.46 -10.44 4.29
N ILE A 57 1.27 -10.00 4.08
CA ILE A 57 0.33 -10.93 3.44
C ILE A 57 -0.93 -10.23 3.03
N VAL A 58 -1.81 -10.95 2.42
CA VAL A 58 -3.10 -10.36 2.00
C VAL A 58 -4.20 -11.18 2.67
N GLU A 59 -4.83 -10.66 3.67
CA GLU A 59 -5.89 -11.47 4.35
C GLU A 59 -6.74 -10.55 5.19
N GLU A 60 -7.80 -10.07 4.63
CA GLU A 60 -8.66 -9.15 5.39
C GLU A 60 -9.84 -8.68 4.54
N GLY A 61 -9.64 -8.61 3.28
CA GLY A 61 -10.75 -8.20 2.36
C GLY A 61 -10.67 -6.71 2.01
N LYS A 62 -9.64 -6.31 1.31
CA LYS A 62 -9.50 -4.89 0.90
C LYS A 62 -9.04 -4.86 -0.56
N GLU A 63 -8.07 -4.05 -0.87
CA GLU A 63 -7.51 -3.99 -2.24
C GLU A 63 -8.39 -3.17 -3.19
N ILE A 64 -7.78 -2.28 -3.94
CA ILE A 64 -8.55 -1.54 -4.95
C ILE A 64 -8.24 -2.26 -6.24
N LEU A 65 -8.90 -1.95 -7.28
CA LEU A 65 -8.57 -2.64 -8.53
C LEU A 65 -8.79 -1.66 -9.66
N VAL A 66 -8.21 -0.46 -9.58
CA VAL A 66 -8.34 0.59 -10.66
C VAL A 66 -9.57 0.37 -11.56
N GLY A 67 -9.69 -0.72 -12.29
CA GLY A 67 -10.92 -0.92 -13.11
C GLY A 67 -12.09 -0.46 -12.24
N ASP A 68 -12.05 -0.80 -10.97
CA ASP A 68 -13.09 -0.32 -10.04
C ASP A 68 -12.97 1.20 -10.05
N VAL A 69 -11.81 1.68 -9.70
CA VAL A 69 -11.56 3.15 -9.71
C VAL A 69 -12.30 3.77 -10.89
N GLY A 70 -13.47 4.27 -10.65
CA GLY A 70 -14.31 4.88 -11.72
C GLY A 70 -15.75 4.37 -11.58
N VAL A 71 -15.96 3.48 -10.66
CA VAL A 71 -17.31 2.92 -10.39
C VAL A 71 -17.62 3.30 -8.96
N THR A 72 -17.23 2.47 -8.04
CA THR A 72 -17.41 2.80 -6.62
C THR A 72 -16.34 3.85 -6.31
N ILE A 73 -15.37 3.96 -7.18
CA ILE A 73 -14.27 4.92 -6.94
C ILE A 73 -14.10 5.85 -8.15
N THR A 74 -13.05 6.64 -8.21
CA THR A 74 -12.91 7.54 -9.39
C THR A 74 -11.46 7.96 -9.64
N ASP A 75 -10.49 7.27 -9.08
CA ASP A 75 -9.05 7.60 -9.34
C ASP A 75 -8.37 8.47 -8.24
N PRO A 76 -9.06 8.91 -7.22
CA PRO A 76 -8.40 9.71 -6.18
C PRO A 76 -7.61 8.75 -5.27
N PHE A 77 -8.12 8.44 -4.11
CA PHE A 77 -7.39 7.51 -3.20
C PHE A 77 -8.21 7.33 -1.91
N LYS A 78 -8.98 8.34 -1.54
CA LYS A 78 -9.78 8.29 -0.27
C LYS A 78 -10.78 7.14 -0.26
N HIS A 79 -10.82 6.32 -1.27
CA HIS A 79 -11.75 5.16 -1.21
C HIS A 79 -10.94 3.99 -0.68
N PHE A 80 -9.83 3.74 -1.30
CA PHE A 80 -8.97 2.63 -0.86
C PHE A 80 -8.57 2.91 0.59
N VAL A 81 -8.40 4.16 0.94
CA VAL A 81 -8.08 4.49 2.34
C VAL A 81 -9.27 4.01 3.16
N GLY A 82 -10.42 4.15 2.59
CA GLY A 82 -11.64 3.66 3.26
C GLY A 82 -11.44 2.16 3.47
N MET A 83 -10.82 1.49 2.52
CA MET A 83 -10.54 0.05 2.70
C MET A 83 -9.67 -0.05 3.95
N LEU A 84 -8.83 0.94 4.11
CA LEU A 84 -7.93 1.00 5.29
C LEU A 84 -8.72 1.53 6.52
N PRO A 85 -9.07 0.67 7.44
CA PRO A 85 -9.83 1.05 8.64
C PRO A 85 -8.87 1.45 9.78
N GLU A 86 -9.32 1.42 10.99
CA GLU A 86 -8.42 1.79 12.11
C GLU A 86 -8.05 0.51 12.88
N LYS A 87 -8.82 -0.52 12.70
CA LYS A 87 -8.56 -1.81 13.42
C LYS A 87 -7.73 -2.75 12.54
N ASP A 88 -7.01 -2.24 11.58
CA ASP A 88 -6.23 -3.16 10.72
C ASP A 88 -5.05 -2.41 10.13
N CYS A 89 -3.87 -2.85 10.42
CA CYS A 89 -2.67 -2.22 9.87
C CYS A 89 -2.22 -3.09 8.73
N ARG A 90 -2.19 -2.56 7.57
CA ARG A 90 -1.84 -3.40 6.41
C ARG A 90 -0.92 -2.67 5.42
N TYR A 91 0.01 -3.39 4.84
CA TYR A 91 0.91 -2.79 3.82
C TYR A 91 0.16 -2.92 2.50
N ALA A 92 -0.05 -1.84 1.79
CA ALA A 92 -0.88 -1.95 0.57
C ALA A 92 -0.30 -1.20 -0.63
N LEU A 93 -0.24 -1.87 -1.73
CA LEU A 93 0.23 -1.22 -2.98
C LEU A 93 -0.97 -0.88 -3.83
N TYR A 94 -1.25 0.37 -4.00
CA TYR A 94 -2.44 0.77 -4.80
C TYR A 94 -2.00 1.39 -6.12
N ASP A 95 -2.49 0.86 -7.21
CA ASP A 95 -2.14 1.44 -8.53
C ASP A 95 -2.46 2.94 -8.49
N ALA A 96 -1.47 3.76 -8.25
CA ALA A 96 -1.72 5.22 -8.19
C ALA A 96 -1.68 5.83 -9.58
N SER A 97 -2.73 6.48 -9.99
CA SER A 97 -2.73 7.14 -11.33
C SER A 97 -2.56 8.63 -11.13
N PHE A 98 -1.37 9.10 -11.19
CA PHE A 98 -1.13 10.55 -10.97
C PHE A 98 -0.09 11.10 -11.95
N GLU A 99 -0.26 12.31 -12.38
CA GLU A 99 0.74 12.92 -13.31
C GLU A 99 1.79 13.64 -12.47
N THR A 100 2.85 14.04 -13.08
CA THR A 100 3.91 14.71 -12.31
C THR A 100 4.65 15.69 -13.22
N LYS A 101 5.74 16.29 -12.81
CA LYS A 101 6.45 17.13 -13.78
C LYS A 101 6.74 16.18 -14.95
N GLU A 102 6.77 14.90 -14.64
CA GLU A 102 6.99 13.87 -15.69
C GLU A 102 5.69 13.64 -16.44
N SER A 103 4.57 13.79 -15.75
CA SER A 103 3.22 13.61 -16.33
C SER A 103 2.61 12.32 -15.77
N ARG A 104 1.49 11.93 -16.27
CA ARG A 104 0.88 10.69 -15.81
C ARG A 104 1.92 9.61 -16.01
N LYS A 105 1.96 8.73 -15.10
CA LYS A 105 2.95 7.61 -15.16
C LYS A 105 2.62 6.59 -14.08
N GLU A 106 1.37 6.53 -13.70
CA GLU A 106 0.88 5.60 -12.65
C GLU A 106 2.00 4.98 -11.83
N GLU A 107 2.06 5.35 -10.59
CA GLU A 107 3.09 4.77 -9.71
C GLU A 107 2.45 4.41 -8.36
N LEU A 108 2.12 3.17 -8.19
CA LEU A 108 1.48 2.73 -6.93
C LEU A 108 2.32 3.20 -5.77
N MET A 109 1.84 3.04 -4.58
CA MET A 109 2.60 3.54 -3.43
C MET A 109 2.43 2.65 -2.21
N PHE A 110 3.53 2.30 -1.62
CA PHE A 110 3.50 1.44 -0.42
C PHE A 110 2.57 2.07 0.61
N PHE A 111 1.63 1.33 1.13
CA PHE A 111 0.77 1.95 2.16
C PHE A 111 0.98 1.25 3.48
N LEU A 112 1.68 1.88 4.37
CA LEU A 112 1.91 1.29 5.71
C LEU A 112 0.71 1.61 6.58
N TRP A 113 -0.45 1.41 6.03
CA TRP A 113 -1.71 1.69 6.75
C TRP A 113 -1.55 1.32 8.22
N ALA A 114 -1.13 2.23 9.05
CA ALA A 114 -0.96 1.90 10.49
C ALA A 114 -1.72 2.92 11.32
N PRO A 115 -2.87 2.53 11.80
CA PRO A 115 -3.74 3.42 12.59
C PRO A 115 -3.18 3.61 14.00
N GLU A 116 -3.37 4.77 14.57
CA GLU A 116 -2.83 5.02 15.93
C GLU A 116 -3.54 4.12 16.96
N LEU A 117 -4.55 3.39 16.57
CA LEU A 117 -5.26 2.52 17.55
C LEU A 117 -5.31 1.06 17.10
N ALA A 118 -4.55 0.71 16.09
CA ALA A 118 -4.55 -0.70 15.60
C ALA A 118 -4.30 -1.63 16.80
N PRO A 119 -4.13 -2.90 16.53
CA PRO A 119 -3.92 -3.90 17.61
C PRO A 119 -2.53 -3.76 18.25
N LEU A 120 -1.73 -2.81 17.83
CA LEU A 120 -0.37 -2.63 18.45
C LEU A 120 0.60 -3.65 17.87
N LYS A 121 0.25 -4.89 17.84
CA LYS A 121 1.18 -5.90 17.27
C LYS A 121 1.69 -5.40 15.93
N SER A 122 0.86 -4.71 15.21
CA SER A 122 1.25 -4.20 13.87
C SER A 122 2.12 -2.96 14.04
N LYS A 123 1.83 -2.21 15.04
CA LYS A 123 2.60 -0.99 15.31
C LYS A 123 4.01 -1.38 15.70
N MET A 124 4.14 -2.56 16.23
CA MET A 124 5.48 -3.07 16.65
C MET A 124 5.97 -4.10 15.65
N ILE A 125 5.12 -4.55 14.78
CA ILE A 125 5.52 -5.60 13.86
C ILE A 125 6.04 -5.01 12.58
N TYR A 126 5.22 -4.19 12.01
CA TYR A 126 5.54 -3.53 10.73
C TYR A 126 6.88 -2.85 10.92
N ALA A 127 7.14 -2.52 12.14
CA ALA A 127 8.43 -1.89 12.50
C ALA A 127 9.54 -2.61 11.75
N SER A 128 9.55 -3.92 11.83
CA SER A 128 10.59 -4.72 11.12
C SER A 128 9.98 -5.37 9.88
N SER A 129 8.69 -5.25 9.70
CA SER A 129 8.07 -5.87 8.49
C SER A 129 8.48 -5.06 7.29
N LYS A 130 8.69 -3.80 7.48
CA LYS A 130 9.14 -2.94 6.37
C LYS A 130 10.63 -3.02 6.31
N ASP A 131 11.01 -4.10 5.77
CA ASP A 131 12.42 -4.50 5.60
C ASP A 131 12.32 -5.86 4.94
N ALA A 132 11.35 -6.60 5.41
CA ALA A 132 11.05 -7.92 4.80
C ALA A 132 10.31 -7.63 3.50
N ILE A 133 9.22 -6.92 3.61
CA ILE A 133 8.44 -6.54 2.43
C ILE A 133 9.35 -5.83 1.46
N LYS A 134 10.24 -5.04 1.99
CA LYS A 134 11.19 -4.28 1.13
C LYS A 134 11.94 -5.27 0.24
N LYS A 135 12.32 -6.39 0.77
CA LYS A 135 13.07 -7.40 -0.05
C LYS A 135 12.22 -7.80 -1.26
N LYS A 136 10.94 -7.62 -1.15
CA LYS A 136 10.03 -7.96 -2.28
C LYS A 136 9.41 -6.67 -2.82
N PHE A 137 9.60 -5.59 -2.09
CA PHE A 137 9.05 -4.27 -2.56
C PHE A 137 10.19 -3.52 -3.19
N GLN A 138 11.03 -4.27 -3.83
CA GLN A 138 12.21 -3.71 -4.54
C GLN A 138 11.98 -2.25 -4.88
N GLY A 139 10.98 -1.98 -5.66
CA GLY A 139 10.65 -0.58 -6.02
C GLY A 139 9.26 -0.25 -5.49
N ILE A 140 9.15 0.07 -4.23
CA ILE A 140 7.83 0.38 -3.67
C ILE A 140 7.24 1.52 -4.43
N LYS A 141 8.09 2.35 -4.94
CA LYS A 141 7.63 3.56 -5.68
C LYS A 141 7.31 4.60 -4.63
N HIS A 142 6.58 4.22 -3.62
CA HIS A 142 6.27 5.24 -2.58
C HIS A 142 6.01 4.66 -1.20
N GLU A 143 7.00 4.65 -0.36
CA GLU A 143 6.74 4.17 1.01
C GLU A 143 6.01 5.30 1.73
N CYS A 144 4.76 5.11 1.97
CA CYS A 144 3.93 6.16 2.65
C CYS A 144 3.26 5.59 3.91
N GLN A 145 3.63 6.08 5.07
CA GLN A 145 2.98 5.56 6.31
C GLN A 145 1.74 6.40 6.63
N ALA A 146 0.66 5.75 6.95
CA ALA A 146 -0.59 6.48 7.27
C ALA A 146 -1.02 6.16 8.69
N ASN A 147 -0.85 7.11 9.57
CA ASN A 147 -1.28 6.91 10.98
C ASN A 147 -2.57 7.68 11.12
N GLY A 148 -3.40 7.40 10.18
CA GLY A 148 -4.71 8.03 10.03
C GLY A 148 -4.98 7.85 8.56
N PRO A 149 -6.20 7.68 8.18
CA PRO A 149 -6.51 7.50 6.78
C PRO A 149 -6.29 8.86 6.08
N GLU A 150 -5.90 9.85 6.87
CA GLU A 150 -5.65 11.24 6.38
C GLU A 150 -4.20 11.38 5.96
N ASP A 151 -3.36 10.48 6.38
CA ASP A 151 -1.97 10.57 5.89
C ASP A 151 -2.05 10.17 4.42
N LEU A 152 -3.18 9.60 4.04
CA LEU A 152 -3.41 9.22 2.62
C LEU A 152 -4.06 10.43 1.92
N ASN A 153 -4.34 11.41 2.73
CA ASN A 153 -4.95 12.70 2.34
C ASN A 153 -5.26 12.81 0.86
N ARG A 154 -4.22 12.80 0.07
CA ARG A 154 -4.29 12.96 -1.42
C ARG A 154 -3.40 14.16 -1.71
N ALA A 155 -3.66 15.23 -1.00
CA ALA A 155 -2.80 16.43 -1.10
C ALA A 155 -1.49 16.01 -0.50
N CYS A 156 -1.59 15.16 0.48
CA CYS A 156 -0.39 14.63 1.15
C CYS A 156 0.20 13.59 0.25
N ILE A 157 -0.61 12.83 -0.40
CA ILE A 157 -0.05 11.91 -1.33
C ILE A 157 0.51 12.79 -2.44
N ALA A 158 0.00 13.99 -2.46
CA ALA A 158 0.44 15.04 -3.41
C ALA A 158 1.54 15.85 -2.72
N GLU A 159 2.22 15.16 -1.89
CA GLU A 159 3.35 15.70 -1.12
C GLU A 159 4.41 14.61 -1.17
N LYS A 160 3.96 13.41 -0.99
CA LYS A 160 4.85 12.25 -1.12
C LYS A 160 5.24 12.21 -2.58
N LEU A 161 4.35 12.74 -3.40
CA LEU A 161 4.60 12.86 -4.86
C LEU A 161 4.61 14.36 -5.17
N GLY A 162 3.69 15.07 -4.55
CA GLY A 162 3.57 16.53 -4.79
C GLY A 162 4.43 17.29 -3.80
N GLY A 163 5.30 16.60 -3.17
CA GLY A 163 6.22 17.26 -2.21
C GLY A 163 7.61 17.25 -2.84
N SER A 164 7.66 17.07 -4.13
CA SER A 164 8.98 17.04 -4.83
C SER A 164 8.83 17.51 -6.27
N LEU A 165 8.23 16.74 -7.14
CA LEU A 165 8.16 17.18 -8.56
C LEU A 165 7.04 16.53 -9.35
N ILE A 166 5.80 16.68 -9.01
CA ILE A 166 4.77 16.08 -9.88
C ILE A 166 4.01 17.20 -10.60
N VAL A 167 2.74 17.05 -10.76
CA VAL A 167 1.93 18.08 -11.47
C VAL A 167 0.48 17.85 -11.08
N ALA A 168 0.12 16.62 -10.88
CA ALA A 168 -1.26 16.28 -10.45
C ALA A 168 -1.17 15.66 -9.09
N PHE A 169 -2.22 15.82 -8.33
CA PHE A 169 -2.26 15.37 -6.92
C PHE A 169 -1.78 16.60 -6.17
N GLU A 170 -0.70 17.12 -6.65
CA GLU A 170 -0.14 18.38 -6.13
C GLU A 170 -0.62 19.49 -7.04
N GLY A 171 -1.08 19.16 -8.25
CA GLY A 171 -1.51 20.25 -9.17
C GLY A 171 -2.92 20.05 -9.76
N CYS A 172 -3.07 19.20 -10.76
CA CYS A 172 -4.42 19.06 -11.42
C CYS A 172 -5.54 18.73 -10.41
N PRO A 173 -5.60 17.52 -9.94
CA PRO A 173 -6.62 17.10 -8.96
C PRO A 173 -6.40 17.82 -7.63
N VAL A 174 -5.17 18.03 -7.27
CA VAL A 174 -4.91 18.73 -5.98
C VAL A 174 -3.51 19.36 -6.02
N THR A 1 22.86 -2.62 17.52
CA THR A 1 21.67 -2.31 16.67
C THR A 1 20.71 -3.50 16.70
N MET A 2 19.43 -3.26 16.85
CA MET A 2 18.45 -4.37 16.89
C MET A 2 18.67 -5.21 18.15
N ILE A 3 17.61 -5.65 18.78
CA ILE A 3 17.76 -6.46 20.02
C ILE A 3 17.40 -7.93 19.71
N THR A 4 17.38 -8.77 20.71
CA THR A 4 17.04 -10.20 20.48
C THR A 4 16.27 -10.74 21.68
N PRO A 5 14.98 -10.52 21.65
CA PRO A 5 14.06 -10.95 22.71
C PRO A 5 13.78 -12.45 22.64
N SER A 6 12.75 -12.84 21.93
CA SER A 6 12.43 -14.30 21.82
C SER A 6 12.27 -14.70 20.35
N SER A 7 12.91 -13.99 19.47
CA SER A 7 12.79 -14.34 18.02
C SER A 7 11.31 -14.48 17.64
N GLY A 8 10.64 -13.39 17.41
CA GLY A 8 9.21 -13.46 17.03
C GLY A 8 8.76 -12.12 16.46
N ASN A 9 7.52 -11.76 16.65
CA ASN A 9 7.06 -10.45 16.12
C ASN A 9 6.97 -9.44 17.26
N SER A 10 7.43 -9.80 18.43
CA SER A 10 7.41 -8.85 19.57
C SER A 10 8.29 -7.66 19.17
N ALA A 11 9.41 -7.95 18.57
CA ALA A 11 10.32 -6.87 18.11
C ALA A 11 10.22 -6.83 16.58
N SER A 12 9.15 -7.35 16.06
CA SER A 12 8.94 -7.39 14.58
C SER A 12 9.71 -8.57 13.99
N GLY A 13 9.01 -9.55 13.45
CA GLY A 13 9.71 -10.71 12.86
C GLY A 13 9.04 -11.11 11.54
N VAL A 14 8.21 -10.26 11.02
CA VAL A 14 7.53 -10.59 9.74
C VAL A 14 8.50 -11.22 8.77
N GLN A 15 7.97 -12.01 7.89
CA GLN A 15 8.81 -12.71 6.90
C GLN A 15 8.24 -12.52 5.51
N VAL A 16 7.33 -11.58 5.37
CA VAL A 16 6.73 -11.29 4.01
C VAL A 16 6.28 -12.55 3.30
N ALA A 17 5.02 -12.52 3.01
CA ALA A 17 4.35 -13.62 2.30
C ALA A 17 5.07 -13.93 1.00
N ASP A 18 5.74 -12.96 0.47
CA ASP A 18 6.42 -13.10 -0.84
C ASP A 18 5.42 -12.69 -1.91
N GLU A 19 4.16 -12.72 -1.55
CA GLU A 19 3.11 -12.30 -2.50
C GLU A 19 3.31 -10.80 -2.71
N VAL A 20 4.09 -10.16 -1.87
CA VAL A 20 4.34 -8.71 -2.03
C VAL A 20 5.18 -8.50 -3.26
N CYS A 21 5.94 -9.47 -3.63
CA CYS A 21 6.71 -9.31 -4.89
C CYS A 21 5.73 -9.53 -6.05
N ARG A 22 4.46 -9.61 -5.74
CA ARG A 22 3.40 -9.80 -6.77
C ARG A 22 2.45 -8.62 -6.62
N ILE A 23 2.71 -7.76 -5.69
CA ILE A 23 1.85 -6.60 -5.53
C ILE A 23 2.57 -5.44 -6.18
N PHE A 24 3.66 -5.04 -5.60
CA PHE A 24 4.47 -3.94 -6.19
C PHE A 24 4.61 -4.28 -7.66
N TYR A 25 4.58 -5.54 -7.95
CA TYR A 25 4.69 -6.03 -9.33
C TYR A 25 3.37 -5.81 -10.05
N ASP A 26 2.25 -6.08 -9.42
CA ASP A 26 0.94 -5.88 -10.12
C ASP A 26 0.74 -4.40 -10.34
N MET A 27 1.47 -3.62 -9.60
CA MET A 27 1.36 -2.15 -9.69
C MET A 27 2.16 -1.67 -10.88
N LYS A 28 3.41 -2.06 -10.98
CA LYS A 28 4.22 -1.64 -12.15
C LYS A 28 3.31 -1.75 -13.35
N VAL A 29 2.88 -2.97 -13.55
CA VAL A 29 1.96 -3.33 -14.65
C VAL A 29 1.70 -2.19 -15.62
N ARG A 30 2.72 -1.66 -16.21
CA ARG A 30 2.48 -0.62 -17.22
C ARG A 30 2.46 -1.35 -18.55
N LYS A 31 2.50 -2.66 -18.46
CA LYS A 31 2.48 -3.52 -19.65
C LYS A 31 1.03 -3.91 -19.96
N CYS A 32 0.24 -4.08 -18.93
CA CYS A 32 -1.22 -4.44 -19.08
C CYS A 32 -1.54 -5.02 -20.45
N SER A 33 -1.77 -6.32 -20.52
CA SER A 33 -2.16 -6.97 -21.82
C SER A 33 -3.00 -5.96 -22.56
N THR A 34 -4.04 -5.67 -21.90
CA THR A 34 -5.01 -4.65 -22.30
C THR A 34 -5.42 -4.10 -20.93
N PRO A 35 -5.08 -2.89 -20.68
CA PRO A 35 -5.27 -2.31 -19.36
C PRO A 35 -6.76 -2.07 -19.05
N GLU A 36 -7.59 -2.29 -20.02
CA GLU A 36 -9.06 -2.10 -19.83
C GLU A 36 -9.64 -3.25 -19.01
N GLU A 37 -8.80 -4.13 -18.56
CA GLU A 37 -9.26 -5.29 -17.75
C GLU A 37 -8.17 -5.55 -16.75
N ILE A 38 -6.98 -5.20 -17.12
CA ILE A 38 -5.80 -5.31 -16.29
C ILE A 38 -6.09 -4.71 -14.92
N LYS A 39 -6.87 -3.68 -14.89
CA LYS A 39 -7.22 -3.04 -13.60
C LYS A 39 -7.85 -4.11 -12.74
N LYS A 40 -8.63 -4.91 -13.38
CA LYS A 40 -9.37 -6.01 -12.69
C LYS A 40 -8.42 -7.17 -12.40
N ARG A 41 -7.20 -7.04 -12.80
CA ARG A 41 -6.21 -8.12 -12.56
C ARG A 41 -5.73 -8.03 -11.11
N LYS A 42 -6.25 -7.06 -10.38
CA LYS A 42 -5.89 -6.91 -8.94
C LYS A 42 -4.47 -6.40 -8.78
N LYS A 43 -4.33 -5.14 -8.47
CA LYS A 43 -2.99 -4.57 -8.26
C LYS A 43 -3.05 -3.71 -7.00
N ALA A 44 -4.04 -2.86 -6.89
CA ALA A 44 -4.15 -2.04 -5.69
C ALA A 44 -4.52 -2.98 -4.59
N VAL A 45 -3.93 -2.78 -3.48
CA VAL A 45 -4.16 -3.74 -2.37
C VAL A 45 -3.63 -3.25 -1.05
N ILE A 46 -4.06 -3.88 0.02
CA ILE A 46 -3.52 -3.60 1.35
C ILE A 46 -2.96 -4.95 1.82
N PHE A 47 -2.23 -5.03 2.89
CA PHE A 47 -1.68 -6.34 3.31
C PHE A 47 -1.64 -6.39 4.87
N CYS A 48 -2.02 -7.48 5.53
CA CYS A 48 -2.04 -7.44 7.02
C CYS A 48 -1.41 -8.66 7.74
N LEU A 49 -0.24 -9.10 7.35
CA LEU A 49 0.44 -10.21 8.12
C LEU A 49 -0.30 -11.56 8.04
N SER A 50 0.47 -12.61 7.77
CA SER A 50 -0.06 -14.01 7.64
C SER A 50 -0.86 -14.44 8.88
N ALA A 51 -1.02 -15.73 9.05
CA ALA A 51 -1.78 -16.26 10.23
C ALA A 51 -0.98 -15.94 11.50
N ASP A 52 -1.64 -15.55 12.54
CA ASP A 52 -0.91 -15.18 13.80
C ASP A 52 -0.25 -13.82 13.59
N LYS A 53 -0.40 -13.26 12.41
CA LYS A 53 0.21 -11.94 12.09
C LYS A 53 1.70 -12.07 12.03
N LYS A 54 2.19 -12.22 10.84
CA LYS A 54 3.63 -12.37 10.64
C LYS A 54 3.97 -11.90 9.22
N CYS A 55 4.34 -12.79 8.34
CA CYS A 55 4.69 -12.41 6.93
C CYS A 55 3.78 -11.32 6.43
N ILE A 56 4.34 -10.33 5.82
CA ILE A 56 3.50 -9.32 5.19
C ILE A 56 2.41 -10.12 4.48
N ILE A 57 1.21 -9.68 4.39
CA ILE A 57 0.20 -10.58 3.77
C ILE A 57 -1.06 -9.84 3.46
N VAL A 58 -2.06 -10.51 2.98
CA VAL A 58 -3.35 -9.83 2.74
C VAL A 58 -4.33 -10.39 3.77
N GLU A 59 -4.46 -9.76 4.90
CA GLU A 59 -5.39 -10.29 5.93
C GLU A 59 -6.48 -9.29 6.11
N GLU A 60 -7.37 -9.28 5.18
CA GLU A 60 -8.41 -8.28 5.22
C GLU A 60 -9.45 -8.55 4.12
N GLY A 61 -9.77 -7.54 3.35
CA GLY A 61 -10.78 -7.71 2.27
C GLY A 61 -11.02 -6.34 1.63
N LYS A 62 -9.99 -5.78 1.07
CA LYS A 62 -10.12 -4.45 0.42
C LYS A 62 -9.46 -4.53 -0.97
N GLU A 63 -8.34 -3.88 -1.14
CA GLU A 63 -7.65 -3.93 -2.46
C GLU A 63 -8.47 -3.19 -3.50
N ILE A 64 -7.80 -2.43 -4.30
CA ILE A 64 -8.49 -1.72 -5.37
C ILE A 64 -8.04 -2.33 -6.68
N LEU A 65 -8.70 -2.06 -7.74
CA LEU A 65 -8.32 -2.69 -9.04
C LEU A 65 -7.61 -1.68 -9.95
N VAL A 66 -7.42 -0.45 -9.50
CA VAL A 66 -6.75 0.58 -10.33
C VAL A 66 -7.69 1.10 -11.42
N GLY A 67 -8.40 0.23 -12.09
CA GLY A 67 -9.37 0.70 -13.13
C GLY A 67 -10.68 1.06 -12.42
N ASP A 68 -11.04 0.36 -11.37
CA ASP A 68 -12.29 0.72 -10.65
C ASP A 68 -12.25 2.22 -10.48
N VAL A 69 -11.12 2.69 -10.01
CA VAL A 69 -10.90 4.14 -9.83
C VAL A 69 -11.67 4.92 -10.88
N GLY A 70 -12.84 5.37 -10.52
CA GLY A 70 -13.69 6.14 -11.48
C GLY A 70 -15.13 5.63 -11.39
N VAL A 71 -15.33 4.58 -10.65
CA VAL A 71 -16.69 4.01 -10.46
C VAL A 71 -17.06 4.29 -9.02
N THR A 72 -16.71 3.39 -8.14
CA THR A 72 -16.95 3.64 -6.73
C THR A 72 -15.86 4.61 -6.27
N ILE A 73 -14.84 4.76 -7.10
CA ILE A 73 -13.73 5.68 -6.75
C ILE A 73 -13.51 6.71 -7.86
N THR A 74 -12.48 7.53 -7.78
CA THR A 74 -12.28 8.56 -8.85
C THR A 74 -10.81 8.94 -9.03
N ASP A 75 -9.89 8.12 -8.55
CA ASP A 75 -8.42 8.42 -8.74
C ASP A 75 -7.72 9.09 -7.53
N PRO A 76 -8.42 9.49 -6.50
CA PRO A 76 -7.75 10.08 -5.33
C PRO A 76 -7.11 8.94 -4.52
N PHE A 77 -7.68 8.58 -3.42
CA PHE A 77 -7.15 7.46 -2.60
C PHE A 77 -8.06 7.31 -1.37
N LYS A 78 -8.60 8.42 -0.90
CA LYS A 78 -9.51 8.41 0.28
C LYS A 78 -10.42 7.19 0.24
N HIS A 79 -10.70 6.66 -0.91
CA HIS A 79 -11.57 5.46 -0.93
C HIS A 79 -10.74 4.25 -0.53
N PHE A 80 -9.60 4.08 -1.14
CA PHE A 80 -8.75 2.92 -0.80
C PHE A 80 -8.47 2.94 0.70
N VAL A 81 -8.30 4.10 1.28
CA VAL A 81 -8.08 4.17 2.77
C VAL A 81 -9.41 3.75 3.39
N GLY A 82 -10.47 4.03 2.70
CA GLY A 82 -11.82 3.64 3.17
C GLY A 82 -11.91 2.13 3.05
N MET A 83 -11.13 1.57 2.16
CA MET A 83 -11.10 0.10 2.02
C MET A 83 -10.56 -0.44 3.30
N LEU A 84 -9.38 -0.08 3.57
CA LEU A 84 -8.75 -0.48 4.84
C LEU A 84 -9.51 0.19 6.00
N PRO A 85 -9.84 -0.58 6.99
CA PRO A 85 -10.56 -0.10 8.18
C PRO A 85 -9.56 0.52 9.13
N GLU A 86 -9.83 0.51 10.40
CA GLU A 86 -8.88 1.07 11.37
C GLU A 86 -8.42 -0.03 12.32
N LYS A 87 -9.03 -1.16 12.24
CA LYS A 87 -8.67 -2.27 13.16
C LYS A 87 -7.81 -3.36 12.51
N ASP A 88 -7.29 -3.20 11.32
CA ASP A 88 -6.46 -4.34 10.80
C ASP A 88 -6.07 -4.19 9.32
N CYS A 89 -4.77 -4.18 9.07
CA CYS A 89 -4.19 -4.12 7.69
C CYS A 89 -3.31 -2.87 7.55
N ARG A 90 -2.13 -3.02 6.99
CA ARG A 90 -1.18 -1.87 6.92
C ARG A 90 -0.49 -1.73 5.55
N TYR A 91 0.39 -2.64 5.17
CA TYR A 91 1.15 -2.48 3.88
C TYR A 91 0.25 -2.57 2.67
N ALA A 92 0.27 -1.57 1.85
CA ALA A 92 -0.62 -1.58 0.70
C ALA A 92 0.01 -0.94 -0.52
N LEU A 93 -0.13 -1.60 -1.61
CA LEU A 93 0.37 -1.07 -2.90
C LEU A 93 -0.82 -0.80 -3.77
N TYR A 94 -1.14 0.45 -3.93
CA TYR A 94 -2.34 0.81 -4.73
C TYR A 94 -1.93 1.52 -5.99
N ASP A 95 -2.07 0.88 -7.12
CA ASP A 95 -1.70 1.54 -8.41
C ASP A 95 -2.33 2.92 -8.43
N ALA A 96 -1.60 3.93 -8.04
CA ALA A 96 -2.18 5.30 -8.01
C ALA A 96 -2.10 5.96 -9.38
N SER A 97 -3.21 6.23 -9.99
CA SER A 97 -3.19 6.91 -11.31
C SER A 97 -3.09 8.41 -11.06
N PHE A 98 -1.90 8.93 -11.05
CA PHE A 98 -1.70 10.37 -10.79
C PHE A 98 -0.79 10.98 -11.85
N GLU A 99 -1.05 12.18 -12.27
CA GLU A 99 -0.15 12.80 -13.27
C GLU A 99 1.02 13.40 -12.52
N THR A 100 2.01 13.81 -13.21
CA THR A 100 3.18 14.37 -12.53
C THR A 100 3.96 15.25 -13.51
N LYS A 101 5.12 15.76 -13.16
CA LYS A 101 5.86 16.50 -14.19
C LYS A 101 6.00 15.50 -15.36
N GLU A 102 5.91 14.22 -15.04
CA GLU A 102 5.98 13.16 -16.09
C GLU A 102 4.59 12.99 -16.70
N SER A 103 3.57 13.24 -15.91
CA SER A 103 2.15 13.13 -16.34
C SER A 103 1.55 11.81 -15.88
N ARG A 104 0.32 11.59 -16.24
CA ARG A 104 -0.38 10.34 -15.86
C ARG A 104 0.55 9.18 -16.13
N LYS A 105 1.07 8.63 -15.10
CA LYS A 105 2.02 7.49 -15.26
C LYS A 105 1.78 6.42 -14.20
N GLU A 106 0.63 6.45 -13.59
CA GLU A 106 0.27 5.45 -12.52
C GLU A 106 1.48 4.85 -11.82
N GLU A 107 1.62 5.15 -10.57
CA GLU A 107 2.74 4.57 -9.80
C GLU A 107 2.27 4.26 -8.37
N LEU A 108 1.94 3.02 -8.13
CA LEU A 108 1.48 2.62 -6.77
C LEU A 108 2.38 3.25 -5.72
N MET A 109 2.01 3.10 -4.50
CA MET A 109 2.81 3.67 -3.41
C MET A 109 2.73 2.78 -2.20
N PHE A 110 3.83 2.58 -1.56
CA PHE A 110 3.83 1.73 -0.37
C PHE A 110 2.89 2.34 0.66
N PHE A 111 2.04 1.58 1.23
CA PHE A 111 1.15 2.18 2.23
C PHE A 111 1.31 1.45 3.55
N LEU A 112 1.88 2.10 4.53
CA LEU A 112 2.03 1.46 5.86
C LEU A 112 0.76 1.78 6.60
N TRP A 113 -0.33 1.57 5.93
CA TRP A 113 -1.66 1.88 6.48
C TRP A 113 -1.75 1.67 7.98
N ALA A 114 -1.30 2.62 8.73
CA ALA A 114 -1.41 2.52 10.20
C ALA A 114 -2.77 3.14 10.54
N PRO A 115 -3.65 2.35 11.02
CA PRO A 115 -5.00 2.83 11.32
C PRO A 115 -5.09 3.46 12.71
N GLU A 116 -4.03 3.48 13.44
CA GLU A 116 -4.08 4.08 14.80
C GLU A 116 -4.84 3.14 15.79
N LEU A 117 -5.81 2.37 15.33
CA LEU A 117 -6.57 1.47 16.24
C LEU A 117 -6.03 0.05 16.10
N ALA A 118 -5.42 -0.23 14.98
CA ALA A 118 -4.90 -1.60 14.72
C ALA A 118 -4.27 -2.18 15.99
N PRO A 119 -3.98 -3.44 15.90
CA PRO A 119 -3.37 -4.18 17.01
C PRO A 119 -1.91 -3.73 17.16
N LEU A 120 -1.34 -3.90 18.32
CA LEU A 120 0.06 -3.47 18.51
C LEU A 120 0.99 -4.38 17.69
N LYS A 121 0.47 -5.45 17.18
CA LYS A 121 1.33 -6.36 16.38
C LYS A 121 1.32 -5.92 14.92
N SER A 122 0.58 -4.88 14.62
CA SER A 122 0.54 -4.36 13.24
C SER A 122 1.02 -2.90 13.27
N LYS A 123 1.88 -2.60 14.20
CA LYS A 123 2.45 -1.23 14.32
C LYS A 123 3.89 -1.37 14.83
N MET A 124 4.08 -2.25 15.77
CA MET A 124 5.43 -2.53 16.31
C MET A 124 6.08 -3.59 15.44
N ILE A 125 5.26 -4.28 14.72
CA ILE A 125 5.74 -5.37 13.89
C ILE A 125 6.18 -4.86 12.55
N TYR A 126 5.32 -4.11 11.97
CA TYR A 126 5.58 -3.52 10.64
C TYR A 126 6.83 -2.70 10.79
N ALA A 127 7.07 -2.26 11.98
CA ALA A 127 8.28 -1.48 12.28
C ALA A 127 9.45 -2.16 11.57
N SER A 128 9.56 -3.45 11.71
CA SER A 128 10.66 -4.17 11.02
C SER A 128 10.10 -4.92 9.82
N SER A 129 8.80 -5.00 9.68
CA SER A 129 8.25 -5.70 8.48
C SER A 129 8.67 -4.88 7.28
N LYS A 130 8.87 -3.63 7.49
CA LYS A 130 9.33 -2.74 6.40
C LYS A 130 10.83 -2.89 6.34
N ASP A 131 11.16 -3.95 5.73
CA ASP A 131 12.57 -4.38 5.55
C ASP A 131 12.42 -5.76 4.94
N ALA A 132 11.46 -6.47 5.43
CA ALA A 132 11.15 -7.81 4.89
C ALA A 132 10.36 -7.58 3.61
N ILE A 133 9.31 -6.83 3.73
CA ILE A 133 8.49 -6.48 2.55
C ILE A 133 9.37 -5.77 1.56
N LYS A 134 10.26 -4.97 2.06
CA LYS A 134 11.18 -4.20 1.17
C LYS A 134 11.98 -5.15 0.29
N LYS A 135 12.34 -6.29 0.81
CA LYS A 135 13.11 -7.26 -0.02
C LYS A 135 12.28 -7.60 -1.25
N LYS A 136 10.99 -7.49 -1.12
CA LYS A 136 10.08 -7.76 -2.27
C LYS A 136 9.56 -6.43 -2.77
N PHE A 137 9.72 -5.40 -1.99
CA PHE A 137 9.26 -4.05 -2.40
C PHE A 137 10.44 -3.28 -2.92
N GLN A 138 11.29 -4.01 -3.53
CA GLN A 138 12.54 -3.42 -4.13
C GLN A 138 12.22 -2.01 -4.66
N GLY A 139 11.22 -1.91 -5.49
CA GLY A 139 10.82 -0.57 -6.02
C GLY A 139 9.44 -0.23 -5.49
N ILE A 140 9.37 0.26 -4.28
CA ILE A 140 8.07 0.59 -3.67
C ILE A 140 7.41 1.74 -4.39
N LYS A 141 8.20 2.62 -4.92
CA LYS A 141 7.65 3.83 -5.58
C LYS A 141 7.39 4.82 -4.48
N HIS A 142 6.73 4.39 -3.45
CA HIS A 142 6.47 5.37 -2.35
C HIS A 142 6.34 4.75 -0.96
N GLU A 143 7.43 4.63 -0.26
CA GLU A 143 7.33 4.12 1.13
C GLU A 143 6.71 5.23 1.97
N CYS A 144 5.47 5.07 2.27
CA CYS A 144 4.75 6.11 3.09
C CYS A 144 4.08 5.47 4.31
N GLN A 145 3.84 6.24 5.34
CA GLN A 145 3.16 5.67 6.53
C GLN A 145 1.94 6.51 6.89
N ALA A 146 0.88 5.87 7.28
CA ALA A 146 -0.35 6.61 7.63
C ALA A 146 -0.45 6.79 9.15
N ASN A 147 -1.27 5.98 9.74
CA ASN A 147 -1.56 6.03 11.23
C ASN A 147 -2.80 6.88 11.38
N GLY A 148 -3.49 6.99 10.28
CA GLY A 148 -4.74 7.73 10.16
C GLY A 148 -5.05 7.59 8.68
N PRO A 149 -6.27 7.39 8.33
CA PRO A 149 -6.63 7.23 6.93
C PRO A 149 -6.40 8.56 6.21
N GLU A 150 -5.92 9.54 6.94
CA GLU A 150 -5.65 10.87 6.37
C GLU A 150 -4.16 11.01 6.03
N ASP A 151 -3.29 10.18 6.56
CA ASP A 151 -1.86 10.35 6.19
C ASP A 151 -1.71 9.77 4.78
N LEU A 152 -2.70 9.04 4.35
CA LEU A 152 -2.69 8.52 2.97
C LEU A 152 -3.32 9.59 2.08
N ASN A 153 -3.52 10.76 2.66
CA ASN A 153 -4.11 11.89 1.95
C ASN A 153 -3.66 11.90 0.53
N ARG A 154 -4.37 12.58 -0.28
CA ARG A 154 -3.97 12.68 -1.69
C ARG A 154 -3.06 13.90 -1.80
N ALA A 155 -3.28 14.86 -0.94
CA ALA A 155 -2.42 16.07 -0.92
C ALA A 155 -1.08 15.62 -0.36
N CYS A 156 -1.15 14.69 0.54
CA CYS A 156 0.08 14.13 1.16
C CYS A 156 0.67 13.13 0.22
N ILE A 157 -0.17 12.42 -0.43
CA ILE A 157 0.31 11.48 -1.38
C ILE A 157 0.72 12.36 -2.57
N ALA A 158 0.24 13.59 -2.50
CA ALA A 158 0.62 14.66 -3.47
C ALA A 158 1.83 15.38 -2.87
N GLU A 159 2.49 14.65 -2.05
CA GLU A 159 3.70 15.07 -1.34
C GLU A 159 4.68 13.93 -1.60
N LYS A 160 4.16 12.72 -1.54
CA LYS A 160 4.96 11.55 -1.89
C LYS A 160 5.40 11.80 -3.31
N LEU A 161 4.45 12.18 -4.10
CA LEU A 161 4.69 12.49 -5.53
C LEU A 161 4.61 14.00 -5.71
N GLY A 162 3.78 14.68 -4.94
CA GLY A 162 3.65 16.15 -5.09
C GLY A 162 4.62 16.84 -4.15
N GLY A 163 5.40 16.06 -3.50
CA GLY A 163 6.43 16.64 -2.59
C GLY A 163 7.76 16.46 -3.30
N SER A 164 7.68 16.30 -4.60
CA SER A 164 8.90 16.09 -5.40
C SER A 164 8.70 16.69 -6.80
N LEU A 165 8.04 15.99 -7.69
CA LEU A 165 7.86 16.52 -9.08
C LEU A 165 6.67 15.93 -9.79
N ILE A 166 5.45 16.22 -9.43
CA ILE A 166 4.36 15.67 -10.22
C ILE A 166 3.64 16.80 -10.97
N VAL A 167 2.36 16.85 -10.89
CA VAL A 167 1.57 17.88 -11.60
C VAL A 167 0.14 17.73 -11.13
N ALA A 168 -0.24 16.52 -10.81
CA ALA A 168 -1.60 16.24 -10.29
C ALA A 168 -1.45 15.61 -8.93
N PHE A 169 -2.45 15.77 -8.11
CA PHE A 169 -2.42 15.29 -6.71
C PHE A 169 -1.87 16.47 -5.95
N GLU A 170 -0.82 17.01 -6.48
CA GLU A 170 -0.22 18.23 -5.94
C GLU A 170 -0.69 19.37 -6.86
N GLY A 171 -1.18 19.04 -8.05
CA GLY A 171 -1.61 20.13 -8.97
C GLY A 171 -3.07 19.98 -9.47
N CYS A 172 -3.32 19.16 -10.47
CA CYS A 172 -4.70 19.04 -11.05
C CYS A 172 -5.76 18.70 -9.98
N PRO A 173 -5.83 17.47 -9.57
CA PRO A 173 -6.81 17.05 -8.55
C PRO A 173 -6.50 17.69 -7.20
N VAL A 174 -5.25 17.86 -6.89
CA VAL A 174 -4.91 18.52 -5.59
C VAL A 174 -3.53 19.16 -5.69
N THR A 1 25.61 2.99 20.64
CA THR A 1 26.36 3.96 19.78
C THR A 1 26.99 3.22 18.60
N MET A 2 27.06 1.92 18.67
CA MET A 2 27.67 1.14 17.56
C MET A 2 26.93 -0.19 17.37
N ILE A 3 26.49 -0.78 18.45
CA ILE A 3 25.79 -2.10 18.33
C ILE A 3 24.29 -1.89 18.10
N THR A 4 23.69 -2.77 17.35
CA THR A 4 22.23 -2.66 17.08
C THR A 4 21.55 -3.90 17.69
N PRO A 5 20.44 -3.67 18.34
CA PRO A 5 19.67 -4.75 18.99
C PRO A 5 18.94 -5.60 17.97
N SER A 6 18.27 -6.64 18.41
CA SER A 6 17.53 -7.52 17.46
C SER A 6 16.51 -6.72 16.67
N SER A 7 16.18 -7.17 15.49
CA SER A 7 15.19 -6.46 14.64
C SER A 7 14.96 -7.26 13.36
N GLY A 8 13.83 -7.92 13.25
CA GLY A 8 13.54 -8.73 12.04
C GLY A 8 12.66 -9.91 12.46
N ASN A 9 11.45 -9.62 12.85
CA ASN A 9 10.51 -10.69 13.30
C ASN A 9 10.89 -11.12 14.73
N SER A 10 12.06 -10.77 15.21
CA SER A 10 12.41 -11.14 16.61
C SER A 10 11.36 -10.48 17.50
N ALA A 11 11.39 -9.19 17.58
CA ALA A 11 10.34 -8.49 18.36
C ALA A 11 9.08 -8.59 17.50
N SER A 12 9.24 -8.34 16.22
CA SER A 12 8.12 -8.46 15.27
C SER A 12 7.84 -9.96 15.10
N GLY A 13 7.48 -10.38 13.93
CA GLY A 13 7.22 -11.83 13.71
C GLY A 13 6.77 -12.08 12.27
N VAL A 14 7.09 -11.19 11.38
CA VAL A 14 6.65 -11.36 9.97
C VAL A 14 7.80 -11.77 9.07
N GLN A 15 7.47 -12.27 7.93
CA GLN A 15 8.51 -12.73 6.97
C GLN A 15 8.05 -12.55 5.51
N VAL A 16 7.30 -11.51 5.20
CA VAL A 16 6.87 -11.33 3.79
C VAL A 16 6.17 -12.59 3.33
N ALA A 17 5.56 -12.52 2.20
CA ALA A 17 4.79 -13.67 1.70
C ALA A 17 5.26 -14.07 0.30
N ASP A 18 6.01 -13.22 -0.34
CA ASP A 18 6.46 -13.48 -1.74
C ASP A 18 5.37 -12.99 -2.66
N GLU A 19 4.14 -13.08 -2.23
CA GLU A 19 3.04 -12.54 -3.03
C GLU A 19 3.19 -11.03 -2.96
N VAL A 20 4.04 -10.56 -2.05
CA VAL A 20 4.30 -9.12 -1.94
C VAL A 20 5.08 -8.71 -3.19
N CYS A 21 5.83 -9.64 -3.72
CA CYS A 21 6.59 -9.33 -4.96
C CYS A 21 5.62 -9.25 -6.15
N ARG A 22 4.34 -9.41 -5.91
CA ARG A 22 3.34 -9.27 -7.02
C ARG A 22 2.52 -8.05 -6.71
N ILE A 23 2.72 -7.46 -5.57
CA ILE A 23 1.96 -6.28 -5.23
C ILE A 23 2.74 -5.09 -5.73
N PHE A 24 3.94 -4.93 -5.27
CA PHE A 24 4.77 -3.84 -5.81
C PHE A 24 4.84 -4.07 -7.32
N TYR A 25 4.56 -5.29 -7.72
CA TYR A 25 4.61 -5.67 -9.13
C TYR A 25 3.20 -5.68 -9.73
N ASP A 26 2.19 -5.77 -8.89
CA ASP A 26 0.81 -5.84 -9.42
C ASP A 26 0.49 -4.51 -10.09
N MET A 27 1.31 -3.55 -9.79
CA MET A 27 1.12 -2.17 -10.31
C MET A 27 2.43 -1.67 -10.95
N LYS A 28 3.35 -2.55 -11.21
CA LYS A 28 4.66 -2.14 -11.82
C LYS A 28 4.44 -1.41 -13.15
N VAL A 29 4.21 -2.12 -14.23
CA VAL A 29 4.03 -1.44 -15.54
C VAL A 29 2.64 -1.73 -16.12
N ARG A 30 2.57 -2.53 -17.16
CA ARG A 30 1.25 -2.84 -17.76
C ARG A 30 0.89 -4.28 -17.44
N LYS A 31 1.61 -5.21 -17.98
CA LYS A 31 1.32 -6.64 -17.72
C LYS A 31 -0.20 -6.86 -17.70
N CYS A 32 -0.89 -6.34 -18.68
CA CYS A 32 -2.37 -6.49 -18.73
C CYS A 32 -2.80 -7.23 -20.00
N SER A 33 -3.22 -8.47 -19.86
CA SER A 33 -3.73 -9.25 -21.04
C SER A 33 -4.49 -8.27 -21.88
N THR A 34 -5.55 -7.87 -21.30
CA THR A 34 -6.44 -6.84 -21.82
C THR A 34 -6.69 -6.02 -20.56
N PRO A 35 -6.26 -4.81 -20.57
CA PRO A 35 -6.29 -3.97 -19.39
C PRO A 35 -7.72 -3.54 -19.02
N GLU A 36 -8.67 -3.85 -19.85
CA GLU A 36 -10.09 -3.47 -19.57
C GLU A 36 -10.67 -4.39 -18.50
N GLU A 37 -9.87 -5.27 -17.98
CA GLU A 37 -10.34 -6.22 -16.95
C GLU A 37 -9.18 -6.44 -16.00
N ILE A 38 -8.02 -6.25 -16.52
CA ILE A 38 -6.78 -6.33 -15.78
C ILE A 38 -6.85 -5.54 -14.49
N LYS A 39 -7.48 -4.40 -14.49
CA LYS A 39 -7.59 -3.63 -13.25
C LYS A 39 -8.33 -4.55 -12.29
N LYS A 40 -9.22 -5.29 -12.84
CA LYS A 40 -10.00 -6.29 -12.03
C LYS A 40 -9.17 -7.57 -11.85
N ARG A 41 -7.87 -7.46 -11.93
CA ARG A 41 -6.99 -8.65 -11.77
C ARG A 41 -6.15 -8.44 -10.50
N LYS A 42 -6.47 -7.44 -9.74
CA LYS A 42 -5.69 -7.12 -8.49
C LYS A 42 -4.54 -6.19 -8.87
N LYS A 43 -4.71 -4.91 -8.69
CA LYS A 43 -3.65 -3.94 -9.07
C LYS A 43 -3.70 -2.76 -8.09
N ALA A 44 -4.22 -3.05 -6.94
CA ALA A 44 -4.33 -2.10 -5.83
C ALA A 44 -4.47 -3.01 -4.63
N VAL A 45 -3.85 -2.73 -3.54
CA VAL A 45 -3.96 -3.75 -2.49
C VAL A 45 -3.49 -3.32 -1.11
N ILE A 46 -3.96 -4.02 -0.12
CA ILE A 46 -3.53 -3.80 1.24
C ILE A 46 -3.18 -5.15 1.83
N PHE A 47 -2.04 -5.31 2.38
CA PHE A 47 -1.72 -6.59 3.02
C PHE A 47 -1.31 -6.28 4.46
N CYS A 48 -0.97 -7.27 5.24
CA CYS A 48 -0.55 -6.99 6.64
C CYS A 48 0.28 -8.17 7.02
N LEU A 49 -0.32 -9.31 7.08
CA LEU A 49 0.45 -10.54 7.34
C LEU A 49 -0.41 -11.78 7.69
N SER A 50 0.11 -12.91 7.27
CA SER A 50 -0.55 -14.24 7.44
C SER A 50 -1.30 -14.38 8.76
N ALA A 51 -2.06 -15.45 8.89
CA ALA A 51 -2.81 -15.68 10.16
C ALA A 51 -1.80 -15.85 11.28
N ASP A 52 -2.14 -15.48 12.48
CA ASP A 52 -1.16 -15.57 13.61
C ASP A 52 -0.24 -14.34 13.53
N LYS A 53 -0.25 -13.68 12.39
CA LYS A 53 0.56 -12.46 12.17
C LYS A 53 2.02 -12.80 11.93
N LYS A 54 2.38 -12.72 10.68
CA LYS A 54 3.75 -13.03 10.26
C LYS A 54 3.97 -12.45 8.84
N CYS A 55 4.30 -13.27 7.88
CA CYS A 55 4.51 -12.81 6.47
C CYS A 55 3.61 -11.64 6.15
N ILE A 56 4.05 -10.76 5.33
CA ILE A 56 3.17 -9.65 4.89
C ILE A 56 1.99 -10.32 4.17
N ILE A 57 0.76 -9.93 4.35
CA ILE A 57 -0.33 -10.69 3.63
C ILE A 57 -1.47 -9.82 3.15
N VAL A 58 -1.89 -10.12 1.98
CA VAL A 58 -3.08 -9.42 1.44
C VAL A 58 -4.27 -10.33 1.69
N GLU A 59 -4.92 -10.20 2.80
CA GLU A 59 -6.07 -11.12 3.07
C GLU A 59 -6.99 -10.55 4.13
N GLU A 60 -7.42 -9.34 3.94
CA GLU A 60 -8.35 -8.73 4.91
C GLU A 60 -9.61 -8.28 4.20
N GLY A 61 -9.63 -8.46 2.92
CA GLY A 61 -10.83 -8.05 2.13
C GLY A 61 -10.66 -6.59 1.73
N LYS A 62 -9.45 -6.14 1.65
CA LYS A 62 -9.20 -4.74 1.27
C LYS A 62 -8.91 -4.73 -0.23
N GLU A 63 -7.92 -3.98 -0.65
CA GLU A 63 -7.53 -3.96 -2.08
C GLU A 63 -8.52 -3.22 -2.97
N ILE A 64 -7.99 -2.48 -3.89
CA ILE A 64 -8.82 -1.78 -4.88
C ILE A 64 -8.57 -2.54 -6.18
N LEU A 65 -9.20 -2.22 -7.25
CA LEU A 65 -8.91 -3.02 -8.48
C LEU A 65 -8.24 -2.15 -9.53
N VAL A 66 -8.01 -0.90 -9.26
CA VAL A 66 -7.35 -0.04 -10.27
C VAL A 66 -8.40 0.35 -11.34
N GLY A 67 -9.23 -0.57 -11.79
CA GLY A 67 -10.27 -0.22 -12.78
C GLY A 67 -11.48 0.32 -12.03
N ASP A 68 -11.79 -0.25 -10.89
CA ASP A 68 -12.94 0.28 -10.12
C ASP A 68 -12.77 1.78 -10.08
N VAL A 69 -11.58 2.21 -9.75
CA VAL A 69 -11.28 3.66 -9.71
C VAL A 69 -12.09 4.40 -10.77
N GLY A 70 -13.24 4.89 -10.41
CA GLY A 70 -14.09 5.63 -11.40
C GLY A 70 -15.55 5.27 -11.18
N VAL A 71 -15.82 4.30 -10.36
CA VAL A 71 -17.23 3.93 -10.06
C VAL A 71 -17.47 4.27 -8.60
N THR A 72 -17.27 3.32 -7.74
CA THR A 72 -17.39 3.63 -6.31
C THR A 72 -16.22 4.56 -6.01
N ILE A 73 -15.26 4.61 -6.92
CA ILE A 73 -14.07 5.46 -6.71
C ILE A 73 -13.92 6.43 -7.90
N THR A 74 -12.91 7.26 -7.91
CA THR A 74 -12.77 8.22 -9.05
C THR A 74 -11.31 8.62 -9.27
N ASP A 75 -10.37 7.81 -8.82
CA ASP A 75 -8.91 8.12 -9.06
C ASP A 75 -8.19 8.84 -7.90
N PRO A 76 -8.88 9.27 -6.86
CA PRO A 76 -8.18 9.93 -5.75
C PRO A 76 -7.45 8.85 -4.94
N PHE A 77 -8.03 8.42 -3.85
CA PHE A 77 -7.39 7.38 -3.01
C PHE A 77 -8.23 7.20 -1.74
N LYS A 78 -8.90 8.25 -1.32
CA LYS A 78 -9.72 8.24 -0.07
C LYS A 78 -10.82 7.17 -0.09
N HIS A 79 -10.86 6.30 -1.06
CA HIS A 79 -11.88 5.24 -1.02
C HIS A 79 -11.17 4.00 -0.53
N PHE A 80 -9.99 3.80 -1.07
CA PHE A 80 -9.16 2.65 -0.68
C PHE A 80 -8.73 2.87 0.78
N VAL A 81 -8.89 4.09 1.25
CA VAL A 81 -8.57 4.41 2.67
C VAL A 81 -9.65 3.78 3.53
N GLY A 82 -10.81 3.67 2.96
CA GLY A 82 -11.94 3.02 3.67
C GLY A 82 -11.54 1.56 3.85
N MET A 83 -10.86 1.01 2.87
CA MET A 83 -10.37 -0.38 3.00
C MET A 83 -9.34 -0.37 4.12
N LEU A 84 -8.90 0.79 4.48
CA LEU A 84 -7.91 0.94 5.57
C LEU A 84 -8.63 1.48 6.83
N PRO A 85 -9.04 0.59 7.71
CA PRO A 85 -9.75 0.97 8.95
C PRO A 85 -8.77 1.44 10.03
N GLU A 86 -9.20 1.53 11.25
CA GLU A 86 -8.29 1.96 12.34
C GLU A 86 -7.84 0.75 13.15
N LYS A 87 -8.42 -0.38 12.86
CA LYS A 87 -8.08 -1.63 13.62
C LYS A 87 -7.34 -2.59 12.69
N ASP A 88 -6.75 -2.08 11.65
CA ASP A 88 -6.03 -2.96 10.71
C ASP A 88 -4.72 -2.30 10.29
N CYS A 89 -3.63 -2.85 10.75
CA CYS A 89 -2.31 -2.31 10.37
C CYS A 89 -1.92 -3.11 9.14
N ARG A 90 -2.04 -2.55 8.00
CA ARG A 90 -1.77 -3.32 6.77
C ARG A 90 -0.96 -2.51 5.76
N TYR A 91 0.04 -3.07 5.15
CA TYR A 91 0.76 -2.28 4.13
C TYR A 91 -0.16 -2.19 2.92
N ALA A 92 0.18 -1.46 1.90
CA ALA A 92 -0.76 -1.45 0.75
C ALA A 92 -0.18 -0.78 -0.50
N LEU A 93 -0.27 -1.47 -1.60
CA LEU A 93 0.22 -0.91 -2.89
C LEU A 93 -0.97 -0.77 -3.81
N TYR A 94 -1.38 0.44 -3.98
CA TYR A 94 -2.53 0.73 -4.85
C TYR A 94 -2.05 1.49 -6.08
N ASP A 95 -2.07 0.86 -7.22
CA ASP A 95 -1.61 1.56 -8.46
C ASP A 95 -2.11 3.00 -8.42
N ALA A 96 -1.25 3.93 -8.06
CA ALA A 96 -1.68 5.36 -7.98
C ALA A 96 -1.65 6.01 -9.35
N SER A 97 -2.78 6.33 -9.90
CA SER A 97 -2.79 6.98 -11.24
C SER A 97 -2.68 8.50 -11.10
N PHE A 98 -1.50 9.01 -11.14
CA PHE A 98 -1.29 10.48 -11.01
C PHE A 98 -0.27 10.96 -12.02
N GLU A 99 -0.41 12.17 -12.51
CA GLU A 99 0.61 12.69 -13.46
C GLU A 99 1.66 13.43 -12.67
N THR A 100 2.79 13.64 -13.24
CA THR A 100 3.86 14.32 -12.50
C THR A 100 4.65 15.23 -13.44
N LYS A 101 5.75 15.82 -13.01
CA LYS A 101 6.53 16.58 -13.99
C LYS A 101 6.81 15.58 -15.11
N GLU A 102 6.78 14.31 -14.77
CA GLU A 102 7.01 13.24 -15.78
C GLU A 102 5.70 13.02 -16.54
N SER A 103 4.58 13.21 -15.86
CA SER A 103 3.23 13.04 -16.44
C SER A 103 2.60 11.79 -15.84
N ARG A 104 1.40 11.48 -16.24
CA ARG A 104 0.78 10.28 -15.74
C ARG A 104 1.76 9.15 -15.94
N LYS A 105 1.77 8.28 -15.02
CA LYS A 105 2.71 7.12 -15.08
C LYS A 105 2.36 6.16 -13.96
N GLU A 106 1.12 6.15 -13.57
CA GLU A 106 0.63 5.30 -12.45
C GLU A 106 1.73 4.52 -11.78
N GLU A 107 1.92 4.83 -10.56
CA GLU A 107 2.97 4.14 -9.78
C GLU A 107 2.34 3.00 -8.98
N LEU A 108 1.91 3.38 -7.82
CA LEU A 108 1.36 2.50 -6.78
C LEU A 108 2.11 3.00 -5.56
N MET A 109 1.63 2.88 -4.37
CA MET A 109 2.44 3.48 -3.29
C MET A 109 2.38 2.70 -1.99
N PHE A 110 3.53 2.34 -1.49
CA PHE A 110 3.58 1.59 -0.23
C PHE A 110 2.75 2.32 0.80
N PHE A 111 1.90 1.63 1.48
CA PHE A 111 1.10 2.33 2.49
C PHE A 111 1.28 1.64 3.82
N LEU A 112 1.86 2.31 4.76
CA LEU A 112 2.02 1.70 6.09
C LEU A 112 0.73 1.94 6.83
N TRP A 113 -0.34 1.53 6.23
CA TRP A 113 -1.65 1.77 6.88
C TRP A 113 -1.51 1.35 8.34
N ALA A 114 -1.24 2.28 9.21
CA ALA A 114 -1.06 1.92 10.64
C ALA A 114 -1.81 2.92 11.49
N PRO A 115 -2.93 2.50 12.03
CA PRO A 115 -3.77 3.39 12.84
C PRO A 115 -3.15 3.54 14.24
N GLU A 116 -3.56 4.54 14.95
CA GLU A 116 -3.01 4.72 16.32
C GLU A 116 -3.43 3.50 17.17
N LEU A 117 -4.24 2.63 16.61
CA LEU A 117 -4.70 1.44 17.36
C LEU A 117 -4.15 0.16 16.70
N ALA A 118 -4.81 -0.30 15.66
CA ALA A 118 -4.38 -1.56 14.96
C ALA A 118 -4.08 -2.64 15.97
N PRO A 119 -3.81 -3.80 15.47
CA PRO A 119 -3.45 -4.94 16.32
C PRO A 119 -2.01 -4.73 16.77
N LEU A 120 -1.68 -5.07 17.97
CA LEU A 120 -0.29 -4.85 18.45
C LEU A 120 0.70 -5.68 17.64
N LYS A 121 0.22 -6.68 16.96
CA LYS A 121 1.14 -7.53 16.17
C LYS A 121 1.35 -6.94 14.78
N SER A 122 0.59 -5.94 14.44
CA SER A 122 0.79 -5.31 13.11
C SER A 122 1.30 -3.89 13.35
N LYS A 123 1.78 -3.62 14.54
CA LYS A 123 2.31 -2.28 14.89
C LYS A 123 3.74 -2.46 15.42
N MET A 124 3.93 -3.47 16.23
CA MET A 124 5.29 -3.75 16.80
C MET A 124 6.08 -4.55 15.80
N ILE A 125 5.39 -5.21 14.95
CA ILE A 125 6.02 -6.08 13.98
C ILE A 125 6.50 -5.28 12.80
N TYR A 126 5.57 -4.60 12.23
CA TYR A 126 5.84 -3.75 11.05
C TYR A 126 7.12 -2.98 11.33
N ALA A 127 7.29 -2.69 12.57
CA ALA A 127 8.49 -1.97 13.05
C ALA A 127 9.72 -2.40 12.26
N SER A 128 9.94 -3.69 12.15
CA SER A 128 11.14 -4.17 11.41
C SER A 128 10.72 -5.00 10.19
N SER A 129 9.45 -5.21 10.03
CA SER A 129 8.99 -6.02 8.85
C SER A 129 9.02 -5.20 7.59
N LYS A 130 8.73 -3.94 7.68
CA LYS A 130 8.70 -3.11 6.47
C LYS A 130 10.00 -3.20 5.68
N ASP A 131 11.05 -3.49 6.34
CA ASP A 131 12.36 -3.64 5.68
C ASP A 131 12.29 -4.96 4.93
N ALA A 132 11.65 -5.87 5.56
CA ALA A 132 11.45 -7.22 4.97
C ALA A 132 10.63 -7.07 3.69
N ILE A 133 9.43 -6.58 3.81
CA ILE A 133 8.61 -6.35 2.60
C ILE A 133 9.46 -5.56 1.64
N LYS A 134 10.24 -4.66 2.18
CA LYS A 134 11.12 -3.77 1.36
C LYS A 134 12.06 -4.61 0.51
N LYS A 135 12.59 -5.67 1.03
CA LYS A 135 13.51 -6.52 0.22
C LYS A 135 12.81 -6.89 -1.09
N LYS A 136 11.51 -6.96 -1.05
CA LYS A 136 10.72 -7.26 -2.27
C LYS A 136 10.09 -5.95 -2.72
N PHE A 137 10.03 -5.01 -1.82
CA PHE A 137 9.46 -3.68 -2.13
C PHE A 137 10.60 -2.77 -2.46
N GLN A 138 11.48 -3.31 -3.22
CA GLN A 138 12.68 -2.56 -3.65
C GLN A 138 12.21 -1.33 -4.45
N GLY A 139 11.25 -1.52 -5.30
CA GLY A 139 10.72 -0.38 -6.10
C GLY A 139 9.30 -0.08 -5.62
N ILE A 140 9.15 0.24 -4.36
CA ILE A 140 7.83 0.53 -3.81
C ILE A 140 7.19 1.69 -4.53
N LYS A 141 7.98 2.49 -5.15
CA LYS A 141 7.45 3.69 -5.88
C LYS A 141 7.19 4.75 -4.84
N HIS A 142 6.59 4.37 -3.75
CA HIS A 142 6.32 5.40 -2.70
C HIS A 142 6.16 4.79 -1.33
N GLU A 143 7.04 5.12 -0.43
CA GLU A 143 6.86 4.60 0.93
C GLU A 143 6.11 5.67 1.70
N CYS A 144 4.89 5.42 1.95
CA CYS A 144 4.04 6.44 2.66
C CYS A 144 3.31 5.83 3.85
N GLN A 145 3.58 6.30 5.03
CA GLN A 145 2.86 5.75 6.22
C GLN A 145 1.59 6.55 6.47
N ALA A 146 0.66 5.99 7.20
CA ALA A 146 -0.61 6.71 7.49
C ALA A 146 -1.15 6.28 8.84
N ASN A 147 -1.16 7.18 9.78
CA ASN A 147 -1.72 6.85 11.11
C ASN A 147 -3.03 7.57 11.21
N GLY A 148 -3.74 7.42 10.15
CA GLY A 148 -5.04 8.04 9.93
C GLY A 148 -5.24 7.86 8.45
N PRO A 149 -6.43 7.63 8.05
CA PRO A 149 -6.71 7.41 6.63
C PRO A 149 -6.47 8.74 5.88
N GLU A 150 -6.10 9.77 6.60
CA GLU A 150 -5.84 11.09 5.99
C GLU A 150 -4.37 11.20 5.58
N ASP A 151 -3.49 10.38 6.10
CA ASP A 151 -2.08 10.49 5.66
C ASP A 151 -2.01 9.92 4.24
N LEU A 152 -3.03 9.20 3.87
CA LEU A 152 -3.11 8.64 2.49
C LEU A 152 -3.71 9.72 1.60
N ASN A 153 -3.99 10.85 2.21
CA ASN A 153 -4.57 11.99 1.50
C ASN A 153 -4.13 11.99 0.06
N ARG A 154 -4.89 12.57 -0.77
CA ARG A 154 -4.46 12.65 -2.18
C ARG A 154 -3.66 13.93 -2.33
N ALA A 155 -4.02 14.94 -1.60
CA ALA A 155 -3.25 16.21 -1.62
C ALA A 155 -1.90 15.89 -1.01
N CYS A 156 -1.95 15.10 0.02
CA CYS A 156 -0.70 14.67 0.75
C CYS A 156 0.07 13.71 -0.09
N ILE A 157 -0.60 12.82 -0.72
CA ILE A 157 0.07 11.87 -1.58
C ILE A 157 0.49 12.73 -2.77
N ALA A 158 -0.17 13.86 -2.88
CA ALA A 158 0.15 14.89 -3.91
C ALA A 158 1.17 15.83 -3.27
N GLU A 159 1.81 15.31 -2.30
CA GLU A 159 2.86 16.01 -1.51
C GLU A 159 4.00 15.01 -1.35
N LYS A 160 3.66 13.75 -1.33
CA LYS A 160 4.66 12.68 -1.27
C LYS A 160 5.12 12.56 -2.72
N LEU A 161 4.24 12.95 -3.61
CA LEU A 161 4.54 12.99 -5.07
C LEU A 161 4.58 14.47 -5.45
N GLY A 162 3.63 15.21 -4.92
CA GLY A 162 3.52 16.67 -5.21
C GLY A 162 4.52 17.45 -4.38
N GLY A 163 5.12 16.79 -3.47
CA GLY A 163 6.13 17.47 -2.61
C GLY A 163 7.52 17.11 -3.15
N SER A 164 7.57 16.74 -4.39
CA SER A 164 8.87 16.36 -5.00
C SER A 164 8.90 16.82 -6.46
N LEU A 165 7.96 16.39 -7.27
CA LEU A 165 8.00 16.80 -8.69
C LEU A 165 6.91 16.15 -9.52
N ILE A 166 5.66 16.41 -9.27
CA ILE A 166 4.67 15.77 -10.15
C ILE A 166 3.99 16.85 -11.02
N VAL A 167 2.69 16.83 -11.10
CA VAL A 167 1.96 17.79 -11.96
C VAL A 167 0.46 17.68 -11.68
N ALA A 168 0.04 16.53 -11.24
CA ALA A 168 -1.38 16.28 -10.91
C ALA A 168 -1.40 15.64 -9.55
N PHE A 169 -2.48 15.84 -8.85
CA PHE A 169 -2.60 15.37 -7.45
C PHE A 169 -2.12 16.56 -6.65
N GLU A 170 -1.02 17.09 -7.09
CA GLU A 170 -0.44 18.31 -6.50
C GLU A 170 -0.66 19.44 -7.52
N GLY A 171 -1.04 19.09 -8.75
CA GLY A 171 -1.24 20.15 -9.78
C GLY A 171 -2.67 20.15 -10.34
N CYS A 172 -2.98 19.28 -11.29
CA CYS A 172 -4.35 19.30 -11.93
C CYS A 172 -5.47 19.07 -10.91
N PRO A 173 -5.65 17.85 -10.48
CA PRO A 173 -6.72 17.50 -9.51
C PRO A 173 -6.44 18.15 -8.15
N VAL A 174 -5.21 18.20 -7.73
CA VAL A 174 -4.94 18.85 -6.40
C VAL A 174 -3.51 19.41 -6.40
N THR A 1 24.58 -12.30 23.68
CA THR A 1 23.89 -12.86 24.88
C THR A 1 22.49 -13.33 24.50
N MET A 2 21.65 -12.44 24.08
CA MET A 2 20.27 -12.83 23.69
C MET A 2 20.31 -13.97 22.68
N ILE A 3 19.20 -14.62 22.46
CA ILE A 3 19.17 -15.73 21.46
C ILE A 3 17.83 -15.65 20.72
N THR A 4 17.73 -16.25 19.56
CA THR A 4 16.45 -16.17 18.80
C THR A 4 16.23 -17.45 17.98
N PRO A 5 15.46 -18.36 18.54
CA PRO A 5 15.13 -19.63 17.88
C PRO A 5 13.99 -19.43 16.89
N SER A 6 12.90 -18.84 17.32
CA SER A 6 11.75 -18.61 16.42
C SER A 6 10.62 -17.95 17.21
N SER A 7 10.92 -16.87 17.88
CA SER A 7 9.87 -16.17 18.69
C SER A 7 8.76 -15.66 17.78
N GLY A 8 7.64 -15.28 18.35
CA GLY A 8 6.52 -14.76 17.52
C GLY A 8 6.92 -13.44 16.86
N ASN A 9 5.98 -12.56 16.68
CA ASN A 9 6.31 -11.24 16.05
C ASN A 9 6.25 -10.15 17.13
N SER A 10 7.36 -9.88 17.77
CA SER A 10 7.38 -8.83 18.83
C SER A 10 8.01 -7.56 18.23
N ALA A 11 9.23 -7.65 17.77
CA ALA A 11 9.89 -6.46 17.14
C ALA A 11 9.56 -6.51 15.65
N SER A 12 9.30 -7.68 15.16
CA SER A 12 8.93 -7.87 13.74
C SER A 12 8.37 -9.28 13.59
N GLY A 13 9.20 -10.25 13.30
CA GLY A 13 8.70 -11.66 13.17
C GLY A 13 8.06 -11.92 11.81
N VAL A 14 7.30 -10.98 11.30
CA VAL A 14 6.62 -11.18 9.98
C VAL A 14 7.58 -11.89 9.02
N GLN A 15 7.04 -12.41 7.97
CA GLN A 15 7.86 -13.14 6.98
C GLN A 15 7.35 -12.94 5.55
N VAL A 16 6.74 -11.83 5.25
CA VAL A 16 6.26 -11.63 3.86
C VAL A 16 5.32 -12.73 3.47
N ALA A 17 4.56 -12.49 2.47
CA ALA A 17 3.53 -13.46 2.05
C ALA A 17 3.77 -13.95 0.62
N ASP A 18 4.66 -13.32 -0.11
CA ASP A 18 4.88 -13.70 -1.54
C ASP A 18 3.86 -12.92 -2.34
N GLU A 19 2.69 -12.76 -1.81
CA GLU A 19 1.66 -11.94 -2.48
C GLU A 19 2.27 -10.53 -2.47
N VAL A 20 3.20 -10.29 -1.57
CA VAL A 20 3.88 -8.97 -1.53
C VAL A 20 4.73 -8.91 -2.79
N CYS A 21 5.31 -10.03 -3.16
CA CYS A 21 6.11 -10.08 -4.41
C CYS A 21 5.15 -10.15 -5.60
N ARG A 22 3.87 -10.18 -5.30
CA ARG A 22 2.81 -10.19 -6.35
C ARG A 22 2.02 -8.90 -6.16
N ILE A 23 2.38 -8.13 -5.16
CA ILE A 23 1.68 -6.86 -4.96
C ILE A 23 2.54 -5.77 -5.60
N PHE A 24 3.75 -5.63 -5.13
CA PHE A 24 4.66 -4.63 -5.75
C PHE A 24 4.81 -5.11 -7.18
N TYR A 25 5.03 -6.38 -7.31
CA TYR A 25 5.15 -7.02 -8.62
C TYR A 25 4.12 -6.43 -9.55
N ASP A 26 3.01 -6.04 -9.01
CA ASP A 26 1.94 -5.50 -9.87
C ASP A 26 2.15 -4.02 -9.99
N MET A 27 1.17 -3.31 -10.41
CA MET A 27 1.35 -1.86 -10.53
C MET A 27 2.58 -1.54 -11.38
N LYS A 28 2.93 -0.28 -11.46
CA LYS A 28 4.12 0.20 -12.24
C LYS A 28 3.71 1.47 -12.96
N VAL A 29 3.16 1.33 -14.14
CA VAL A 29 2.71 2.48 -14.94
C VAL A 29 1.66 1.99 -15.92
N ARG A 30 1.94 2.04 -17.18
CA ARG A 30 0.97 1.53 -18.18
C ARG A 30 1.19 0.03 -18.36
N LYS A 31 2.10 -0.54 -17.59
CA LYS A 31 2.39 -1.99 -17.70
C LYS A 31 1.09 -2.80 -17.65
N CYS A 32 0.46 -3.00 -18.77
CA CYS A 32 -0.81 -3.78 -18.79
C CYS A 32 -0.96 -4.48 -20.13
N SER A 33 -0.81 -5.79 -20.17
CA SER A 33 -1.00 -6.56 -21.44
C SER A 33 -1.90 -5.73 -22.30
N THR A 34 -3.04 -5.62 -21.78
CA THR A 34 -4.11 -4.76 -22.29
C THR A 34 -4.75 -4.30 -20.97
N PRO A 35 -4.62 -3.04 -20.70
CA PRO A 35 -5.06 -2.50 -19.41
C PRO A 35 -6.57 -2.54 -19.28
N GLU A 36 -7.26 -2.83 -20.34
CA GLU A 36 -8.75 -2.90 -20.29
C GLU A 36 -9.18 -4.10 -19.46
N GLU A 37 -8.25 -4.90 -19.03
CA GLU A 37 -8.58 -6.08 -18.20
C GLU A 37 -7.58 -6.12 -17.07
N ILE A 38 -6.44 -5.58 -17.33
CA ILE A 38 -5.41 -5.47 -16.34
C ILE A 38 -5.96 -4.76 -15.12
N LYS A 39 -6.85 -3.82 -15.32
CA LYS A 39 -7.47 -3.13 -14.15
C LYS A 39 -8.33 -4.18 -13.49
N LYS A 40 -8.84 -5.06 -14.30
CA LYS A 40 -9.68 -6.17 -13.80
C LYS A 40 -8.76 -7.33 -13.39
N ARG A 41 -7.49 -7.17 -13.59
CA ARG A 41 -6.51 -8.24 -13.26
C ARG A 41 -6.10 -8.15 -11.78
N LYS A 42 -6.61 -7.19 -11.08
CA LYS A 42 -6.29 -7.04 -9.63
C LYS A 42 -4.83 -6.60 -9.45
N LYS A 43 -4.61 -5.54 -8.73
CA LYS A 43 -3.22 -5.09 -8.52
C LYS A 43 -3.12 -4.18 -7.28
N ALA A 44 -4.05 -3.27 -7.06
CA ALA A 44 -3.98 -2.42 -5.86
C ALA A 44 -4.28 -3.32 -4.72
N VAL A 45 -3.74 -3.02 -3.63
CA VAL A 45 -3.92 -3.96 -2.51
C VAL A 45 -3.40 -3.45 -1.16
N ILE A 46 -3.83 -4.13 -0.14
CA ILE A 46 -3.37 -3.88 1.22
C ILE A 46 -2.86 -5.26 1.69
N PHE A 47 -2.31 -5.42 2.84
CA PHE A 47 -1.90 -6.80 3.26
C PHE A 47 -1.51 -6.77 4.73
N CYS A 48 -1.28 -7.88 5.40
CA CYS A 48 -0.91 -7.73 6.85
C CYS A 48 -0.70 -8.98 7.70
N LEU A 49 0.42 -9.63 7.59
CA LEU A 49 0.76 -10.74 8.56
C LEU A 49 0.23 -12.12 8.21
N SER A 50 -0.91 -12.51 8.69
CA SER A 50 -1.38 -13.91 8.43
C SER A 50 -2.49 -14.26 9.42
N ALA A 51 -3.04 -15.44 9.36
CA ALA A 51 -4.08 -15.81 10.34
C ALA A 51 -3.50 -15.68 11.73
N ASP A 52 -2.28 -16.13 11.93
CA ASP A 52 -1.64 -16.00 13.27
C ASP A 52 -0.86 -14.69 13.30
N LYS A 53 -0.84 -13.98 12.21
CA LYS A 53 -0.11 -12.69 12.14
C LYS A 53 1.39 -12.93 12.04
N LYS A 54 1.88 -12.72 10.86
CA LYS A 54 3.31 -12.94 10.56
C LYS A 54 3.64 -12.22 9.23
N CYS A 55 3.71 -12.96 8.14
CA CYS A 55 3.98 -12.43 6.77
C CYS A 55 3.42 -11.03 6.53
N ILE A 56 3.44 -10.64 5.30
CA ILE A 56 2.87 -9.32 4.94
C ILE A 56 1.39 -9.53 4.58
N ILE A 57 1.00 -10.77 4.35
CA ILE A 57 -0.41 -11.16 4.00
C ILE A 57 -0.92 -10.40 2.77
N VAL A 58 -2.15 -10.61 2.38
CA VAL A 58 -2.64 -10.00 1.12
C VAL A 58 -3.62 -8.84 1.26
N GLU A 59 -4.28 -8.61 2.37
CA GLU A 59 -5.23 -7.45 2.48
C GLU A 59 -6.41 -7.80 3.33
N GLU A 60 -6.39 -8.86 4.07
CA GLU A 60 -7.55 -9.20 4.94
C GLU A 60 -8.87 -9.05 4.21
N GLY A 61 -8.81 -8.92 2.94
CA GLY A 61 -10.03 -8.73 2.12
C GLY A 61 -10.20 -7.25 1.76
N LYS A 62 -9.10 -6.57 1.45
CA LYS A 62 -9.19 -5.13 1.05
C LYS A 62 -8.77 -5.04 -0.43
N GLU A 63 -7.92 -4.10 -0.77
CA GLU A 63 -7.39 -3.99 -2.16
C GLU A 63 -8.31 -3.27 -3.15
N ILE A 64 -7.67 -2.53 -4.04
CA ILE A 64 -8.36 -1.87 -5.15
C ILE A 64 -7.74 -2.55 -6.35
N LEU A 65 -8.15 -2.29 -7.51
CA LEU A 65 -7.41 -2.95 -8.61
C LEU A 65 -7.49 -2.16 -9.89
N VAL A 66 -7.56 -0.85 -9.80
CA VAL A 66 -7.59 -0.03 -11.05
C VAL A 66 -8.95 -0.17 -11.77
N GLY A 67 -9.35 -1.36 -12.13
CA GLY A 67 -10.66 -1.50 -12.82
C GLY A 67 -11.71 -0.72 -12.03
N ASP A 68 -12.00 -1.14 -10.84
CA ASP A 68 -12.98 -0.42 -10.01
C ASP A 68 -12.69 1.08 -10.10
N VAL A 69 -11.47 1.48 -9.86
CA VAL A 69 -11.12 2.93 -9.97
C VAL A 69 -11.81 3.49 -11.21
N GLY A 70 -12.90 4.16 -11.00
CA GLY A 70 -13.67 4.74 -12.14
C GLY A 70 -15.05 4.05 -12.20
N VAL A 71 -15.39 3.40 -11.13
CA VAL A 71 -16.69 2.69 -11.00
C VAL A 71 -17.19 2.99 -9.59
N THR A 72 -16.87 2.13 -8.66
CA THR A 72 -17.24 2.42 -7.27
C THR A 72 -16.30 3.53 -6.80
N ILE A 73 -15.28 3.80 -7.60
CA ILE A 73 -14.30 4.85 -7.26
C ILE A 73 -14.15 5.79 -8.46
N THR A 74 -13.07 6.54 -8.55
CA THR A 74 -12.94 7.46 -9.72
C THR A 74 -11.50 7.82 -10.00
N ASP A 75 -10.56 7.10 -9.44
CA ASP A 75 -9.11 7.38 -9.70
C ASP A 75 -8.40 8.25 -8.63
N PRO A 76 -9.08 8.72 -7.60
CA PRO A 76 -8.41 9.51 -6.57
C PRO A 76 -7.66 8.54 -5.66
N PHE A 77 -7.91 8.56 -4.38
CA PHE A 77 -7.21 7.59 -3.48
C PHE A 77 -8.02 7.38 -2.20
N LYS A 78 -8.73 8.39 -1.77
CA LYS A 78 -9.53 8.31 -0.50
C LYS A 78 -10.60 7.19 -0.53
N HIS A 79 -10.64 6.35 -1.54
CA HIS A 79 -11.63 5.26 -1.49
C HIS A 79 -10.91 4.04 -0.94
N PHE A 80 -9.78 3.75 -1.51
CA PHE A 80 -8.97 2.60 -1.07
C PHE A 80 -8.62 2.83 0.40
N VAL A 81 -8.63 4.07 0.83
CA VAL A 81 -8.34 4.36 2.25
C VAL A 81 -9.49 3.74 3.04
N GLY A 82 -10.67 3.88 2.51
CA GLY A 82 -11.86 3.28 3.17
C GLY A 82 -11.52 1.81 3.40
N MET A 83 -10.84 1.20 2.45
CA MET A 83 -10.45 -0.21 2.66
C MET A 83 -9.60 -0.22 3.92
N LEU A 84 -8.72 0.72 4.01
CA LEU A 84 -7.87 0.85 5.22
C LEU A 84 -8.76 1.24 6.42
N PRO A 85 -8.98 0.30 7.31
CA PRO A 85 -9.81 0.50 8.50
C PRO A 85 -8.92 1.05 9.63
N GLU A 86 -9.17 0.70 10.86
CA GLU A 86 -8.31 1.21 11.95
C GLU A 86 -7.80 0.03 12.78
N LYS A 87 -8.30 -1.14 12.52
CA LYS A 87 -7.90 -2.32 13.34
C LYS A 87 -6.75 -3.13 12.72
N ASP A 88 -6.08 -2.65 11.70
CA ASP A 88 -4.96 -3.46 11.17
C ASP A 88 -4.00 -2.54 10.42
N CYS A 89 -2.74 -2.69 10.69
CA CYS A 89 -1.71 -1.82 10.05
C CYS A 89 -1.27 -2.45 8.72
N ARG A 90 -2.20 -2.99 8.01
CA ARG A 90 -1.90 -3.66 6.72
C ARG A 90 -1.13 -2.74 5.77
N TYR A 91 -0.13 -3.25 5.11
CA TYR A 91 0.61 -2.42 4.13
C TYR A 91 -0.19 -2.40 2.84
N ALA A 92 0.12 -1.56 1.88
CA ALA A 92 -0.75 -1.60 0.66
C ALA A 92 -0.10 -0.96 -0.58
N LEU A 93 -0.15 -1.67 -1.67
CA LEU A 93 0.35 -1.14 -2.97
C LEU A 93 -0.83 -0.93 -3.88
N TYR A 94 -1.20 0.29 -4.04
CA TYR A 94 -2.38 0.60 -4.88
C TYR A 94 -1.94 1.36 -6.12
N ASP A 95 -2.30 0.86 -7.26
CA ASP A 95 -1.93 1.55 -8.52
C ASP A 95 -2.31 3.03 -8.43
N ALA A 96 -1.37 3.88 -8.11
CA ALA A 96 -1.70 5.34 -8.02
C ALA A 96 -1.67 5.95 -9.41
N SER A 97 -2.67 6.72 -9.75
CA SER A 97 -2.68 7.35 -11.10
C SER A 97 -2.69 8.86 -10.94
N PHE A 98 -1.53 9.42 -10.98
CA PHE A 98 -1.38 10.90 -10.81
C PHE A 98 -0.46 11.45 -11.90
N GLU A 99 -0.47 12.74 -12.12
CA GLU A 99 0.46 13.33 -13.13
C GLU A 99 1.58 14.02 -12.40
N THR A 100 2.65 14.28 -13.06
CA THR A 100 3.78 14.91 -12.38
C THR A 100 4.50 15.89 -13.32
N LYS A 101 5.62 16.47 -12.91
CA LYS A 101 6.32 17.31 -13.89
C LYS A 101 6.51 16.40 -15.10
N GLU A 102 6.55 15.11 -14.85
CA GLU A 102 6.68 14.11 -15.94
C GLU A 102 5.32 14.02 -16.65
N SER A 103 4.26 14.14 -15.88
CA SER A 103 2.86 14.09 -16.41
C SER A 103 2.14 12.86 -15.90
N ARG A 104 0.98 12.65 -16.43
CA ARG A 104 0.19 11.48 -16.09
C ARG A 104 1.14 10.31 -16.07
N LYS A 105 1.11 9.64 -14.99
CA LYS A 105 1.98 8.47 -14.76
C LYS A 105 1.45 7.79 -13.51
N GLU A 106 0.89 6.63 -13.64
CA GLU A 106 0.34 5.96 -12.47
C GLU A 106 1.45 5.18 -11.77
N GLU A 107 1.73 5.58 -10.58
CA GLU A 107 2.80 4.93 -9.79
C GLU A 107 2.25 4.54 -8.43
N LEU A 108 2.16 3.28 -8.18
CA LEU A 108 1.62 2.80 -6.87
C LEU A 108 2.50 3.26 -5.76
N MET A 109 2.11 3.03 -4.56
CA MET A 109 2.90 3.56 -3.43
C MET A 109 2.81 2.66 -2.20
N PHE A 110 3.91 2.44 -1.53
CA PHE A 110 3.88 1.59 -0.32
C PHE A 110 3.00 2.26 0.73
N PHE A 111 2.08 1.56 1.33
CA PHE A 111 1.25 2.23 2.36
C PHE A 111 1.45 1.58 3.72
N LEU A 112 1.90 2.33 4.67
CA LEU A 112 2.06 1.78 6.02
C LEU A 112 0.77 2.03 6.75
N TRP A 113 -0.31 1.69 6.11
CA TRP A 113 -1.62 1.93 6.75
C TRP A 113 -1.50 1.46 8.19
N ALA A 114 -1.31 2.36 9.12
CA ALA A 114 -1.13 1.95 10.55
C ALA A 114 -1.97 2.84 11.47
N PRO A 115 -3.08 2.33 11.93
CA PRO A 115 -3.99 3.10 12.81
C PRO A 115 -3.43 3.26 14.22
N GLU A 116 -3.89 4.27 14.91
CA GLU A 116 -3.39 4.49 16.30
C GLU A 116 -4.07 3.51 17.25
N LEU A 117 -5.00 2.73 16.75
CA LEU A 117 -5.71 1.77 17.62
C LEU A 117 -5.27 0.36 17.26
N ALA A 118 -4.69 0.20 16.09
CA ALA A 118 -4.24 -1.16 15.67
C ALA A 118 -3.62 -1.89 16.85
N PRO A 119 -3.45 -3.16 16.66
CA PRO A 119 -2.86 -4.04 17.67
C PRO A 119 -1.37 -3.72 17.82
N LEU A 120 -0.82 -3.97 18.97
CA LEU A 120 0.63 -3.66 19.19
C LEU A 120 1.51 -4.64 18.40
N LYS A 121 0.91 -5.49 17.62
CA LYS A 121 1.74 -6.44 16.82
C LYS A 121 1.79 -5.95 15.37
N SER A 122 0.96 -5.03 15.01
CA SER A 122 0.98 -4.52 13.62
C SER A 122 1.46 -3.07 13.66
N LYS A 123 2.48 -2.83 14.41
CA LYS A 123 3.05 -1.46 14.54
C LYS A 123 4.50 -1.63 14.98
N MET A 124 4.67 -2.35 16.05
CA MET A 124 6.04 -2.65 16.54
C MET A 124 6.70 -3.60 15.57
N ILE A 125 5.88 -4.36 14.94
CA ILE A 125 6.33 -5.37 14.02
C ILE A 125 6.60 -4.78 12.67
N TYR A 126 5.67 -4.01 12.23
CA TYR A 126 5.77 -3.38 10.90
C TYR A 126 6.99 -2.49 10.91
N ALA A 127 7.29 -1.97 12.05
CA ALA A 127 8.49 -1.13 12.20
C ALA A 127 9.67 -1.87 11.58
N SER A 128 9.71 -3.16 11.76
CA SER A 128 10.81 -3.98 11.18
C SER A 128 10.28 -4.81 10.02
N SER A 129 8.99 -4.78 9.78
CA SER A 129 8.42 -5.57 8.64
C SER A 129 8.79 -4.87 7.37
N LYS A 130 8.91 -3.57 7.44
CA LYS A 130 9.31 -2.79 6.27
C LYS A 130 10.80 -2.89 6.13
N ASP A 131 11.12 -3.98 5.60
CA ASP A 131 12.51 -4.43 5.36
C ASP A 131 12.33 -5.79 4.75
N ALA A 132 11.39 -6.50 5.30
CA ALA A 132 11.03 -7.83 4.77
C ALA A 132 10.23 -7.60 3.50
N ILE A 133 9.20 -6.80 3.62
CA ILE A 133 8.37 -6.46 2.44
C ILE A 133 9.25 -5.76 1.43
N LYS A 134 10.11 -4.91 1.92
CA LYS A 134 11.03 -4.14 1.05
C LYS A 134 11.85 -5.06 0.16
N LYS A 135 12.18 -6.23 0.64
CA LYS A 135 13.01 -7.15 -0.21
C LYS A 135 12.25 -7.41 -1.51
N LYS A 136 10.95 -7.24 -1.46
CA LYS A 136 10.10 -7.40 -2.68
C LYS A 136 9.46 -6.05 -2.98
N PHE A 137 9.56 -5.13 -2.05
CA PHE A 137 8.98 -3.78 -2.29
C PHE A 137 10.09 -2.89 -2.77
N GLN A 138 10.89 -3.45 -3.61
CA GLN A 138 12.03 -2.71 -4.19
C GLN A 138 11.50 -1.75 -5.23
N GLY A 139 10.51 -2.18 -5.97
CA GLY A 139 9.90 -1.28 -6.99
C GLY A 139 8.63 -0.68 -6.38
N ILE A 140 8.70 -0.34 -5.12
CA ILE A 140 7.56 0.24 -4.42
C ILE A 140 7.22 1.57 -5.03
N LYS A 141 8.20 2.23 -5.58
CA LYS A 141 7.98 3.58 -6.16
C LYS A 141 7.95 4.56 -5.02
N HIS A 142 7.25 4.22 -3.97
CA HIS A 142 7.18 5.20 -2.86
C HIS A 142 7.46 4.60 -1.49
N GLU A 143 6.77 5.05 -0.49
CA GLU A 143 6.97 4.56 0.88
C GLU A 143 6.42 5.61 1.82
N CYS A 144 5.25 5.38 2.27
CA CYS A 144 4.58 6.36 3.19
C CYS A 144 3.86 5.64 4.31
N GLN A 145 3.36 6.38 5.27
CA GLN A 145 2.61 5.75 6.38
C GLN A 145 1.41 6.63 6.71
N ALA A 146 0.39 6.04 7.25
CA ALA A 146 -0.82 6.83 7.59
C ALA A 146 -1.44 6.29 8.86
N ASN A 147 -1.44 7.10 9.89
CA ASN A 147 -2.05 6.67 11.16
C ASN A 147 -3.35 7.42 11.26
N GLY A 148 -4.01 7.35 10.17
CA GLY A 148 -5.30 8.01 9.93
C GLY A 148 -5.43 7.90 8.43
N PRO A 149 -6.60 7.64 7.95
CA PRO A 149 -6.80 7.49 6.52
C PRO A 149 -6.53 8.84 5.83
N GLU A 150 -6.19 9.85 6.60
CA GLU A 150 -5.90 11.20 6.05
C GLU A 150 -4.41 11.32 5.72
N ASP A 151 -3.56 10.51 6.29
CA ASP A 151 -2.14 10.64 5.91
C ASP A 151 -2.01 10.11 4.48
N LEU A 152 -3.00 9.36 4.06
CA LEU A 152 -3.06 8.84 2.67
C LEU A 152 -3.60 9.95 1.79
N ASN A 153 -4.07 10.99 2.43
CA ASN A 153 -4.65 12.15 1.75
C ASN A 153 -3.99 12.33 0.41
N ARG A 154 -4.76 12.59 -0.58
CA ARG A 154 -4.17 12.77 -1.93
C ARG A 154 -3.26 14.00 -1.94
N ALA A 155 -3.52 14.92 -1.05
CA ALA A 155 -2.66 16.14 -0.97
C ALA A 155 -1.33 15.71 -0.38
N CYS A 156 -1.39 14.73 0.46
CA CYS A 156 -0.17 14.20 1.11
C CYS A 156 0.49 13.21 0.19
N ILE A 157 -0.28 12.55 -0.58
CA ILE A 157 0.27 11.65 -1.55
C ILE A 157 0.76 12.59 -2.63
N ALA A 158 0.18 13.77 -2.59
CA ALA A 158 0.57 14.90 -3.47
C ALA A 158 1.74 15.62 -2.77
N GLU A 159 2.37 14.87 -1.94
CA GLU A 159 3.55 15.30 -1.17
C GLU A 159 4.55 14.18 -1.40
N LYS A 160 4.03 12.97 -1.40
CA LYS A 160 4.82 11.79 -1.71
C LYS A 160 5.39 12.04 -3.09
N LEU A 161 4.54 12.58 -3.91
CA LEU A 161 4.91 12.89 -5.30
C LEU A 161 4.76 14.39 -5.49
N GLY A 162 3.85 15.02 -4.76
CA GLY A 162 3.68 16.49 -4.88
C GLY A 162 4.57 17.17 -3.87
N GLY A 163 5.35 16.39 -3.21
CA GLY A 163 6.31 16.95 -2.23
C GLY A 163 7.68 16.83 -2.87
N SER A 164 7.70 16.77 -4.17
CA SER A 164 8.96 16.62 -4.92
C SER A 164 8.80 17.27 -6.30
N LEU A 165 8.21 16.59 -7.25
CA LEU A 165 8.09 17.18 -8.63
C LEU A 165 6.97 16.57 -9.44
N ILE A 166 5.72 16.75 -9.09
CA ILE A 166 4.70 16.19 -9.97
C ILE A 166 3.93 17.35 -10.66
N VAL A 167 2.64 17.23 -10.79
CA VAL A 167 1.86 18.29 -11.48
C VAL A 167 0.38 18.12 -11.13
N ALA A 168 -0.01 16.93 -10.80
CA ALA A 168 -1.41 16.64 -10.41
C ALA A 168 -1.36 15.84 -9.13
N PHE A 169 -2.39 15.97 -8.33
CA PHE A 169 -2.44 15.36 -6.97
C PHE A 169 -1.92 16.47 -6.09
N GLU A 170 -0.87 17.05 -6.58
CA GLU A 170 -0.26 18.23 -5.94
C GLU A 170 -0.70 19.42 -6.79
N GLY A 171 -1.09 19.18 -8.03
CA GLY A 171 -1.49 20.30 -8.92
C GLY A 171 -2.94 20.17 -9.44
N CYS A 172 -3.16 19.46 -10.52
CA CYS A 172 -4.53 19.35 -11.12
C CYS A 172 -5.60 19.03 -10.05
N PRO A 173 -5.71 17.80 -9.66
CA PRO A 173 -6.70 17.39 -8.64
C PRO A 173 -6.39 18.04 -7.29
N VAL A 174 -5.13 18.17 -6.96
CA VAL A 174 -4.81 18.83 -5.65
C VAL A 174 -3.39 19.43 -5.71
N THR A 1 11.21 -11.58 30.70
CA THR A 1 10.47 -10.33 30.42
C THR A 1 9.01 -10.48 30.87
N MET A 2 8.22 -11.20 30.11
CA MET A 2 6.78 -11.39 30.49
C MET A 2 6.41 -12.88 30.45
N ILE A 3 7.22 -13.68 29.79
CA ILE A 3 6.92 -15.14 29.72
C ILE A 3 5.71 -15.38 28.80
N THR A 4 5.68 -16.52 28.15
CA THR A 4 4.54 -16.83 27.23
C THR A 4 4.15 -15.59 26.43
N PRO A 5 5.09 -15.11 25.66
CA PRO A 5 4.88 -13.94 24.79
C PRO A 5 4.09 -14.34 23.54
N SER A 6 4.66 -15.22 22.75
CA SER A 6 3.97 -15.68 21.51
C SER A 6 5.01 -16.24 20.55
N SER A 7 6.17 -15.64 20.51
CA SER A 7 7.24 -16.12 19.60
C SER A 7 6.74 -16.08 18.15
N GLY A 8 7.13 -15.10 17.40
CA GLY A 8 6.66 -15.00 15.98
C GLY A 8 6.87 -13.59 15.46
N ASN A 9 5.92 -12.72 15.68
CA ASN A 9 6.07 -11.32 15.20
C ASN A 9 6.43 -10.40 16.37
N SER A 10 6.76 -10.97 17.49
CA SER A 10 7.12 -10.12 18.67
C SER A 10 8.32 -9.24 18.31
N ALA A 11 8.28 -7.99 18.65
CA ALA A 11 9.43 -7.09 18.31
C ALA A 11 9.62 -7.09 16.80
N SER A 12 8.56 -7.35 16.07
CA SER A 12 8.66 -7.37 14.59
C SER A 12 9.27 -8.69 14.13
N GLY A 13 8.50 -9.50 13.45
CA GLY A 13 9.03 -10.80 12.98
C GLY A 13 8.42 -11.14 11.63
N VAL A 14 7.83 -10.17 10.97
CA VAL A 14 7.22 -10.44 9.64
C VAL A 14 8.20 -11.15 8.74
N GLN A 15 7.63 -11.92 7.87
CA GLN A 15 8.42 -12.71 6.91
C GLN A 15 7.87 -12.48 5.52
N VAL A 16 6.98 -11.55 5.39
CA VAL A 16 6.41 -11.28 4.05
C VAL A 16 5.71 -12.52 3.54
N ALA A 17 4.75 -12.28 2.74
CA ALA A 17 3.90 -13.36 2.19
C ALA A 17 4.46 -13.93 0.89
N ASP A 18 5.38 -13.25 0.27
CA ASP A 18 5.90 -13.70 -1.05
C ASP A 18 4.95 -13.17 -2.11
N GLU A 19 3.67 -13.17 -1.81
CA GLU A 19 2.70 -12.60 -2.75
C GLU A 19 3.00 -11.12 -2.77
N VAL A 20 3.64 -10.64 -1.73
CA VAL A 20 3.98 -9.21 -1.67
C VAL A 20 5.07 -8.96 -2.69
N CYS A 21 5.81 -9.96 -3.02
CA CYS A 21 6.87 -9.77 -4.05
C CYS A 21 6.24 -9.75 -5.43
N ARG A 22 4.95 -9.60 -5.51
CA ARG A 22 4.30 -9.51 -6.85
C ARG A 22 3.33 -8.34 -6.85
N ILE A 23 3.20 -7.68 -5.73
CA ILE A 23 2.32 -6.49 -5.65
C ILE A 23 3.07 -5.33 -6.23
N PHE A 24 4.23 -5.12 -5.69
CA PHE A 24 5.08 -4.06 -6.20
C PHE A 24 5.13 -4.29 -7.72
N TYR A 25 5.28 -5.54 -8.08
CA TYR A 25 5.29 -5.97 -9.50
C TYR A 25 3.93 -5.78 -10.17
N ASP A 26 2.88 -5.86 -9.41
CA ASP A 26 1.54 -5.74 -10.05
C ASP A 26 1.36 -4.29 -10.44
N MET A 27 0.99 -3.51 -9.51
CA MET A 27 0.81 -2.08 -9.78
C MET A 27 2.09 -1.57 -10.45
N LYS A 28 2.07 -0.40 -11.03
CA LYS A 28 3.30 0.15 -11.69
C LYS A 28 2.93 1.37 -12.55
N VAL A 29 2.51 1.15 -13.76
CA VAL A 29 2.15 2.28 -14.65
C VAL A 29 1.11 1.80 -15.68
N ARG A 30 1.46 1.78 -16.93
CA ARG A 30 0.51 1.31 -17.97
C ARG A 30 0.64 -0.21 -18.12
N LYS A 31 1.52 -0.81 -17.36
CA LYS A 31 1.72 -2.29 -17.45
C LYS A 31 0.36 -3.02 -17.35
N CYS A 32 -0.33 -3.18 -18.45
CA CYS A 32 -1.65 -3.89 -18.42
C CYS A 32 -1.94 -4.47 -19.80
N SER A 33 -1.91 -5.79 -19.93
CA SER A 33 -2.26 -6.43 -21.24
C SER A 33 -3.23 -5.50 -21.91
N THR A 34 -4.31 -5.43 -21.25
CA THR A 34 -5.41 -4.52 -21.57
C THR A 34 -5.90 -4.16 -20.16
N PRO A 35 -5.76 -2.93 -19.81
CA PRO A 35 -6.06 -2.46 -18.45
C PRO A 35 -7.56 -2.56 -18.15
N GLU A 36 -8.35 -2.83 -19.14
CA GLU A 36 -9.83 -2.94 -18.96
C GLU A 36 -10.16 -4.22 -18.18
N GLU A 37 -9.18 -5.02 -17.91
CA GLU A 37 -9.39 -6.28 -17.14
C GLU A 37 -8.31 -6.28 -16.11
N ILE A 38 -7.18 -5.83 -16.52
CA ILE A 38 -6.03 -5.66 -15.66
C ILE A 38 -6.47 -4.92 -14.41
N LYS A 39 -7.39 -4.03 -14.57
CA LYS A 39 -7.88 -3.29 -13.40
C LYS A 39 -8.40 -4.31 -12.41
N LYS A 40 -9.04 -5.28 -12.96
CA LYS A 40 -9.60 -6.38 -12.13
C LYS A 40 -8.50 -7.38 -11.80
N ARG A 41 -7.40 -7.28 -12.48
CA ARG A 41 -6.28 -8.19 -12.17
C ARG A 41 -5.82 -7.91 -10.73
N LYS A 42 -6.34 -6.87 -10.13
CA LYS A 42 -6.01 -6.54 -8.71
C LYS A 42 -4.54 -6.14 -8.56
N LYS A 43 -4.31 -4.91 -8.20
CA LYS A 43 -2.93 -4.43 -7.96
C LYS A 43 -3.00 -3.64 -6.67
N ALA A 44 -3.90 -2.70 -6.60
CA ALA A 44 -4.07 -1.93 -5.37
C ALA A 44 -4.35 -2.93 -4.30
N VAL A 45 -3.59 -2.87 -3.30
CA VAL A 45 -3.71 -3.90 -2.24
C VAL A 45 -3.28 -3.45 -0.86
N ILE A 46 -3.91 -4.02 0.13
CA ILE A 46 -3.51 -3.79 1.52
C ILE A 46 -3.12 -5.17 2.01
N PHE A 47 -2.29 -5.28 3.00
CA PHE A 47 -1.98 -6.64 3.44
C PHE A 47 -1.78 -6.65 4.98
N CYS A 48 -2.36 -7.61 5.71
CA CYS A 48 -2.22 -7.56 7.22
C CYS A 48 -1.62 -8.83 7.87
N LEU A 49 -0.42 -9.20 7.51
CA LEU A 49 0.33 -10.30 8.20
C LEU A 49 -0.01 -11.77 7.90
N SER A 50 -0.85 -12.38 8.65
CA SER A 50 -1.08 -13.84 8.43
C SER A 50 -1.83 -14.42 9.63
N ALA A 51 -1.70 -15.71 9.84
CA ALA A 51 -2.35 -16.33 11.03
C ALA A 51 -1.42 -16.11 12.22
N ASP A 52 -1.90 -15.51 13.27
CA ASP A 52 -1.04 -15.24 14.46
C ASP A 52 -0.28 -13.92 14.23
N LYS A 53 -0.31 -13.42 13.02
CA LYS A 53 0.37 -12.13 12.69
C LYS A 53 1.88 -12.35 12.52
N LYS A 54 2.36 -12.09 11.33
CA LYS A 54 3.78 -12.28 11.02
C LYS A 54 4.09 -11.70 9.62
N CYS A 55 4.04 -12.53 8.60
CA CYS A 55 4.29 -12.09 7.17
C CYS A 55 3.58 -10.79 6.85
N ILE A 56 3.57 -10.48 5.59
CA ILE A 56 2.74 -9.36 5.11
C ILE A 56 1.58 -10.17 4.58
N ILE A 57 0.43 -9.68 4.31
CA ILE A 57 -0.57 -10.68 3.90
C ILE A 57 -1.90 -10.13 3.49
N VAL A 58 -2.73 -11.00 3.04
CA VAL A 58 -4.11 -10.60 2.73
C VAL A 58 -4.94 -11.03 3.93
N GLU A 59 -4.99 -10.22 4.94
CA GLU A 59 -5.75 -10.61 6.16
C GLU A 59 -7.22 -10.49 5.91
N GLU A 60 -7.58 -10.20 4.71
CA GLU A 60 -8.99 -10.05 4.42
C GLU A 60 -9.15 -9.82 2.91
N GLY A 61 -10.02 -8.95 2.52
CA GLY A 61 -10.22 -8.69 1.08
C GLY A 61 -10.10 -7.18 0.83
N LYS A 62 -8.93 -6.63 0.96
CA LYS A 62 -8.73 -5.19 0.73
C LYS A 62 -8.40 -5.00 -0.75
N GLU A 63 -7.45 -4.16 -1.02
CA GLU A 63 -7.01 -3.96 -2.42
C GLU A 63 -8.03 -3.21 -3.27
N ILE A 64 -7.53 -2.25 -4.01
CA ILE A 64 -8.36 -1.50 -4.97
C ILE A 64 -8.14 -2.21 -6.31
N LEU A 65 -8.82 -1.85 -7.34
CA LEU A 65 -8.60 -2.58 -8.63
C LEU A 65 -8.06 -1.66 -9.71
N VAL A 66 -7.55 -0.51 -9.39
CA VAL A 66 -7.02 0.37 -10.46
C VAL A 66 -8.17 0.85 -11.35
N GLY A 67 -8.76 -0.02 -12.11
CA GLY A 67 -9.88 0.39 -12.98
C GLY A 67 -11.06 0.82 -12.12
N ASP A 68 -11.31 0.15 -11.00
CA ASP A 68 -12.44 0.60 -10.15
C ASP A 68 -12.30 2.10 -10.06
N VAL A 69 -11.11 2.55 -9.79
CA VAL A 69 -10.84 4.00 -9.74
C VAL A 69 -11.61 4.70 -10.85
N GLY A 70 -12.75 5.22 -10.52
CA GLY A 70 -13.59 5.90 -11.55
C GLY A 70 -14.97 5.25 -11.58
N VAL A 71 -15.23 4.39 -10.64
CA VAL A 71 -16.54 3.71 -10.52
C VAL A 71 -17.08 4.14 -9.17
N THR A 72 -16.73 3.42 -8.15
CA THR A 72 -17.11 3.82 -6.80
C THR A 72 -15.99 4.75 -6.33
N ILE A 73 -14.91 4.78 -7.07
CA ILE A 73 -13.76 5.64 -6.70
C ILE A 73 -13.53 6.70 -7.79
N THR A 74 -12.43 7.42 -7.76
CA THR A 74 -12.22 8.46 -8.82
C THR A 74 -10.75 8.83 -8.97
N ASP A 75 -9.83 7.99 -8.54
CA ASP A 75 -8.36 8.29 -8.71
C ASP A 75 -7.68 8.95 -7.50
N PRO A 76 -8.38 9.34 -6.46
CA PRO A 76 -7.72 9.93 -5.30
C PRO A 76 -7.08 8.78 -4.50
N PHE A 77 -7.71 8.37 -3.44
CA PHE A 77 -7.16 7.24 -2.63
C PHE A 77 -8.09 7.06 -1.41
N LYS A 78 -8.68 8.15 -0.95
CA LYS A 78 -9.59 8.12 0.24
C LYS A 78 -10.51 6.90 0.21
N HIS A 79 -10.69 6.30 -0.92
CA HIS A 79 -11.55 5.09 -0.95
C HIS A 79 -10.71 3.90 -0.54
N PHE A 80 -9.58 3.74 -1.17
CA PHE A 80 -8.71 2.59 -0.84
C PHE A 80 -8.47 2.60 0.67
N VAL A 81 -8.21 3.75 1.21
CA VAL A 81 -8.01 3.84 2.68
C VAL A 81 -9.28 3.28 3.31
N GLY A 82 -10.42 3.61 2.75
CA GLY A 82 -11.69 3.07 3.30
C GLY A 82 -11.58 1.54 3.31
N MET A 83 -10.93 0.97 2.31
CA MET A 83 -10.77 -0.51 2.29
C MET A 83 -10.12 -0.91 3.60
N LEU A 84 -9.14 -0.17 3.98
CA LEU A 84 -8.45 -0.45 5.25
C LEU A 84 -9.05 0.44 6.37
N PRO A 85 -9.62 -0.18 7.35
CA PRO A 85 -10.25 0.51 8.48
C PRO A 85 -9.15 0.95 9.46
N GLU A 86 -8.89 0.15 10.46
CA GLU A 86 -7.83 0.51 11.44
C GLU A 86 -7.41 -0.73 12.25
N LYS A 87 -8.29 -1.68 12.41
CA LYS A 87 -7.94 -2.87 13.24
C LYS A 87 -7.27 -3.98 12.43
N ASP A 88 -6.83 -3.76 11.22
CA ASP A 88 -6.19 -4.91 10.51
C ASP A 88 -5.75 -4.53 9.10
N CYS A 89 -4.57 -4.00 8.96
CA CYS A 89 -4.08 -3.61 7.61
C CYS A 89 -2.96 -2.59 7.75
N ARG A 90 -1.80 -2.85 7.17
CA ARG A 90 -0.71 -1.86 7.29
C ARG A 90 0.08 -1.71 6.00
N TYR A 91 0.51 -2.77 5.37
CA TYR A 91 1.30 -2.58 4.13
C TYR A 91 0.40 -2.73 2.91
N ALA A 92 0.22 -1.65 2.19
CA ALA A 92 -0.68 -1.70 1.02
C ALA A 92 -0.11 -0.93 -0.16
N LEU A 93 0.02 -1.58 -1.26
CA LEU A 93 0.49 -0.88 -2.49
C LEU A 93 -0.76 -0.33 -3.17
N TYR A 94 -0.63 0.57 -4.10
CA TYR A 94 -1.87 1.06 -4.76
C TYR A 94 -1.54 1.66 -6.11
N ASP A 95 -1.77 0.93 -7.15
CA ASP A 95 -1.49 1.52 -8.50
C ASP A 95 -2.13 2.90 -8.53
N ALA A 96 -1.34 3.92 -8.36
CA ALA A 96 -1.92 5.30 -8.36
C ALA A 96 -2.22 5.74 -9.79
N SER A 97 -2.42 7.01 -9.96
CA SER A 97 -2.69 7.54 -11.32
C SER A 97 -2.92 9.04 -11.22
N PHE A 98 -1.88 9.75 -11.53
CA PHE A 98 -1.91 11.24 -11.46
C PHE A 98 -1.08 11.81 -12.60
N GLU A 99 -0.79 13.09 -12.56
CA GLU A 99 0.11 13.69 -13.60
C GLU A 99 1.23 14.37 -12.87
N THR A 100 2.33 14.54 -13.52
CA THR A 100 3.46 15.15 -12.80
C THR A 100 4.16 16.18 -13.67
N LYS A 101 5.25 16.76 -13.23
CA LYS A 101 5.93 17.66 -14.18
C LYS A 101 6.22 16.79 -15.41
N GLU A 102 6.20 15.48 -15.21
CA GLU A 102 6.39 14.53 -16.34
C GLU A 102 5.04 14.35 -17.04
N SER A 103 3.96 14.44 -16.28
CA SER A 103 2.56 14.32 -16.82
C SER A 103 1.89 13.05 -16.31
N ARG A 104 0.73 12.80 -16.80
CA ARG A 104 -0.05 11.60 -16.38
C ARG A 104 0.85 10.38 -16.32
N LYS A 105 1.32 10.11 -15.17
CA LYS A 105 2.19 8.93 -14.93
C LYS A 105 1.67 8.23 -13.67
N GLU A 106 1.04 7.10 -13.82
CA GLU A 106 0.49 6.39 -12.66
C GLU A 106 1.61 5.63 -11.97
N GLU A 107 1.81 5.93 -10.72
CA GLU A 107 2.89 5.25 -9.94
C GLU A 107 2.32 4.75 -8.61
N LEU A 108 2.21 3.46 -8.49
CA LEU A 108 1.69 2.85 -7.22
C LEU A 108 2.54 3.30 -6.05
N MET A 109 2.05 3.12 -4.86
CA MET A 109 2.80 3.59 -3.70
C MET A 109 2.56 2.72 -2.47
N PHE A 110 3.61 2.49 -1.75
CA PHE A 110 3.54 1.64 -0.54
C PHE A 110 2.70 2.31 0.54
N PHE A 111 2.04 1.55 1.36
CA PHE A 111 1.28 2.18 2.45
C PHE A 111 1.64 1.49 3.76
N LEU A 112 2.09 2.23 4.73
CA LEU A 112 2.44 1.61 6.04
C LEU A 112 1.21 1.77 6.89
N TRP A 113 0.09 1.69 6.25
CA TRP A 113 -1.24 1.88 6.90
C TRP A 113 -1.16 1.49 8.39
N ALA A 114 -0.71 2.38 9.23
CA ALA A 114 -0.61 2.02 10.68
C ALA A 114 -1.61 2.84 11.47
N PRO A 115 -2.80 2.30 11.63
CA PRO A 115 -3.87 2.99 12.34
C PRO A 115 -3.57 3.07 13.84
N GLU A 116 -3.88 4.18 14.44
CA GLU A 116 -3.60 4.35 15.88
C GLU A 116 -4.32 3.30 16.72
N LEU A 117 -5.16 2.47 16.14
CA LEU A 117 -5.89 1.46 16.94
C LEU A 117 -5.52 0.03 16.52
N ALA A 118 -4.99 -0.15 15.33
CA ALA A 118 -4.62 -1.53 14.86
C ALA A 118 -4.06 -2.36 16.02
N PRO A 119 -3.88 -3.62 15.75
CA PRO A 119 -3.35 -4.54 16.76
C PRO A 119 -1.92 -4.17 17.13
N LEU A 120 -1.50 -4.54 18.30
CA LEU A 120 -0.13 -4.21 18.76
C LEU A 120 0.89 -4.93 17.90
N LYS A 121 0.46 -5.93 17.18
CA LYS A 121 1.39 -6.70 16.31
C LYS A 121 1.40 -6.11 14.91
N SER A 122 0.66 -5.07 14.71
CA SER A 122 0.65 -4.41 13.38
C SER A 122 1.17 -2.97 13.56
N LYS A 123 1.60 -2.64 14.76
CA LYS A 123 2.14 -1.28 15.03
C LYS A 123 3.59 -1.42 15.42
N MET A 124 3.93 -2.47 16.13
CA MET A 124 5.34 -2.69 16.55
C MET A 124 6.03 -3.55 15.53
N ILE A 125 5.27 -4.35 14.87
CA ILE A 125 5.80 -5.30 13.94
C ILE A 125 6.13 -4.67 12.61
N TYR A 126 5.14 -4.15 11.99
CA TYR A 126 5.33 -3.53 10.66
C TYR A 126 6.54 -2.63 10.76
N ALA A 127 6.71 -2.09 11.92
CA ALA A 127 7.87 -1.24 12.20
C ALA A 127 9.10 -1.82 11.52
N SER A 128 9.38 -3.06 11.80
CA SER A 128 10.56 -3.71 11.17
C SER A 128 10.09 -4.58 10.00
N SER A 129 8.80 -4.72 9.83
CA SER A 129 8.31 -5.55 8.69
C SER A 129 8.68 -4.81 7.43
N LYS A 130 8.82 -3.53 7.52
CA LYS A 130 9.24 -2.73 6.37
C LYS A 130 10.74 -2.87 6.28
N ASP A 131 11.07 -3.97 5.75
CA ASP A 131 12.46 -4.43 5.58
C ASP A 131 12.28 -5.81 5.00
N ALA A 132 11.33 -6.50 5.55
CA ALA A 132 10.96 -7.84 5.02
C ALA A 132 10.20 -7.59 3.74
N ILE A 133 9.11 -6.87 3.86
CA ILE A 133 8.32 -6.50 2.67
C ILE A 133 9.26 -5.79 1.72
N LYS A 134 10.10 -4.96 2.27
CA LYS A 134 11.07 -4.20 1.44
C LYS A 134 11.92 -5.17 0.61
N LYS A 135 12.28 -6.30 1.15
CA LYS A 135 13.09 -7.27 0.36
C LYS A 135 12.32 -7.62 -0.91
N LYS A 136 11.02 -7.55 -0.85
CA LYS A 136 10.19 -7.83 -2.04
C LYS A 136 9.60 -6.51 -2.54
N PHE A 137 9.75 -5.48 -1.76
CA PHE A 137 9.26 -4.14 -2.16
C PHE A 137 10.46 -3.37 -2.61
N GLN A 138 11.29 -4.07 -3.29
CA GLN A 138 12.55 -3.48 -3.81
C GLN A 138 12.23 -2.25 -4.66
N GLY A 139 11.03 -2.19 -5.16
CA GLY A 139 10.60 -1.02 -5.97
C GLY A 139 9.23 -0.57 -5.47
N ILE A 140 9.15 -0.21 -4.21
CA ILE A 140 7.86 0.20 -3.62
C ILE A 140 7.26 1.34 -4.39
N LYS A 141 8.08 2.17 -4.95
CA LYS A 141 7.58 3.37 -5.66
C LYS A 141 7.34 4.41 -4.59
N HIS A 142 6.63 4.05 -3.56
CA HIS A 142 6.39 5.09 -2.50
C HIS A 142 6.13 4.57 -1.09
N GLU A 143 7.14 4.45 -0.28
CA GLU A 143 6.86 4.07 1.11
C GLU A 143 6.05 5.21 1.71
N CYS A 144 4.81 4.96 1.96
CA CYS A 144 3.89 6.03 2.48
C CYS A 144 3.18 5.59 3.78
N GLN A 145 3.68 6.00 4.93
CA GLN A 145 3.02 5.61 6.22
C GLN A 145 1.73 6.39 6.44
N ALA A 146 0.92 5.95 7.38
CA ALA A 146 -0.36 6.66 7.68
C ALA A 146 -0.86 6.20 9.04
N ASN A 147 -0.91 7.08 9.99
CA ASN A 147 -1.44 6.69 11.31
C ASN A 147 -2.77 7.36 11.44
N GLY A 148 -3.49 7.18 10.40
CA GLY A 148 -4.83 7.73 10.19
C GLY A 148 -5.04 7.55 8.70
N PRO A 149 -6.22 7.26 8.29
CA PRO A 149 -6.49 7.06 6.87
C PRO A 149 -6.31 8.40 6.13
N GLU A 150 -5.98 9.44 6.87
CA GLU A 150 -5.79 10.79 6.27
C GLU A 150 -4.33 10.97 5.83
N ASP A 151 -3.40 10.18 6.33
CA ASP A 151 -2.00 10.35 5.87
C ASP A 151 -1.96 9.80 4.44
N LEU A 152 -2.95 9.01 4.11
CA LEU A 152 -3.07 8.45 2.75
C LEU A 152 -3.75 9.50 1.89
N ASN A 153 -3.97 10.66 2.45
CA ASN A 153 -4.61 11.76 1.74
C ASN A 153 -4.17 11.74 0.30
N ARG A 154 -4.94 12.33 -0.53
CA ARG A 154 -4.56 12.38 -1.97
C ARG A 154 -3.65 13.58 -2.17
N ALA A 155 -3.79 14.56 -1.33
CA ALA A 155 -2.91 15.74 -1.42
C ALA A 155 -1.55 15.26 -0.94
N CYS A 156 -1.61 14.38 0.01
CA CYS A 156 -0.36 13.79 0.60
C CYS A 156 0.18 12.73 -0.31
N ILE A 157 -0.68 12.01 -0.97
CA ILE A 157 -0.22 11.01 -1.89
C ILE A 157 0.22 11.82 -3.11
N ALA A 158 -0.37 12.98 -3.19
CA ALA A 158 -0.01 13.97 -4.24
C ALA A 158 1.29 14.59 -3.80
N GLU A 159 1.75 14.20 -2.65
CA GLU A 159 3.03 14.67 -2.08
C GLU A 159 4.00 13.53 -2.28
N LYS A 160 3.49 12.33 -2.38
CA LYS A 160 4.37 11.19 -2.65
C LYS A 160 5.00 11.54 -3.99
N LEU A 161 4.17 11.92 -4.92
CA LEU A 161 4.67 12.37 -6.22
C LEU A 161 4.79 13.91 -6.14
N GLY A 162 4.03 14.53 -5.27
CA GLY A 162 4.11 16.02 -5.10
C GLY A 162 5.55 16.35 -4.81
N GLY A 163 6.16 15.43 -4.18
CA GLY A 163 7.60 15.55 -3.80
C GLY A 163 8.45 15.14 -4.99
N SER A 164 7.95 14.22 -5.78
CA SER A 164 8.71 13.77 -6.98
C SER A 164 8.49 14.76 -8.13
N LEU A 165 8.00 15.94 -7.82
CA LEU A 165 7.76 16.96 -8.88
C LEU A 165 6.67 16.50 -9.80
N ILE A 166 5.44 16.69 -9.41
CA ILE A 166 4.38 16.28 -10.31
C ILE A 166 3.65 17.50 -10.87
N VAL A 167 2.36 17.41 -11.07
CA VAL A 167 1.62 18.54 -11.67
C VAL A 167 0.12 18.39 -11.41
N ALA A 168 -0.31 17.21 -11.06
CA ALA A 168 -1.74 16.96 -10.77
C ALA A 168 -1.79 16.03 -9.59
N PHE A 169 -2.75 16.23 -8.75
CA PHE A 169 -2.86 15.47 -7.49
C PHE A 169 -2.18 16.40 -6.50
N GLU A 170 -1.09 16.93 -6.93
CA GLU A 170 -0.36 17.95 -6.15
C GLU A 170 -0.53 19.26 -6.90
N GLY A 171 -0.99 19.21 -8.15
CA GLY A 171 -1.13 20.48 -8.93
C GLY A 171 -2.59 20.78 -9.35
N CYS A 172 -3.07 20.19 -10.42
CA CYS A 172 -4.46 20.52 -10.92
C CYS A 172 -5.55 20.18 -9.90
N PRO A 173 -5.81 18.91 -9.71
CA PRO A 173 -6.85 18.46 -8.77
C PRO A 173 -6.45 18.76 -7.34
N VAL A 174 -5.20 18.65 -7.02
CA VAL A 174 -4.77 18.95 -5.62
C VAL A 174 -3.30 19.36 -5.61
N THR A 1 -3.19 -18.84 21.14
CA THR A 1 -2.32 -17.68 20.81
C THR A 1 -1.35 -17.41 21.96
N MET A 2 -0.09 -17.35 21.67
CA MET A 2 0.93 -17.09 22.73
C MET A 2 2.01 -16.19 22.16
N ILE A 3 2.89 -15.67 22.98
CA ILE A 3 3.97 -14.79 22.44
C ILE A 3 5.23 -14.94 23.29
N THR A 4 6.37 -14.74 22.68
CA THR A 4 7.64 -14.84 23.43
C THR A 4 8.41 -13.53 23.27
N PRO A 5 8.70 -12.88 24.38
CA PRO A 5 9.41 -11.59 24.38
C PRO A 5 10.91 -11.80 24.16
N SER A 6 11.30 -12.17 22.97
CA SER A 6 12.75 -12.39 22.69
C SER A 6 12.91 -12.96 21.28
N SER A 7 12.41 -12.27 20.29
CA SER A 7 12.54 -12.77 18.89
C SER A 7 12.55 -11.60 17.91
N GLY A 8 12.66 -11.87 16.63
CA GLY A 8 12.67 -10.78 15.63
C GLY A 8 11.24 -10.47 15.18
N ASN A 9 10.40 -11.47 15.16
CA ASN A 9 9.00 -11.25 14.73
C ASN A 9 8.08 -11.27 15.95
N SER A 10 8.64 -11.32 17.13
CA SER A 10 7.78 -11.24 18.32
C SER A 10 7.17 -9.85 18.25
N ALA A 11 7.92 -8.94 17.67
CA ALA A 11 7.48 -7.55 17.44
C ALA A 11 7.64 -7.30 15.94
N SER A 12 7.41 -8.34 15.17
CA SER A 12 7.55 -8.27 13.69
C SER A 12 7.09 -9.60 13.09
N GLY A 13 6.15 -10.26 13.74
CA GLY A 13 5.64 -11.57 13.25
C GLY A 13 5.29 -11.49 11.76
N VAL A 14 6.26 -11.64 10.88
CA VAL A 14 5.93 -11.60 9.44
C VAL A 14 6.87 -12.52 8.66
N GLN A 15 6.35 -13.07 7.61
CA GLN A 15 7.13 -13.97 6.76
C GLN A 15 6.99 -13.55 5.29
N VAL A 16 6.47 -12.38 5.01
CA VAL A 16 6.28 -11.97 3.59
C VAL A 16 5.47 -13.06 2.92
N ALA A 17 4.88 -12.73 1.82
CA ALA A 17 4.03 -13.71 1.14
C ALA A 17 4.56 -13.98 -0.26
N ASP A 18 5.48 -13.18 -0.71
CA ASP A 18 6.01 -13.30 -2.09
C ASP A 18 5.07 -12.55 -3.00
N GLU A 19 3.80 -12.68 -2.72
CA GLU A 19 2.82 -11.94 -3.49
C GLU A 19 3.10 -10.46 -3.23
N VAL A 20 3.90 -10.16 -2.21
CA VAL A 20 4.24 -8.73 -1.95
C VAL A 20 5.11 -8.27 -3.09
N CYS A 21 5.96 -9.15 -3.55
CA CYS A 21 6.81 -8.79 -4.71
C CYS A 21 5.99 -9.00 -5.98
N ARG A 22 4.70 -9.05 -5.84
CA ARG A 22 3.80 -9.21 -7.01
C ARG A 22 2.85 -8.02 -6.99
N ILE A 23 3.09 -7.12 -6.07
CA ILE A 23 2.25 -5.93 -5.97
C ILE A 23 3.10 -4.75 -6.42
N PHE A 24 4.07 -4.44 -5.62
CA PHE A 24 4.99 -3.36 -6.01
C PHE A 24 5.51 -3.77 -7.39
N TYR A 25 5.49 -5.06 -7.61
CA TYR A 25 5.94 -5.66 -8.87
C TYR A 25 4.93 -5.42 -9.99
N ASP A 26 3.67 -5.37 -9.69
CA ASP A 26 2.68 -5.21 -10.80
C ASP A 26 2.48 -3.74 -11.07
N MET A 27 1.68 -3.13 -10.28
CA MET A 27 1.43 -1.69 -10.42
C MET A 27 2.75 -0.95 -10.70
N LYS A 28 3.86 -1.52 -10.28
CA LYS A 28 5.20 -0.90 -10.49
C LYS A 28 5.16 0.14 -11.61
N VAL A 29 5.05 -0.31 -12.81
CA VAL A 29 4.99 0.61 -13.96
C VAL A 29 3.90 0.08 -14.91
N ARG A 30 4.23 -0.29 -16.10
CA ARG A 30 3.19 -0.83 -17.01
C ARG A 30 2.90 -2.28 -16.62
N LYS A 31 3.65 -3.19 -17.14
CA LYS A 31 3.42 -4.62 -16.79
C LYS A 31 1.94 -4.96 -17.01
N CYS A 32 1.27 -4.20 -17.84
CA CYS A 32 -0.16 -4.47 -18.11
C CYS A 32 -0.36 -4.90 -19.55
N SER A 33 -0.13 -6.17 -19.85
CA SER A 33 -0.34 -6.71 -21.24
C SER A 33 -1.03 -5.65 -22.06
N THR A 34 -2.22 -5.46 -21.67
CA THR A 34 -3.09 -4.43 -22.19
C THR A 34 -3.79 -3.98 -20.91
N PRO A 35 -3.55 -2.78 -20.52
CA PRO A 35 -4.03 -2.28 -19.25
C PRO A 35 -5.56 -2.07 -19.26
N GLU A 36 -6.16 -2.29 -20.40
CA GLU A 36 -7.64 -2.13 -20.53
C GLU A 36 -8.36 -3.33 -19.89
N GLU A 37 -7.62 -4.21 -19.29
CA GLU A 37 -8.22 -5.39 -18.64
C GLU A 37 -7.43 -5.62 -17.37
N ILE A 38 -6.20 -5.24 -17.45
CA ILE A 38 -5.26 -5.27 -16.36
C ILE A 38 -5.85 -4.64 -15.10
N LYS A 39 -6.71 -3.66 -15.27
CA LYS A 39 -7.33 -2.98 -14.10
C LYS A 39 -8.08 -4.02 -13.29
N LYS A 40 -8.44 -5.07 -13.95
CA LYS A 40 -9.20 -6.17 -13.30
C LYS A 40 -8.25 -7.34 -13.06
N ARG A 41 -6.99 -7.04 -12.94
CA ARG A 41 -5.98 -8.11 -12.70
C ARG A 41 -5.50 -8.04 -11.24
N LYS A 42 -5.98 -7.05 -10.53
CA LYS A 42 -5.60 -6.91 -9.08
C LYS A 42 -4.18 -6.37 -8.94
N LYS A 43 -4.04 -5.18 -8.42
CA LYS A 43 -2.68 -4.62 -8.20
C LYS A 43 -2.72 -3.69 -6.98
N ALA A 44 -3.72 -2.86 -6.86
CA ALA A 44 -3.81 -2.00 -5.69
C ALA A 44 -4.21 -2.91 -4.59
N VAL A 45 -3.74 -2.66 -3.45
CA VAL A 45 -4.01 -3.60 -2.38
C VAL A 45 -3.55 -3.10 -1.04
N ILE A 46 -3.87 -3.88 -0.07
CA ILE A 46 -3.38 -3.69 1.27
C ILE A 46 -2.68 -5.03 1.47
N PHE A 47 -2.07 -5.29 2.57
CA PHE A 47 -1.41 -6.61 2.77
C PHE A 47 -1.32 -6.72 4.29
N CYS A 48 -1.35 -7.86 4.93
CA CYS A 48 -1.29 -7.74 6.42
C CYS A 48 -1.21 -9.02 7.20
N LEU A 49 -0.11 -9.70 7.15
CA LEU A 49 0.00 -10.89 8.03
C LEU A 49 -1.14 -11.87 7.76
N SER A 50 -0.83 -13.15 7.81
CA SER A 50 -1.85 -14.20 7.52
C SER A 50 -2.91 -14.30 8.62
N ALA A 51 -3.84 -15.21 8.47
CA ALA A 51 -4.89 -15.38 9.52
C ALA A 51 -4.16 -15.48 10.85
N ASP A 52 -4.48 -14.63 11.78
CA ASP A 52 -3.75 -14.60 13.07
C ASP A 52 -2.59 -13.65 12.86
N LYS A 53 -1.84 -13.88 11.79
CA LYS A 53 -0.69 -13.00 11.39
C LYS A 53 0.50 -13.84 10.95
N LYS A 54 1.28 -13.27 10.05
CA LYS A 54 2.48 -13.93 9.48
C LYS A 54 2.48 -13.70 7.99
N CYS A 55 3.36 -12.88 7.55
CA CYS A 55 3.52 -12.56 6.10
C CYS A 55 3.02 -11.17 5.85
N ILE A 56 3.48 -10.55 4.82
CA ILE A 56 2.98 -9.22 4.48
C ILE A 56 1.48 -9.43 4.16
N ILE A 57 1.15 -10.66 3.84
CA ILE A 57 -0.20 -11.14 3.53
C ILE A 57 -1.05 -10.19 2.71
N VAL A 58 -1.97 -10.80 2.09
CA VAL A 58 -2.90 -10.18 1.14
C VAL A 58 -3.56 -8.86 1.54
N GLU A 59 -4.48 -8.84 2.45
CA GLU A 59 -5.13 -7.53 2.78
C GLU A 59 -6.38 -7.77 3.61
N GLU A 60 -6.44 -8.84 4.34
CA GLU A 60 -7.61 -9.08 5.24
C GLU A 60 -8.94 -8.68 4.63
N GLY A 61 -8.99 -8.59 3.36
CA GLY A 61 -10.28 -8.22 2.67
C GLY A 61 -10.28 -6.75 2.23
N LYS A 62 -9.23 -6.29 1.60
CA LYS A 62 -9.17 -4.89 1.13
C LYS A 62 -8.76 -4.91 -0.35
N GLU A 63 -7.98 -3.94 -0.76
CA GLU A 63 -7.41 -3.86 -2.16
C GLU A 63 -8.29 -3.17 -3.18
N ILE A 64 -7.62 -2.47 -4.07
CA ILE A 64 -8.23 -1.81 -5.22
C ILE A 64 -7.44 -2.32 -6.41
N LEU A 65 -7.79 -2.00 -7.59
CA LEU A 65 -6.94 -2.46 -8.71
C LEU A 65 -7.07 -1.51 -9.88
N VAL A 66 -7.28 -0.24 -9.60
CA VAL A 66 -7.39 0.76 -10.69
C VAL A 66 -8.69 0.53 -11.48
N GLY A 67 -8.93 -0.64 -11.99
CA GLY A 67 -10.20 -0.87 -12.74
C GLY A 67 -11.36 -0.36 -11.89
N ASP A 68 -11.53 -0.90 -10.71
CA ASP A 68 -12.63 -0.44 -9.84
C ASP A 68 -12.62 1.08 -9.84
N VAL A 69 -11.47 1.68 -9.68
CA VAL A 69 -11.42 3.17 -9.68
C VAL A 69 -12.28 3.69 -10.84
N GLY A 70 -13.51 4.03 -10.55
CA GLY A 70 -14.42 4.54 -11.61
C GLY A 70 -15.80 3.88 -11.46
N VAL A 71 -15.96 3.03 -10.50
CA VAL A 71 -17.28 2.37 -10.24
C VAL A 71 -17.61 2.64 -8.80
N THR A 72 -17.13 1.79 -7.93
CA THR A 72 -17.31 2.03 -6.50
C THR A 72 -16.42 3.21 -6.16
N ILE A 73 -15.50 3.50 -7.04
CA ILE A 73 -14.56 4.63 -6.81
C ILE A 73 -14.61 5.53 -8.05
N THR A 74 -13.85 6.61 -8.09
CA THR A 74 -13.95 7.49 -9.31
C THR A 74 -12.63 8.18 -9.64
N ASP A 75 -11.52 7.51 -9.46
CA ASP A 75 -10.18 8.11 -9.83
C ASP A 75 -9.37 8.74 -8.67
N PRO A 76 -9.96 9.01 -7.52
CA PRO A 76 -9.20 9.60 -6.42
C PRO A 76 -8.39 8.48 -5.76
N PHE A 77 -8.48 8.30 -4.47
CA PHE A 77 -7.69 7.23 -3.83
C PHE A 77 -8.18 7.01 -2.38
N LYS A 78 -8.70 8.03 -1.76
CA LYS A 78 -9.16 7.90 -0.35
C LYS A 78 -10.14 6.75 -0.23
N HIS A 79 -10.80 6.37 -1.28
CA HIS A 79 -11.72 5.22 -1.13
C HIS A 79 -10.88 4.05 -0.61
N PHE A 80 -9.75 3.82 -1.22
CA PHE A 80 -8.86 2.72 -0.79
C PHE A 80 -8.39 2.98 0.64
N VAL A 81 -8.21 4.22 1.02
CA VAL A 81 -7.79 4.48 2.40
C VAL A 81 -8.93 3.97 3.27
N GLY A 82 -10.12 4.08 2.73
CA GLY A 82 -11.31 3.58 3.43
C GLY A 82 -11.13 2.08 3.59
N MET A 83 -10.56 1.43 2.60
CA MET A 83 -10.31 -0.01 2.77
C MET A 83 -9.46 -0.13 4.02
N LEU A 84 -8.56 0.79 4.18
CA LEU A 84 -7.70 0.81 5.39
C LEU A 84 -8.56 1.22 6.59
N PRO A 85 -8.82 0.29 7.49
CA PRO A 85 -9.63 0.56 8.68
C PRO A 85 -8.75 1.12 9.79
N GLU A 86 -9.15 1.02 11.01
CA GLU A 86 -8.30 1.52 12.12
C GLU A 86 -7.92 0.34 13.01
N LYS A 87 -8.57 -0.78 12.81
CA LYS A 87 -8.28 -1.98 13.62
C LYS A 87 -7.30 -2.91 12.89
N ASP A 88 -6.62 -2.43 11.89
CA ASP A 88 -5.67 -3.28 11.16
C ASP A 88 -4.68 -2.37 10.45
N CYS A 89 -3.44 -2.69 10.55
CA CYS A 89 -2.42 -1.85 9.87
C CYS A 89 -2.43 -2.28 8.42
N ARG A 90 -1.65 -3.26 8.11
CA ARG A 90 -1.63 -3.81 6.74
C ARG A 90 -0.80 -2.94 5.81
N TYR A 91 0.19 -3.49 5.17
CA TYR A 91 0.97 -2.68 4.21
C TYR A 91 0.07 -2.50 3.00
N ALA A 92 0.32 -1.60 2.11
CA ALA A 92 -0.61 -1.52 0.97
C ALA A 92 0.04 -0.91 -0.25
N LEU A 93 -0.11 -1.58 -1.34
CA LEU A 93 0.46 -1.09 -2.60
C LEU A 93 -0.71 -0.82 -3.54
N TYR A 94 -1.07 0.42 -3.66
CA TYR A 94 -2.23 0.76 -4.51
C TYR A 94 -1.79 1.44 -5.80
N ASP A 95 -1.99 0.81 -6.93
CA ASP A 95 -1.59 1.47 -8.20
C ASP A 95 -2.16 2.87 -8.20
N ALA A 96 -1.32 3.85 -8.05
CA ALA A 96 -1.84 5.25 -8.00
C ALA A 96 -1.99 5.81 -9.41
N SER A 97 -3.10 6.42 -9.69
CA SER A 97 -3.30 7.03 -11.04
C SER A 97 -3.17 8.54 -10.89
N PHE A 98 -2.00 9.06 -11.15
CA PHE A 98 -1.81 10.53 -10.98
C PHE A 98 -0.83 11.07 -12.02
N GLU A 99 -1.03 12.28 -12.46
CA GLU A 99 -0.07 12.88 -13.43
C GLU A 99 1.04 13.52 -12.64
N THR A 100 2.09 13.88 -13.29
CA THR A 100 3.22 14.47 -12.57
C THR A 100 3.98 15.41 -13.53
N LYS A 101 5.12 15.93 -13.17
CA LYS A 101 5.85 16.71 -14.20
C LYS A 101 6.08 15.71 -15.32
N GLU A 102 5.99 14.43 -14.99
CA GLU A 102 6.16 13.35 -15.98
C GLU A 102 4.82 13.11 -16.69
N SER A 103 3.73 13.40 -15.99
CA SER A 103 2.34 13.26 -16.53
C SER A 103 1.66 12.00 -16.01
N ARG A 104 0.37 11.90 -16.23
CA ARG A 104 -0.39 10.69 -15.81
C ARG A 104 0.47 9.49 -16.13
N LYS A 105 1.04 8.95 -15.13
CA LYS A 105 1.95 7.81 -15.34
C LYS A 105 1.79 6.77 -14.24
N GLU A 106 0.63 6.71 -13.67
CA GLU A 106 0.29 5.74 -12.60
C GLU A 106 1.51 5.18 -11.86
N GLU A 107 1.60 5.49 -10.61
CA GLU A 107 2.73 4.96 -9.79
C GLU A 107 2.24 4.58 -8.38
N LEU A 108 2.02 3.32 -8.19
CA LEU A 108 1.56 2.81 -6.85
C LEU A 108 2.42 3.37 -5.75
N MET A 109 2.05 3.09 -4.54
CA MET A 109 2.84 3.60 -3.40
C MET A 109 2.69 2.70 -2.19
N PHE A 110 3.79 2.37 -1.62
CA PHE A 110 3.80 1.51 -0.42
C PHE A 110 2.97 2.16 0.67
N PHE A 111 2.20 1.40 1.41
CA PHE A 111 1.39 2.04 2.47
C PHE A 111 1.54 1.33 3.78
N LEU A 112 2.14 1.99 4.74
CA LEU A 112 2.31 1.37 6.08
C LEU A 112 1.07 1.68 6.87
N TRP A 113 -0.05 1.33 6.32
CA TRP A 113 -1.33 1.59 7.02
C TRP A 113 -1.14 1.23 8.49
N ALA A 114 -0.91 2.20 9.32
CA ALA A 114 -0.69 1.91 10.77
C ALA A 114 -1.58 2.86 11.58
N PRO A 115 -2.74 2.40 11.96
CA PRO A 115 -3.70 3.24 12.70
C PRO A 115 -3.25 3.47 14.13
N GLU A 116 -3.45 4.66 14.62
CA GLU A 116 -3.03 5.00 16.00
C GLU A 116 -3.77 4.12 17.02
N LEU A 117 -4.71 3.30 16.59
CA LEU A 117 -5.45 2.45 17.56
C LEU A 117 -5.11 0.98 17.33
N ALA A 118 -4.59 0.66 16.18
CA ALA A 118 -4.25 -0.77 15.91
C ALA A 118 -3.64 -1.41 17.15
N PRO A 119 -3.54 -2.70 17.10
CA PRO A 119 -2.98 -3.50 18.20
C PRO A 119 -1.45 -3.33 18.21
N LEU A 120 -0.89 -3.10 19.37
CA LEU A 120 0.58 -2.92 19.47
C LEU A 120 1.31 -3.92 18.57
N LYS A 121 0.81 -5.12 18.47
CA LYS A 121 1.51 -6.15 17.64
C LYS A 121 1.62 -5.74 16.15
N SER A 122 0.61 -5.14 15.57
CA SER A 122 0.71 -4.78 14.12
C SER A 122 1.30 -3.38 13.97
N LYS A 123 1.81 -2.84 15.03
CA LYS A 123 2.43 -1.50 14.96
C LYS A 123 3.92 -1.67 15.19
N MET A 124 4.25 -2.59 16.06
CA MET A 124 5.68 -2.88 16.34
C MET A 124 6.17 -3.88 15.32
N ILE A 125 5.26 -4.60 14.74
CA ILE A 125 5.64 -5.64 13.81
C ILE A 125 6.03 -5.09 12.47
N TYR A 126 5.15 -4.32 11.95
CA TYR A 126 5.35 -3.72 10.63
C TYR A 126 6.60 -2.87 10.72
N ALA A 127 6.85 -2.37 11.87
CA ALA A 127 8.06 -1.58 12.10
C ALA A 127 9.24 -2.36 11.52
N SER A 128 9.27 -3.64 11.78
CA SER A 128 10.36 -4.50 11.26
C SER A 128 9.87 -5.23 10.02
N SER A 129 8.60 -5.17 9.73
CA SER A 129 8.10 -5.86 8.50
C SER A 129 8.65 -5.08 7.32
N LYS A 130 8.86 -3.82 7.52
CA LYS A 130 9.45 -2.98 6.48
C LYS A 130 10.94 -3.21 6.52
N ASP A 131 11.26 -4.29 5.95
CA ASP A 131 12.64 -4.82 5.85
C ASP A 131 12.44 -6.16 5.17
N ALA A 132 11.39 -6.82 5.56
CA ALA A 132 11.03 -8.11 4.92
C ALA A 132 10.39 -7.74 3.60
N ILE A 133 9.40 -6.90 3.67
CA ILE A 133 8.73 -6.41 2.46
C ILE A 133 9.75 -5.60 1.68
N LYS A 134 10.53 -4.82 2.39
CA LYS A 134 11.59 -4.00 1.76
C LYS A 134 12.55 -4.89 0.97
N LYS A 135 12.83 -6.07 1.46
CA LYS A 135 13.77 -6.98 0.72
C LYS A 135 13.30 -7.17 -0.71
N LYS A 136 12.05 -6.92 -0.95
CA LYS A 136 11.49 -7.04 -2.31
C LYS A 136 10.90 -5.70 -2.69
N PHE A 137 10.77 -4.81 -1.74
CA PHE A 137 10.22 -3.46 -2.03
C PHE A 137 11.37 -2.53 -2.32
N GLN A 138 12.26 -3.02 -3.11
CA GLN A 138 13.45 -2.23 -3.49
C GLN A 138 13.01 -1.02 -4.32
N GLY A 139 11.95 -1.18 -5.06
CA GLY A 139 11.41 -0.04 -5.89
C GLY A 139 9.94 0.13 -5.54
N ILE A 140 9.64 0.31 -4.28
CA ILE A 140 8.26 0.46 -3.81
C ILE A 140 7.52 1.54 -4.55
N LYS A 141 8.23 2.40 -5.20
CA LYS A 141 7.58 3.54 -5.90
C LYS A 141 7.34 4.58 -4.84
N HIS A 142 6.75 4.18 -3.75
CA HIS A 142 6.51 5.20 -2.68
C HIS A 142 6.41 4.62 -1.29
N GLU A 143 7.46 4.60 -0.54
CA GLU A 143 7.31 4.14 0.85
C GLU A 143 6.64 5.27 1.61
N CYS A 144 5.42 5.07 1.96
CA CYS A 144 4.66 6.16 2.65
C CYS A 144 4.41 5.86 4.14
N GLN A 145 3.23 5.38 4.45
CA GLN A 145 2.82 5.08 5.86
C GLN A 145 1.68 6.03 6.21
N ALA A 146 0.86 5.63 7.13
CA ALA A 146 -0.26 6.51 7.53
C ALA A 146 -0.73 6.15 8.93
N ASN A 147 -0.54 7.04 9.84
CA ASN A 147 -1.00 6.78 11.21
C ASN A 147 -2.29 7.56 11.36
N GLY A 148 -3.08 7.35 10.37
CA GLY A 148 -4.37 8.01 10.20
C GLY A 148 -4.61 7.86 8.72
N PRO A 149 -5.81 7.70 8.33
CA PRO A 149 -6.13 7.51 6.92
C PRO A 149 -5.85 8.83 6.18
N GLU A 150 -5.39 9.85 6.88
CA GLU A 150 -5.09 11.16 6.26
C GLU A 150 -3.63 11.21 5.79
N ASP A 151 -2.76 10.44 6.37
CA ASP A 151 -1.35 10.46 5.87
C ASP A 151 -1.41 9.86 4.46
N LEU A 152 -2.45 9.10 4.21
CA LEU A 152 -2.67 8.49 2.89
C LEU A 152 -3.24 9.54 1.98
N ASN A 153 -3.79 10.55 2.58
CA ASN A 153 -4.41 11.66 1.86
C ASN A 153 -3.74 11.85 0.52
N ARG A 154 -4.52 12.01 -0.49
CA ARG A 154 -3.95 12.19 -1.85
C ARG A 154 -3.26 13.54 -1.93
N ALA A 155 -3.62 14.46 -1.09
CA ALA A 155 -2.95 15.78 -1.09
C ALA A 155 -1.56 15.55 -0.52
N CYS A 156 -1.51 14.67 0.42
CA CYS A 156 -0.23 14.31 1.09
C CYS A 156 0.54 13.38 0.21
N ILE A 157 -0.15 12.57 -0.52
CA ILE A 157 0.49 11.68 -1.43
C ILE A 157 0.88 12.59 -2.58
N ALA A 158 0.15 13.68 -2.63
CA ALA A 158 0.41 14.76 -3.61
C ALA A 158 1.46 15.68 -2.99
N GLU A 159 2.17 15.12 -2.10
CA GLU A 159 3.25 15.80 -1.36
C GLU A 159 4.43 14.83 -1.39
N LYS A 160 4.13 13.57 -1.30
CA LYS A 160 5.17 12.53 -1.39
C LYS A 160 5.49 12.44 -2.89
N LEU A 161 4.54 12.87 -3.68
CA LEU A 161 4.72 12.95 -5.16
C LEU A 161 4.64 14.44 -5.51
N GLY A 162 3.72 15.12 -4.88
CA GLY A 162 3.51 16.56 -5.14
C GLY A 162 4.47 17.39 -4.30
N GLY A 163 5.25 16.73 -3.54
CA GLY A 163 6.26 17.44 -2.71
C GLY A 163 7.60 17.20 -3.38
N SER A 164 7.56 16.84 -4.63
CA SER A 164 8.79 16.57 -5.38
C SER A 164 8.63 17.07 -6.82
N LEU A 165 7.99 16.31 -7.67
CA LEU A 165 7.84 16.74 -9.10
C LEU A 165 6.65 16.13 -9.81
N ILE A 166 5.44 16.35 -9.41
CA ILE A 166 4.35 15.78 -10.20
C ILE A 166 3.63 16.91 -10.95
N VAL A 167 2.34 16.93 -10.91
CA VAL A 167 1.57 17.97 -11.63
C VAL A 167 0.11 17.78 -11.24
N ALA A 168 -0.26 16.57 -10.98
CA ALA A 168 -1.64 16.25 -10.55
C ALA A 168 -1.51 15.53 -9.22
N PHE A 169 -2.52 15.64 -8.41
CA PHE A 169 -2.48 15.09 -7.03
C PHE A 169 -2.01 16.28 -6.23
N GLU A 170 -0.97 16.87 -6.74
CA GLU A 170 -0.41 18.12 -6.16
C GLU A 170 -0.92 19.27 -7.02
N GLY A 171 -1.36 18.99 -8.23
CA GLY A 171 -1.80 20.11 -9.11
C GLY A 171 -3.24 19.93 -9.65
N CYS A 172 -3.44 19.12 -10.65
CA CYS A 172 -4.81 18.98 -11.26
C CYS A 172 -5.87 18.54 -10.23
N PRO A 173 -5.89 17.29 -9.87
CA PRO A 173 -6.87 16.77 -8.89
C PRO A 173 -6.61 17.37 -7.50
N VAL A 174 -5.38 17.55 -7.14
CA VAL A 174 -5.10 18.16 -5.79
C VAL A 174 -3.76 18.90 -5.82
N THR A 1 10.54 -13.14 36.07
CA THR A 1 10.76 -12.23 34.92
C THR A 1 12.15 -12.50 34.32
N MET A 2 12.69 -11.56 33.58
CA MET A 2 14.03 -11.76 32.98
C MET A 2 13.91 -12.54 31.66
N ILE A 3 13.21 -13.65 31.68
CA ILE A 3 13.05 -14.45 30.43
C ILE A 3 11.81 -13.98 29.68
N THR A 4 11.85 -14.03 28.38
CA THR A 4 10.66 -13.59 27.58
C THR A 4 10.63 -14.31 26.22
N PRO A 5 9.85 -15.36 26.14
CA PRO A 5 9.71 -16.14 24.90
C PRO A 5 8.75 -15.41 23.95
N SER A 6 8.79 -15.72 22.68
CA SER A 6 7.87 -15.01 21.74
C SER A 6 7.45 -15.96 20.62
N SER A 7 6.54 -15.52 19.77
CA SER A 7 6.07 -16.39 18.66
C SER A 7 6.72 -15.92 17.34
N GLY A 8 5.93 -15.46 16.39
CA GLY A 8 6.53 -15.00 15.10
C GLY A 8 6.13 -13.54 14.83
N ASN A 9 4.97 -13.14 15.28
CA ASN A 9 4.54 -11.73 15.03
C ASN A 9 4.67 -10.93 16.34
N SER A 10 4.90 -11.59 17.43
CA SER A 10 5.04 -10.87 18.73
C SER A 10 6.42 -10.19 18.76
N ALA A 11 7.21 -10.38 17.74
CA ALA A 11 8.56 -9.74 17.70
C ALA A 11 8.78 -9.12 16.31
N SER A 12 7.72 -8.79 15.63
CA SER A 12 7.87 -8.19 14.27
C SER A 12 8.70 -9.13 13.40
N GLY A 13 8.48 -10.40 13.54
CA GLY A 13 9.27 -11.38 12.73
C GLY A 13 8.49 -11.75 11.47
N VAL A 14 7.56 -10.94 11.06
CA VAL A 14 6.77 -11.25 9.82
C VAL A 14 7.70 -11.83 8.76
N GLN A 15 7.22 -12.76 8.01
CA GLN A 15 8.09 -13.39 6.98
C GLN A 15 7.65 -13.02 5.55
N VAL A 16 7.01 -11.89 5.33
CA VAL A 16 6.57 -11.47 3.95
C VAL A 16 6.42 -12.63 2.97
N ALA A 17 5.25 -12.70 2.49
CA ALA A 17 4.87 -13.69 1.48
C ALA A 17 5.61 -13.34 0.21
N ASP A 18 5.77 -14.24 -0.71
CA ASP A 18 6.44 -13.82 -1.96
C ASP A 18 5.44 -12.95 -2.72
N GLU A 19 4.19 -13.07 -2.38
CA GLU A 19 3.16 -12.27 -3.04
C GLU A 19 3.48 -10.80 -2.78
N VAL A 20 4.34 -10.51 -1.84
CA VAL A 20 4.70 -9.09 -1.58
C VAL A 20 5.49 -8.62 -2.80
N CYS A 21 6.38 -9.44 -3.28
CA CYS A 21 7.15 -9.03 -4.50
C CYS A 21 6.22 -9.07 -5.70
N ARG A 22 4.99 -9.47 -5.50
CA ARG A 22 4.03 -9.51 -6.63
C ARG A 22 3.01 -8.39 -6.45
N ILE A 23 2.91 -7.89 -5.24
CA ILE A 23 1.95 -6.80 -4.99
C ILE A 23 2.46 -5.55 -5.70
N PHE A 24 3.71 -5.23 -5.50
CA PHE A 24 4.28 -4.06 -6.20
C PHE A 24 4.20 -4.41 -7.69
N TYR A 25 4.65 -5.59 -8.01
CA TYR A 25 4.58 -6.13 -9.40
C TYR A 25 3.17 -6.00 -9.98
N ASP A 26 2.19 -5.87 -9.14
CA ASP A 26 0.77 -5.86 -9.64
C ASP A 26 0.48 -4.62 -10.48
N MET A 27 1.17 -3.58 -10.20
CA MET A 27 0.92 -2.30 -10.89
C MET A 27 1.57 -2.14 -12.28
N LYS A 28 2.87 -2.36 -12.36
CA LYS A 28 3.59 -2.16 -13.66
C LYS A 28 2.74 -2.51 -14.86
N VAL A 29 2.86 -3.69 -15.37
CA VAL A 29 2.08 -4.04 -16.59
C VAL A 29 2.41 -5.43 -17.13
N ARG A 30 3.56 -5.95 -16.85
CA ARG A 30 3.92 -7.30 -17.38
C ARG A 30 3.08 -8.38 -16.70
N LYS A 31 2.07 -7.99 -15.96
CA LYS A 31 1.21 -8.99 -15.29
C LYS A 31 -0.25 -8.68 -15.61
N CYS A 32 -0.54 -8.31 -16.83
CA CYS A 32 -1.95 -7.99 -17.19
C CYS A 32 -2.45 -8.87 -18.34
N SER A 33 -1.71 -8.97 -19.42
CA SER A 33 -2.19 -9.80 -20.59
C SER A 33 -3.03 -8.89 -21.46
N THR A 34 -4.21 -8.64 -21.01
CA THR A 34 -5.13 -7.70 -21.69
C THR A 34 -5.47 -6.71 -20.59
N PRO A 35 -4.54 -5.85 -20.39
CA PRO A 35 -4.57 -4.85 -19.31
C PRO A 35 -5.79 -3.92 -19.37
N GLU A 36 -6.59 -4.04 -20.38
CA GLU A 36 -7.82 -3.20 -20.48
C GLU A 36 -8.97 -3.91 -19.74
N GLU A 37 -8.63 -4.91 -19.00
CA GLU A 37 -9.62 -5.70 -18.21
C GLU A 37 -8.92 -6.05 -16.90
N ILE A 38 -7.65 -6.21 -17.04
CA ILE A 38 -6.72 -6.50 -15.96
C ILE A 38 -6.91 -5.54 -14.80
N LYS A 39 -7.36 -4.35 -15.07
CA LYS A 39 -7.58 -3.37 -13.98
C LYS A 39 -8.48 -4.04 -12.97
N LYS A 40 -9.30 -4.89 -13.45
CA LYS A 40 -10.25 -5.64 -12.57
C LYS A 40 -9.69 -7.04 -12.32
N ARG A 41 -8.40 -7.13 -12.22
CA ARG A 41 -7.76 -8.44 -11.96
C ARG A 41 -6.91 -8.31 -10.70
N LYS A 42 -7.01 -7.19 -10.04
CA LYS A 42 -6.24 -6.93 -8.78
C LYS A 42 -4.91 -6.27 -9.08
N LYS A 43 -4.67 -5.16 -8.45
CA LYS A 43 -3.39 -4.45 -8.62
C LYS A 43 -3.12 -3.74 -7.31
N ALA A 44 -4.01 -2.86 -6.91
CA ALA A 44 -3.85 -2.16 -5.63
C ALA A 44 -4.11 -3.17 -4.59
N VAL A 45 -3.64 -2.91 -3.44
CA VAL A 45 -3.85 -3.91 -2.39
C VAL A 45 -3.34 -3.51 -1.03
N ILE A 46 -3.87 -4.17 -0.05
CA ILE A 46 -3.41 -4.00 1.31
C ILE A 46 -3.15 -5.42 1.81
N PHE A 47 -2.18 -5.63 2.62
CA PHE A 47 -2.00 -7.01 3.12
C PHE A 47 -1.77 -6.95 4.61
N CYS A 48 -2.27 -7.91 5.32
CA CYS A 48 -2.19 -7.87 6.81
C CYS A 48 -1.62 -9.13 7.47
N LEU A 49 -0.61 -9.74 6.93
CA LEU A 49 0.03 -10.89 7.62
C LEU A 49 -0.81 -12.18 7.59
N SER A 50 -0.14 -13.25 7.24
CA SER A 50 -0.76 -14.61 7.11
C SER A 50 -1.72 -14.94 8.27
N ALA A 51 -2.19 -16.17 8.30
CA ALA A 51 -3.14 -16.59 9.39
C ALA A 51 -2.44 -16.55 10.75
N ASP A 52 -3.07 -15.96 11.73
CA ASP A 52 -2.45 -15.87 13.09
C ASP A 52 -1.38 -14.80 13.07
N LYS A 53 -1.19 -14.16 11.94
CA LYS A 53 -0.17 -13.09 11.81
C LYS A 53 1.19 -13.72 11.56
N LYS A 54 1.82 -13.24 10.53
CA LYS A 54 3.14 -13.72 10.10
C LYS A 54 3.18 -13.67 8.58
N CYS A 55 4.16 -13.00 8.07
CA CYS A 55 4.34 -12.88 6.61
C CYS A 55 3.50 -11.76 6.02
N ILE A 56 4.12 -10.68 5.58
CA ILE A 56 3.33 -9.62 4.90
C ILE A 56 2.39 -10.37 3.99
N ILE A 57 1.15 -10.02 3.90
CA ILE A 57 0.29 -10.87 3.04
C ILE A 57 -1.09 -10.31 2.89
N VAL A 58 -1.66 -10.53 1.77
CA VAL A 58 -3.02 -10.02 1.52
C VAL A 58 -4.00 -10.92 2.26
N GLU A 59 -4.60 -10.47 3.32
CA GLU A 59 -5.53 -11.40 4.04
C GLU A 59 -6.43 -10.68 5.03
N GLU A 60 -7.54 -10.16 4.55
CA GLU A 60 -8.47 -9.47 5.47
C GLU A 60 -9.59 -8.79 4.67
N GLY A 61 -9.31 -8.45 3.46
CA GLY A 61 -10.32 -7.78 2.60
C GLY A 61 -9.97 -6.29 2.51
N LYS A 62 -8.83 -5.99 1.96
CA LYS A 62 -8.37 -4.59 1.81
C LYS A 62 -7.58 -4.53 0.49
N GLU A 63 -8.08 -3.87 -0.51
CA GLU A 63 -7.33 -3.86 -1.81
C GLU A 63 -8.13 -3.18 -2.92
N ILE A 64 -7.45 -2.47 -3.79
CA ILE A 64 -8.11 -1.84 -4.95
C ILE A 64 -7.52 -2.54 -6.16
N LEU A 65 -7.94 -2.25 -7.34
CA LEU A 65 -7.33 -2.94 -8.50
C LEU A 65 -7.24 -2.00 -9.68
N VAL A 66 -7.45 -0.73 -9.49
CA VAL A 66 -7.39 0.23 -10.63
C VAL A 66 -8.69 0.13 -11.46
N GLY A 67 -9.20 -1.05 -11.67
CA GLY A 67 -10.46 -1.20 -12.45
C GLY A 67 -11.58 -0.54 -11.67
N ASP A 68 -11.75 -0.92 -10.43
CA ASP A 68 -12.82 -0.29 -9.61
C ASP A 68 -12.73 1.21 -9.83
N VAL A 69 -11.57 1.79 -9.60
CA VAL A 69 -11.39 3.26 -9.82
C VAL A 69 -12.29 3.71 -10.97
N GLY A 70 -13.44 4.20 -10.66
CA GLY A 70 -14.40 4.66 -11.71
C GLY A 70 -15.77 4.01 -11.46
N VAL A 71 -15.86 3.24 -10.41
CA VAL A 71 -17.14 2.58 -10.04
C VAL A 71 -17.48 3.09 -8.65
N THR A 72 -17.07 2.39 -7.64
CA THR A 72 -17.29 2.90 -6.28
C THR A 72 -16.21 3.96 -6.04
N ILE A 73 -15.28 4.05 -6.97
CA ILE A 73 -14.19 5.05 -6.83
C ILE A 73 -14.14 5.88 -8.13
N THR A 74 -13.09 6.63 -8.35
CA THR A 74 -13.04 7.44 -9.58
C THR A 74 -11.64 7.95 -9.87
N ASP A 75 -10.63 7.25 -9.39
CA ASP A 75 -9.21 7.66 -9.67
C ASP A 75 -8.47 8.39 -8.52
N PRO A 76 -9.11 8.73 -7.41
CA PRO A 76 -8.42 9.40 -6.32
C PRO A 76 -7.78 8.32 -5.45
N PHE A 77 -7.72 8.54 -4.18
CA PHE A 77 -7.13 7.52 -3.27
C PHE A 77 -7.97 7.44 -1.98
N LYS A 78 -8.63 8.54 -1.61
CA LYS A 78 -9.47 8.58 -0.38
C LYS A 78 -10.35 7.33 -0.28
N HIS A 79 -10.57 6.63 -1.35
CA HIS A 79 -11.40 5.42 -1.23
C HIS A 79 -10.52 4.26 -0.76
N PHE A 80 -9.33 4.16 -1.30
CA PHE A 80 -8.43 3.08 -0.90
C PHE A 80 -8.14 3.23 0.60
N VAL A 81 -8.22 4.44 1.11
CA VAL A 81 -8.01 4.64 2.58
C VAL A 81 -9.28 4.17 3.26
N GLY A 82 -10.36 4.16 2.54
CA GLY A 82 -11.63 3.64 3.09
C GLY A 82 -11.41 2.14 3.30
N MET A 83 -10.46 1.58 2.56
CA MET A 83 -10.13 0.14 2.74
C MET A 83 -9.00 0.05 3.75
N LEU A 84 -8.86 1.08 4.53
CA LEU A 84 -7.80 1.12 5.56
C LEU A 84 -8.44 1.69 6.83
N PRO A 85 -9.09 0.84 7.59
CA PRO A 85 -9.76 1.26 8.83
C PRO A 85 -8.75 1.51 9.96
N GLU A 86 -9.19 1.52 11.18
CA GLU A 86 -8.24 1.76 12.29
C GLU A 86 -7.95 0.42 12.98
N LYS A 87 -8.78 -0.56 12.76
CA LYS A 87 -8.58 -1.88 13.40
C LYS A 87 -7.82 -2.81 12.45
N ASP A 88 -7.34 -2.27 11.37
CA ASP A 88 -6.57 -3.06 10.39
C ASP A 88 -5.63 -2.08 9.74
N CYS A 89 -4.36 -2.31 9.90
CA CYS A 89 -3.35 -1.40 9.31
C CYS A 89 -2.88 -2.07 8.05
N ARG A 90 -1.97 -2.97 8.18
CA ARG A 90 -1.59 -3.75 7.02
C ARG A 90 -0.94 -2.86 5.97
N TYR A 91 0.07 -3.35 5.30
CA TYR A 91 0.75 -2.51 4.28
C TYR A 91 -0.13 -2.43 3.04
N ALA A 92 0.26 -1.70 2.03
CA ALA A 92 -0.64 -1.65 0.86
C ALA A 92 -0.03 -0.99 -0.38
N LEU A 93 -0.06 -1.70 -1.47
CA LEU A 93 0.43 -1.16 -2.77
C LEU A 93 -0.76 -0.83 -3.64
N TYR A 94 -1.03 0.41 -3.84
CA TYR A 94 -2.20 0.78 -4.68
C TYR A 94 -1.75 1.37 -6.01
N ASP A 95 -2.21 0.82 -7.09
CA ASP A 95 -1.83 1.37 -8.42
C ASP A 95 -2.27 2.84 -8.47
N ALA A 96 -1.35 3.75 -8.37
CA ALA A 96 -1.72 5.20 -8.40
C ALA A 96 -1.74 5.73 -9.83
N SER A 97 -2.79 6.41 -10.21
CA SER A 97 -2.86 7.00 -11.57
C SER A 97 -2.88 8.51 -11.43
N PHE A 98 -1.74 9.12 -11.53
CA PHE A 98 -1.67 10.59 -11.35
C PHE A 98 -0.69 11.21 -12.34
N GLU A 99 -0.79 12.50 -12.54
CA GLU A 99 0.17 13.17 -13.45
C GLU A 99 1.26 13.80 -12.61
N THR A 100 2.36 14.07 -13.20
CA THR A 100 3.47 14.64 -12.42
C THR A 100 4.24 15.63 -13.30
N LYS A 101 5.38 16.15 -12.88
CA LYS A 101 6.11 17.00 -13.81
C LYS A 101 6.32 16.11 -15.04
N GLU A 102 6.30 14.81 -14.81
CA GLU A 102 6.44 13.83 -15.90
C GLU A 102 5.09 13.68 -16.61
N SER A 103 4.01 13.85 -15.86
CA SER A 103 2.62 13.75 -16.39
C SER A 103 2.01 12.41 -15.99
N ARG A 104 0.78 12.19 -16.39
CA ARG A 104 0.11 10.91 -16.08
C ARG A 104 1.09 9.79 -16.33
N LYS A 105 1.58 9.23 -15.29
CA LYS A 105 2.58 8.13 -15.45
C LYS A 105 2.32 7.03 -14.42
N GLU A 106 1.15 7.01 -13.87
CA GLU A 106 0.76 5.98 -12.88
C GLU A 106 1.93 5.47 -12.05
N GLU A 107 1.92 5.76 -10.78
CA GLU A 107 2.99 5.26 -9.88
C GLU A 107 2.41 4.87 -8.54
N LEU A 108 2.14 3.61 -8.38
CA LEU A 108 1.57 3.10 -7.11
C LEU A 108 2.46 3.50 -5.96
N MET A 109 2.06 3.18 -4.76
CA MET A 109 2.85 3.61 -3.59
C MET A 109 2.69 2.68 -2.41
N PHE A 110 3.76 2.50 -1.69
CA PHE A 110 3.73 1.62 -0.50
C PHE A 110 2.83 2.27 0.54
N PHE A 111 2.02 1.52 1.23
CA PHE A 111 1.18 2.19 2.26
C PHE A 111 1.39 1.55 3.62
N LEU A 112 1.94 2.28 4.56
CA LEU A 112 2.15 1.72 5.91
C LEU A 112 0.88 2.00 6.68
N TRP A 113 -0.22 1.57 6.15
CA TRP A 113 -1.50 1.81 6.86
C TRP A 113 -1.24 1.45 8.32
N ALA A 114 -1.10 2.42 9.16
CA ALA A 114 -0.81 2.13 10.59
C ALA A 114 -1.65 3.10 11.44
N PRO A 115 -2.85 2.70 11.79
CA PRO A 115 -3.77 3.56 12.55
C PRO A 115 -3.32 3.72 13.98
N GLU A 116 -3.52 4.88 14.51
CA GLU A 116 -3.10 5.19 15.89
C GLU A 116 -3.77 4.26 16.90
N LEU A 117 -4.76 3.51 16.47
CA LEU A 117 -5.48 2.62 17.43
C LEU A 117 -5.28 1.14 17.09
N ALA A 118 -4.91 0.82 15.89
CA ALA A 118 -4.72 -0.62 15.51
C ALA A 118 -4.09 -1.41 16.65
N PRO A 119 -4.10 -2.69 16.49
CA PRO A 119 -3.55 -3.62 17.49
C PRO A 119 -2.04 -3.49 17.58
N LEU A 120 -1.52 -3.53 18.78
CA LEU A 120 -0.06 -3.39 18.99
C LEU A 120 0.70 -4.31 18.04
N LYS A 121 0.05 -5.32 17.53
CA LYS A 121 0.73 -6.26 16.63
C LYS A 121 1.10 -5.63 15.30
N SER A 122 0.22 -4.95 14.63
CA SER A 122 0.61 -4.39 13.32
C SER A 122 1.40 -3.09 13.47
N LYS A 123 1.44 -2.53 14.64
CA LYS A 123 2.24 -1.29 14.82
C LYS A 123 3.66 -1.67 15.21
N MET A 124 3.80 -2.74 15.94
CA MET A 124 5.15 -3.20 16.36
C MET A 124 5.69 -4.17 15.33
N ILE A 125 4.83 -4.75 14.56
CA ILE A 125 5.26 -5.74 13.60
C ILE A 125 5.79 -5.08 12.36
N TYR A 126 4.98 -4.24 11.80
CA TYR A 126 5.34 -3.54 10.56
C TYR A 126 6.56 -2.69 10.86
N ALA A 127 6.70 -2.34 12.09
CA ALA A 127 7.86 -1.56 12.53
C ALA A 127 9.11 -2.29 12.01
N SER A 128 9.11 -3.59 12.12
CA SER A 128 10.26 -4.40 11.65
C SER A 128 9.88 -5.12 10.35
N SER A 129 8.66 -4.99 9.93
CA SER A 129 8.24 -5.68 8.66
C SER A 129 8.71 -4.85 7.49
N LYS A 130 8.85 -3.57 7.68
CA LYS A 130 9.34 -2.71 6.59
C LYS A 130 10.85 -2.85 6.59
N ASP A 131 11.21 -3.90 6.02
CA ASP A 131 12.61 -4.35 5.91
C ASP A 131 12.50 -5.70 5.25
N ALA A 132 11.49 -6.42 5.66
CA ALA A 132 11.19 -7.73 5.06
C ALA A 132 10.48 -7.44 3.75
N ILE A 133 9.42 -6.70 3.83
CA ILE A 133 8.68 -6.27 2.62
C ILE A 133 9.65 -5.54 1.74
N LYS A 134 10.50 -4.77 2.36
CA LYS A 134 11.51 -3.98 1.62
C LYS A 134 12.40 -4.94 0.81
N LYS A 135 12.69 -6.10 1.34
CA LYS A 135 13.54 -7.08 0.60
C LYS A 135 12.85 -7.46 -0.70
N LYS A 136 11.61 -7.15 -0.81
CA LYS A 136 10.84 -7.45 -2.04
C LYS A 136 10.12 -6.18 -2.50
N PHE A 137 10.23 -5.12 -1.73
CA PHE A 137 9.57 -3.85 -2.12
C PHE A 137 10.61 -2.96 -2.76
N GLN A 138 11.44 -3.60 -3.49
CA GLN A 138 12.53 -2.89 -4.22
C GLN A 138 11.95 -1.65 -4.88
N GLY A 139 11.06 -1.82 -5.81
CA GLY A 139 10.46 -0.65 -6.51
C GLY A 139 9.09 -0.34 -5.88
N ILE A 140 9.08 0.02 -4.62
CA ILE A 140 7.82 0.34 -3.94
C ILE A 140 7.16 1.49 -4.64
N LYS A 141 7.96 2.30 -5.27
CA LYS A 141 7.43 3.51 -5.96
C LYS A 141 7.27 4.56 -4.90
N HIS A 142 6.68 4.21 -3.81
CA HIS A 142 6.51 5.25 -2.76
C HIS A 142 6.37 4.73 -1.34
N GLU A 143 7.43 4.55 -0.64
CA GLU A 143 7.27 4.12 0.76
C GLU A 143 6.57 5.24 1.51
N CYS A 144 5.34 5.03 1.82
CA CYS A 144 4.54 6.07 2.54
C CYS A 144 4.01 5.50 3.86
N GLN A 145 3.60 6.36 4.75
CA GLN A 145 3.04 5.87 6.03
C GLN A 145 1.73 6.60 6.32
N ALA A 146 0.96 6.08 7.24
CA ALA A 146 -0.34 6.70 7.55
C ALA A 146 -0.44 7.10 9.02
N ASN A 147 -1.34 6.46 9.74
CA ASN A 147 -1.62 6.76 11.17
C ASN A 147 -2.77 7.74 11.15
N GLY A 148 -3.54 7.56 10.11
CA GLY A 148 -4.72 8.34 9.83
C GLY A 148 -4.99 8.00 8.38
N PRO A 149 -6.23 7.80 8.03
CA PRO A 149 -6.56 7.52 6.65
C PRO A 149 -6.28 8.82 5.88
N GLU A 150 -5.89 9.84 6.62
CA GLU A 150 -5.57 11.17 6.06
C GLU A 150 -4.07 11.29 5.93
N ASP A 151 -3.32 10.43 6.59
CA ASP A 151 -1.86 10.49 6.40
C ASP A 151 -1.62 9.92 5.00
N LEU A 152 -2.67 9.37 4.41
CA LEU A 152 -2.58 8.85 3.03
C LEU A 152 -3.29 9.84 2.11
N ASN A 153 -3.78 10.92 2.68
CA ASN A 153 -4.49 11.96 1.93
C ASN A 153 -3.86 12.12 0.58
N ARG A 154 -4.65 12.39 -0.39
CA ARG A 154 -4.13 12.56 -1.76
C ARG A 154 -3.28 13.84 -1.82
N ALA A 155 -3.65 14.85 -1.08
CA ALA A 155 -2.85 16.11 -1.07
C ALA A 155 -1.50 15.75 -0.47
N CYS A 156 -1.54 14.84 0.44
CA CYS A 156 -0.29 14.35 1.11
C CYS A 156 0.39 13.37 0.21
N ILE A 157 -0.35 12.69 -0.56
CA ILE A 157 0.24 11.77 -1.48
C ILE A 157 0.72 12.68 -2.60
N ALA A 158 0.17 13.85 -2.57
CA ALA A 158 0.53 14.95 -3.50
C ALA A 158 1.61 15.76 -2.79
N GLU A 159 2.28 15.09 -1.94
CA GLU A 159 3.40 15.64 -1.15
C GLU A 159 4.49 14.58 -1.22
N LYS A 160 4.09 13.34 -1.15
CA LYS A 160 5.02 12.23 -1.31
C LYS A 160 5.37 12.22 -2.79
N LEU A 161 4.44 12.73 -3.57
CA LEU A 161 4.64 12.87 -5.04
C LEU A 161 4.59 14.37 -5.32
N GLY A 162 3.64 15.05 -4.72
CA GLY A 162 3.49 16.51 -4.92
C GLY A 162 4.41 17.26 -3.99
N GLY A 163 5.20 16.54 -3.28
CA GLY A 163 6.18 17.18 -2.37
C GLY A 163 7.55 16.94 -3.00
N SER A 164 7.54 16.69 -4.27
CA SER A 164 8.79 16.42 -5.00
C SER A 164 8.67 16.98 -6.42
N LEU A 165 8.03 16.26 -7.32
CA LEU A 165 7.93 16.76 -8.73
C LEU A 165 6.75 16.17 -9.50
N ILE A 166 5.53 16.45 -9.16
CA ILE A 166 4.45 15.92 -10.00
C ILE A 166 3.72 17.07 -10.70
N VAL A 167 2.43 16.97 -10.86
CA VAL A 167 1.67 18.03 -11.56
C VAL A 167 0.21 17.92 -11.15
N ALA A 168 -0.23 16.73 -10.82
CA ALA A 168 -1.61 16.50 -10.38
C ALA A 168 -1.55 15.81 -9.04
N PHE A 169 -2.53 16.03 -8.22
CA PHE A 169 -2.54 15.53 -6.82
C PHE A 169 -1.91 16.68 -6.06
N GLU A 170 -0.88 17.20 -6.66
CA GLU A 170 -0.16 18.37 -6.15
C GLU A 170 -0.55 19.55 -7.04
N GLY A 171 -1.07 19.29 -8.23
CA GLY A 171 -1.42 20.43 -9.12
C GLY A 171 -2.88 20.40 -9.63
N CYS A 172 -3.20 19.55 -10.58
CA CYS A 172 -4.60 19.58 -11.16
C CYS A 172 -5.68 19.30 -10.10
N PRO A 173 -5.81 18.08 -9.67
CA PRO A 173 -6.83 17.70 -8.67
C PRO A 173 -6.47 18.31 -7.31
N VAL A 174 -5.21 18.35 -6.98
CA VAL A 174 -4.83 18.95 -5.67
C VAL A 174 -3.40 19.47 -5.73
N THR A 1 0.03 -24.05 35.93
CA THR A 1 -0.36 -22.96 36.88
C THR A 1 -0.61 -21.67 36.08
N MET A 2 -1.61 -21.66 35.25
CA MET A 2 -1.91 -20.45 34.45
C MET A 2 -0.71 -20.11 33.56
N ILE A 3 -0.67 -20.65 32.37
CA ILE A 3 0.47 -20.36 31.46
C ILE A 3 -0.03 -19.53 30.28
N THR A 4 0.74 -18.60 29.82
CA THR A 4 0.29 -17.74 28.67
C THR A 4 1.52 -17.13 27.97
N PRO A 5 1.58 -17.28 26.68
CA PRO A 5 2.67 -16.75 25.85
C PRO A 5 2.46 -15.26 25.58
N SER A 6 3.48 -14.57 25.14
CA SER A 6 3.33 -13.11 24.86
C SER A 6 2.06 -12.88 24.03
N SER A 7 2.10 -13.23 22.78
CA SER A 7 0.90 -13.02 21.91
C SER A 7 1.21 -13.55 20.51
N GLY A 8 2.43 -13.43 20.08
CA GLY A 8 2.79 -13.92 18.71
C GLY A 8 3.56 -12.83 17.98
N ASN A 9 4.02 -13.10 16.79
CA ASN A 9 4.78 -12.07 16.02
C ASN A 9 5.71 -11.31 16.96
N SER A 10 6.15 -11.93 18.02
CA SER A 10 7.05 -11.25 18.98
C SER A 10 8.32 -10.78 18.27
N ALA A 11 8.95 -9.76 18.79
CA ALA A 11 10.21 -9.26 18.17
C ALA A 11 10.02 -9.05 16.66
N SER A 12 8.83 -8.75 16.23
CA SER A 12 8.62 -8.55 14.76
C SER A 12 9.22 -9.74 14.00
N GLY A 13 8.41 -10.68 13.61
CA GLY A 13 8.96 -11.86 12.89
C GLY A 13 8.31 -12.00 11.52
N VAL A 14 7.19 -11.37 11.29
CA VAL A 14 6.52 -11.50 9.97
C VAL A 14 7.56 -11.47 8.88
N GLN A 15 7.27 -12.08 7.76
CA GLN A 15 8.29 -12.13 6.70
C GLN A 15 7.72 -11.92 5.30
N VAL A 16 6.86 -10.97 5.09
CA VAL A 16 6.33 -10.75 3.72
C VAL A 16 5.85 -12.06 3.14
N ALA A 17 4.58 -12.09 2.96
CA ALA A 17 3.91 -13.26 2.39
C ALA A 17 4.64 -13.72 1.13
N ASP A 18 5.38 -12.81 0.53
CA ASP A 18 6.08 -13.07 -0.76
C ASP A 18 5.14 -12.54 -1.82
N GLU A 19 3.87 -12.58 -1.53
CA GLU A 19 2.89 -12.04 -2.44
C GLU A 19 3.24 -10.54 -2.56
N VAL A 20 4.05 -10.03 -1.64
CA VAL A 20 4.48 -8.59 -1.72
C VAL A 20 5.26 -8.37 -3.01
N CYS A 21 6.10 -9.30 -3.39
CA CYS A 21 6.87 -9.09 -4.65
C CYS A 21 5.90 -9.16 -5.83
N ARG A 22 4.68 -9.54 -5.57
CA ARG A 22 3.67 -9.61 -6.66
C ARG A 22 2.62 -8.54 -6.37
N ILE A 23 2.64 -7.99 -5.19
CA ILE A 23 1.68 -6.92 -4.87
C ILE A 23 2.18 -5.66 -5.55
N PHE A 24 3.45 -5.43 -5.46
CA PHE A 24 4.03 -4.26 -6.15
C PHE A 24 3.90 -4.57 -7.64
N TYR A 25 4.13 -5.82 -7.99
CA TYR A 25 3.95 -6.29 -9.40
C TYR A 25 2.53 -6.00 -9.87
N ASP A 26 1.62 -5.85 -8.95
CA ASP A 26 0.19 -5.64 -9.35
C ASP A 26 0.04 -4.29 -10.05
N MET A 27 0.98 -3.44 -9.81
CA MET A 27 0.95 -2.09 -10.39
C MET A 27 1.92 -1.99 -11.57
N LYS A 28 3.05 -1.31 -11.39
CA LYS A 28 4.07 -1.17 -12.45
C LYS A 28 3.83 0.09 -13.26
N VAL A 29 2.80 0.11 -14.06
CA VAL A 29 2.52 1.29 -14.89
C VAL A 29 1.06 1.26 -15.36
N ARG A 30 0.12 1.00 -14.49
CA ARG A 30 -1.28 0.93 -14.97
C ARG A 30 -1.29 -0.01 -16.18
N LYS A 31 -0.32 -0.90 -16.23
CA LYS A 31 -0.20 -1.83 -17.38
C LYS A 31 -1.39 -2.77 -17.43
N CYS A 32 -2.06 -2.83 -18.54
CA CYS A 32 -3.22 -3.76 -18.66
C CYS A 32 -3.34 -4.25 -20.10
N SER A 33 -2.93 -5.47 -20.38
CA SER A 33 -3.07 -6.03 -21.77
C SER A 33 -4.34 -5.46 -22.30
N THR A 34 -5.34 -5.77 -21.56
CA THR A 34 -6.69 -5.28 -21.78
C THR A 34 -7.21 -5.19 -20.34
N PRO A 35 -7.38 -4.01 -19.87
CA PRO A 35 -7.75 -3.76 -18.46
C PRO A 35 -9.10 -4.40 -18.16
N GLU A 36 -9.77 -4.88 -19.16
CA GLU A 36 -11.05 -5.58 -18.91
C GLU A 36 -10.77 -6.64 -17.84
N GLU A 37 -9.52 -6.96 -17.59
CA GLU A 37 -9.17 -7.94 -16.59
C GLU A 37 -8.09 -7.33 -15.73
N ILE A 38 -7.18 -6.62 -16.34
CA ILE A 38 -6.10 -6.01 -15.52
C ILE A 38 -6.35 -4.58 -15.27
N LYS A 39 -7.46 -4.52 -14.70
CA LYS A 39 -8.14 -3.33 -14.20
C LYS A 39 -9.17 -3.84 -13.20
N LYS A 40 -9.66 -5.04 -13.44
CA LYS A 40 -10.63 -5.67 -12.50
C LYS A 40 -10.02 -6.98 -11.99
N ARG A 41 -8.74 -7.18 -12.20
CA ARG A 41 -8.10 -8.46 -11.71
C ARG A 41 -7.57 -8.28 -10.30
N LYS A 42 -7.88 -7.18 -9.70
CA LYS A 42 -7.37 -6.91 -8.33
C LYS A 42 -5.86 -6.78 -8.37
N LYS A 43 -5.38 -5.66 -7.95
CA LYS A 43 -3.93 -5.43 -7.94
C LYS A 43 -3.65 -4.51 -6.77
N ALA A 44 -4.34 -3.39 -6.70
CA ALA A 44 -4.21 -2.50 -5.55
C ALA A 44 -4.42 -3.39 -4.38
N VAL A 45 -3.82 -3.09 -3.31
CA VAL A 45 -3.97 -4.02 -2.17
C VAL A 45 -3.42 -3.50 -0.86
N ILE A 46 -3.89 -4.11 0.19
CA ILE A 46 -3.38 -3.83 1.52
C ILE A 46 -2.99 -5.18 2.10
N PHE A 47 -2.25 -5.22 3.16
CA PHE A 47 -1.88 -6.53 3.74
C PHE A 47 -1.75 -6.34 5.26
N CYS A 48 -1.24 -7.31 5.97
CA CYS A 48 -1.12 -7.11 7.44
C CYS A 48 -0.30 -8.23 8.06
N LEU A 49 -0.88 -9.39 8.19
CA LEU A 49 -0.15 -10.56 8.81
C LEU A 49 -0.91 -11.86 8.59
N SER A 50 -0.24 -12.84 8.04
CA SER A 50 -0.88 -14.15 7.76
C SER A 50 -1.71 -14.60 8.95
N ALA A 51 -2.43 -15.70 8.80
CA ALA A 51 -3.24 -16.20 9.94
C ALA A 51 -2.25 -16.67 11.00
N ASP A 52 -2.51 -16.38 12.25
CA ASP A 52 -1.54 -16.78 13.32
C ASP A 52 -0.43 -15.71 13.40
N LYS A 53 -0.40 -14.82 12.43
CA LYS A 53 0.59 -13.71 12.40
C LYS A 53 1.89 -14.17 11.76
N LYS A 54 2.33 -13.42 10.76
CA LYS A 54 3.56 -13.72 10.02
C LYS A 54 3.34 -13.39 8.55
N CYS A 55 4.22 -12.63 8.00
CA CYS A 55 4.15 -12.23 6.56
C CYS A 55 3.24 -11.04 6.41
N ILE A 56 3.59 -10.13 5.56
CA ILE A 56 2.72 -8.97 5.32
C ILE A 56 1.28 -9.53 5.16
N ILE A 57 1.04 -10.31 4.15
CA ILE A 57 -0.28 -10.99 3.97
C ILE A 57 -1.45 -10.08 3.64
N VAL A 58 -2.35 -10.64 2.91
CA VAL A 58 -3.64 -9.96 2.64
C VAL A 58 -4.60 -10.62 3.64
N GLU A 59 -5.08 -9.95 4.64
CA GLU A 59 -5.93 -10.68 5.66
C GLU A 59 -7.26 -10.02 5.89
N GLU A 60 -8.07 -9.94 4.89
CA GLU A 60 -9.40 -9.30 5.06
C GLU A 60 -10.03 -9.02 3.69
N GLY A 61 -9.19 -8.97 2.71
CA GLY A 61 -9.61 -8.66 1.32
C GLY A 61 -8.62 -7.61 0.87
N LYS A 62 -8.72 -6.45 1.46
CA LYS A 62 -7.74 -5.39 1.19
C LYS A 62 -7.40 -5.30 -0.28
N GLU A 63 -7.97 -4.36 -0.99
CA GLU A 63 -7.60 -4.25 -2.42
C GLU A 63 -8.51 -3.33 -3.22
N ILE A 64 -7.89 -2.56 -4.06
CA ILE A 64 -8.63 -1.74 -5.00
C ILE A 64 -8.48 -2.50 -6.32
N LEU A 65 -8.96 -2.03 -7.41
CA LEU A 65 -8.82 -2.82 -8.65
C LEU A 65 -7.93 -2.12 -9.66
N VAL A 66 -7.55 -0.89 -9.42
CA VAL A 66 -6.71 -0.13 -10.38
C VAL A 66 -7.63 0.33 -11.51
N GLY A 67 -8.37 -0.56 -12.10
CA GLY A 67 -9.33 -0.16 -13.17
C GLY A 67 -10.58 0.35 -12.47
N ASP A 68 -10.91 -0.22 -11.32
CA ASP A 68 -12.10 0.28 -10.58
C ASP A 68 -12.01 1.79 -10.58
N VAL A 69 -10.89 2.29 -10.09
CA VAL A 69 -10.66 3.75 -10.06
C VAL A 69 -11.42 4.44 -11.19
N GLY A 70 -12.61 4.90 -10.89
CA GLY A 70 -13.46 5.58 -11.91
C GLY A 70 -14.89 5.01 -11.83
N VAL A 71 -15.07 4.02 -11.01
CA VAL A 71 -16.41 3.41 -10.82
C VAL A 71 -16.84 3.81 -9.42
N THR A 72 -16.56 2.98 -8.45
CA THR A 72 -16.87 3.36 -7.07
C THR A 72 -15.77 4.35 -6.67
N ILE A 73 -14.74 4.44 -7.48
CA ILE A 73 -13.63 5.37 -7.18
C ILE A 73 -13.47 6.37 -8.33
N THR A 74 -12.45 7.19 -8.33
CA THR A 74 -12.31 8.18 -9.43
C THR A 74 -10.88 8.69 -9.56
N ASP A 75 -9.90 7.90 -9.18
CA ASP A 75 -8.46 8.34 -9.33
C ASP A 75 -7.80 8.93 -8.07
N PRO A 76 -8.53 9.30 -7.05
CA PRO A 76 -7.92 9.86 -5.83
C PRO A 76 -7.30 8.70 -5.04
N PHE A 77 -7.71 8.47 -3.82
CA PHE A 77 -7.13 7.34 -3.06
C PHE A 77 -7.96 7.07 -1.79
N LYS A 78 -8.55 8.11 -1.24
CA LYS A 78 -9.36 7.95 0.01
C LYS A 78 -10.26 6.72 -0.12
N HIS A 79 -10.77 6.43 -1.28
CA HIS A 79 -11.62 5.23 -1.37
C HIS A 79 -10.82 4.05 -0.82
N PHE A 80 -9.65 3.83 -1.36
CA PHE A 80 -8.80 2.72 -0.91
C PHE A 80 -8.55 2.85 0.60
N VAL A 81 -8.59 4.05 1.14
CA VAL A 81 -8.38 4.20 2.60
C VAL A 81 -9.57 3.55 3.30
N GLY A 82 -10.70 3.66 2.70
CA GLY A 82 -11.91 3.01 3.26
C GLY A 82 -11.55 1.54 3.41
N MET A 83 -10.81 1.03 2.46
CA MET A 83 -10.34 -0.38 2.55
C MET A 83 -9.43 -0.44 3.77
N LEU A 84 -8.66 0.59 3.98
CA LEU A 84 -7.79 0.65 5.19
C LEU A 84 -8.68 0.93 6.41
N PRO A 85 -8.86 -0.03 7.28
CA PRO A 85 -9.69 0.16 8.47
C PRO A 85 -8.84 0.81 9.56
N GLU A 86 -9.20 0.66 10.78
CA GLU A 86 -8.38 1.28 11.87
C GLU A 86 -7.96 0.20 12.84
N LYS A 87 -8.33 -0.99 12.55
CA LYS A 87 -8.03 -2.14 13.44
C LYS A 87 -7.18 -3.19 12.74
N ASP A 88 -6.66 -2.94 11.58
CA ASP A 88 -5.85 -4.02 10.95
C ASP A 88 -5.44 -3.65 9.53
N CYS A 89 -4.16 -3.76 9.26
CA CYS A 89 -3.57 -3.49 7.90
C CYS A 89 -2.54 -2.39 7.99
N ARG A 90 -1.45 -2.53 7.29
CA ARG A 90 -0.41 -1.48 7.33
C ARG A 90 0.32 -1.40 5.99
N TYR A 91 0.55 -2.47 5.29
CA TYR A 91 1.29 -2.32 4.01
C TYR A 91 0.33 -2.52 2.83
N ALA A 92 0.33 -1.63 1.87
CA ALA A 92 -0.65 -1.76 0.75
C ALA A 92 -0.09 -1.18 -0.54
N LEU A 93 -0.16 -1.94 -1.59
CA LEU A 93 0.31 -1.41 -2.90
C LEU A 93 -0.88 -1.15 -3.79
N TYR A 94 -1.18 0.09 -3.96
CA TYR A 94 -2.36 0.48 -4.78
C TYR A 94 -1.91 1.07 -6.11
N ASP A 95 -2.26 0.44 -7.18
CA ASP A 95 -1.88 1.00 -8.51
C ASP A 95 -2.33 2.47 -8.55
N ALA A 96 -1.45 3.38 -8.26
CA ALA A 96 -1.84 4.83 -8.26
C ALA A 96 -2.22 5.28 -9.67
N SER A 97 -2.43 6.56 -9.82
CA SER A 97 -2.78 7.10 -11.16
C SER A 97 -2.95 8.62 -11.05
N PHE A 98 -1.91 9.32 -11.34
CA PHE A 98 -1.92 10.80 -11.24
C PHE A 98 -1.14 11.42 -12.41
N GLU A 99 -0.84 12.68 -12.32
CA GLU A 99 -0.03 13.34 -13.38
C GLU A 99 1.15 13.97 -12.71
N THR A 100 2.20 14.15 -13.42
CA THR A 100 3.39 14.73 -12.78
C THR A 100 4.06 15.74 -13.72
N LYS A 101 5.21 16.26 -13.36
CA LYS A 101 5.88 17.14 -14.34
C LYS A 101 5.99 16.29 -15.61
N GLU A 102 5.97 14.98 -15.43
CA GLU A 102 6.01 14.04 -16.57
C GLU A 102 4.60 13.93 -17.15
N SER A 103 3.61 14.03 -16.26
CA SER A 103 2.17 13.99 -16.64
C SER A 103 1.55 12.65 -16.25
N ARG A 104 0.35 12.44 -16.71
CA ARG A 104 -0.38 11.18 -16.41
C ARG A 104 0.57 10.01 -16.53
N LYS A 105 1.06 9.61 -15.42
CA LYS A 105 1.98 8.46 -15.32
C LYS A 105 1.95 8.06 -13.86
N GLU A 106 1.20 7.06 -13.57
CA GLU A 106 1.05 6.67 -12.17
C GLU A 106 2.25 5.98 -11.62
N GLU A 107 2.14 5.73 -10.38
CA GLU A 107 3.20 5.04 -9.62
C GLU A 107 2.59 4.57 -8.32
N LEU A 108 2.30 3.32 -8.23
CA LEU A 108 1.70 2.78 -6.99
C LEU A 108 2.51 3.27 -5.81
N MET A 109 2.06 3.01 -4.62
CA MET A 109 2.81 3.58 -3.49
C MET A 109 2.73 2.71 -2.25
N PHE A 110 3.86 2.32 -1.73
CA PHE A 110 3.85 1.52 -0.51
C PHE A 110 2.98 2.22 0.51
N PHE A 111 1.97 1.58 0.99
CA PHE A 111 1.13 2.27 1.98
C PHE A 111 1.36 1.61 3.33
N LEU A 112 1.99 2.31 4.24
CA LEU A 112 2.26 1.75 5.59
C LEU A 112 1.03 2.03 6.43
N TRP A 113 -0.10 1.80 5.84
CA TRP A 113 -1.42 2.03 6.47
C TRP A 113 -1.40 1.91 7.99
N ALA A 114 -0.91 2.89 8.68
CA ALA A 114 -0.95 2.84 10.15
C ALA A 114 -2.29 3.47 10.55
N PRO A 115 -3.12 2.72 11.20
CA PRO A 115 -4.45 3.20 11.61
C PRO A 115 -4.36 3.88 12.96
N GLU A 116 -3.18 3.96 13.48
CA GLU A 116 -2.97 4.58 14.82
C GLU A 116 -3.44 3.61 15.92
N LEU A 117 -4.42 2.79 15.65
CA LEU A 117 -4.91 1.86 16.69
C LEU A 117 -4.47 0.42 16.34
N ALA A 118 -4.84 -0.08 15.19
CA ALA A 118 -4.47 -1.47 14.73
C ALA A 118 -4.19 -2.44 15.90
N PRO A 119 -3.86 -3.65 15.55
CA PRO A 119 -3.51 -4.68 16.53
C PRO A 119 -2.04 -4.48 16.93
N LEU A 120 -1.68 -4.80 18.15
CA LEU A 120 -0.26 -4.60 18.56
C LEU A 120 0.70 -5.35 17.63
N LYS A 121 0.21 -6.34 16.95
CA LYS A 121 1.08 -7.16 16.05
C LYS A 121 1.46 -6.42 14.75
N SER A 122 0.78 -5.39 14.40
CA SER A 122 1.14 -4.69 13.12
C SER A 122 1.73 -3.31 13.43
N LYS A 123 1.96 -3.03 14.68
CA LYS A 123 2.52 -1.71 15.06
C LYS A 123 3.86 -1.96 15.74
N MET A 124 3.93 -3.02 16.49
CA MET A 124 5.18 -3.39 17.19
C MET A 124 6.04 -4.19 16.24
N ILE A 125 5.39 -4.88 15.37
CA ILE A 125 6.07 -5.77 14.45
C ILE A 125 6.46 -5.07 13.17
N TYR A 126 5.49 -4.55 12.50
CA TYR A 126 5.72 -3.86 11.21
C TYR A 126 6.81 -2.84 11.43
N ALA A 127 6.88 -2.37 12.63
CA ALA A 127 7.90 -1.39 13.02
C ALA A 127 9.26 -1.83 12.49
N SER A 128 9.60 -3.07 12.70
CA SER A 128 10.92 -3.58 12.21
C SER A 128 10.69 -4.69 11.17
N SER A 129 9.45 -4.93 10.84
CA SER A 129 9.15 -6.01 9.85
C SER A 129 8.90 -5.44 8.45
N LYS A 130 8.66 -4.17 8.34
CA LYS A 130 8.39 -3.55 7.04
C LYS A 130 9.68 -3.47 6.21
N ASP A 131 10.76 -3.86 6.79
CA ASP A 131 12.04 -3.92 6.07
C ASP A 131 11.96 -5.17 5.23
N ALA A 132 11.27 -6.13 5.77
CA ALA A 132 11.06 -7.42 5.10
C ALA A 132 10.23 -7.15 3.85
N ILE A 133 9.06 -6.60 4.01
CA ILE A 133 8.23 -6.28 2.83
C ILE A 133 9.07 -5.42 1.94
N LYS A 134 9.84 -4.56 2.55
CA LYS A 134 10.72 -3.62 1.79
C LYS A 134 11.68 -4.40 0.89
N LYS A 135 12.17 -5.52 1.33
CA LYS A 135 13.13 -6.29 0.49
C LYS A 135 12.41 -6.83 -0.76
N LYS A 136 11.11 -6.93 -0.69
CA LYS A 136 10.32 -7.37 -1.88
C LYS A 136 9.63 -6.13 -2.41
N PHE A 137 9.66 -5.09 -1.62
CA PHE A 137 9.02 -3.82 -2.03
C PHE A 137 10.08 -2.94 -2.64
N GLN A 138 10.86 -3.57 -3.43
CA GLN A 138 11.95 -2.85 -4.16
C GLN A 138 11.29 -1.97 -5.21
N GLY A 139 10.24 -2.46 -5.83
CA GLY A 139 9.51 -1.66 -6.84
C GLY A 139 8.29 -1.06 -6.15
N ILE A 140 8.50 -0.40 -5.04
CA ILE A 140 7.39 0.20 -4.28
C ILE A 140 6.98 1.49 -4.93
N LYS A 141 7.90 2.19 -5.49
CA LYS A 141 7.60 3.49 -6.11
C LYS A 141 7.45 4.52 -5.01
N HIS A 142 6.79 4.17 -3.94
CA HIS A 142 6.61 5.20 -2.89
C HIS A 142 6.48 4.62 -1.48
N GLU A 143 7.38 4.95 -0.61
CA GLU A 143 7.20 4.47 0.78
C GLU A 143 6.47 5.58 1.53
N CYS A 144 5.24 5.35 1.79
CA CYS A 144 4.42 6.40 2.47
C CYS A 144 3.79 5.89 3.77
N GLN A 145 4.20 6.38 4.91
CA GLN A 145 3.57 5.92 6.17
C GLN A 145 2.36 6.78 6.51
N ALA A 146 1.35 6.17 7.07
CA ALA A 146 0.13 6.91 7.44
C ALA A 146 0.06 7.09 8.96
N ASN A 147 -0.79 6.33 9.58
CA ASN A 147 -1.01 6.39 11.07
C ASN A 147 -2.29 7.19 11.26
N GLY A 148 -3.03 7.26 10.19
CA GLY A 148 -4.33 7.96 10.13
C GLY A 148 -4.71 7.76 8.68
N PRO A 149 -5.94 7.54 8.40
CA PRO A 149 -6.38 7.33 7.03
C PRO A 149 -6.23 8.65 6.28
N GLU A 150 -5.74 9.66 6.97
CA GLU A 150 -5.54 10.99 6.38
C GLU A 150 -4.05 11.18 6.05
N ASP A 151 -3.15 10.37 6.58
CA ASP A 151 -1.73 10.58 6.22
C ASP A 151 -1.55 10.01 4.80
N LEU A 152 -2.53 9.28 4.36
CA LEU A 152 -2.51 8.73 2.99
C LEU A 152 -3.21 9.76 2.11
N ASN A 153 -3.62 10.85 2.71
CA ASN A 153 -4.33 11.92 2.01
C ASN A 153 -3.78 12.07 0.63
N ARG A 154 -4.63 12.31 -0.28
CA ARG A 154 -4.19 12.49 -1.69
C ARG A 154 -3.40 13.78 -1.81
N ALA A 155 -3.74 14.77 -1.04
CA ALA A 155 -2.99 16.05 -1.07
C ALA A 155 -1.59 15.74 -0.58
N CYS A 156 -1.52 14.83 0.35
CA CYS A 156 -0.22 14.42 0.93
C CYS A 156 0.45 13.44 0.03
N ILE A 157 -0.32 12.67 -0.66
CA ILE A 157 0.23 11.75 -1.59
C ILE A 157 0.65 12.62 -2.76
N ALA A 158 0.06 13.79 -2.75
CA ALA A 158 0.34 14.86 -3.75
C ALA A 158 1.45 15.71 -3.16
N GLU A 159 2.16 15.12 -2.27
CA GLU A 159 3.28 15.75 -1.57
C GLU A 159 4.40 14.71 -1.55
N LYS A 160 4.02 13.47 -1.45
CA LYS A 160 4.97 12.39 -1.51
C LYS A 160 5.32 12.28 -3.00
N LEU A 161 4.39 12.71 -3.82
CA LEU A 161 4.61 12.78 -5.29
C LEU A 161 4.57 14.26 -5.64
N GLY A 162 3.66 14.98 -5.02
CA GLY A 162 3.50 16.44 -5.28
C GLY A 162 4.46 17.22 -4.40
N GLY A 163 5.27 16.53 -3.70
CA GLY A 163 6.28 17.21 -2.85
C GLY A 163 7.63 16.93 -3.49
N SER A 164 7.59 16.65 -4.77
CA SER A 164 8.84 16.36 -5.51
C SER A 164 8.72 16.91 -6.94
N LEU A 165 8.05 16.22 -7.82
CA LEU A 165 7.95 16.73 -9.23
C LEU A 165 6.73 16.20 -9.98
N ILE A 166 5.53 16.45 -9.55
CA ILE A 166 4.41 15.95 -10.38
C ILE A 166 3.66 17.14 -10.98
N VAL A 167 2.37 17.03 -11.14
CA VAL A 167 1.60 18.13 -11.77
C VAL A 167 0.14 18.03 -11.36
N ALA A 168 -0.30 16.85 -11.02
CA ALA A 168 -1.69 16.64 -10.57
C ALA A 168 -1.62 15.91 -9.25
N PHE A 169 -2.57 16.17 -8.40
CA PHE A 169 -2.56 15.65 -7.03
C PHE A 169 -1.88 16.77 -6.27
N GLU A 170 -0.83 17.20 -6.86
CA GLU A 170 -0.05 18.36 -6.38
C GLU A 170 -0.50 19.57 -7.20
N GLY A 171 -1.07 19.33 -8.38
CA GLY A 171 -1.48 20.48 -9.23
C GLY A 171 -2.96 20.45 -9.67
N CYS A 172 -3.29 19.66 -10.66
CA CYS A 172 -4.71 19.67 -11.17
C CYS A 172 -5.76 19.35 -10.08
N PRO A 173 -5.87 18.10 -9.70
CA PRO A 173 -6.85 17.68 -8.67
C PRO A 173 -6.49 18.25 -7.30
N VAL A 174 -5.21 18.30 -6.97
CA VAL A 174 -4.84 18.88 -5.65
C VAL A 174 -3.45 19.50 -5.75
N THR A 1 13.59 -33.75 18.38
CA THR A 1 12.30 -33.17 17.91
C THR A 1 11.89 -32.02 18.85
N MET A 2 12.65 -31.78 19.87
CA MET A 2 12.28 -30.68 20.82
C MET A 2 12.93 -29.38 20.36
N ILE A 3 12.84 -29.07 19.09
CA ILE A 3 13.45 -27.80 18.58
C ILE A 3 12.83 -27.41 17.23
N THR A 4 12.51 -26.16 17.08
CA THR A 4 11.90 -25.66 15.81
C THR A 4 11.64 -24.16 15.96
N PRO A 5 12.52 -23.37 15.40
CA PRO A 5 12.43 -21.90 15.48
C PRO A 5 11.35 -21.36 14.54
N SER A 6 10.15 -21.23 15.03
CA SER A 6 9.06 -20.67 14.18
C SER A 6 8.91 -19.18 14.51
N SER A 7 10.01 -18.47 14.53
CA SER A 7 9.95 -17.02 14.86
C SER A 7 9.51 -16.22 13.65
N GLY A 8 9.39 -14.93 13.80
CA GLY A 8 8.95 -14.07 12.66
C GLY A 8 8.38 -12.76 13.24
N ASN A 9 7.09 -12.57 13.13
CA ASN A 9 6.49 -11.33 13.67
C ASN A 9 6.59 -11.35 15.20
N SER A 10 6.82 -12.51 15.76
CA SER A 10 6.94 -12.61 17.24
C SER A 10 7.79 -11.44 17.76
N ALA A 11 8.92 -11.22 17.15
CA ALA A 11 9.79 -10.09 17.59
C ALA A 11 9.93 -9.13 16.41
N SER A 12 8.83 -8.66 15.89
CA SER A 12 8.87 -7.73 14.73
C SER A 12 9.81 -8.30 13.67
N GLY A 13 9.24 -8.90 12.65
CA GLY A 13 10.08 -9.46 11.55
C GLY A 13 9.15 -10.15 10.54
N VAL A 14 8.19 -9.44 10.01
CA VAL A 14 7.27 -10.08 9.03
C VAL A 14 8.05 -10.88 8.02
N GLN A 15 7.46 -11.90 7.49
CA GLN A 15 8.20 -12.72 6.51
C GLN A 15 7.64 -12.51 5.12
N VAL A 16 6.81 -11.53 4.97
CA VAL A 16 6.25 -11.25 3.62
C VAL A 16 5.64 -12.52 3.04
N ALA A 17 4.82 -12.36 2.08
CA ALA A 17 4.11 -13.51 1.49
C ALA A 17 4.74 -13.90 0.15
N ASP A 18 5.56 -13.04 -0.38
CA ASP A 18 6.18 -13.30 -1.71
C ASP A 18 5.17 -12.87 -2.77
N GLU A 19 3.92 -12.88 -2.42
CA GLU A 19 2.88 -12.41 -3.35
C GLU A 19 3.10 -10.91 -3.48
N VAL A 20 3.91 -10.35 -2.59
CA VAL A 20 4.19 -8.90 -2.65
C VAL A 20 5.10 -8.64 -3.81
N CYS A 21 5.83 -9.63 -4.19
CA CYS A 21 6.69 -9.43 -5.38
C CYS A 21 5.76 -9.27 -6.60
N ARG A 22 4.46 -9.40 -6.40
CA ARG A 22 3.51 -9.20 -7.52
C ARG A 22 2.65 -8.01 -7.16
N ILE A 23 2.75 -7.53 -5.96
CA ILE A 23 1.94 -6.35 -5.60
C ILE A 23 2.72 -5.13 -6.05
N PHE A 24 3.90 -4.99 -5.53
CA PHE A 24 4.78 -3.87 -5.93
C PHE A 24 4.96 -4.01 -7.44
N TYR A 25 4.74 -5.20 -7.91
CA TYR A 25 4.90 -5.53 -9.33
C TYR A 25 3.55 -5.55 -10.04
N ASP A 26 2.47 -5.63 -9.31
CA ASP A 26 1.14 -5.73 -9.98
C ASP A 26 0.85 -4.35 -10.55
N MET A 27 1.58 -3.42 -10.04
CA MET A 27 1.45 -2.00 -10.43
C MET A 27 2.83 -1.47 -10.84
N LYS A 28 2.88 -0.34 -11.48
CA LYS A 28 4.19 0.23 -11.91
C LYS A 28 3.93 1.35 -12.91
N VAL A 29 3.64 1.00 -14.13
CA VAL A 29 3.36 2.01 -15.17
C VAL A 29 2.18 1.50 -16.00
N ARG A 30 2.35 1.27 -17.27
CA ARG A 30 1.21 0.74 -18.08
C ARG A 30 1.47 -0.73 -18.38
N LYS A 31 2.32 -1.36 -17.60
CA LYS A 31 2.62 -2.80 -17.84
C LYS A 31 1.31 -3.56 -18.05
N CYS A 32 0.24 -3.04 -17.52
CA CYS A 32 -1.09 -3.72 -17.70
C CYS A 32 -1.19 -4.23 -19.13
N SER A 33 -1.16 -5.55 -19.31
CA SER A 33 -1.31 -6.13 -20.68
C SER A 33 -2.09 -5.12 -21.48
N THR A 34 -3.25 -4.99 -21.00
CA THR A 34 -4.21 -3.99 -21.43
C THR A 34 -4.88 -3.64 -20.10
N PRO A 35 -4.75 -2.42 -19.69
CA PRO A 35 -5.22 -2.00 -18.37
C PRO A 35 -6.74 -1.96 -18.32
N GLU A 36 -7.37 -2.24 -19.42
CA GLU A 36 -8.84 -2.23 -19.48
C GLU A 36 -9.35 -3.59 -18.97
N GLU A 37 -8.47 -4.52 -18.83
CA GLU A 37 -8.86 -5.86 -18.30
C GLU A 37 -8.11 -5.98 -17.02
N ILE A 38 -6.92 -5.52 -17.07
CA ILE A 38 -6.03 -5.40 -15.93
C ILE A 38 -6.78 -4.66 -14.85
N LYS A 39 -7.53 -3.70 -15.26
CA LYS A 39 -8.34 -2.88 -14.34
C LYS A 39 -9.05 -3.80 -13.38
N LYS A 40 -9.37 -4.94 -13.86
CA LYS A 40 -10.06 -5.96 -13.03
C LYS A 40 -9.13 -7.16 -12.88
N ARG A 41 -7.89 -6.91 -12.57
CA ARG A 41 -6.91 -8.02 -12.41
C ARG A 41 -6.40 -8.06 -10.97
N LYS A 42 -6.94 -7.24 -10.15
CA LYS A 42 -6.48 -7.19 -8.73
C LYS A 42 -5.03 -6.74 -8.73
N LYS A 43 -4.82 -5.46 -8.59
CA LYS A 43 -3.45 -4.93 -8.60
C LYS A 43 -3.31 -4.03 -7.38
N ALA A 44 -4.23 -3.13 -7.18
CA ALA A 44 -4.17 -2.27 -6.00
C ALA A 44 -4.49 -3.20 -4.88
N VAL A 45 -3.97 -2.95 -3.76
CA VAL A 45 -4.20 -3.93 -2.69
C VAL A 45 -3.70 -3.46 -1.35
N ILE A 46 -4.12 -4.18 -0.35
CA ILE A 46 -3.67 -3.93 1.01
C ILE A 46 -3.07 -5.25 1.51
N PHE A 47 -2.26 -5.24 2.53
CA PHE A 47 -1.72 -6.53 3.01
C PHE A 47 -1.55 -6.50 4.55
N CYS A 48 -1.91 -7.55 5.30
CA CYS A 48 -1.76 -7.43 6.79
C CYS A 48 -1.33 -8.75 7.47
N LEU A 49 -0.10 -9.15 7.31
CA LEU A 49 0.42 -10.37 8.01
C LEU A 49 -0.48 -11.61 7.87
N SER A 50 0.12 -12.72 7.49
CA SER A 50 -0.60 -14.00 7.28
C SER A 50 -1.51 -14.36 8.47
N ALA A 51 -1.96 -15.59 8.54
CA ALA A 51 -2.84 -16.02 9.67
C ALA A 51 -2.01 -16.01 10.96
N ASP A 52 -2.55 -15.47 12.01
CA ASP A 52 -1.78 -15.40 13.28
C ASP A 52 -0.78 -14.24 13.20
N LYS A 53 -0.69 -13.63 12.04
CA LYS A 53 0.24 -12.49 11.86
C LYS A 53 1.66 -13.00 11.71
N LYS A 54 2.21 -12.81 10.54
CA LYS A 54 3.58 -13.31 10.27
C LYS A 54 4.17 -12.66 9.03
N CYS A 55 3.73 -13.12 7.89
CA CYS A 55 4.21 -12.63 6.57
C CYS A 55 3.37 -11.49 6.09
N ILE A 56 3.95 -10.48 5.52
CA ILE A 56 3.11 -9.44 4.95
C ILE A 56 2.07 -10.25 4.19
N ILE A 57 0.83 -9.93 4.27
CA ILE A 57 -0.15 -10.84 3.64
C ILE A 57 -1.33 -10.07 3.11
N VAL A 58 -2.29 -10.75 2.57
CA VAL A 58 -3.51 -10.05 2.07
C VAL A 58 -4.75 -10.82 2.52
N GLU A 59 -5.45 -10.32 3.50
CA GLU A 59 -6.68 -11.03 3.97
C GLU A 59 -7.55 -10.07 4.76
N GLU A 60 -7.74 -8.88 4.26
CA GLU A 60 -8.60 -7.90 4.97
C GLU A 60 -9.84 -7.60 4.14
N GLY A 61 -9.94 -8.22 3.02
CA GLY A 61 -11.11 -7.98 2.14
C GLY A 61 -11.04 -6.55 1.62
N LYS A 62 -9.86 -5.99 1.56
CA LYS A 62 -9.72 -4.62 1.06
C LYS A 62 -9.16 -4.71 -0.37
N GLU A 63 -8.24 -3.86 -0.74
CA GLU A 63 -7.60 -3.91 -2.11
C GLU A 63 -8.47 -3.28 -3.20
N ILE A 64 -7.83 -2.60 -4.13
CA ILE A 64 -8.51 -2.01 -5.29
C ILE A 64 -7.89 -2.69 -6.49
N LEU A 65 -8.50 -2.69 -7.62
CA LEU A 65 -7.84 -3.38 -8.76
C LEU A 65 -7.51 -2.42 -9.88
N VAL A 66 -7.35 -1.14 -9.60
CA VAL A 66 -6.99 -0.19 -10.70
C VAL A 66 -8.17 0.00 -11.69
N GLY A 67 -9.08 -0.92 -11.77
CA GLY A 67 -10.22 -0.74 -12.70
C GLY A 67 -11.41 -0.19 -11.94
N ASP A 68 -11.73 -0.76 -10.81
CA ASP A 68 -12.87 -0.22 -10.02
C ASP A 68 -12.74 1.29 -10.06
N VAL A 69 -11.53 1.77 -10.02
CA VAL A 69 -11.31 3.24 -10.10
C VAL A 69 -12.23 3.82 -11.18
N GLY A 70 -13.35 4.33 -10.78
CA GLY A 70 -14.32 4.89 -11.77
C GLY A 70 -15.66 4.14 -11.64
N VAL A 71 -15.80 3.40 -10.58
CA VAL A 71 -17.05 2.65 -10.31
C VAL A 71 -17.42 3.00 -8.89
N THR A 72 -16.99 2.23 -7.94
CA THR A 72 -17.24 2.59 -6.54
C THR A 72 -16.24 3.72 -6.24
N ILE A 73 -15.33 3.95 -7.18
CA ILE A 73 -14.31 5.01 -7.00
C ILE A 73 -14.31 5.91 -8.25
N THR A 74 -13.43 6.88 -8.33
CA THR A 74 -13.44 7.78 -9.52
C THR A 74 -12.04 8.29 -9.83
N ASP A 75 -11.02 7.57 -9.40
CA ASP A 75 -9.61 7.99 -9.69
C ASP A 75 -8.90 8.78 -8.55
N PRO A 76 -9.56 9.05 -7.43
CA PRO A 76 -8.89 9.77 -6.33
C PRO A 76 -8.09 8.75 -5.52
N PHE A 77 -8.18 8.79 -4.23
CA PHE A 77 -7.45 7.81 -3.38
C PHE A 77 -8.23 7.59 -2.06
N LYS A 78 -8.94 8.60 -1.61
CA LYS A 78 -9.70 8.50 -0.33
C LYS A 78 -10.71 7.35 -0.35
N HIS A 79 -10.80 6.57 -1.39
CA HIS A 79 -11.73 5.42 -1.34
C HIS A 79 -10.91 4.22 -0.88
N PHE A 80 -9.77 4.02 -1.50
CA PHE A 80 -8.90 2.90 -1.12
C PHE A 80 -8.52 3.09 0.35
N VAL A 81 -8.41 4.32 0.80
CA VAL A 81 -8.11 4.57 2.22
C VAL A 81 -9.29 4.07 3.02
N GLY A 82 -10.44 4.16 2.42
CA GLY A 82 -11.67 3.65 3.06
C GLY A 82 -11.49 2.15 3.22
N MET A 83 -10.84 1.52 2.26
CA MET A 83 -10.57 0.06 2.38
C MET A 83 -9.70 -0.11 3.60
N LEU A 84 -9.04 0.94 3.98
CA LEU A 84 -8.17 0.92 5.18
C LEU A 84 -8.99 1.36 6.41
N PRO A 85 -9.31 0.45 7.29
CA PRO A 85 -10.07 0.78 8.51
C PRO A 85 -9.08 1.34 9.54
N GLU A 86 -9.35 1.18 10.81
CA GLU A 86 -8.39 1.68 11.83
C GLU A 86 -7.82 0.49 12.61
N LYS A 87 -8.51 -0.60 12.56
CA LYS A 87 -8.05 -1.83 13.27
C LYS A 87 -7.17 -2.69 12.36
N ASP A 88 -6.57 -2.11 11.36
CA ASP A 88 -5.75 -2.93 10.44
C ASP A 88 -4.41 -2.27 10.18
N CYS A 89 -3.37 -2.81 10.73
CA CYS A 89 -2.02 -2.30 10.47
C CYS A 89 -1.59 -3.05 9.23
N ARG A 90 -1.46 -2.41 8.13
CA ARG A 90 -1.14 -3.18 6.91
C ARG A 90 -0.30 -2.41 5.90
N TYR A 91 0.27 -3.14 4.99
CA TYR A 91 1.09 -2.55 3.91
C TYR A 91 0.28 -2.71 2.61
N ALA A 92 0.18 -1.68 1.81
CA ALA A 92 -0.69 -1.80 0.62
C ALA A 92 -0.13 -1.12 -0.63
N LEU A 93 -0.29 -1.77 -1.74
CA LEU A 93 0.13 -1.18 -3.05
C LEU A 93 -1.07 -0.95 -3.90
N TYR A 94 -1.38 0.28 -4.09
CA TYR A 94 -2.55 0.65 -4.90
C TYR A 94 -2.07 1.45 -6.09
N ASP A 95 -2.10 0.87 -7.26
CA ASP A 95 -1.64 1.62 -8.46
C ASP A 95 -2.18 3.06 -8.38
N ALA A 96 -1.36 3.97 -7.93
CA ALA A 96 -1.85 5.38 -7.79
C ALA A 96 -1.91 6.04 -9.16
N SER A 97 -3.08 6.21 -9.70
CA SER A 97 -3.18 6.86 -11.02
C SER A 97 -3.14 8.37 -10.84
N PHE A 98 -1.98 8.93 -10.92
CA PHE A 98 -1.83 10.41 -10.76
C PHE A 98 -0.82 10.93 -11.76
N GLU A 99 -0.88 12.19 -12.09
CA GLU A 99 0.13 12.74 -13.04
C GLU A 99 1.25 13.33 -12.22
N THR A 100 2.35 13.58 -12.85
CA THR A 100 3.50 14.10 -12.11
C THR A 100 4.38 14.90 -13.08
N LYS A 101 5.56 15.32 -12.70
CA LYS A 101 6.39 15.98 -13.72
C LYS A 101 6.51 14.93 -14.84
N GLU A 102 6.32 13.68 -14.46
CA GLU A 102 6.36 12.56 -15.44
C GLU A 102 5.01 12.45 -16.14
N SER A 103 3.95 12.84 -15.44
CA SER A 103 2.57 12.80 -15.97
C SER A 103 1.86 11.52 -15.57
N ARG A 104 0.59 11.45 -15.85
CA ARG A 104 -0.20 10.24 -15.52
C ARG A 104 0.61 9.02 -15.86
N LYS A 105 1.11 8.39 -14.88
CA LYS A 105 1.96 7.17 -15.10
C LYS A 105 1.70 6.14 -14.01
N GLU A 106 0.54 6.20 -13.41
CA GLU A 106 0.16 5.25 -12.33
C GLU A 106 1.35 4.59 -11.65
N GLU A 107 1.56 4.92 -10.41
CA GLU A 107 2.67 4.31 -9.65
C GLU A 107 2.17 3.90 -8.27
N LEU A 108 1.86 2.65 -8.10
CA LEU A 108 1.34 2.18 -6.77
C LEU A 108 2.14 2.83 -5.66
N MET A 109 1.67 2.76 -4.46
CA MET A 109 2.41 3.42 -3.38
C MET A 109 2.31 2.65 -2.10
N PHE A 110 3.43 2.20 -1.65
CA PHE A 110 3.47 1.44 -0.39
C PHE A 110 2.66 2.16 0.65
N PHE A 111 1.83 1.48 1.36
CA PHE A 111 1.06 2.20 2.39
C PHE A 111 1.31 1.56 3.74
N LEU A 112 1.94 2.25 4.64
CA LEU A 112 2.17 1.68 5.98
C LEU A 112 0.96 2.03 6.82
N TRP A 113 -0.18 1.71 6.30
CA TRP A 113 -1.44 2.00 7.01
C TRP A 113 -1.25 1.60 8.48
N ALA A 114 -0.87 2.52 9.31
CA ALA A 114 -0.63 2.16 10.74
C ALA A 114 -1.57 2.99 11.62
N PRO A 115 -2.71 2.42 11.91
CA PRO A 115 -3.73 3.11 12.71
C PRO A 115 -3.29 3.20 14.17
N GLU A 116 -3.60 4.28 14.82
CA GLU A 116 -3.17 4.44 16.22
C GLU A 116 -3.91 3.44 17.12
N LEU A 117 -4.81 2.65 16.59
CA LEU A 117 -5.54 1.70 17.45
C LEU A 117 -5.39 0.27 16.93
N ALA A 118 -4.65 0.06 15.88
CA ALA A 118 -4.50 -1.34 15.38
C ALA A 118 -4.21 -2.26 16.55
N PRO A 119 -4.22 -3.52 16.27
CA PRO A 119 -3.91 -4.54 17.27
C PRO A 119 -2.40 -4.56 17.50
N LEU A 120 -1.96 -4.27 18.69
CA LEU A 120 -0.49 -4.27 18.95
C LEU A 120 0.12 -5.44 18.19
N LYS A 121 1.35 -5.29 17.81
CA LYS A 121 2.06 -6.33 17.02
C LYS A 121 1.92 -5.96 15.55
N SER A 122 0.75 -5.61 15.08
CA SER A 122 0.66 -5.22 13.65
C SER A 122 1.21 -3.79 13.54
N LYS A 123 1.47 -3.17 14.66
CA LYS A 123 2.01 -1.79 14.63
C LYS A 123 3.49 -1.81 15.00
N MET A 124 3.91 -2.78 15.77
CA MET A 124 5.35 -2.82 16.17
C MET A 124 6.13 -3.82 15.32
N ILE A 125 5.48 -4.66 14.60
CA ILE A 125 6.21 -5.66 13.87
C ILE A 125 6.73 -5.10 12.56
N TYR A 126 5.85 -4.83 11.66
CA TYR A 126 6.27 -4.31 10.36
C TYR A 126 6.77 -2.91 10.56
N ALA A 127 6.39 -2.34 11.65
CA ALA A 127 6.88 -1.00 12.00
C ALA A 127 8.40 -1.08 11.95
N SER A 128 8.92 -2.22 12.36
CA SER A 128 10.39 -2.41 12.34
C SER A 128 10.73 -3.53 11.37
N SER A 129 9.73 -4.11 10.78
CA SER A 129 9.97 -5.25 9.84
C SER A 129 9.47 -4.92 8.43
N LYS A 130 9.28 -3.68 8.12
CA LYS A 130 8.84 -3.32 6.78
C LYS A 130 10.08 -3.30 5.88
N ASP A 131 11.21 -3.62 6.45
CA ASP A 131 12.47 -3.75 5.69
C ASP A 131 12.34 -5.07 4.96
N ALA A 132 11.62 -5.96 5.60
CA ALA A 132 11.36 -7.31 5.04
C ALA A 132 10.51 -7.13 3.80
N ILE A 133 9.37 -6.52 3.93
CA ILE A 133 8.53 -6.27 2.73
C ILE A 133 9.43 -5.55 1.76
N LYS A 134 10.25 -4.68 2.29
CA LYS A 134 11.22 -3.89 1.48
C LYS A 134 12.12 -4.82 0.67
N LYS A 135 12.50 -5.93 1.24
CA LYS A 135 13.38 -6.87 0.48
C LYS A 135 12.78 -7.10 -0.90
N LYS A 136 11.49 -7.04 -0.99
CA LYS A 136 10.80 -7.21 -2.28
C LYS A 136 10.17 -5.87 -2.65
N PHE A 137 10.10 -4.98 -1.69
CA PHE A 137 9.51 -3.64 -1.96
C PHE A 137 10.65 -2.69 -2.22
N GLN A 138 11.59 -3.20 -2.91
CA GLN A 138 12.79 -2.38 -3.27
C GLN A 138 12.32 -1.28 -4.22
N GLY A 139 11.36 -1.59 -5.03
CA GLY A 139 10.82 -0.57 -5.97
C GLY A 139 9.37 -0.28 -5.56
N ILE A 140 9.14 -0.11 -4.29
CA ILE A 140 7.77 0.17 -3.80
C ILE A 140 7.16 1.28 -4.61
N LYS A 141 7.97 2.07 -5.22
CA LYS A 141 7.47 3.23 -5.99
C LYS A 141 7.23 4.32 -4.99
N HIS A 142 6.58 4.00 -3.90
CA HIS A 142 6.33 5.06 -2.89
C HIS A 142 6.17 4.50 -1.49
N GLU A 143 7.22 4.42 -0.75
CA GLU A 143 7.07 3.96 0.64
C GLU A 143 6.40 5.06 1.42
N CYS A 144 5.17 4.86 1.72
CA CYS A 144 4.38 5.88 2.48
C CYS A 144 3.87 5.26 3.79
N GLN A 145 3.23 6.04 4.61
CA GLN A 145 2.67 5.52 5.88
C GLN A 145 1.47 6.36 6.27
N ALA A 146 0.60 5.85 7.11
CA ALA A 146 -0.57 6.66 7.50
C ALA A 146 -1.15 6.18 8.82
N ASN A 147 -1.03 6.98 9.83
CA ASN A 147 -1.61 6.62 11.16
C ASN A 147 -2.83 7.50 11.29
N GLY A 148 -3.54 7.48 10.23
CA GLY A 148 -4.76 8.25 10.00
C GLY A 148 -4.97 8.10 8.52
N PRO A 149 -6.17 7.93 8.08
CA PRO A 149 -6.43 7.77 6.65
C PRO A 149 -6.06 9.09 5.94
N GLU A 150 -5.66 10.08 6.72
CA GLU A 150 -5.29 11.43 6.22
C GLU A 150 -3.83 11.44 5.79
N ASP A 151 -3.04 10.58 6.35
CA ASP A 151 -1.64 10.53 5.88
C ASP A 151 -1.70 9.92 4.47
N LEU A 152 -2.87 9.41 4.12
CA LEU A 152 -3.07 8.85 2.76
C LEU A 152 -3.62 9.97 1.91
N ASN A 153 -4.04 11.02 2.56
CA ASN A 153 -4.60 12.20 1.91
C ASN A 153 -3.95 12.36 0.57
N ARG A 154 -4.71 12.63 -0.42
CA ARG A 154 -4.12 12.76 -1.77
C ARG A 154 -3.22 13.99 -1.81
N ALA A 155 -3.54 15.00 -1.02
CA ALA A 155 -2.69 16.22 -0.97
C ALA A 155 -1.35 15.79 -0.39
N CYS A 156 -1.42 14.86 0.51
CA CYS A 156 -0.20 14.33 1.17
C CYS A 156 0.46 13.34 0.25
N ILE A 157 -0.33 12.70 -0.53
CA ILE A 157 0.21 11.78 -1.49
C ILE A 157 0.70 12.69 -2.59
N ALA A 158 0.20 13.89 -2.53
CA ALA A 158 0.59 14.98 -3.45
C ALA A 158 1.73 15.73 -2.77
N GLU A 159 2.36 15.02 -1.90
CA GLU A 159 3.51 15.51 -1.11
C GLU A 159 4.56 14.40 -1.18
N LYS A 160 4.10 13.17 -1.18
CA LYS A 160 5.00 12.02 -1.35
C LYS A 160 5.42 12.04 -2.81
N LEU A 161 4.59 12.65 -3.61
CA LEU A 161 4.88 12.84 -5.06
C LEU A 161 4.87 14.34 -5.32
N GLY A 162 3.99 15.06 -4.65
CA GLY A 162 3.92 16.52 -4.83
C GLY A 162 4.94 17.19 -3.94
N GLY A 163 5.57 16.41 -3.15
CA GLY A 163 6.64 16.92 -2.27
C GLY A 163 7.95 16.44 -2.88
N SER A 164 7.87 16.14 -4.15
CA SER A 164 9.05 15.64 -4.88
C SER A 164 8.99 16.16 -6.31
N LEU A 165 8.28 15.50 -7.17
CA LEU A 165 8.21 15.94 -8.60
C LEU A 165 6.97 15.46 -9.32
N ILE A 166 5.79 15.92 -9.01
CA ILE A 166 4.65 15.44 -9.82
C ILE A 166 4.05 16.60 -10.62
N VAL A 167 2.76 16.68 -10.69
CA VAL A 167 2.08 17.75 -11.46
C VAL A 167 0.61 17.72 -11.07
N ALA A 168 0.13 16.55 -10.75
CA ALA A 168 -1.27 16.37 -10.30
C ALA A 168 -1.23 15.73 -8.94
N PHE A 169 -2.24 15.96 -8.17
CA PHE A 169 -2.30 15.49 -6.76
C PHE A 169 -1.73 16.67 -6.00
N GLU A 170 -0.64 17.15 -6.51
CA GLU A 170 0.02 18.35 -5.96
C GLU A 170 -0.26 19.51 -6.90
N GLY A 171 -0.70 19.22 -8.12
CA GLY A 171 -0.94 20.34 -9.07
C GLY A 171 -2.39 20.37 -9.64
N CYS A 172 -2.71 19.50 -10.58
CA CYS A 172 -4.08 19.55 -11.20
C CYS A 172 -5.20 19.33 -10.18
N PRO A 173 -5.40 18.10 -9.77
CA PRO A 173 -6.45 17.75 -8.80
C PRO A 173 -6.15 18.34 -7.42
N VAL A 174 -4.92 18.35 -7.01
CA VAL A 174 -4.60 18.94 -5.66
C VAL A 174 -3.18 19.49 -5.66
N THR A 1 -7.49 -23.65 1.33
CA THR A 1 -6.21 -24.33 1.02
C THR A 1 -5.06 -23.32 1.10
N MET A 2 -4.98 -22.59 2.17
CA MET A 2 -3.89 -21.59 2.31
C MET A 2 -2.79 -22.17 3.20
N ILE A 3 -1.56 -21.81 2.96
CA ILE A 3 -0.45 -22.36 3.79
C ILE A 3 -0.11 -21.40 4.92
N THR A 4 0.13 -21.92 6.09
CA THR A 4 0.49 -21.05 7.25
C THR A 4 2.00 -21.13 7.47
N PRO A 5 2.61 -20.00 7.72
CA PRO A 5 4.06 -19.91 7.95
C PRO A 5 4.43 -20.46 9.33
N SER A 6 5.70 -20.50 9.63
CA SER A 6 6.14 -21.03 10.96
C SER A 6 6.64 -19.87 11.83
N SER A 7 7.34 -20.18 12.88
CA SER A 7 7.86 -19.10 13.77
C SER A 7 6.69 -18.28 14.32
N GLY A 8 6.98 -17.24 15.04
CA GLY A 8 5.88 -16.39 15.59
C GLY A 8 6.13 -14.93 15.19
N ASN A 9 5.38 -14.01 15.75
CA ASN A 9 5.58 -12.58 15.39
C ASN A 9 6.28 -11.87 16.55
N SER A 10 6.40 -12.51 17.67
CA SER A 10 7.08 -11.88 18.83
C SER A 10 8.35 -11.16 18.35
N ALA A 11 8.55 -9.94 18.75
CA ALA A 11 9.76 -9.20 18.30
C ALA A 11 9.77 -9.15 16.78
N SER A 12 8.65 -8.81 16.18
CA SER A 12 8.57 -8.74 14.69
C SER A 12 9.12 -10.03 14.08
N GLY A 13 8.24 -10.92 13.71
CA GLY A 13 8.68 -12.21 13.11
C GLY A 13 8.06 -12.38 11.72
N VAL A 14 7.05 -11.59 11.40
CA VAL A 14 6.41 -11.72 10.06
C VAL A 14 7.49 -11.88 9.01
N GLN A 15 7.12 -12.36 7.86
CA GLN A 15 8.13 -12.59 6.82
C GLN A 15 7.57 -12.36 5.40
N VAL A 16 6.81 -11.32 5.18
CA VAL A 16 6.28 -11.11 3.80
C VAL A 16 5.67 -12.42 3.32
N ALA A 17 5.16 -12.44 2.14
CA ALA A 17 4.47 -13.68 1.70
C ALA A 17 4.76 -14.01 0.23
N ASP A 18 5.67 -13.31 -0.37
CA ASP A 18 5.97 -13.54 -1.81
C ASP A 18 4.91 -12.79 -2.63
N GLU A 19 3.70 -12.74 -2.15
CA GLU A 19 2.67 -11.97 -2.85
C GLU A 19 3.20 -10.54 -2.90
N VAL A 20 4.09 -10.22 -1.98
CA VAL A 20 4.71 -8.86 -1.97
C VAL A 20 5.47 -8.67 -3.28
N CYS A 21 6.17 -9.68 -3.73
CA CYS A 21 6.93 -9.55 -5.00
C CYS A 21 5.95 -9.48 -6.18
N ARG A 22 4.68 -9.62 -5.90
CA ARG A 22 3.67 -9.50 -6.97
C ARG A 22 2.81 -8.29 -6.65
N ILE A 23 2.99 -7.73 -5.50
CA ILE A 23 2.18 -6.56 -5.16
C ILE A 23 2.94 -5.35 -5.66
N PHE A 24 4.15 -5.20 -5.22
CA PHE A 24 4.97 -4.09 -5.73
C PHE A 24 5.07 -4.30 -7.24
N TYR A 25 4.88 -5.52 -7.64
CA TYR A 25 4.97 -5.93 -9.04
C TYR A 25 3.59 -5.96 -9.67
N ASP A 26 2.56 -6.03 -8.86
CA ASP A 26 1.19 -6.13 -9.43
C ASP A 26 0.88 -4.82 -10.14
N MET A 27 1.73 -3.85 -9.93
CA MET A 27 1.51 -2.50 -10.49
C MET A 27 2.38 -2.24 -11.73
N LYS A 28 3.50 -1.56 -11.55
CA LYS A 28 4.37 -1.23 -12.71
C LYS A 28 3.58 -0.42 -13.72
N VAL A 29 3.90 0.84 -13.77
CA VAL A 29 3.24 1.80 -14.71
C VAL A 29 1.98 1.20 -15.33
N ARG A 30 1.01 0.86 -14.53
CA ARG A 30 -0.25 0.26 -15.08
C ARG A 30 0.09 -1.00 -15.86
N LYS A 31 0.42 -0.85 -17.11
CA LYS A 31 0.76 -2.02 -17.95
C LYS A 31 -0.38 -3.03 -17.90
N CYS A 32 -1.29 -2.95 -18.84
CA CYS A 32 -2.43 -3.90 -18.85
C CYS A 32 -2.68 -4.39 -20.30
N SER A 33 -2.33 -5.63 -20.59
CA SER A 33 -2.57 -6.18 -21.98
C SER A 33 -3.86 -5.54 -22.45
N THR A 34 -4.83 -5.84 -21.69
CA THR A 34 -6.17 -5.29 -21.84
C THR A 34 -6.63 -5.22 -20.39
N PRO A 35 -6.85 -4.05 -19.91
CA PRO A 35 -7.17 -3.85 -18.51
C PRO A 35 -8.47 -4.52 -18.14
N GLU A 36 -9.21 -4.99 -19.12
CA GLU A 36 -10.46 -5.70 -18.80
C GLU A 36 -10.19 -6.69 -17.67
N GLU A 37 -8.93 -7.05 -17.47
CA GLU A 37 -8.58 -7.96 -16.39
C GLU A 37 -7.39 -7.34 -15.67
N ILE A 38 -6.64 -6.49 -16.34
CA ILE A 38 -5.51 -5.82 -15.67
C ILE A 38 -5.87 -4.40 -15.39
N LYS A 39 -6.91 -4.47 -14.68
CA LYS A 39 -7.70 -3.39 -14.07
C LYS A 39 -8.51 -4.07 -12.96
N LYS A 40 -8.80 -5.34 -13.15
CA LYS A 40 -9.53 -6.14 -12.13
C LYS A 40 -8.66 -7.34 -11.77
N ARG A 41 -7.39 -7.28 -12.10
CA ARG A 41 -6.45 -8.44 -11.83
C ARG A 41 -5.78 -8.29 -10.47
N LYS A 42 -6.22 -7.38 -9.67
CA LYS A 42 -5.56 -7.16 -8.36
C LYS A 42 -4.27 -6.38 -8.62
N LYS A 43 -4.31 -5.08 -8.46
CA LYS A 43 -3.13 -4.23 -8.71
C LYS A 43 -3.27 -2.97 -7.86
N ALA A 44 -3.70 -3.21 -6.68
CA ALA A 44 -3.89 -2.22 -5.61
C ALA A 44 -4.15 -3.11 -4.44
N VAL A 45 -3.55 -2.90 -3.32
CA VAL A 45 -3.74 -3.97 -2.31
C VAL A 45 -3.27 -3.63 -0.91
N ILE A 46 -4.10 -3.79 0.06
CA ILE A 46 -3.65 -3.57 1.43
C ILE A 46 -3.53 -4.90 2.15
N PHE A 47 -2.32 -5.32 2.35
CA PHE A 47 -2.06 -6.59 3.04
C PHE A 47 -1.82 -6.23 4.50
N CYS A 48 -1.43 -7.16 5.32
CA CYS A 48 -1.15 -6.82 6.74
C CYS A 48 -0.27 -7.91 7.29
N LEU A 49 -0.86 -9.05 7.50
CA LEU A 49 -0.12 -10.24 8.03
C LEU A 49 -1.02 -11.47 7.88
N SER A 50 -0.46 -12.60 7.55
CA SER A 50 -1.25 -13.84 7.38
C SER A 50 -2.42 -13.89 8.38
N ALA A 51 -3.34 -14.80 8.21
CA ALA A 51 -4.46 -14.88 9.18
C ALA A 51 -3.88 -15.13 10.57
N ASP A 52 -2.82 -15.88 10.65
CA ASP A 52 -2.17 -16.13 11.97
C ASP A 52 -1.42 -14.87 12.35
N LYS A 53 -1.08 -14.09 11.36
CA LYS A 53 -0.35 -12.82 11.58
C LYS A 53 1.14 -13.03 11.64
N LYS A 54 1.71 -13.03 10.47
CA LYS A 54 3.14 -13.22 10.26
C LYS A 54 3.38 -12.59 8.88
N CYS A 55 3.92 -13.32 7.95
CA CYS A 55 4.11 -12.79 6.56
C CYS A 55 3.24 -11.59 6.29
N ILE A 56 3.74 -10.57 5.65
CA ILE A 56 2.86 -9.46 5.26
C ILE A 56 1.66 -10.16 4.64
N ILE A 57 0.53 -9.58 4.46
CA ILE A 57 -0.50 -10.44 3.86
C ILE A 57 -1.76 -9.76 3.38
N VAL A 58 -2.12 -10.14 2.23
CA VAL A 58 -3.37 -9.64 1.60
C VAL A 58 -4.53 -10.55 2.04
N GLU A 59 -4.94 -10.45 3.27
CA GLU A 59 -6.03 -11.35 3.75
C GLU A 59 -7.00 -10.58 4.65
N GLU A 60 -7.24 -9.35 4.35
CA GLU A 60 -8.18 -8.56 5.19
C GLU A 60 -9.42 -8.20 4.38
N GLY A 61 -9.43 -8.61 3.15
CA GLY A 61 -10.59 -8.31 2.27
C GLY A 61 -10.45 -6.88 1.75
N LYS A 62 -9.24 -6.41 1.62
CA LYS A 62 -9.03 -5.04 1.14
C LYS A 62 -8.54 -5.10 -0.31
N GLU A 63 -7.78 -4.11 -0.68
CA GLU A 63 -7.18 -4.05 -2.05
C GLU A 63 -8.10 -3.40 -3.07
N ILE A 64 -7.50 -2.67 -3.96
CA ILE A 64 -8.25 -2.07 -5.07
C ILE A 64 -7.65 -2.74 -6.30
N LEU A 65 -8.27 -2.69 -7.44
CA LEU A 65 -7.62 -3.38 -8.59
C LEU A 65 -7.24 -2.37 -9.67
N VAL A 66 -7.13 -1.11 -9.33
CA VAL A 66 -6.75 -0.06 -10.32
C VAL A 66 -7.88 0.20 -11.32
N GLY A 67 -8.41 -0.82 -11.93
CA GLY A 67 -9.51 -0.64 -12.91
C GLY A 67 -10.73 -0.07 -12.20
N ASP A 68 -11.08 -0.62 -11.06
CA ASP A 68 -12.26 -0.08 -10.32
C ASP A 68 -12.19 1.44 -10.37
N VAL A 69 -11.05 1.98 -10.04
CA VAL A 69 -10.88 3.46 -10.06
C VAL A 69 -11.73 4.09 -11.16
N GLY A 70 -12.91 4.51 -10.81
CA GLY A 70 -13.83 5.13 -11.81
C GLY A 70 -15.25 4.54 -11.61
N VAL A 71 -15.38 3.62 -10.71
CA VAL A 71 -16.70 3.01 -10.43
C VAL A 71 -17.02 3.36 -8.99
N THR A 72 -16.64 2.51 -8.07
CA THR A 72 -16.83 2.84 -6.66
C THR A 72 -15.79 3.91 -6.34
N ILE A 73 -14.86 4.11 -7.25
CA ILE A 73 -13.79 5.12 -7.04
C ILE A 73 -13.71 6.02 -8.27
N THR A 74 -12.72 6.87 -8.36
CA THR A 74 -12.62 7.77 -9.56
C THR A 74 -11.20 8.31 -9.74
N ASP A 75 -10.20 7.60 -9.27
CA ASP A 75 -8.78 8.05 -9.45
C ASP A 75 -8.13 8.76 -8.24
N PRO A 76 -8.88 9.10 -7.20
CA PRO A 76 -8.28 9.74 -6.02
C PRO A 76 -7.55 8.65 -5.22
N PHE A 77 -7.90 8.45 -3.99
CA PHE A 77 -7.22 7.39 -3.19
C PHE A 77 -7.99 7.22 -1.86
N LYS A 78 -8.58 8.28 -1.37
CA LYS A 78 -9.33 8.23 -0.09
C LYS A 78 -10.31 7.06 -0.10
N HIS A 79 -10.62 6.51 -1.23
CA HIS A 79 -11.55 5.35 -1.23
C HIS A 79 -10.76 4.13 -0.74
N PHE A 80 -9.61 3.90 -1.33
CA PHE A 80 -8.78 2.75 -0.94
C PHE A 80 -8.49 2.85 0.56
N VAL A 81 -8.55 4.05 1.09
CA VAL A 81 -8.33 4.22 2.55
C VAL A 81 -9.57 3.72 3.24
N GLY A 82 -10.67 3.95 2.62
CA GLY A 82 -11.96 3.47 3.16
C GLY A 82 -11.84 1.95 3.28
N MET A 83 -11.14 1.34 2.35
CA MET A 83 -10.95 -0.12 2.44
C MET A 83 -10.30 -0.38 3.77
N LEU A 84 -9.20 0.26 4.03
CA LEU A 84 -8.54 0.03 5.34
C LEU A 84 -9.38 0.61 6.49
N PRO A 85 -9.40 -0.11 7.58
CA PRO A 85 -10.13 0.28 8.81
C PRO A 85 -9.19 1.05 9.75
N GLU A 86 -9.40 0.99 11.04
CA GLU A 86 -8.50 1.67 11.99
C GLU A 86 -7.90 0.63 12.94
N LYS A 87 -8.50 -0.54 12.97
CA LYS A 87 -8.00 -1.63 13.87
C LYS A 87 -7.04 -2.58 13.12
N ASP A 88 -6.50 -2.14 12.03
CA ASP A 88 -5.55 -3.00 11.27
C ASP A 88 -4.61 -2.06 10.54
N CYS A 89 -3.35 -2.34 10.57
CA CYS A 89 -2.40 -1.44 9.87
C CYS A 89 -2.48 -1.78 8.39
N ARG A 90 -1.62 -2.66 7.95
CA ARG A 90 -1.63 -3.12 6.52
C ARG A 90 -0.60 -2.35 5.69
N TYR A 91 0.06 -3.08 4.83
CA TYR A 91 1.08 -2.52 3.93
C TYR A 91 0.50 -2.64 2.53
N ALA A 92 0.31 -1.55 1.84
CA ALA A 92 -0.37 -1.66 0.55
C ALA A 92 0.36 -1.00 -0.61
N LEU A 93 0.12 -1.60 -1.72
CA LEU A 93 0.62 -1.09 -3.01
C LEU A 93 -0.59 -0.88 -3.86
N TYR A 94 -0.96 0.35 -3.98
CA TYR A 94 -2.16 0.69 -4.75
C TYR A 94 -1.76 1.38 -6.04
N ASP A 95 -1.79 0.67 -7.15
CA ASP A 95 -1.41 1.32 -8.44
C ASP A 95 -2.06 2.69 -8.47
N ALA A 96 -1.32 3.72 -8.15
CA ALA A 96 -1.94 5.08 -8.12
C ALA A 96 -2.41 5.49 -9.50
N SER A 97 -2.53 6.75 -9.74
CA SER A 97 -3.00 7.22 -11.06
C SER A 97 -3.17 8.73 -11.04
N PHE A 98 -2.11 9.42 -11.31
CA PHE A 98 -2.12 10.90 -11.32
C PHE A 98 -1.21 11.37 -12.44
N GLU A 99 -0.83 12.62 -12.43
CA GLU A 99 0.13 13.10 -13.45
C GLU A 99 1.25 13.78 -12.72
N THR A 100 2.32 13.98 -13.38
CA THR A 100 3.46 14.61 -12.69
C THR A 100 4.21 15.51 -13.66
N LYS A 101 5.32 16.09 -13.29
CA LYS A 101 6.05 16.86 -14.31
C LYS A 101 6.32 15.86 -15.43
N GLU A 102 6.27 14.57 -15.09
CA GLU A 102 6.48 13.53 -16.10
C GLU A 102 5.18 13.34 -16.87
N SER A 103 4.06 13.56 -16.20
CA SER A 103 2.70 13.44 -16.80
C SER A 103 1.89 12.35 -16.10
N ARG A 104 0.75 12.05 -16.65
CA ARG A 104 -0.11 11.00 -16.06
C ARG A 104 0.72 9.76 -15.82
N LYS A 105 1.23 9.66 -14.66
CA LYS A 105 2.05 8.48 -14.29
C LYS A 105 1.40 7.79 -13.10
N GLU A 106 0.77 6.68 -13.32
CA GLU A 106 0.10 5.95 -12.24
C GLU A 106 1.17 5.18 -11.46
N GLU A 107 1.51 5.73 -10.34
CA GLU A 107 2.56 5.17 -9.49
C GLU A 107 1.98 4.52 -8.25
N LEU A 108 1.99 3.23 -8.19
CA LEU A 108 1.51 2.56 -6.96
C LEU A 108 2.37 3.08 -5.82
N MET A 109 1.97 2.89 -4.61
CA MET A 109 2.78 3.43 -3.50
C MET A 109 2.63 2.61 -2.26
N PHE A 110 3.73 2.33 -1.65
CA PHE A 110 3.69 1.55 -0.41
C PHE A 110 2.77 2.25 0.57
N PHE A 111 2.03 1.51 1.33
CA PHE A 111 1.15 2.18 2.31
C PHE A 111 1.29 1.51 3.67
N LEU A 112 1.93 2.17 4.60
CA LEU A 112 2.07 1.58 5.96
C LEU A 112 0.81 1.96 6.70
N TRP A 113 -0.30 1.60 6.13
CA TRP A 113 -1.60 1.95 6.73
C TRP A 113 -1.53 1.83 8.25
N ALA A 114 -1.26 2.91 8.91
CA ALA A 114 -1.20 2.89 10.38
C ALA A 114 -2.42 3.69 10.86
N PRO A 115 -3.24 3.08 11.65
CA PRO A 115 -4.48 3.71 12.13
C PRO A 115 -4.22 4.49 13.41
N GLU A 116 -3.00 4.52 13.83
CA GLU A 116 -2.65 5.18 15.10
C GLU A 116 -3.21 4.34 16.25
N LEU A 117 -3.89 3.27 15.94
CA LEU A 117 -4.43 2.39 16.99
C LEU A 117 -3.94 0.99 16.68
N ALA A 118 -4.61 0.30 15.78
CA ALA A 118 -4.22 -1.07 15.38
C ALA A 118 -3.80 -1.90 16.59
N PRO A 119 -3.63 -3.16 16.34
CA PRO A 119 -3.18 -4.10 17.37
C PRO A 119 -1.68 -3.88 17.58
N LEU A 120 -1.17 -4.10 18.76
CA LEU A 120 0.29 -3.87 18.96
C LEU A 120 1.10 -4.87 18.14
N LYS A 121 0.43 -5.82 17.54
CA LYS A 121 1.16 -6.82 16.71
C LYS A 121 1.47 -6.22 15.35
N SER A 122 0.76 -5.20 14.97
CA SER A 122 0.99 -4.53 13.64
C SER A 122 1.76 -3.24 13.86
N LYS A 123 2.53 -3.20 14.91
CA LYS A 123 3.32 -1.98 15.22
C LYS A 123 4.70 -2.45 15.65
N MET A 124 4.74 -3.43 16.50
CA MET A 124 6.05 -4.00 16.94
C MET A 124 6.58 -4.82 15.79
N ILE A 125 5.68 -5.41 15.08
CA ILE A 125 6.02 -6.27 13.99
C ILE A 125 6.48 -5.46 12.80
N TYR A 126 5.63 -4.56 12.43
CA TYR A 126 5.90 -3.69 11.26
C TYR A 126 7.20 -2.97 11.53
N ALA A 127 7.47 -2.78 12.78
CA ALA A 127 8.73 -2.15 13.18
C ALA A 127 9.86 -2.79 12.39
N SER A 128 9.85 -4.10 12.32
CA SER A 128 10.91 -4.82 11.55
C SER A 128 10.26 -5.50 10.34
N SER A 129 8.97 -5.34 10.17
CA SER A 129 8.28 -5.98 9.01
C SER A 129 8.56 -5.13 7.79
N LYS A 130 8.76 -3.85 7.99
CA LYS A 130 9.10 -2.97 6.85
C LYS A 130 10.59 -3.08 6.67
N ASP A 131 10.89 -4.13 6.05
CA ASP A 131 12.26 -4.58 5.75
C ASP A 131 12.06 -5.90 5.07
N ALA A 132 11.11 -6.63 5.59
CA ALA A 132 10.75 -7.91 4.97
C ALA A 132 9.98 -7.56 3.71
N ILE A 133 8.98 -6.74 3.85
CA ILE A 133 8.17 -6.30 2.69
C ILE A 133 8.99 -5.37 1.81
N LYS A 134 9.71 -4.46 2.41
CA LYS A 134 10.50 -3.49 1.64
C LYS A 134 11.64 -4.17 0.90
N LYS A 135 12.20 -5.20 1.46
CA LYS A 135 13.31 -5.92 0.75
C LYS A 135 12.71 -6.67 -0.44
N LYS A 136 11.41 -6.79 -0.47
CA LYS A 136 10.73 -7.46 -1.62
C LYS A 136 10.11 -6.34 -2.46
N PHE A 137 9.92 -5.20 -1.85
CA PHE A 137 9.36 -4.03 -2.59
C PHE A 137 10.49 -3.28 -3.26
N GLN A 138 11.42 -4.03 -3.77
CA GLN A 138 12.60 -3.45 -4.49
C GLN A 138 12.25 -2.04 -4.98
N GLY A 139 11.12 -1.93 -5.62
CA GLY A 139 10.64 -0.62 -6.11
C GLY A 139 9.29 -0.34 -5.48
N ILE A 140 9.25 -0.08 -4.20
CA ILE A 140 7.96 0.18 -3.55
C ILE A 140 7.25 1.27 -4.33
N LYS A 141 8.01 2.08 -4.99
CA LYS A 141 7.45 3.22 -5.75
C LYS A 141 7.21 4.31 -4.74
N HIS A 142 6.64 3.96 -3.62
CA HIS A 142 6.40 5.03 -2.62
C HIS A 142 6.19 4.54 -1.20
N GLU A 143 7.21 4.56 -0.39
CA GLU A 143 6.98 4.17 1.03
C GLU A 143 6.22 5.31 1.68
N CYS A 144 4.97 5.11 1.88
CA CYS A 144 4.10 6.18 2.47
C CYS A 144 3.39 5.68 3.73
N GLN A 145 3.85 6.04 4.91
CA GLN A 145 3.14 5.57 6.12
C GLN A 145 2.00 6.53 6.45
N ALA A 146 1.03 6.07 7.15
CA ALA A 146 -0.11 6.95 7.50
C ALA A 146 -0.11 7.25 9.00
N ASN A 147 -0.95 6.57 9.70
CA ASN A 147 -1.13 6.74 11.18
C ASN A 147 -2.48 7.43 11.34
N GLY A 148 -3.21 7.43 10.26
CA GLY A 148 -4.54 8.03 10.18
C GLY A 148 -4.89 7.81 8.73
N PRO A 149 -6.11 7.60 8.45
CA PRO A 149 -6.52 7.37 7.07
C PRO A 149 -6.34 8.68 6.28
N GLU A 150 -5.84 9.69 6.96
CA GLU A 150 -5.62 11.01 6.33
C GLU A 150 -4.14 11.17 5.96
N ASP A 151 -3.25 10.39 6.52
CA ASP A 151 -1.84 10.57 6.11
C ASP A 151 -1.70 9.98 4.70
N LEU A 152 -2.67 9.20 4.32
CA LEU A 152 -2.69 8.61 2.96
C LEU A 152 -3.34 9.64 2.03
N ASN A 153 -3.81 10.71 2.61
CA ASN A 153 -4.46 11.80 1.87
C ASN A 153 -3.90 11.91 0.49
N ARG A 154 -4.72 12.31 -0.40
CA ARG A 154 -4.27 12.47 -1.81
C ARG A 154 -3.46 13.76 -1.92
N ALA A 155 -3.77 14.72 -1.10
CA ALA A 155 -3.00 16.00 -1.12
C ALA A 155 -1.62 15.67 -0.59
N CYS A 156 -1.59 14.77 0.34
CA CYS A 156 -0.32 14.33 0.97
C CYS A 156 0.39 13.39 0.05
N ILE A 157 -0.37 12.59 -0.62
CA ILE A 157 0.20 11.68 -1.56
C ILE A 157 0.60 12.58 -2.71
N ALA A 158 -0.03 13.72 -2.73
CA ALA A 158 0.25 14.80 -3.71
C ALA A 158 1.34 15.67 -3.10
N GLU A 159 2.04 15.08 -2.21
CA GLU A 159 3.15 15.72 -1.49
C GLU A 159 4.28 14.69 -1.47
N LYS A 160 3.92 13.45 -1.40
CA LYS A 160 4.89 12.37 -1.45
C LYS A 160 5.28 12.29 -2.94
N LEU A 161 4.39 12.75 -3.77
CA LEU A 161 4.64 12.85 -5.23
C LEU A 161 4.57 14.35 -5.56
N GLY A 162 3.61 15.03 -4.96
CA GLY A 162 3.41 16.47 -5.21
C GLY A 162 4.30 17.30 -4.32
N GLY A 163 5.13 16.65 -3.59
CA GLY A 163 6.08 17.38 -2.71
C GLY A 163 7.43 17.38 -3.39
N SER A 164 7.43 17.21 -4.69
CA SER A 164 8.71 17.18 -5.42
C SER A 164 8.51 17.56 -6.88
N LEU A 165 7.91 16.72 -7.69
CA LEU A 165 7.80 17.10 -9.13
C LEU A 165 6.65 16.43 -9.86
N ILE A 166 5.41 16.64 -9.50
CA ILE A 166 4.36 16.02 -10.32
C ILE A 166 3.55 17.12 -11.03
N VAL A 167 2.25 16.99 -11.11
CA VAL A 167 1.44 18.01 -11.82
C VAL A 167 -0.01 17.88 -11.41
N ALA A 168 -0.42 16.69 -11.05
CA ALA A 168 -1.81 16.45 -10.61
C ALA A 168 -1.73 15.69 -9.30
N PHE A 169 -2.72 15.87 -8.49
CA PHE A 169 -2.75 15.30 -7.11
C PHE A 169 -2.18 16.43 -6.28
N GLU A 170 -1.12 16.97 -6.80
CA GLU A 170 -0.48 18.16 -6.23
C GLU A 170 -0.90 19.34 -7.09
N GLY A 171 -1.34 19.07 -8.31
CA GLY A 171 -1.71 20.19 -9.21
C GLY A 171 -3.19 20.13 -9.67
N CYS A 172 -3.49 19.37 -10.69
CA CYS A 172 -4.90 19.33 -11.21
C CYS A 172 -5.92 19.08 -10.09
N PRO A 173 -6.04 17.86 -9.64
CA PRO A 173 -6.98 17.51 -8.56
C PRO A 173 -6.56 18.15 -7.24
N VAL A 174 -5.29 18.23 -6.97
CA VAL A 174 -4.89 18.88 -5.68
C VAL A 174 -3.48 19.46 -5.80
N THR A 1 12.33 -25.53 31.46
CA THR A 1 11.72 -24.27 31.98
C THR A 1 12.06 -23.12 31.03
N MET A 2 11.06 -22.52 30.43
CA MET A 2 11.32 -21.39 29.50
C MET A 2 10.00 -20.70 29.14
N ILE A 3 10.05 -19.74 28.26
CA ILE A 3 8.79 -19.03 27.89
C ILE A 3 8.13 -19.73 26.69
N THR A 4 6.87 -19.49 26.48
CA THR A 4 6.17 -20.12 25.32
C THR A 4 5.59 -19.00 24.45
N PRO A 5 5.52 -19.26 23.18
CA PRO A 5 5.00 -18.30 22.20
C PRO A 5 3.47 -18.26 22.24
N SER A 6 2.86 -17.32 21.57
CA SER A 6 1.37 -17.24 21.59
C SER A 6 0.89 -16.53 20.32
N SER A 7 1.45 -15.41 20.00
CA SER A 7 1.01 -14.67 18.78
C SER A 7 1.92 -15.04 17.61
N GLY A 8 1.79 -14.36 16.50
CA GLY A 8 2.65 -14.67 15.32
C GLY A 8 3.42 -13.41 14.91
N ASN A 9 4.54 -13.17 15.52
CA ASN A 9 5.36 -11.97 15.18
C ASN A 9 6.36 -11.71 16.31
N SER A 10 7.04 -12.73 16.74
CA SER A 10 8.02 -12.56 17.85
C SER A 10 8.87 -11.30 17.60
N ALA A 11 8.55 -10.22 18.26
CA ALA A 11 9.35 -8.98 18.08
C ALA A 11 9.44 -8.62 16.60
N SER A 12 8.32 -8.56 15.91
CA SER A 12 8.35 -8.22 14.47
C SER A 12 9.15 -9.27 13.70
N GLY A 13 8.50 -10.31 13.25
CA GLY A 13 9.23 -11.37 12.50
C GLY A 13 8.47 -11.70 11.21
N VAL A 14 7.64 -10.82 10.77
CA VAL A 14 6.86 -11.08 9.52
C VAL A 14 7.81 -11.58 8.45
N GLN A 15 7.33 -12.46 7.61
CA GLN A 15 8.23 -13.06 6.62
C GLN A 15 7.71 -12.86 5.21
N VAL A 16 6.84 -11.92 5.01
CA VAL A 16 6.34 -11.67 3.63
C VAL A 16 5.76 -12.97 3.06
N ALA A 17 4.93 -12.82 2.09
CA ALA A 17 4.23 -13.98 1.49
C ALA A 17 4.66 -14.22 0.04
N ASP A 18 5.48 -13.35 -0.50
CA ASP A 18 5.93 -13.48 -1.92
C ASP A 18 4.87 -12.86 -2.81
N GLU A 19 3.63 -13.11 -2.54
CA GLU A 19 2.57 -12.46 -3.35
C GLU A 19 2.78 -10.96 -3.18
N VAL A 20 3.50 -10.58 -2.14
CA VAL A 20 3.78 -9.15 -1.92
C VAL A 20 4.75 -8.67 -2.96
N CYS A 21 5.71 -9.49 -3.29
CA CYS A 21 6.67 -9.11 -4.33
C CYS A 21 5.97 -9.06 -5.69
N ARG A 22 4.68 -9.27 -5.71
CA ARG A 22 3.93 -9.19 -6.99
C ARG A 22 3.01 -8.02 -6.91
N ILE A 23 2.77 -7.54 -5.72
CA ILE A 23 1.88 -6.38 -5.57
C ILE A 23 2.56 -5.19 -6.20
N PHE A 24 3.72 -4.87 -5.73
CA PHE A 24 4.47 -3.76 -6.32
C PHE A 24 4.52 -4.05 -7.82
N TYR A 25 4.94 -5.24 -8.14
CA TYR A 25 4.94 -5.72 -9.57
C TYR A 25 3.59 -5.49 -10.25
N ASP A 26 2.52 -5.53 -9.49
CA ASP A 26 1.17 -5.44 -10.12
C ASP A 26 0.87 -4.02 -10.56
N MET A 27 1.14 -3.08 -9.72
CA MET A 27 0.85 -1.68 -10.06
C MET A 27 2.10 -1.01 -10.66
N LYS A 28 3.03 -1.80 -11.13
CA LYS A 28 4.28 -1.22 -11.72
C LYS A 28 3.94 -0.05 -12.66
N VAL A 29 3.57 -0.32 -13.88
CA VAL A 29 3.25 0.78 -14.83
C VAL A 29 1.90 0.52 -15.48
N ARG A 30 1.68 -0.68 -15.89
CA ARG A 30 0.39 -1.03 -16.55
C ARG A 30 0.16 -2.54 -16.46
N LYS A 31 0.94 -3.30 -17.19
CA LYS A 31 0.78 -4.78 -17.15
C LYS A 31 -0.71 -5.14 -17.17
N CYS A 32 -1.42 -4.73 -18.18
CA CYS A 32 -2.88 -5.05 -18.24
C CYS A 32 -3.25 -5.58 -19.61
N SER A 33 -3.29 -6.89 -19.76
CA SER A 33 -3.69 -7.51 -21.07
C SER A 33 -4.57 -6.53 -21.80
N THR A 34 -5.69 -6.37 -21.21
CA THR A 34 -6.68 -5.39 -21.63
C THR A 34 -7.10 -4.84 -20.26
N PRO A 35 -6.84 -3.61 -20.04
CA PRO A 35 -7.06 -3.01 -18.74
C PRO A 35 -8.55 -2.87 -18.40
N GLU A 36 -9.40 -3.16 -19.34
CA GLU A 36 -10.88 -3.06 -19.11
C GLU A 36 -11.37 -4.26 -18.30
N GLU A 37 -10.47 -5.10 -17.90
CA GLU A 37 -10.83 -6.30 -17.10
C GLU A 37 -9.76 -6.41 -16.04
N ILE A 38 -8.61 -6.00 -16.43
CA ILE A 38 -7.45 -5.90 -15.57
C ILE A 38 -7.84 -5.24 -14.28
N LYS A 39 -8.66 -4.24 -14.34
CA LYS A 39 -9.11 -3.55 -13.11
C LYS A 39 -9.53 -4.64 -12.15
N LYS A 40 -10.21 -5.59 -12.69
CA LYS A 40 -10.73 -6.73 -11.88
C LYS A 40 -9.65 -7.80 -11.73
N ARG A 41 -8.43 -7.41 -11.75
CA ARG A 41 -7.32 -8.36 -11.58
C ARG A 41 -6.69 -8.11 -10.21
N LYS A 42 -7.21 -7.13 -9.51
CA LYS A 42 -6.69 -6.81 -8.15
C LYS A 42 -5.23 -6.41 -8.22
N LYS A 43 -4.96 -5.17 -7.97
CA LYS A 43 -3.56 -4.68 -7.97
C LYS A 43 -3.41 -3.86 -6.71
N ALA A 44 -4.29 -2.92 -6.52
CA ALA A 44 -4.28 -2.10 -5.30
C ALA A 44 -4.53 -3.05 -4.18
N VAL A 45 -3.92 -2.83 -3.10
CA VAL A 45 -4.08 -3.82 -2.01
C VAL A 45 -3.56 -3.36 -0.66
N ILE A 46 -4.16 -3.88 0.36
CA ILE A 46 -3.66 -3.66 1.70
C ILE A 46 -3.10 -5.03 2.07
N PHE A 47 -2.41 -5.19 3.12
CA PHE A 47 -1.88 -6.53 3.43
C PHE A 47 -1.88 -6.67 4.96
N CYS A 48 -2.40 -7.76 5.52
CA CYS A 48 -2.48 -7.81 7.03
C CYS A 48 -1.90 -9.08 7.68
N LEU A 49 -0.79 -9.57 7.21
CA LEU A 49 -0.17 -10.75 7.91
C LEU A 49 -1.02 -12.02 7.85
N SER A 50 -0.37 -13.11 7.47
CA SER A 50 -1.03 -14.44 7.33
C SER A 50 -1.87 -14.77 8.57
N ALA A 51 -2.33 -16.00 8.66
CA ALA A 51 -3.15 -16.42 9.83
C ALA A 51 -2.24 -16.51 11.05
N ASP A 52 -2.69 -16.02 12.17
CA ASP A 52 -1.84 -16.04 13.40
C ASP A 52 -0.87 -14.86 13.35
N LYS A 53 -0.79 -14.22 12.21
CA LYS A 53 0.11 -13.04 12.05
C LYS A 53 1.51 -13.50 11.75
N LYS A 54 2.01 -13.03 10.64
CA LYS A 54 3.34 -13.36 10.14
C LYS A 54 3.23 -13.42 8.64
N CYS A 55 4.17 -12.86 7.98
CA CYS A 55 4.20 -12.79 6.49
C CYS A 55 3.38 -11.62 6.03
N ILE A 56 3.98 -10.63 5.43
CA ILE A 56 3.14 -9.55 4.90
C ILE A 56 2.13 -10.29 4.08
N ILE A 57 0.89 -9.98 4.15
CA ILE A 57 -0.03 -10.81 3.37
C ILE A 57 -1.35 -10.12 3.19
N VAL A 58 -2.23 -10.76 2.53
CA VAL A 58 -3.57 -10.18 2.34
C VAL A 58 -4.44 -10.90 3.36
N GLU A 59 -4.84 -10.27 4.43
CA GLU A 59 -5.61 -11.06 5.45
C GLU A 59 -6.75 -10.29 6.07
N GLU A 60 -7.73 -9.93 5.30
CA GLU A 60 -8.86 -9.20 5.90
C GLU A 60 -9.88 -8.82 4.84
N GLY A 61 -9.42 -8.63 3.65
CA GLY A 61 -10.34 -8.26 2.53
C GLY A 61 -10.14 -6.78 2.20
N LYS A 62 -9.12 -6.47 1.44
CA LYS A 62 -8.84 -5.08 1.09
C LYS A 62 -8.68 -4.99 -0.44
N GLU A 63 -7.76 -4.17 -0.87
CA GLU A 63 -7.45 -4.04 -2.33
C GLU A 63 -8.42 -3.18 -3.10
N ILE A 64 -7.86 -2.27 -3.84
CA ILE A 64 -8.64 -1.45 -4.77
C ILE A 64 -8.55 -2.25 -6.08
N LEU A 65 -9.07 -1.79 -7.16
CA LEU A 65 -8.97 -2.62 -8.39
C LEU A 65 -8.20 -1.91 -9.49
N VAL A 66 -7.67 -0.74 -9.23
CA VAL A 66 -6.91 -0.03 -10.29
C VAL A 66 -7.87 0.55 -11.31
N GLY A 67 -8.63 -0.26 -11.97
CA GLY A 67 -9.59 0.28 -12.95
C GLY A 67 -10.87 0.62 -12.18
N ASP A 68 -11.11 -0.03 -11.05
CA ASP A 68 -12.30 0.33 -10.26
C ASP A 68 -12.25 1.83 -10.20
N VAL A 69 -11.09 2.33 -9.89
CA VAL A 69 -10.86 3.79 -9.86
C VAL A 69 -11.65 4.44 -10.99
N GLY A 70 -12.86 4.82 -10.71
CA GLY A 70 -13.72 5.45 -11.75
C GLY A 70 -15.17 4.97 -11.59
N VAL A 71 -15.40 4.05 -10.71
CA VAL A 71 -16.78 3.54 -10.47
C VAL A 71 -17.12 3.93 -9.04
N THR A 72 -16.91 3.04 -8.11
CA THR A 72 -17.15 3.43 -6.71
C THR A 72 -16.03 4.42 -6.38
N ILE A 73 -15.02 4.47 -7.22
CA ILE A 73 -13.89 5.42 -7.00
C ILE A 73 -13.76 6.30 -8.24
N THR A 74 -12.78 7.17 -8.31
CA THR A 74 -12.68 8.03 -9.53
C THR A 74 -11.31 8.67 -9.66
N ASP A 75 -10.26 7.93 -9.39
CA ASP A 75 -8.87 8.47 -9.57
C ASP A 75 -8.16 8.95 -8.28
N PRO A 76 -8.87 9.19 -7.19
CA PRO A 76 -8.21 9.63 -5.96
C PRO A 76 -7.58 8.39 -5.33
N PHE A 77 -7.97 8.01 -4.14
CA PHE A 77 -7.36 6.81 -3.55
C PHE A 77 -7.94 6.58 -2.13
N LYS A 78 -8.40 7.63 -1.48
CA LYS A 78 -8.95 7.50 -0.09
C LYS A 78 -10.04 6.43 -0.09
N HIS A 79 -10.70 6.21 -1.18
CA HIS A 79 -11.71 5.14 -1.16
C HIS A 79 -11.00 3.91 -0.61
N PHE A 80 -9.84 3.64 -1.16
CA PHE A 80 -9.03 2.48 -0.71
C PHE A 80 -8.78 2.60 0.79
N VAL A 81 -8.56 3.80 1.29
CA VAL A 81 -8.32 3.93 2.74
C VAL A 81 -9.53 3.38 3.46
N GLY A 82 -10.67 3.58 2.88
CA GLY A 82 -11.93 3.06 3.47
C GLY A 82 -11.80 1.54 3.55
N MET A 83 -11.17 0.94 2.58
CA MET A 83 -10.99 -0.53 2.61
C MET A 83 -10.33 -0.87 3.92
N LEU A 84 -9.32 -0.15 4.24
CA LEU A 84 -8.60 -0.38 5.52
C LEU A 84 -9.20 0.51 6.63
N PRO A 85 -9.58 -0.10 7.70
CA PRO A 85 -10.17 0.61 8.84
C PRO A 85 -9.03 1.21 9.65
N GLU A 86 -9.13 1.24 10.94
CA GLU A 86 -8.02 1.81 11.75
C GLU A 86 -7.57 0.80 12.78
N LYS A 87 -8.25 -0.29 12.87
CA LYS A 87 -7.91 -1.31 13.88
C LYS A 87 -7.28 -2.59 13.28
N ASP A 88 -6.84 -2.61 12.04
CA ASP A 88 -6.25 -3.92 11.59
C ASP A 88 -5.85 -3.96 10.11
N CYS A 89 -4.56 -3.79 9.86
CA CYS A 89 -3.98 -3.85 8.47
C CYS A 89 -2.95 -2.73 8.36
N ARG A 90 -1.92 -2.88 7.58
CA ARG A 90 -0.91 -1.80 7.53
C ARG A 90 -0.19 -1.66 6.17
N TYR A 91 0.35 -2.70 5.58
CA TYR A 91 1.07 -2.48 4.29
C TYR A 91 0.12 -2.63 3.12
N ALA A 92 0.12 -1.64 2.25
CA ALA A 92 -0.82 -1.69 1.10
C ALA A 92 -0.20 -1.08 -0.16
N LEU A 93 -0.23 -1.80 -1.22
CA LEU A 93 0.29 -1.24 -2.49
C LEU A 93 -0.85 -0.95 -3.42
N TYR A 94 -1.10 0.30 -3.58
CA TYR A 94 -2.22 0.73 -4.45
C TYR A 94 -1.69 1.35 -5.73
N ASP A 95 -2.14 0.86 -6.84
CA ASP A 95 -1.68 1.42 -8.14
C ASP A 95 -2.07 2.90 -8.21
N ALA A 96 -1.11 3.77 -8.31
CA ALA A 96 -1.46 5.23 -8.35
C ALA A 96 -1.44 5.76 -9.78
N SER A 97 -2.44 6.52 -10.13
CA SER A 97 -2.50 7.12 -11.49
C SER A 97 -2.41 8.63 -11.34
N PHE A 98 -1.25 9.16 -11.50
CA PHE A 98 -1.07 10.63 -11.34
C PHE A 98 0.03 11.16 -12.25
N GLU A 99 -0.17 12.30 -12.86
CA GLU A 99 0.91 12.87 -13.68
C GLU A 99 1.84 13.60 -12.74
N THR A 100 2.93 14.04 -13.22
CA THR A 100 3.86 14.74 -12.31
C THR A 100 4.66 15.78 -13.12
N LYS A 101 5.67 16.41 -12.58
CA LYS A 101 6.45 17.30 -13.45
C LYS A 101 6.96 16.38 -14.57
N GLU A 102 6.97 15.09 -14.30
CA GLU A 102 7.40 14.10 -15.28
C GLU A 102 6.22 13.82 -16.22
N SER A 103 5.00 13.93 -15.71
CA SER A 103 3.75 13.69 -16.51
C SER A 103 3.00 12.47 -16.00
N ARG A 104 1.97 12.10 -16.71
CA ARG A 104 1.22 10.88 -16.35
C ARG A 104 2.26 9.81 -16.13
N LYS A 105 2.39 9.39 -14.94
CA LYS A 105 3.44 8.39 -14.65
C LYS A 105 2.96 7.32 -13.67
N GLU A 106 1.69 7.05 -13.67
CA GLU A 106 1.10 6.02 -12.78
C GLU A 106 2.15 5.34 -11.95
N GLU A 107 2.18 5.62 -10.70
CA GLU A 107 3.20 4.99 -9.83
C GLU A 107 2.61 4.62 -8.47
N LEU A 108 2.26 3.39 -8.32
CA LEU A 108 1.70 2.89 -7.02
C LEU A 108 2.52 3.43 -5.88
N MET A 109 2.07 3.17 -4.70
CA MET A 109 2.79 3.68 -3.53
C MET A 109 2.61 2.78 -2.32
N PHE A 110 3.70 2.51 -1.69
CA PHE A 110 3.68 1.67 -0.49
C PHE A 110 2.79 2.30 0.57
N PHE A 111 1.94 1.56 1.24
CA PHE A 111 1.12 2.20 2.29
C PHE A 111 1.40 1.54 3.63
N LEU A 112 2.06 2.22 4.53
CA LEU A 112 2.33 1.65 5.87
C LEU A 112 1.12 1.95 6.73
N TRP A 113 -0.03 1.81 6.15
CA TRP A 113 -1.31 2.10 6.83
C TRP A 113 -1.23 1.88 8.35
N ALA A 114 -0.71 2.84 9.06
CA ALA A 114 -0.64 2.72 10.54
C ALA A 114 -1.74 3.60 11.12
N PRO A 115 -2.76 2.99 11.65
CA PRO A 115 -3.90 3.73 12.20
C PRO A 115 -3.62 4.38 13.55
N GLU A 116 -2.39 4.45 13.93
CA GLU A 116 -2.05 5.08 15.24
C GLU A 116 -2.87 4.45 16.38
N LEU A 117 -3.63 3.43 16.09
CA LEU A 117 -4.47 2.79 17.14
C LEU A 117 -4.48 1.26 16.95
N ALA A 118 -4.15 0.80 15.77
CA ALA A 118 -4.15 -0.67 15.50
C ALA A 118 -3.60 -1.43 16.69
N PRO A 119 -3.73 -2.72 16.63
CA PRO A 119 -3.25 -3.60 17.69
C PRO A 119 -1.72 -3.61 17.71
N LEU A 120 -1.15 -3.33 18.84
CA LEU A 120 0.34 -3.27 18.96
C LEU A 120 1.02 -4.31 18.08
N LYS A 121 0.38 -5.40 17.79
CA LYS A 121 1.06 -6.43 16.94
C LYS A 121 1.50 -5.82 15.59
N SER A 122 0.63 -5.12 14.91
CA SER A 122 1.03 -4.53 13.60
C SER A 122 1.80 -3.23 13.83
N LYS A 123 1.81 -2.77 15.04
CA LYS A 123 2.54 -1.50 15.34
C LYS A 123 3.99 -1.84 15.68
N MET A 124 4.20 -3.04 16.13
CA MET A 124 5.57 -3.50 16.48
C MET A 124 6.10 -4.38 15.38
N ILE A 125 5.22 -4.95 14.63
CA ILE A 125 5.61 -5.89 13.62
C ILE A 125 6.03 -5.19 12.35
N TYR A 126 5.15 -4.42 11.82
CA TYR A 126 5.43 -3.71 10.55
C TYR A 126 6.65 -2.85 10.78
N ALA A 127 6.83 -2.46 11.99
CA ALA A 127 8.02 -1.68 12.35
C ALA A 127 9.24 -2.36 11.73
N SER A 128 9.30 -3.66 11.86
CA SER A 128 10.44 -4.41 11.28
C SER A 128 9.99 -5.11 10.00
N SER A 129 8.72 -5.07 9.68
CA SER A 129 8.25 -5.72 8.43
C SER A 129 8.68 -4.85 7.27
N LYS A 130 8.88 -3.60 7.52
CA LYS A 130 9.36 -2.69 6.47
C LYS A 130 10.86 -2.85 6.40
N ASP A 131 11.18 -3.89 5.78
CA ASP A 131 12.57 -4.36 5.58
C ASP A 131 12.39 -5.69 4.89
N ALA A 132 11.38 -6.39 5.34
CA ALA A 132 11.02 -7.68 4.71
C ALA A 132 10.26 -7.33 3.45
N ILE A 133 9.18 -6.62 3.61
CA ILE A 133 8.39 -6.15 2.46
C ILE A 133 9.33 -5.37 1.57
N LYS A 134 10.24 -4.66 2.19
CA LYS A 134 11.25 -3.86 1.44
C LYS A 134 12.05 -4.79 0.52
N LYS A 135 12.39 -5.95 1.04
CA LYS A 135 13.20 -6.92 0.22
C LYS A 135 12.37 -7.45 -0.94
N LYS A 136 11.12 -7.10 -0.99
CA LYS A 136 10.23 -7.55 -2.09
C LYS A 136 9.73 -6.31 -2.82
N PHE A 137 9.79 -5.18 -2.18
CA PHE A 137 9.34 -3.93 -2.82
C PHE A 137 10.52 -3.27 -3.49
N GLN A 138 11.26 -4.10 -4.16
CA GLN A 138 12.47 -3.63 -4.92
C GLN A 138 12.27 -2.17 -5.31
N GLY A 139 11.09 -1.84 -5.76
CA GLY A 139 10.77 -0.45 -6.14
C GLY A 139 9.39 -0.11 -5.56
N ILE A 140 9.34 0.25 -4.30
CA ILE A 140 8.04 0.55 -3.68
C ILE A 140 7.39 1.68 -4.42
N LYS A 141 8.18 2.51 -5.02
CA LYS A 141 7.64 3.69 -5.74
C LYS A 141 7.33 4.74 -4.70
N HIS A 142 6.68 4.36 -3.64
CA HIS A 142 6.37 5.41 -2.62
C HIS A 142 6.17 4.86 -1.21
N GLU A 143 7.17 4.93 -0.39
CA GLU A 143 6.95 4.49 1.00
C GLU A 143 6.16 5.60 1.67
N CYS A 144 4.92 5.36 1.86
CA CYS A 144 4.03 6.40 2.45
C CYS A 144 3.43 5.90 3.77
N GLN A 145 3.89 6.41 4.89
CA GLN A 145 3.31 5.94 6.18
C GLN A 145 2.07 6.75 6.51
N ALA A 146 1.02 6.10 6.88
CA ALA A 146 -0.24 6.81 7.22
C ALA A 146 -0.57 6.58 8.67
N ASN A 147 -0.37 7.55 9.49
CA ASN A 147 -0.73 7.43 10.92
C ASN A 147 -2.06 8.15 11.08
N GLY A 148 -2.91 7.83 10.16
CA GLY A 148 -4.25 8.40 10.04
C GLY A 148 -4.64 8.02 8.63
N PRO A 149 -5.88 7.76 8.40
CA PRO A 149 -6.32 7.40 7.06
C PRO A 149 -6.19 8.66 6.16
N GLU A 150 -5.72 9.75 6.75
CA GLU A 150 -5.55 11.04 6.04
C GLU A 150 -4.11 11.20 5.60
N ASP A 151 -3.19 10.56 6.27
CA ASP A 151 -1.80 10.68 5.80
C ASP A 151 -1.78 9.93 4.47
N LEU A 152 -2.83 9.19 4.19
CA LEU A 152 -2.94 8.48 2.91
C LEU A 152 -3.61 9.42 1.93
N ASN A 153 -4.31 10.37 2.46
CA ASN A 153 -5.05 11.37 1.68
C ASN A 153 -4.42 11.58 0.33
N ARG A 154 -5.24 11.66 -0.67
CA ARG A 154 -4.71 11.87 -2.06
C ARG A 154 -4.03 13.23 -2.15
N ALA A 155 -4.51 14.19 -1.41
CA ALA A 155 -3.88 15.54 -1.43
C ALA A 155 -2.51 15.39 -0.79
N CYS A 156 -2.43 14.50 0.15
CA CYS A 156 -1.16 14.26 0.88
C CYS A 156 -0.27 13.38 0.04
N ILE A 157 -0.89 12.52 -0.70
CA ILE A 157 -0.17 11.65 -1.59
C ILE A 157 0.23 12.55 -2.73
N ALA A 158 -0.54 13.60 -2.83
CA ALA A 158 -0.30 14.68 -3.82
C ALA A 158 0.72 15.62 -3.20
N GLU A 159 1.31 15.17 -2.14
CA GLU A 159 2.33 15.91 -1.39
C GLU A 159 3.53 14.97 -1.24
N LYS A 160 3.26 13.69 -1.33
CA LYS A 160 4.32 12.68 -1.28
C LYS A 160 4.87 12.64 -2.70
N LEU A 161 4.00 12.94 -3.64
CA LEU A 161 4.39 13.05 -5.06
C LEU A 161 4.41 14.56 -5.33
N GLY A 162 3.52 15.28 -4.67
CA GLY A 162 3.46 16.76 -4.82
C GLY A 162 4.75 17.32 -4.25
N GLY A 163 5.25 16.61 -3.31
CA GLY A 163 6.53 17.00 -2.64
C GLY A 163 7.69 16.34 -3.38
N SER A 164 7.42 15.75 -4.50
CA SER A 164 8.47 15.08 -5.31
C SER A 164 8.40 15.63 -6.74
N LEU A 165 7.79 16.78 -6.88
CA LEU A 165 7.66 17.43 -8.21
C LEU A 165 6.71 16.68 -9.13
N ILE A 166 5.43 16.84 -8.95
CA ILE A 166 4.51 16.16 -9.86
C ILE A 166 3.75 17.20 -10.71
N VAL A 167 2.46 17.06 -10.84
CA VAL A 167 1.68 18.00 -11.67
C VAL A 167 0.19 17.73 -11.42
N ALA A 168 -0.12 16.52 -11.06
CA ALA A 168 -1.51 16.10 -10.77
C ALA A 168 -1.51 15.41 -9.43
N PHE A 169 -2.60 15.47 -8.76
CA PHE A 169 -2.73 14.93 -7.39
C PHE A 169 -2.36 16.12 -6.55
N GLU A 170 -1.22 16.67 -6.84
CA GLU A 170 -0.78 17.91 -6.18
C GLU A 170 -1.22 19.04 -7.13
N GLY A 171 -1.49 18.71 -8.39
CA GLY A 171 -1.87 19.80 -9.34
C GLY A 171 -3.29 19.62 -9.94
N CYS A 172 -3.42 18.88 -11.02
CA CYS A 172 -4.75 18.75 -11.70
C CYS A 172 -5.89 18.37 -10.73
N PRO A 173 -5.95 17.13 -10.32
CA PRO A 173 -6.98 16.67 -9.39
C PRO A 173 -6.81 17.31 -8.02
N VAL A 174 -5.60 17.53 -7.59
CA VAL A 174 -5.43 18.19 -6.25
C VAL A 174 -4.08 18.89 -6.19
N THR A 1 15.39 5.32 17.79
CA THR A 1 15.53 3.94 18.32
C THR A 1 14.20 3.46 18.88
N MET A 2 13.49 2.65 18.14
CA MET A 2 12.18 2.15 18.63
C MET A 2 12.41 1.11 19.73
N ILE A 3 11.44 0.90 20.58
CA ILE A 3 11.60 -0.11 21.65
C ILE A 3 11.01 -1.44 21.17
N THR A 4 11.38 -2.52 21.79
CA THR A 4 10.83 -3.84 21.34
C THR A 4 11.05 -4.89 22.44
N PRO A 5 9.97 -5.26 23.09
CA PRO A 5 10.00 -6.28 24.17
C PRO A 5 10.06 -7.67 23.56
N SER A 6 9.62 -8.67 24.27
CA SER A 6 9.66 -10.06 23.71
C SER A 6 8.31 -10.73 23.91
N SER A 7 7.48 -10.73 22.90
CA SER A 7 6.14 -11.38 23.03
C SER A 7 5.73 -11.95 21.68
N GLY A 8 6.67 -12.14 20.79
CA GLY A 8 6.33 -12.69 19.45
C GLY A 8 6.58 -11.62 18.38
N ASN A 9 7.03 -12.02 17.22
CA ASN A 9 7.29 -11.01 16.15
C ASN A 9 8.03 -9.81 16.75
N SER A 10 8.90 -10.04 17.69
CA SER A 10 9.66 -8.92 18.33
C SER A 10 10.42 -8.14 17.25
N ALA A 11 11.41 -8.76 16.66
CA ALA A 11 12.20 -8.06 15.60
C ALA A 11 11.49 -8.27 14.26
N SER A 12 10.21 -8.05 14.24
CA SER A 12 9.43 -8.25 12.98
C SER A 12 9.53 -9.73 12.60
N GLY A 13 8.91 -10.57 13.36
CA GLY A 13 8.95 -12.02 13.00
C GLY A 13 8.58 -12.12 11.53
N VAL A 14 7.85 -11.14 11.05
CA VAL A 14 7.41 -11.15 9.63
C VAL A 14 8.41 -11.82 8.71
N GLN A 15 7.83 -12.43 7.75
CA GLN A 15 8.56 -13.19 6.71
C GLN A 15 8.01 -12.78 5.35
N VAL A 16 7.12 -11.82 5.34
CA VAL A 16 6.50 -11.33 4.06
C VAL A 16 6.07 -12.46 3.16
N ALA A 17 4.83 -12.39 2.82
CA ALA A 17 4.23 -13.34 1.89
C ALA A 17 4.95 -13.18 0.56
N ASP A 18 5.25 -14.23 -0.14
CA ASP A 18 5.96 -14.04 -1.43
C ASP A 18 5.00 -13.39 -2.40
N GLU A 19 3.73 -13.51 -2.14
CA GLU A 19 2.73 -12.87 -3.03
C GLU A 19 2.92 -11.36 -2.92
N VAL A 20 3.64 -10.91 -1.93
CA VAL A 20 3.85 -9.46 -1.80
C VAL A 20 4.88 -9.03 -2.83
N CYS A 21 5.71 -9.93 -3.26
CA CYS A 21 6.73 -9.57 -4.27
C CYS A 21 6.09 -9.40 -5.64
N ARG A 22 4.79 -9.35 -5.74
CA ARG A 22 4.18 -9.10 -7.08
C ARG A 22 3.21 -7.96 -6.95
N ILE A 23 3.01 -7.47 -5.76
CA ILE A 23 2.07 -6.36 -5.60
C ILE A 23 2.78 -5.13 -6.12
N PHE A 24 3.96 -4.95 -5.65
CA PHE A 24 4.79 -3.84 -6.15
C PHE A 24 4.80 -3.98 -7.68
N TYR A 25 4.92 -5.20 -8.15
CA TYR A 25 4.89 -5.52 -9.61
C TYR A 25 3.46 -5.47 -10.15
N ASP A 26 2.51 -5.53 -9.28
CA ASP A 26 1.10 -5.59 -9.72
C ASP A 26 0.68 -4.23 -10.25
N MET A 27 1.17 -3.22 -9.61
CA MET A 27 0.81 -1.83 -9.98
C MET A 27 2.06 -1.07 -10.46
N LYS A 28 3.13 -1.78 -10.73
CA LYS A 28 4.39 -1.13 -11.20
C LYS A 28 4.08 0.15 -11.98
N VAL A 29 3.65 0.03 -13.19
CA VAL A 29 3.32 1.23 -14.00
C VAL A 29 1.89 1.07 -14.53
N ARG A 30 1.69 1.04 -15.82
CA ARG A 30 0.32 0.86 -16.35
C ARG A 30 0.08 -0.64 -16.55
N LYS A 31 0.47 -1.43 -15.58
CA LYS A 31 0.31 -2.90 -15.71
C LYS A 31 -1.17 -3.29 -15.58
N CYS A 32 -1.87 -3.29 -16.68
CA CYS A 32 -3.32 -3.68 -16.66
C CYS A 32 -3.70 -4.20 -18.03
N SER A 33 -2.87 -5.03 -18.65
CA SER A 33 -3.21 -5.60 -20.00
C SER A 33 -4.14 -4.61 -20.69
N THR A 34 -5.39 -4.84 -20.46
CA THR A 34 -6.43 -3.93 -20.91
C THR A 34 -7.08 -3.62 -19.55
N PRO A 35 -7.02 -2.41 -19.15
CA PRO A 35 -7.48 -2.02 -17.83
C PRO A 35 -9.01 -2.08 -17.73
N GLU A 36 -9.65 -2.30 -18.85
CA GLU A 36 -11.15 -2.39 -18.88
C GLU A 36 -11.61 -3.72 -18.28
N GLU A 37 -10.69 -4.52 -17.85
CA GLU A 37 -11.04 -5.83 -17.24
C GLU A 37 -10.21 -5.94 -15.99
N ILE A 38 -9.04 -5.38 -16.08
CA ILE A 38 -8.11 -5.26 -14.99
C ILE A 38 -8.85 -4.90 -13.71
N LYS A 39 -9.80 -4.01 -13.84
CA LYS A 39 -10.64 -3.55 -12.67
C LYS A 39 -11.09 -4.76 -11.85
N LYS A 40 -11.01 -5.92 -12.41
CA LYS A 40 -11.41 -7.15 -11.69
C LYS A 40 -10.24 -8.11 -11.75
N ARG A 41 -9.06 -7.56 -11.59
CA ARG A 41 -7.81 -8.37 -11.62
C ARG A 41 -7.11 -8.20 -10.27
N LYS A 42 -7.69 -7.41 -9.41
CA LYS A 42 -7.12 -7.18 -8.05
C LYS A 42 -5.65 -6.84 -8.12
N LYS A 43 -5.33 -5.58 -8.02
CA LYS A 43 -3.92 -5.16 -8.04
C LYS A 43 -3.73 -4.22 -6.86
N ALA A 44 -4.57 -3.20 -6.74
CA ALA A 44 -4.46 -2.32 -5.58
C ALA A 44 -4.69 -3.22 -4.43
N VAL A 45 -4.07 -2.95 -3.38
CA VAL A 45 -4.21 -3.89 -2.26
C VAL A 45 -3.66 -3.36 -0.96
N ILE A 46 -4.13 -3.94 0.10
CA ILE A 46 -3.59 -3.65 1.42
C ILE A 46 -2.97 -4.99 1.80
N PHE A 47 -2.19 -5.10 2.83
CA PHE A 47 -1.62 -6.44 3.09
C PHE A 47 -1.40 -6.67 4.60
N CYS A 48 -1.97 -7.72 5.20
CA CYS A 48 -1.83 -7.88 6.69
C CYS A 48 -1.27 -9.24 7.19
N LEU A 49 0.03 -9.37 7.20
CA LEU A 49 0.75 -10.55 7.80
C LEU A 49 0.38 -11.97 7.37
N SER A 50 -0.50 -12.63 8.05
CA SER A 50 -0.79 -14.05 7.69
C SER A 50 -1.51 -14.74 8.85
N ALA A 51 -1.64 -16.04 8.81
CA ALA A 51 -2.30 -16.75 9.94
C ALA A 51 -1.42 -16.61 11.19
N ASP A 52 -1.97 -16.13 12.27
CA ASP A 52 -1.15 -15.91 13.51
C ASP A 52 -0.51 -14.53 13.42
N LYS A 53 -0.39 -14.00 12.23
CA LYS A 53 0.20 -12.66 12.02
C LYS A 53 1.71 -12.69 12.11
N LYS A 54 2.33 -12.68 10.97
CA LYS A 54 3.80 -12.73 10.87
C LYS A 54 4.22 -12.07 9.56
N CYS A 55 4.16 -12.81 8.48
CA CYS A 55 4.51 -12.34 7.10
C CYS A 55 3.87 -11.00 6.80
N ILE A 56 3.77 -10.77 5.54
CA ILE A 56 3.05 -9.62 5.01
C ILE A 56 1.86 -10.36 4.44
N ILE A 57 0.86 -9.76 3.88
CA ILE A 57 -0.23 -10.67 3.43
C ILE A 57 -1.41 -9.91 2.97
N VAL A 58 -2.37 -10.59 2.50
CA VAL A 58 -3.62 -9.93 2.10
C VAL A 58 -4.73 -10.70 2.83
N GLU A 59 -5.32 -10.15 3.87
CA GLU A 59 -6.33 -10.97 4.62
C GLU A 59 -7.63 -10.24 4.98
N GLU A 60 -8.00 -9.19 4.30
CA GLU A 60 -9.29 -8.53 4.67
C GLU A 60 -10.15 -8.35 3.43
N GLY A 61 -9.65 -8.73 2.32
CA GLY A 61 -10.42 -8.56 1.07
C GLY A 61 -10.56 -7.08 0.76
N LYS A 62 -9.77 -6.24 1.40
CA LYS A 62 -9.86 -4.79 1.09
C LYS A 62 -9.28 -4.65 -0.33
N GLU A 63 -8.29 -3.83 -0.54
CA GLU A 63 -7.69 -3.73 -1.90
C GLU A 63 -8.60 -3.01 -2.90
N ILE A 64 -8.01 -2.29 -3.80
CA ILE A 64 -8.77 -1.63 -4.87
C ILE A 64 -8.52 -2.49 -6.12
N LEU A 65 -9.01 -2.11 -7.24
CA LEU A 65 -8.76 -2.95 -8.43
C LEU A 65 -7.99 -2.20 -9.52
N VAL A 66 -7.76 -0.91 -9.38
CA VAL A 66 -7.05 -0.13 -10.45
C VAL A 66 -8.01 0.18 -11.59
N GLY A 67 -8.91 -0.70 -11.90
CA GLY A 67 -9.89 -0.44 -12.97
C GLY A 67 -11.10 0.20 -12.31
N ASP A 68 -11.40 -0.20 -11.11
CA ASP A 68 -12.55 0.41 -10.40
C ASP A 68 -12.27 1.90 -10.34
N VAL A 69 -11.10 2.27 -9.87
CA VAL A 69 -10.74 3.71 -9.80
C VAL A 69 -11.23 4.37 -11.09
N GLY A 70 -12.37 4.97 -11.02
CA GLY A 70 -12.99 5.60 -12.22
C GLY A 70 -14.35 4.94 -12.46
N VAL A 71 -14.86 4.28 -11.45
CA VAL A 71 -16.18 3.61 -11.52
C VAL A 71 -16.87 3.96 -10.22
N THR A 72 -16.74 3.14 -9.21
CA THR A 72 -17.28 3.52 -7.90
C THR A 72 -16.31 4.55 -7.33
N ILE A 73 -15.18 4.70 -8.00
CA ILE A 73 -14.14 5.66 -7.56
C ILE A 73 -13.81 6.57 -8.76
N THR A 74 -12.91 7.51 -8.62
CA THR A 74 -12.59 8.41 -9.78
C THR A 74 -11.12 8.84 -9.76
N ASP A 75 -10.21 7.91 -9.83
CA ASP A 75 -8.77 8.27 -9.82
C ASP A 75 -8.37 8.97 -8.51
N PRO A 76 -9.00 8.65 -7.38
CA PRO A 76 -8.67 9.29 -6.11
C PRO A 76 -7.85 8.31 -5.29
N PHE A 77 -7.92 8.47 -4.01
CA PHE A 77 -7.22 7.55 -3.08
C PHE A 77 -8.12 7.33 -1.84
N LYS A 78 -8.83 8.37 -1.44
CA LYS A 78 -9.71 8.29 -0.24
C LYS A 78 -10.74 7.18 -0.37
N HIS A 79 -10.89 6.57 -1.50
CA HIS A 79 -11.86 5.47 -1.57
C HIS A 79 -11.16 4.23 -1.03
N PHE A 80 -9.94 4.04 -1.46
CA PHE A 80 -9.15 2.88 -1.01
C PHE A 80 -8.87 3.04 0.49
N VAL A 81 -8.96 4.25 1.00
CA VAL A 81 -8.75 4.46 2.46
C VAL A 81 -9.93 3.85 3.20
N GLY A 82 -11.01 3.71 2.50
CA GLY A 82 -12.22 3.08 3.08
C GLY A 82 -11.84 1.62 3.30
N MET A 83 -10.95 1.13 2.46
CA MET A 83 -10.41 -0.25 2.61
C MET A 83 -9.27 -0.17 3.61
N LEU A 84 -9.18 0.95 4.28
CA LEU A 84 -8.16 1.17 5.32
C LEU A 84 -8.91 1.62 6.57
N PRO A 85 -9.54 0.69 7.24
CA PRO A 85 -10.30 0.99 8.46
C PRO A 85 -9.36 1.33 9.62
N GLU A 86 -9.79 1.15 10.83
CA GLU A 86 -8.89 1.47 11.95
C GLU A 86 -8.49 0.16 12.63
N LYS A 87 -9.29 -0.85 12.45
CA LYS A 87 -8.99 -2.17 13.06
C LYS A 87 -8.03 -2.96 12.18
N ASP A 88 -7.34 -2.32 11.27
CA ASP A 88 -6.44 -3.10 10.40
C ASP A 88 -5.16 -2.32 10.11
N CYS A 89 -4.06 -2.90 10.47
CA CYS A 89 -2.74 -2.31 10.19
C CYS A 89 -2.09 -3.18 9.11
N ARG A 90 -2.03 -2.73 7.89
CA ARG A 90 -1.43 -3.61 6.82
C ARG A 90 -0.75 -2.77 5.71
N TYR A 91 0.19 -3.35 5.00
CA TYR A 91 0.91 -2.61 3.90
C TYR A 91 0.05 -2.61 2.62
N ALA A 92 -0.03 -1.52 1.91
CA ALA A 92 -0.91 -1.55 0.71
C ALA A 92 -0.29 -0.92 -0.53
N LEU A 93 -0.41 -1.63 -1.61
CA LEU A 93 0.07 -1.14 -2.94
C LEU A 93 -1.15 -0.89 -3.80
N TYR A 94 -1.45 0.34 -3.99
CA TYR A 94 -2.65 0.69 -4.79
C TYR A 94 -2.22 1.29 -6.11
N ASP A 95 -2.44 0.59 -7.19
CA ASP A 95 -2.05 1.14 -8.52
C ASP A 95 -2.60 2.56 -8.64
N ALA A 96 -1.83 3.52 -8.20
CA ALA A 96 -2.31 4.92 -8.24
C ALA A 96 -2.63 5.34 -9.67
N SER A 97 -2.61 6.60 -9.89
CA SER A 97 -2.91 7.14 -11.24
C SER A 97 -2.88 8.64 -11.14
N PHE A 98 -1.74 9.20 -11.42
CA PHE A 98 -1.57 10.66 -11.28
C PHE A 98 -0.51 11.17 -12.25
N GLU A 99 -0.71 12.31 -12.84
CA GLU A 99 0.36 12.83 -13.73
C GLU A 99 1.43 13.42 -12.87
N THR A 100 2.52 13.75 -13.44
CA THR A 100 3.62 14.30 -12.63
C THR A 100 4.46 15.25 -13.50
N LYS A 101 5.59 15.73 -13.05
CA LYS A 101 6.39 16.55 -13.97
C LYS A 101 6.71 15.60 -15.14
N GLU A 102 6.56 14.32 -14.89
CA GLU A 102 6.80 13.29 -15.90
C GLU A 102 5.54 13.15 -16.76
N SER A 103 4.39 13.42 -16.15
CA SER A 103 3.07 13.34 -16.83
C SER A 103 2.23 12.22 -16.25
N ARG A 104 1.13 11.93 -16.88
CA ARG A 104 0.24 10.84 -16.42
C ARG A 104 1.07 9.60 -16.18
N LYS A 105 1.40 9.41 -14.96
CA LYS A 105 2.21 8.22 -14.57
C LYS A 105 1.54 7.59 -13.35
N GLU A 106 1.01 6.42 -13.51
CA GLU A 106 0.35 5.75 -12.38
C GLU A 106 1.40 4.92 -11.66
N GLU A 107 1.54 5.17 -10.40
CA GLU A 107 2.54 4.42 -9.60
C GLU A 107 1.95 4.06 -8.23
N LEU A 108 1.81 2.80 -7.94
CA LEU A 108 1.23 2.43 -6.62
C LEU A 108 2.04 3.07 -5.53
N MET A 109 1.58 2.95 -4.33
CA MET A 109 2.33 3.57 -3.23
C MET A 109 2.19 2.77 -1.96
N PHE A 110 3.29 2.24 -1.53
CA PHE A 110 3.32 1.44 -0.28
C PHE A 110 2.45 2.14 0.76
N PHE A 111 1.68 1.41 1.50
CA PHE A 111 0.85 2.09 2.51
C PHE A 111 0.98 1.38 3.83
N LEU A 112 1.59 2.00 4.79
CA LEU A 112 1.73 1.37 6.12
C LEU A 112 0.47 1.64 6.88
N TRP A 113 -0.65 1.44 6.23
CA TRP A 113 -1.94 1.70 6.87
C TRP A 113 -1.85 1.17 8.31
N ALA A 114 -1.53 2.03 9.24
CA ALA A 114 -1.37 1.57 10.65
C ALA A 114 -2.23 2.43 11.56
N PRO A 115 -3.42 1.98 11.81
CA PRO A 115 -4.37 2.72 12.65
C PRO A 115 -3.93 2.71 14.12
N GLU A 116 -4.29 3.73 14.84
CA GLU A 116 -3.87 3.84 16.26
C GLU A 116 -4.41 2.69 17.13
N LEU A 117 -5.15 1.75 16.59
CA LEU A 117 -5.69 0.69 17.48
C LEU A 117 -5.17 -0.71 17.09
N ALA A 118 -4.92 -0.97 15.83
CA ALA A 118 -4.47 -2.34 15.45
C ALA A 118 -3.18 -2.71 16.11
N PRO A 119 -2.16 -1.97 15.79
CA PRO A 119 -0.83 -2.27 16.26
C PRO A 119 -0.59 -2.28 17.75
N LEU A 120 0.65 -2.09 18.08
CA LEU A 120 1.17 -2.31 19.43
C LEU A 120 1.73 -3.73 19.26
N LYS A 121 1.43 -4.24 18.08
CA LYS A 121 1.88 -5.52 17.60
C LYS A 121 2.29 -5.24 16.15
N SER A 122 1.48 -4.50 15.39
CA SER A 122 1.94 -4.15 14.03
C SER A 122 2.99 -3.06 14.22
N LYS A 123 3.00 -2.44 15.38
CA LYS A 123 4.01 -1.38 15.67
C LYS A 123 5.35 -2.06 15.89
N MET A 124 5.33 -3.17 16.57
CA MET A 124 6.59 -3.91 16.84
C MET A 124 6.94 -4.80 15.67
N ILE A 125 6.02 -5.00 14.80
CA ILE A 125 6.27 -5.93 13.71
C ILE A 125 6.61 -5.22 12.43
N TYR A 126 5.69 -4.43 11.98
CA TYR A 126 5.88 -3.69 10.70
C TYR A 126 7.08 -2.80 10.91
N ALA A 127 7.26 -2.37 12.11
CA ALA A 127 8.40 -1.53 12.46
C ALA A 127 9.63 -2.12 11.77
N SER A 128 9.71 -3.43 11.72
CA SER A 128 10.87 -4.08 11.06
C SER A 128 10.38 -4.90 9.87
N SER A 129 9.08 -4.99 9.68
CA SER A 129 8.57 -5.77 8.52
C SER A 129 8.89 -4.98 7.26
N LYS A 130 8.99 -3.69 7.41
CA LYS A 130 9.34 -2.83 6.26
C LYS A 130 10.84 -2.83 6.16
N ASP A 131 11.24 -3.91 5.62
CA ASP A 131 12.66 -4.27 5.40
C ASP A 131 12.57 -5.65 4.77
N ALA A 132 11.64 -6.43 5.28
CA ALA A 132 11.40 -7.77 4.72
C ALA A 132 10.56 -7.55 3.46
N ILE A 133 9.45 -6.89 3.61
CA ILE A 133 8.60 -6.57 2.45
C ILE A 133 9.43 -5.79 1.48
N LYS A 134 10.26 -4.92 1.99
CA LYS A 134 11.12 -4.07 1.12
C LYS A 134 12.02 -4.95 0.27
N LYS A 135 12.43 -6.08 0.78
CA LYS A 135 13.31 -6.96 -0.04
C LYS A 135 12.60 -7.25 -1.36
N LYS A 136 11.31 -7.16 -1.35
CA LYS A 136 10.51 -7.35 -2.59
C LYS A 136 9.95 -5.99 -2.98
N PHE A 137 9.91 -5.10 -2.03
CA PHE A 137 9.40 -3.72 -2.28
C PHE A 137 10.58 -2.84 -2.55
N GLN A 138 11.47 -3.38 -3.30
CA GLN A 138 12.71 -2.66 -3.66
C GLN A 138 12.34 -1.41 -4.47
N GLY A 139 11.22 -1.47 -5.13
CA GLY A 139 10.75 -0.31 -5.94
C GLY A 139 9.29 -0.04 -5.56
N ILE A 140 9.05 0.19 -4.30
CA ILE A 140 7.70 0.44 -3.80
C ILE A 140 7.03 1.57 -4.56
N LYS A 141 7.81 2.40 -5.17
CA LYS A 141 7.24 3.57 -5.89
C LYS A 141 6.95 4.63 -4.85
N HIS A 142 6.34 4.23 -3.78
CA HIS A 142 6.04 5.25 -2.73
C HIS A 142 5.88 4.62 -1.35
N GLU A 143 6.72 4.95 -0.44
CA GLU A 143 6.52 4.40 0.90
C GLU A 143 5.74 5.44 1.68
N CYS A 144 4.52 5.13 1.94
CA CYS A 144 3.64 6.11 2.66
C CYS A 144 2.94 5.47 3.85
N GLN A 145 3.26 5.91 5.04
CA GLN A 145 2.56 5.35 6.24
C GLN A 145 1.36 6.23 6.57
N ALA A 146 0.44 5.73 7.34
CA ALA A 146 -0.74 6.55 7.72
C ALA A 146 -1.36 5.98 9.00
N ASN A 147 -1.29 6.74 10.05
CA ASN A 147 -1.89 6.29 11.32
C ASN A 147 -3.17 7.07 11.48
N GLY A 148 -3.84 7.12 10.39
CA GLY A 148 -5.10 7.85 10.21
C GLY A 148 -5.27 7.84 8.71
N PRO A 149 -6.47 7.74 8.27
CA PRO A 149 -6.73 7.69 6.83
C PRO A 149 -6.37 9.06 6.22
N GLU A 150 -5.91 9.99 7.04
CA GLU A 150 -5.54 11.34 6.57
C GLU A 150 -4.09 11.36 6.10
N ASP A 151 -3.27 10.40 6.47
CA ASP A 151 -1.89 10.42 5.95
C ASP A 151 -1.99 10.14 4.45
N LEU A 152 -3.07 9.52 4.07
CA LEU A 152 -3.36 9.21 2.65
C LEU A 152 -4.00 10.46 2.01
N ASN A 153 -4.18 11.46 2.83
CA ASN A 153 -4.77 12.77 2.46
C ASN A 153 -5.08 12.92 0.97
N ARG A 154 -4.05 12.91 0.16
CA ARG A 154 -4.16 13.11 -1.31
C ARG A 154 -3.27 14.29 -1.63
N ALA A 155 -3.52 15.38 -0.93
CA ALA A 155 -2.66 16.57 -1.06
C ALA A 155 -1.33 16.14 -0.50
N CYS A 156 -1.42 15.29 0.49
CA CYS A 156 -0.21 14.73 1.13
C CYS A 156 0.36 13.69 0.21
N ILE A 157 -0.50 12.95 -0.40
CA ILE A 157 -0.01 11.99 -1.35
C ILE A 157 0.52 12.83 -2.51
N ALA A 158 0.06 14.06 -2.52
CA ALA A 158 0.50 15.08 -3.50
C ALA A 158 1.65 15.85 -2.89
N GLU A 159 2.31 15.18 -2.03
CA GLU A 159 3.48 15.69 -1.30
C GLU A 159 4.52 14.58 -1.37
N LYS A 160 4.05 13.37 -1.25
CA LYS A 160 4.92 12.20 -1.39
C LYS A 160 5.15 12.07 -2.89
N LEU A 161 4.23 12.62 -3.64
CA LEU A 161 4.34 12.67 -5.11
C LEU A 161 4.42 14.15 -5.48
N GLY A 162 3.55 14.93 -4.86
CA GLY A 162 3.48 16.38 -5.14
C GLY A 162 4.45 17.13 -4.24
N GLY A 163 5.20 16.42 -3.50
CA GLY A 163 6.22 17.08 -2.63
C GLY A 163 7.56 16.68 -3.19
N SER A 164 7.59 16.40 -4.46
CA SER A 164 8.84 15.98 -5.11
C SER A 164 8.83 16.39 -6.58
N LEU A 165 8.15 15.65 -7.43
CA LEU A 165 8.18 15.99 -8.88
C LEU A 165 6.93 15.56 -9.66
N ILE A 166 5.75 15.96 -9.30
CA ILE A 166 4.62 15.53 -10.14
C ILE A 166 3.95 16.75 -10.79
N VAL A 167 2.67 16.69 -10.98
CA VAL A 167 1.94 17.80 -11.63
C VAL A 167 0.48 17.70 -11.19
N ALA A 168 0.01 16.50 -11.04
CA ALA A 168 -1.38 16.27 -10.59
C ALA A 168 -1.32 15.64 -9.21
N PHE A 169 -2.31 15.91 -8.42
CA PHE A 169 -2.35 15.49 -7.00
C PHE A 169 -1.72 16.66 -6.29
N GLU A 170 -0.64 17.10 -6.86
CA GLU A 170 0.06 18.30 -6.39
C GLU A 170 -0.42 19.47 -7.27
N GLY A 171 -0.90 19.17 -8.47
CA GLY A 171 -1.33 20.30 -9.35
C GLY A 171 -2.77 20.13 -9.89
N CYS A 172 -2.98 19.28 -10.86
CA CYS A 172 -4.35 19.16 -11.46
C CYS A 172 -5.44 18.98 -10.38
N PRO A 173 -5.59 17.80 -9.86
CA PRO A 173 -6.58 17.52 -8.82
C PRO A 173 -6.24 18.25 -7.52
N VAL A 174 -4.98 18.34 -7.18
CA VAL A 174 -4.63 19.08 -5.93
C VAL A 174 -3.20 19.61 -6.01
N THR A 1 -5.43 -26.27 8.26
CA THR A 1 -6.45 -27.35 8.37
C THR A 1 -7.10 -27.29 9.76
N MET A 2 -6.46 -26.66 10.70
CA MET A 2 -7.05 -26.57 12.07
C MET A 2 -6.38 -25.42 12.82
N ILE A 3 -7.08 -24.84 13.77
CA ILE A 3 -6.49 -23.70 14.53
C ILE A 3 -5.15 -24.10 15.14
N THR A 4 -4.52 -23.21 15.84
CA THR A 4 -3.20 -23.54 16.47
C THR A 4 -2.98 -22.62 17.68
N PRO A 5 -2.90 -23.20 18.84
CA PRO A 5 -2.68 -22.44 20.09
C PRO A 5 -1.22 -22.04 20.22
N SER A 6 -0.86 -20.90 19.67
CA SER A 6 0.55 -20.45 19.77
C SER A 6 0.75 -19.17 18.95
N SER A 7 0.66 -18.03 19.56
CA SER A 7 0.85 -16.76 18.81
C SER A 7 2.26 -16.72 18.21
N GLY A 8 2.49 -15.88 17.26
CA GLY A 8 3.84 -15.80 16.63
C GLY A 8 4.37 -14.36 16.69
N ASN A 9 4.78 -13.84 15.57
CA ASN A 9 5.31 -12.44 15.53
C ASN A 9 6.18 -12.19 16.77
N SER A 10 7.09 -13.07 17.04
CA SER A 10 7.99 -12.89 18.23
C SER A 10 8.87 -11.66 18.00
N ALA A 11 8.54 -10.55 18.62
CA ALA A 11 9.35 -9.32 18.41
C ALA A 11 9.43 -9.04 16.92
N SER A 12 8.34 -8.68 16.31
CA SER A 12 8.35 -8.40 14.85
C SER A 12 9.04 -9.55 14.14
N GLY A 13 8.30 -10.58 13.80
CA GLY A 13 8.92 -11.76 13.12
C GLY A 13 8.35 -11.93 11.72
N VAL A 14 7.24 -11.30 11.43
CA VAL A 14 6.65 -11.45 10.07
C VAL A 14 7.75 -11.36 9.03
N GLN A 15 7.50 -11.88 7.88
CA GLN A 15 8.54 -11.91 6.82
C GLN A 15 7.94 -11.81 5.41
N VAL A 16 7.06 -10.89 5.14
CA VAL A 16 6.48 -10.80 3.77
C VAL A 16 5.92 -12.17 3.40
N ALA A 17 5.05 -12.19 2.44
CA ALA A 17 4.37 -13.45 2.09
C ALA A 17 4.74 -13.89 0.68
N ASP A 18 5.62 -13.16 0.05
CA ASP A 18 5.98 -13.45 -1.37
C ASP A 18 4.83 -12.92 -2.23
N GLU A 19 3.69 -12.70 -1.62
CA GLU A 19 2.54 -12.15 -2.35
C GLU A 19 2.83 -10.67 -2.49
N VAL A 20 3.60 -10.12 -1.58
CA VAL A 20 3.97 -8.70 -1.71
C VAL A 20 5.00 -8.62 -2.82
N CYS A 21 5.65 -9.71 -3.11
CA CYS A 21 6.61 -9.68 -4.22
C CYS A 21 5.77 -9.56 -5.51
N ARG A 22 4.46 -9.73 -5.38
CA ARG A 22 3.57 -9.57 -6.54
C ARG A 22 2.65 -8.40 -6.25
N ILE A 23 2.71 -7.86 -5.06
CA ILE A 23 1.85 -6.69 -4.77
C ILE A 23 2.66 -5.47 -5.17
N PHE A 24 3.79 -5.30 -4.56
CA PHE A 24 4.67 -4.20 -4.98
C PHE A 24 4.85 -4.34 -6.48
N TYR A 25 4.69 -5.56 -6.93
CA TYR A 25 4.89 -5.90 -8.34
C TYR A 25 3.58 -5.94 -9.11
N ASP A 26 2.47 -6.10 -8.42
CA ASP A 26 1.18 -6.21 -9.15
C ASP A 26 0.86 -4.84 -9.72
N MET A 27 1.63 -3.88 -9.31
CA MET A 27 1.41 -2.48 -9.72
C MET A 27 2.72 -1.80 -10.14
N LYS A 28 3.69 -2.56 -10.56
CA LYS A 28 4.99 -1.96 -10.97
C LYS A 28 4.76 -0.76 -11.89
N VAL A 29 4.75 -0.99 -13.18
CA VAL A 29 4.55 0.13 -14.12
C VAL A 29 3.36 -0.17 -15.06
N ARG A 30 3.58 -0.36 -16.32
CA ARG A 30 2.45 -0.63 -17.25
C ARG A 30 2.21 -2.15 -17.35
N LYS A 31 2.20 -2.84 -16.26
CA LYS A 31 1.96 -4.31 -16.31
C LYS A 31 0.48 -4.58 -16.48
N CYS A 32 0.02 -4.63 -17.71
CA CYS A 32 -1.42 -4.89 -17.96
C CYS A 32 -1.62 -5.47 -19.36
N SER A 33 -2.09 -6.70 -19.46
CA SER A 33 -2.37 -7.30 -20.80
C SER A 33 -2.99 -6.19 -21.61
N THR A 34 -4.12 -5.86 -21.15
CA THR A 34 -4.90 -4.72 -21.65
C THR A 34 -5.45 -4.17 -20.33
N PRO A 35 -4.99 -3.03 -19.96
CA PRO A 35 -5.27 -2.45 -18.64
C PRO A 35 -6.75 -2.09 -18.43
N GLU A 36 -7.56 -2.20 -19.45
CA GLU A 36 -9.00 -1.87 -19.28
C GLU A 36 -9.74 -3.02 -18.58
N GLU A 37 -9.01 -4.03 -18.22
CA GLU A 37 -9.60 -5.19 -17.52
C GLU A 37 -8.65 -5.53 -16.40
N ILE A 38 -7.41 -5.32 -16.69
CA ILE A 38 -6.35 -5.49 -15.76
C ILE A 38 -6.71 -4.88 -14.43
N LYS A 39 -7.35 -3.77 -14.45
CA LYS A 39 -7.74 -3.13 -13.18
C LYS A 39 -8.39 -4.19 -12.33
N LYS A 40 -9.18 -5.00 -12.96
CA LYS A 40 -9.89 -6.10 -12.22
C LYS A 40 -9.03 -7.36 -12.22
N ARG A 41 -7.75 -7.17 -12.18
CA ARG A 41 -6.82 -8.32 -12.12
C ARG A 41 -6.09 -8.25 -10.78
N LYS A 42 -6.51 -7.33 -9.96
CA LYS A 42 -5.88 -7.15 -8.62
C LYS A 42 -4.63 -6.28 -8.78
N LYS A 43 -4.68 -5.04 -8.35
CA LYS A 43 -3.50 -4.16 -8.51
C LYS A 43 -3.66 -2.92 -7.63
N ALA A 44 -4.13 -3.14 -6.47
CA ALA A 44 -4.28 -2.11 -5.41
C ALA A 44 -4.48 -2.93 -4.17
N VAL A 45 -3.80 -2.68 -3.09
CA VAL A 45 -3.96 -3.66 -2.00
C VAL A 45 -3.41 -3.26 -0.64
N ILE A 46 -4.21 -3.40 0.36
CA ILE A 46 -3.75 -3.15 1.73
C ILE A 46 -3.82 -4.47 2.47
N PHE A 47 -2.72 -4.96 2.97
CA PHE A 47 -2.77 -6.28 3.61
C PHE A 47 -2.31 -6.25 5.06
N CYS A 48 -2.20 -7.40 5.65
CA CYS A 48 -1.77 -7.47 7.06
C CYS A 48 -0.74 -8.59 7.24
N LEU A 49 -1.17 -9.79 7.45
CA LEU A 49 -0.18 -10.89 7.67
C LEU A 49 -0.77 -12.27 7.39
N SER A 50 0.09 -13.26 7.26
CA SER A 50 -0.34 -14.65 6.99
C SER A 50 -1.13 -15.21 8.17
N ALA A 51 -1.49 -16.47 8.13
CA ALA A 51 -2.23 -17.06 9.28
C ALA A 51 -1.25 -17.23 10.44
N ASP A 52 -1.71 -17.04 11.65
CA ASP A 52 -0.79 -17.16 12.84
C ASP A 52 -0.05 -15.84 13.04
N LYS A 53 -0.02 -15.00 12.02
CA LYS A 53 0.66 -13.67 12.13
C LYS A 53 2.14 -13.79 11.89
N LYS A 54 2.53 -13.48 10.68
CA LYS A 54 3.93 -13.54 10.26
C LYS A 54 3.95 -12.86 8.90
N CYS A 55 4.60 -13.44 7.94
CA CYS A 55 4.66 -12.89 6.55
C CYS A 55 3.61 -11.84 6.29
N ILE A 56 3.98 -10.83 5.59
CA ILE A 56 2.98 -9.85 5.19
C ILE A 56 1.92 -10.65 4.42
N ILE A 57 1.00 -10.07 3.73
CA ILE A 57 0.02 -10.95 3.08
C ILE A 57 -1.02 -10.15 2.28
N VAL A 58 -2.17 -10.73 2.11
CA VAL A 58 -3.32 -10.05 1.42
C VAL A 58 -4.59 -10.83 1.77
N GLU A 59 -4.93 -10.81 3.02
CA GLU A 59 -6.15 -11.54 3.47
C GLU A 59 -6.92 -10.62 4.41
N GLU A 60 -7.45 -9.57 3.87
CA GLU A 60 -8.21 -8.61 4.68
C GLU A 60 -9.57 -8.41 4.02
N GLY A 61 -9.53 -8.32 2.74
CA GLY A 61 -10.76 -8.09 1.96
C GLY A 61 -10.78 -6.65 1.49
N LYS A 62 -9.63 -6.02 1.35
CA LYS A 62 -9.66 -4.61 0.88
C LYS A 62 -9.05 -4.55 -0.52
N GLU A 63 -8.04 -3.74 -0.72
CA GLU A 63 -7.44 -3.67 -2.07
C GLU A 63 -8.41 -3.02 -3.03
N ILE A 64 -7.89 -2.27 -3.94
CA ILE A 64 -8.73 -1.64 -4.97
C ILE A 64 -8.37 -2.35 -6.29
N LEU A 65 -8.99 -2.03 -7.37
CA LEU A 65 -8.65 -2.75 -8.64
C LEU A 65 -7.95 -1.78 -9.62
N VAL A 66 -7.64 -0.59 -9.17
CA VAL A 66 -6.96 0.44 -10.00
C VAL A 66 -7.91 1.02 -11.07
N GLY A 67 -8.67 0.19 -11.73
CA GLY A 67 -9.62 0.72 -12.75
C GLY A 67 -10.93 1.01 -12.01
N ASP A 68 -11.28 0.18 -11.05
CA ASP A 68 -12.52 0.46 -10.27
C ASP A 68 -12.44 1.92 -9.89
N VAL A 69 -11.24 2.42 -9.75
CA VAL A 69 -11.03 3.84 -9.44
C VAL A 69 -11.58 4.67 -10.59
N GLY A 70 -12.76 5.17 -10.42
CA GLY A 70 -13.45 5.95 -11.49
C GLY A 70 -14.82 5.32 -11.66
N VAL A 71 -14.85 4.03 -11.52
CA VAL A 71 -16.14 3.29 -11.60
C VAL A 71 -16.92 3.61 -10.31
N THR A 72 -16.52 3.00 -9.23
CA THR A 72 -17.18 3.28 -7.93
C THR A 72 -16.35 4.34 -7.22
N ILE A 73 -15.08 4.38 -7.55
CA ILE A 73 -14.18 5.39 -6.91
C ILE A 73 -13.91 6.51 -7.94
N THR A 74 -12.88 7.31 -7.82
CA THR A 74 -12.72 8.38 -8.84
C THR A 74 -11.28 8.86 -9.02
N ASP A 75 -10.29 8.07 -8.67
CA ASP A 75 -8.86 8.47 -8.89
C ASP A 75 -8.15 9.13 -7.68
N PRO A 76 -8.84 9.48 -6.62
CA PRO A 76 -8.16 10.09 -5.47
C PRO A 76 -7.38 8.98 -4.75
N PHE A 77 -7.87 8.53 -3.62
CA PHE A 77 -7.17 7.45 -2.88
C PHE A 77 -7.93 7.20 -1.57
N LYS A 78 -8.54 8.24 -1.05
CA LYS A 78 -9.30 8.14 0.23
C LYS A 78 -10.28 6.98 0.18
N HIS A 79 -10.98 6.77 -0.89
CA HIS A 79 -11.89 5.60 -0.90
C HIS A 79 -11.08 4.38 -0.45
N PHE A 80 -9.93 4.21 -1.06
CA PHE A 80 -9.05 3.08 -0.71
C PHE A 80 -8.70 3.14 0.78
N VAL A 81 -8.58 4.32 1.33
CA VAL A 81 -8.26 4.43 2.77
C VAL A 81 -9.44 3.84 3.54
N GLY A 82 -10.58 3.96 2.97
CA GLY A 82 -11.82 3.42 3.59
C GLY A 82 -11.70 1.91 3.62
N MET A 83 -11.04 1.35 2.64
CA MET A 83 -10.84 -0.12 2.62
C MET A 83 -10.01 -0.45 3.83
N LEU A 84 -8.87 0.14 3.91
CA LEU A 84 -8.01 -0.08 5.08
C LEU A 84 -8.64 0.64 6.28
N PRO A 85 -9.02 -0.12 7.27
CA PRO A 85 -9.69 0.39 8.47
C PRO A 85 -8.67 0.95 9.46
N GLU A 86 -9.03 1.01 10.70
CA GLU A 86 -8.10 1.51 11.74
C GLU A 86 -7.73 0.35 12.64
N LYS A 87 -8.34 -0.77 12.42
CA LYS A 87 -8.07 -1.94 13.29
C LYS A 87 -7.33 -3.06 12.54
N ASP A 88 -6.80 -2.83 11.35
CA ASP A 88 -6.12 -3.99 10.71
C ASP A 88 -5.55 -3.68 9.31
N CYS A 89 -4.25 -3.85 9.19
CA CYS A 89 -3.50 -3.66 7.89
C CYS A 89 -2.49 -2.53 8.00
N ARG A 90 -1.37 -2.64 7.33
CA ARG A 90 -0.37 -1.56 7.45
C ARG A 90 0.48 -1.36 6.18
N TYR A 91 0.52 -2.28 5.23
CA TYR A 91 1.36 -2.03 4.02
C TYR A 91 0.51 -2.22 2.79
N ALA A 92 0.55 -1.29 1.87
CA ALA A 92 -0.32 -1.43 0.69
C ALA A 92 0.33 -0.91 -0.56
N LEU A 93 0.07 -1.58 -1.61
CA LEU A 93 0.57 -1.19 -2.94
C LEU A 93 -0.65 -0.95 -3.78
N TYR A 94 -0.89 0.29 -4.08
CA TYR A 94 -2.11 0.64 -4.83
C TYR A 94 -1.75 1.32 -6.13
N ASP A 95 -1.84 0.60 -7.21
CA ASP A 95 -1.52 1.20 -8.54
C ASP A 95 -2.15 2.60 -8.56
N ALA A 96 -1.40 3.60 -8.24
CA ALA A 96 -1.98 4.98 -8.17
C ALA A 96 -2.53 5.40 -9.53
N SER A 97 -2.57 6.67 -9.75
CA SER A 97 -3.10 7.19 -11.03
C SER A 97 -3.16 8.69 -10.94
N PHE A 98 -2.11 9.33 -11.36
CA PHE A 98 -2.01 10.80 -11.25
C PHE A 98 -1.04 11.34 -12.30
N GLU A 99 -1.19 12.57 -12.72
CA GLU A 99 -0.20 13.11 -13.69
C GLU A 99 0.92 13.77 -12.94
N THR A 100 1.92 14.15 -13.62
CA THR A 100 3.07 14.76 -12.94
C THR A 100 3.80 15.71 -13.90
N LYS A 101 4.94 16.23 -13.54
CA LYS A 101 5.65 17.05 -14.54
C LYS A 101 5.87 16.09 -15.72
N GLU A 102 5.81 14.80 -15.44
CA GLU A 102 5.98 13.79 -16.49
C GLU A 102 4.67 13.66 -17.26
N SER A 103 3.56 13.91 -16.60
CA SER A 103 2.20 13.83 -17.21
C SER A 103 1.41 12.75 -16.49
N ARG A 104 0.26 12.43 -16.99
CA ARG A 104 -0.51 11.36 -16.40
C ARG A 104 0.44 10.21 -16.22
N LYS A 105 0.30 9.55 -15.15
CA LYS A 105 1.19 8.40 -14.83
C LYS A 105 0.68 7.74 -13.56
N GLU A 106 0.34 6.49 -13.62
CA GLU A 106 -0.16 5.80 -12.43
C GLU A 106 0.98 5.01 -11.82
N GLU A 107 1.39 5.40 -10.66
CA GLU A 107 2.51 4.70 -9.99
C GLU A 107 2.12 4.28 -8.58
N LEU A 108 1.94 3.00 -8.40
CA LEU A 108 1.56 2.44 -7.07
C LEU A 108 2.45 3.04 -5.99
N MET A 109 2.10 2.88 -4.76
CA MET A 109 2.91 3.47 -3.69
C MET A 109 2.83 2.68 -2.41
N PHE A 110 3.94 2.32 -1.88
CA PHE A 110 3.95 1.56 -0.62
C PHE A 110 3.15 2.32 0.42
N PHE A 111 2.39 1.65 1.23
CA PHE A 111 1.62 2.39 2.25
C PHE A 111 1.91 1.80 3.61
N LEU A 112 2.49 2.55 4.50
CA LEU A 112 2.76 2.04 5.87
C LEU A 112 1.53 2.36 6.69
N TRP A 113 0.43 1.92 6.15
CA TRP A 113 -0.90 2.16 6.72
C TRP A 113 -0.97 1.91 8.23
N ALA A 114 -0.46 2.80 9.02
CA ALA A 114 -0.56 2.61 10.49
C ALA A 114 -1.88 3.27 10.91
N PRO A 115 -2.80 2.49 11.37
CA PRO A 115 -4.10 3.00 11.78
C PRO A 115 -4.04 3.68 13.14
N GLU A 116 -2.89 3.71 13.73
CA GLU A 116 -2.74 4.37 15.06
C GLU A 116 -3.38 3.52 16.19
N LEU A 117 -4.43 2.78 15.94
CA LEU A 117 -5.02 1.98 17.05
C LEU A 117 -5.11 0.51 16.66
N ALA A 118 -4.47 0.10 15.61
CA ALA A 118 -4.52 -1.34 15.23
C ALA A 118 -4.20 -2.15 16.48
N PRO A 119 -4.26 -3.44 16.35
CA PRO A 119 -3.96 -4.35 17.48
C PRO A 119 -2.45 -4.37 17.75
N LEU A 120 -2.06 -4.14 18.98
CA LEU A 120 -0.62 -4.10 19.37
C LEU A 120 0.24 -5.03 18.50
N LYS A 121 -0.28 -6.14 18.08
CA LYS A 121 0.55 -7.08 17.27
C LYS A 121 1.05 -6.42 15.96
N SER A 122 0.18 -5.78 15.22
CA SER A 122 0.63 -5.16 13.93
C SER A 122 1.24 -3.78 14.20
N LYS A 123 1.24 -3.35 15.41
CA LYS A 123 1.84 -2.03 15.73
C LYS A 123 3.29 -2.26 16.16
N MET A 124 3.52 -3.39 16.77
CA MET A 124 4.88 -3.75 17.24
C MET A 124 5.57 -4.57 16.18
N ILE A 125 4.81 -5.24 15.37
CA ILE A 125 5.37 -6.12 14.37
C ILE A 125 5.78 -5.38 13.13
N TYR A 126 4.84 -4.73 12.52
CA TYR A 126 5.12 -3.99 11.28
C TYR A 126 6.36 -3.15 11.53
N ALA A 127 6.54 -2.78 12.75
CA ALA A 127 7.71 -2.00 13.17
C ALA A 127 8.94 -2.50 12.43
N SER A 128 9.15 -3.78 12.42
CA SER A 128 10.33 -4.36 11.71
C SER A 128 9.85 -5.20 10.53
N SER A 129 8.58 -5.34 10.37
CA SER A 129 8.05 -6.18 9.24
C SER A 129 8.23 -5.42 7.92
N LYS A 130 8.13 -4.13 7.96
CA LYS A 130 8.28 -3.33 6.71
C LYS A 130 9.64 -3.55 6.11
N ASP A 131 10.55 -3.95 6.90
CA ASP A 131 11.93 -4.24 6.44
C ASP A 131 11.82 -5.50 5.63
N ALA A 132 10.96 -6.35 6.09
CA ALA A 132 10.69 -7.64 5.43
C ALA A 132 10.10 -7.33 4.05
N ILE A 133 8.94 -6.74 4.02
CA ILE A 133 8.34 -6.37 2.71
C ILE A 133 9.41 -5.62 1.94
N LYS A 134 10.17 -4.83 2.62
CA LYS A 134 11.26 -4.03 1.98
C LYS A 134 12.25 -4.94 1.24
N LYS A 135 12.59 -6.05 1.84
CA LYS A 135 13.57 -6.97 1.17
C LYS A 135 13.02 -7.39 -0.19
N LYS A 136 11.75 -7.20 -0.38
CA LYS A 136 11.11 -7.55 -1.68
C LYS A 136 10.50 -6.28 -2.27
N PHE A 137 10.48 -5.22 -1.49
CA PHE A 137 9.90 -3.94 -1.98
C PHE A 137 10.98 -3.07 -2.56
N GLN A 138 11.91 -3.73 -3.14
CA GLN A 138 13.06 -3.06 -3.80
C GLN A 138 12.58 -1.75 -4.44
N GLY A 139 11.80 -1.86 -5.49
CA GLY A 139 11.28 -0.64 -6.16
C GLY A 139 9.83 -0.41 -5.73
N ILE A 140 9.63 0.25 -4.62
CA ILE A 140 8.29 0.52 -4.12
C ILE A 140 7.66 1.65 -4.91
N LYS A 141 8.49 2.47 -5.47
CA LYS A 141 7.99 3.66 -6.23
C LYS A 141 7.64 4.70 -5.21
N HIS A 142 6.94 4.32 -4.17
CA HIS A 142 6.56 5.35 -3.17
C HIS A 142 6.40 4.79 -1.77
N GLU A 143 7.33 5.02 -0.92
CA GLU A 143 7.15 4.54 0.47
C GLU A 143 6.48 5.66 1.26
N CYS A 144 5.24 5.47 1.52
CA CYS A 144 4.45 6.52 2.24
C CYS A 144 3.74 5.94 3.48
N GLN A 145 4.16 6.32 4.66
CA GLN A 145 3.50 5.78 5.90
C GLN A 145 2.28 6.64 6.25
N ALA A 146 1.34 6.04 6.94
CA ALA A 146 0.12 6.80 7.34
C ALA A 146 -0.33 6.36 8.73
N ASN A 147 -0.15 7.18 9.71
CA ASN A 147 -0.62 6.80 11.08
C ASN A 147 -1.94 7.48 11.29
N GLY A 148 -2.72 7.41 10.27
CA GLY A 148 -4.05 8.02 10.20
C GLY A 148 -4.38 7.87 8.73
N PRO A 149 -5.61 7.64 8.43
CA PRO A 149 -6.00 7.45 7.04
C PRO A 149 -5.82 8.77 6.28
N GLU A 150 -5.36 9.79 6.97
CA GLU A 150 -5.14 11.12 6.33
C GLU A 150 -3.70 11.23 5.81
N ASP A 151 -2.79 10.43 6.28
CA ASP A 151 -1.40 10.55 5.74
C ASP A 151 -1.43 10.02 4.31
N LEU A 152 -2.45 9.25 3.99
CA LEU A 152 -2.59 8.72 2.61
C LEU A 152 -3.25 9.81 1.77
N ASN A 153 -3.56 10.91 2.42
CA ASN A 153 -4.21 12.05 1.76
C ASN A 153 -3.76 12.12 0.33
N ARG A 154 -4.62 12.53 -0.51
CA ARG A 154 -4.21 12.64 -1.93
C ARG A 154 -3.40 13.92 -2.09
N ALA A 155 -3.62 14.89 -1.26
CA ALA A 155 -2.83 16.15 -1.32
C ALA A 155 -1.44 15.80 -0.84
N CYS A 156 -1.39 14.92 0.12
CA CYS A 156 -0.10 14.47 0.70
C CYS A 156 0.57 13.52 -0.22
N ILE A 157 -0.20 12.70 -0.85
CA ILE A 157 0.36 11.78 -1.80
C ILE A 157 0.73 12.68 -2.96
N ALA A 158 0.04 13.81 -3.00
CA ALA A 158 0.29 14.87 -3.99
C ALA A 158 1.41 15.74 -3.44
N GLU A 159 2.14 15.18 -2.56
CA GLU A 159 3.28 15.82 -1.89
C GLU A 159 4.41 14.78 -1.90
N LYS A 160 4.03 13.54 -1.83
CA LYS A 160 4.98 12.44 -1.90
C LYS A 160 5.32 12.36 -3.39
N LEU A 161 4.39 12.83 -4.20
CA LEU A 161 4.59 12.93 -5.66
C LEU A 161 4.59 14.43 -5.97
N GLY A 162 3.71 15.15 -5.31
CA GLY A 162 3.60 16.62 -5.52
C GLY A 162 4.62 17.36 -4.68
N GLY A 163 5.39 16.61 -3.97
CA GLY A 163 6.47 17.23 -3.14
C GLY A 163 7.78 16.94 -3.85
N SER A 164 7.67 16.70 -5.12
CA SER A 164 8.86 16.38 -5.93
C SER A 164 8.67 16.98 -7.31
N LEU A 165 7.94 16.32 -8.18
CA LEU A 165 7.74 16.86 -9.56
C LEU A 165 6.52 16.30 -10.25
N ILE A 166 5.32 16.58 -9.81
CA ILE A 166 4.19 16.05 -10.58
C ILE A 166 3.40 17.21 -11.21
N VAL A 167 2.12 17.10 -11.25
CA VAL A 167 1.30 18.15 -11.88
C VAL A 167 -0.14 17.95 -11.44
N ALA A 168 -0.50 16.72 -11.22
CA ALA A 168 -1.87 16.40 -10.76
C ALA A 168 -1.74 15.73 -9.41
N PHE A 169 -2.75 15.87 -8.62
CA PHE A 169 -2.74 15.36 -7.22
C PHE A 169 -2.17 16.53 -6.44
N GLU A 170 -1.11 17.06 -6.95
CA GLU A 170 -0.49 18.26 -6.37
C GLU A 170 -0.94 19.44 -7.23
N GLY A 171 -1.43 19.18 -8.43
CA GLY A 171 -1.86 20.32 -9.29
C GLY A 171 -3.32 20.20 -9.79
N CYS A 172 -3.59 19.39 -10.79
CA CYS A 172 -4.99 19.32 -11.34
C CYS A 172 -6.03 18.97 -10.26
N PRO A 173 -6.14 17.72 -9.90
CA PRO A 173 -7.11 17.29 -8.88
C PRO A 173 -6.76 17.87 -7.52
N VAL A 174 -5.49 17.98 -7.22
CA VAL A 174 -5.12 18.58 -5.90
C VAL A 174 -3.76 19.24 -6.02
N THR A 1 7.62 -26.98 32.44
CA THR A 1 6.28 -26.44 32.81
C THR A 1 5.47 -26.20 31.54
N MET A 2 5.80 -25.18 30.79
CA MET A 2 5.05 -24.91 29.53
C MET A 2 6.04 -24.40 28.47
N ILE A 3 6.53 -25.28 27.64
CA ILE A 3 7.49 -24.86 26.58
C ILE A 3 7.00 -23.59 25.90
N THR A 4 7.83 -23.00 25.07
CA THR A 4 7.44 -21.76 24.36
C THR A 4 6.78 -22.14 23.03
N PRO A 5 6.26 -21.16 22.34
CA PRO A 5 5.57 -21.37 21.05
C PRO A 5 6.58 -21.57 19.93
N SER A 6 6.15 -22.06 18.80
CA SER A 6 7.10 -22.27 17.67
C SER A 6 7.52 -20.93 17.09
N SER A 7 6.59 -20.07 16.82
CA SER A 7 6.94 -18.73 16.25
C SER A 7 5.77 -17.77 16.45
N GLY A 8 5.95 -16.52 16.11
CA GLY A 8 4.84 -15.53 16.29
C GLY A 8 5.26 -14.18 15.71
N ASN A 9 4.71 -13.12 16.22
CA ASN A 9 5.07 -11.76 15.71
C ASN A 9 5.76 -10.97 16.82
N SER A 10 6.03 -11.60 17.94
CA SER A 10 6.69 -10.87 19.05
C SER A 10 8.05 -10.37 18.58
N ALA A 11 8.46 -9.20 19.02
CA ALA A 11 9.77 -8.66 18.58
C ALA A 11 9.75 -8.52 17.06
N SER A 12 8.59 -8.43 16.47
CA SER A 12 8.51 -8.29 14.99
C SER A 12 9.19 -9.50 14.34
N GLY A 13 8.47 -10.56 14.15
CA GLY A 13 9.09 -11.77 13.54
C GLY A 13 8.61 -11.96 12.10
N VAL A 14 7.60 -11.24 11.71
CA VAL A 14 7.09 -11.39 10.31
C VAL A 14 8.26 -11.47 9.35
N GLN A 15 8.04 -11.99 8.19
CA GLN A 15 9.15 -12.17 7.23
C GLN A 15 8.69 -12.07 5.77
N VAL A 16 7.79 -11.18 5.43
CA VAL A 16 7.35 -11.10 4.01
C VAL A 16 6.73 -12.43 3.62
N ALA A 17 5.78 -12.34 2.76
CA ALA A 17 5.01 -13.52 2.32
C ALA A 17 5.35 -13.90 0.89
N ASP A 18 6.19 -13.13 0.26
CA ASP A 18 6.49 -13.36 -1.19
C ASP A 18 5.31 -12.78 -1.96
N GLU A 19 4.18 -12.62 -1.30
CA GLU A 19 3.03 -11.99 -1.93
C GLU A 19 3.44 -10.54 -2.16
N VAL A 20 4.49 -10.11 -1.47
CA VAL A 20 5.01 -8.72 -1.68
C VAL A 20 5.43 -8.62 -3.14
N CYS A 21 5.99 -9.68 -3.67
CA CYS A 21 6.42 -9.64 -5.09
C CYS A 21 5.23 -9.97 -6.00
N ARG A 22 4.05 -9.84 -5.48
CA ARG A 22 2.81 -10.11 -6.27
C ARG A 22 1.85 -8.95 -6.03
N ILE A 23 2.25 -8.02 -5.21
CA ILE A 23 1.41 -6.84 -4.99
C ILE A 23 2.15 -5.68 -5.63
N PHE A 24 3.33 -5.45 -5.15
CA PHE A 24 4.19 -4.40 -5.75
C PHE A 24 4.38 -4.85 -7.18
N TYR A 25 4.54 -6.14 -7.30
CA TYR A 25 4.71 -6.80 -8.61
C TYR A 25 3.66 -6.33 -9.60
N ASP A 26 2.48 -6.04 -9.13
CA ASP A 26 1.42 -5.64 -10.10
C ASP A 26 1.51 -4.15 -10.35
N MET A 27 0.41 -3.48 -10.49
CA MET A 27 0.47 -2.02 -10.69
C MET A 27 1.25 -1.68 -11.98
N LYS A 28 1.79 -0.49 -12.06
CA LYS A 28 2.56 -0.05 -13.26
C LYS A 28 1.62 0.25 -14.43
N VAL A 29 1.69 1.46 -14.84
CA VAL A 29 0.86 1.99 -15.97
C VAL A 29 0.98 1.13 -17.23
N ARG A 30 2.17 0.97 -17.73
CA ARG A 30 2.35 0.21 -19.00
C ARG A 30 2.56 -1.29 -18.74
N LYS A 31 2.32 -1.75 -17.55
CA LYS A 31 2.50 -3.21 -17.28
C LYS A 31 1.26 -3.97 -17.76
N CYS A 32 0.11 -3.58 -17.31
CA CYS A 32 -1.13 -4.30 -17.72
C CYS A 32 -1.12 -4.64 -19.21
N SER A 33 -0.95 -5.90 -19.56
CA SER A 33 -0.99 -6.30 -21.00
C SER A 33 -2.13 -5.53 -21.61
N THR A 34 -3.27 -5.94 -21.22
CA THR A 34 -4.52 -5.28 -21.58
C THR A 34 -5.19 -5.12 -20.21
N PRO A 35 -5.32 -3.93 -19.78
CA PRO A 35 -5.80 -3.63 -18.44
C PRO A 35 -7.24 -4.07 -18.27
N GLU A 36 -7.93 -4.35 -19.34
CA GLU A 36 -9.33 -4.83 -19.19
C GLU A 36 -9.36 -5.92 -18.10
N GLU A 37 -8.21 -6.48 -17.76
CA GLU A 37 -8.12 -7.49 -16.74
C GLU A 37 -7.06 -7.00 -15.76
N ILE A 38 -6.05 -6.35 -16.26
CA ILE A 38 -5.01 -5.85 -15.37
C ILE A 38 -5.23 -4.39 -15.19
N LYS A 39 -6.37 -4.29 -14.65
CA LYS A 39 -7.06 -3.08 -14.25
C LYS A 39 -8.36 -3.59 -13.62
N LYS A 40 -8.82 -4.74 -14.05
CA LYS A 40 -10.06 -5.31 -13.46
C LYS A 40 -9.72 -6.62 -12.73
N ARG A 41 -8.49 -6.82 -12.33
CA ARG A 41 -8.12 -8.09 -11.61
C ARG A 41 -7.59 -7.78 -10.22
N LYS A 42 -8.19 -6.86 -9.56
CA LYS A 42 -7.75 -6.47 -8.19
C LYS A 42 -6.22 -6.31 -8.15
N LYS A 43 -5.78 -5.09 -8.06
CA LYS A 43 -4.33 -4.82 -8.01
C LYS A 43 -4.07 -3.99 -6.77
N ALA A 44 -4.72 -2.85 -6.65
CA ALA A 44 -4.55 -2.05 -5.43
C ALA A 44 -4.81 -3.02 -4.34
N VAL A 45 -4.24 -2.85 -3.21
CA VAL A 45 -4.45 -3.94 -2.25
C VAL A 45 -3.90 -3.65 -0.88
N ILE A 46 -4.69 -3.84 0.13
CA ILE A 46 -4.15 -3.67 1.46
C ILE A 46 -4.21 -4.99 2.20
N PHE A 47 -3.06 -5.51 2.45
CA PHE A 47 -2.97 -6.81 3.14
C PHE A 47 -2.22 -6.63 4.44
N CYS A 48 -1.97 -7.67 5.20
CA CYS A 48 -1.23 -7.44 6.48
C CYS A 48 -0.22 -8.54 6.82
N LEU A 49 -0.67 -9.72 7.17
CA LEU A 49 0.33 -10.78 7.59
C LEU A 49 -0.23 -12.22 7.44
N SER A 50 0.65 -13.17 7.26
CA SER A 50 0.25 -14.60 7.09
C SER A 50 -0.63 -15.06 8.26
N ALA A 51 -1.09 -16.29 8.21
CA ALA A 51 -1.92 -16.80 9.34
C ALA A 51 -1.05 -16.88 10.59
N ASP A 52 -1.58 -16.54 11.72
CA ASP A 52 -0.77 -16.55 12.98
C ASP A 52 0.03 -15.25 13.08
N LYS A 53 0.10 -14.52 11.99
CA LYS A 53 0.84 -13.21 11.99
C LYS A 53 2.33 -13.41 11.85
N LYS A 54 2.82 -13.14 10.68
CA LYS A 54 4.23 -13.29 10.36
C LYS A 54 4.40 -12.58 9.00
N CYS A 55 5.03 -13.22 8.06
CA CYS A 55 5.20 -12.65 6.69
C CYS A 55 4.17 -11.60 6.37
N ILE A 56 4.51 -10.70 5.53
CA ILE A 56 3.49 -9.76 5.06
C ILE A 56 2.43 -10.69 4.44
N ILE A 57 1.42 -10.21 3.79
CA ILE A 57 0.48 -11.23 3.26
C ILE A 57 -0.60 -10.57 2.43
N VAL A 58 -1.68 -11.26 2.32
CA VAL A 58 -2.88 -10.75 1.64
C VAL A 58 -4.05 -11.55 2.17
N GLU A 59 -4.42 -11.29 3.40
CA GLU A 59 -5.54 -12.03 4.02
C GLU A 59 -6.23 -11.09 4.94
N GLU A 60 -7.10 -10.30 4.39
CA GLU A 60 -7.76 -9.29 5.23
C GLU A 60 -8.93 -8.66 4.48
N GLY A 61 -8.84 -8.62 3.19
CA GLY A 61 -9.94 -8.05 2.36
C GLY A 61 -9.73 -6.58 2.07
N LYS A 62 -8.70 -6.23 1.34
CA LYS A 62 -8.46 -4.82 1.00
C LYS A 62 -7.93 -4.76 -0.42
N GLU A 63 -8.53 -3.94 -1.22
CA GLU A 63 -8.09 -3.82 -2.63
C GLU A 63 -9.02 -2.85 -3.38
N ILE A 64 -8.48 -1.90 -4.09
CA ILE A 64 -9.34 -0.97 -4.85
C ILE A 64 -9.74 -1.66 -6.14
N LEU A 65 -8.76 -1.89 -6.91
CA LEU A 65 -8.85 -2.57 -8.21
C LEU A 65 -8.65 -1.56 -9.32
N VAL A 66 -7.79 -0.57 -9.12
CA VAL A 66 -7.49 0.45 -10.19
C VAL A 66 -8.64 0.61 -11.21
N GLY A 67 -8.93 -0.39 -12.02
CA GLY A 67 -10.06 -0.26 -12.98
C GLY A 67 -11.29 0.25 -12.23
N ASP A 68 -11.60 -0.36 -11.10
CA ASP A 68 -12.76 0.10 -10.29
C ASP A 68 -12.77 1.62 -10.31
N VAL A 69 -11.62 2.21 -10.08
CA VAL A 69 -11.51 3.68 -10.08
C VAL A 69 -12.39 4.26 -11.17
N GLY A 70 -13.56 4.70 -10.81
CA GLY A 70 -14.52 5.28 -11.80
C GLY A 70 -15.89 4.61 -11.64
N VAL A 71 -15.99 3.72 -10.69
CA VAL A 71 -17.27 3.04 -10.41
C VAL A 71 -17.65 3.44 -9.00
N THR A 72 -17.20 2.69 -8.04
CA THR A 72 -17.42 3.07 -6.65
C THR A 72 -16.31 4.06 -6.31
N ILE A 73 -15.33 4.17 -7.19
CA ILE A 73 -14.21 5.10 -6.94
C ILE A 73 -14.14 6.13 -8.06
N THR A 74 -12.99 6.72 -8.31
CA THR A 74 -12.95 7.76 -9.38
C THR A 74 -11.54 8.08 -9.84
N ASP A 75 -10.55 7.95 -9.00
CA ASP A 75 -9.18 8.33 -9.47
C ASP A 75 -8.18 8.64 -8.33
N PRO A 76 -8.65 9.20 -7.24
CA PRO A 76 -7.75 9.59 -6.14
C PRO A 76 -7.41 8.39 -5.25
N PHE A 77 -7.79 8.40 -4.01
CA PHE A 77 -7.45 7.25 -3.13
C PHE A 77 -8.41 7.19 -1.92
N LYS A 78 -8.90 8.33 -1.49
CA LYS A 78 -9.83 8.38 -0.31
C LYS A 78 -10.71 7.15 -0.28
N HIS A 79 -11.29 6.75 -1.37
CA HIS A 79 -12.13 5.53 -1.31
C HIS A 79 -11.31 4.37 -0.73
N PHE A 80 -10.18 4.10 -1.34
CA PHE A 80 -9.32 2.99 -0.88
C PHE A 80 -8.99 3.18 0.61
N VAL A 81 -9.09 4.38 1.10
CA VAL A 81 -8.85 4.62 2.54
C VAL A 81 -10.02 4.01 3.28
N GLY A 82 -11.17 4.20 2.74
CA GLY A 82 -12.38 3.60 3.33
C GLY A 82 -12.08 2.12 3.51
N MET A 83 -11.32 1.55 2.59
CA MET A 83 -10.94 0.13 2.73
C MET A 83 -10.05 0.04 3.96
N LEU A 84 -9.12 0.96 4.07
CA LEU A 84 -8.22 0.98 5.25
C LEU A 84 -9.00 1.45 6.48
N PRO A 85 -9.23 0.55 7.40
CA PRO A 85 -9.96 0.87 8.63
C PRO A 85 -8.97 1.43 9.66
N GLU A 86 -9.31 1.39 10.90
CA GLU A 86 -8.38 1.89 11.93
C GLU A 86 -7.95 0.72 12.82
N LYS A 87 -8.61 -0.40 12.64
CA LYS A 87 -8.27 -1.61 13.46
C LYS A 87 -7.42 -2.59 12.64
N ASP A 88 -6.86 -2.17 11.55
CA ASP A 88 -6.04 -3.09 10.73
C ASP A 88 -4.98 -2.25 10.00
N CYS A 89 -3.73 -2.52 10.25
CA CYS A 89 -2.67 -1.73 9.57
C CYS A 89 -2.69 -2.13 8.10
N ARG A 90 -1.98 -3.16 7.77
CA ARG A 90 -1.96 -3.68 6.38
C ARG A 90 -1.18 -2.78 5.44
N TYR A 91 -0.21 -3.31 4.75
CA TYR A 91 0.54 -2.48 3.79
C TYR A 91 -0.30 -2.40 2.52
N ALA A 92 -0.07 -1.44 1.66
CA ALA A 92 -0.95 -1.40 0.47
C ALA A 92 -0.25 -0.90 -0.77
N LEU A 93 -0.38 -1.66 -1.82
CA LEU A 93 0.14 -1.23 -3.12
C LEU A 93 -1.05 -0.88 -3.94
N TYR A 94 -1.36 0.36 -3.92
CA TYR A 94 -2.55 0.85 -4.64
C TYR A 94 -2.13 1.40 -5.99
N ASP A 95 -2.43 0.71 -7.04
CA ASP A 95 -2.07 1.26 -8.38
C ASP A 95 -2.53 2.71 -8.40
N ALA A 96 -1.63 3.63 -8.19
CA ALA A 96 -2.05 5.06 -8.15
C ALA A 96 -2.55 5.50 -9.51
N SER A 97 -2.52 6.76 -9.76
CA SER A 97 -3.00 7.26 -11.07
C SER A 97 -2.94 8.78 -11.06
N PHE A 98 -1.82 9.29 -11.43
CA PHE A 98 -1.61 10.76 -11.43
C PHE A 98 -0.50 11.11 -12.41
N GLU A 99 -0.33 12.36 -12.71
CA GLU A 99 0.79 12.74 -13.63
C GLU A 99 1.96 13.17 -12.78
N THR A 100 2.72 14.13 -13.21
CA THR A 100 3.88 14.55 -12.40
C THR A 100 4.78 15.41 -13.29
N LYS A 101 5.90 15.89 -12.83
CA LYS A 101 6.74 16.62 -13.81
C LYS A 101 7.06 15.60 -14.91
N GLU A 102 6.88 14.33 -14.59
CA GLU A 102 7.13 13.26 -15.57
C GLU A 102 6.00 13.27 -16.60
N SER A 103 4.81 13.58 -16.13
CA SER A 103 3.59 13.60 -16.98
C SER A 103 2.58 12.70 -16.32
N ARG A 104 1.54 12.33 -17.02
CA ARG A 104 0.60 11.40 -16.46
C ARG A 104 1.47 10.25 -16.00
N LYS A 105 0.98 9.45 -15.15
CA LYS A 105 1.80 8.31 -14.64
C LYS A 105 1.12 7.68 -13.43
N GLU A 106 0.57 6.53 -13.60
CA GLU A 106 -0.07 5.83 -12.48
C GLU A 106 1.02 5.03 -11.80
N GLU A 107 1.38 5.46 -10.63
CA GLU A 107 2.47 4.78 -9.89
C GLU A 107 2.00 4.36 -8.51
N LEU A 108 1.79 3.09 -8.36
CA LEU A 108 1.33 2.54 -7.07
C LEU A 108 2.23 3.05 -5.97
N MET A 109 1.84 2.88 -4.73
CA MET A 109 2.66 3.42 -3.65
C MET A 109 2.52 2.59 -2.38
N PHE A 110 3.61 2.08 -1.91
CA PHE A 110 3.61 1.28 -0.66
C PHE A 110 2.80 2.00 0.40
N PHE A 111 2.03 1.30 1.20
CA PHE A 111 1.28 2.01 2.25
C PHE A 111 1.52 1.35 3.60
N LEU A 112 2.02 2.10 4.55
CA LEU A 112 2.28 1.56 5.90
C LEU A 112 1.05 1.80 6.73
N TRP A 113 -0.08 1.51 6.15
CA TRP A 113 -1.36 1.73 6.85
C TRP A 113 -1.22 1.24 8.28
N ALA A 114 -1.08 2.14 9.21
CA ALA A 114 -0.90 1.73 10.63
C ALA A 114 -1.65 2.71 11.52
N PRO A 115 -2.88 2.38 11.83
CA PRO A 115 -3.74 3.23 12.67
C PRO A 115 -3.27 3.21 14.12
N GLU A 116 -3.50 4.28 14.83
CA GLU A 116 -3.05 4.35 16.24
C GLU A 116 -3.88 3.38 17.09
N LEU A 117 -4.89 2.78 16.51
CA LEU A 117 -5.74 1.83 17.30
C LEU A 117 -5.41 0.41 16.89
N ALA A 118 -4.91 0.25 15.67
CA ALA A 118 -4.58 -1.11 15.15
C ALA A 118 -4.07 -2.01 16.27
N PRO A 119 -4.00 -3.27 15.97
CA PRO A 119 -3.52 -4.26 16.93
C PRO A 119 -2.05 -4.01 17.21
N LEU A 120 -1.62 -4.23 18.42
CA LEU A 120 -0.21 -3.97 18.78
C LEU A 120 0.72 -4.87 17.97
N LYS A 121 0.19 -5.85 17.31
CA LYS A 121 1.06 -6.79 16.55
C LYS A 121 1.21 -6.33 15.11
N SER A 122 0.50 -5.32 14.71
CA SER A 122 0.65 -4.83 13.32
C SER A 122 1.19 -3.39 13.37
N LYS A 123 1.55 -2.93 14.55
CA LYS A 123 2.10 -1.56 14.71
C LYS A 123 3.51 -1.70 15.30
N MET A 124 3.69 -2.65 16.18
CA MET A 124 5.03 -2.87 16.79
C MET A 124 5.82 -3.76 15.87
N ILE A 125 5.11 -4.59 15.17
CA ILE A 125 5.73 -5.55 14.30
C ILE A 125 6.08 -4.90 12.98
N TYR A 126 5.11 -4.25 12.44
CA TYR A 126 5.27 -3.54 11.14
C TYR A 126 6.50 -2.66 11.27
N ALA A 127 6.77 -2.28 12.48
CA ALA A 127 7.95 -1.46 12.77
C ALA A 127 9.15 -2.05 12.03
N SER A 128 9.38 -3.32 12.23
CA SER A 128 10.53 -3.98 11.54
C SER A 128 10.01 -4.74 10.32
N SER A 129 8.73 -4.81 10.14
CA SER A 129 8.18 -5.53 8.94
C SER A 129 8.39 -4.63 7.73
N LYS A 130 8.39 -3.35 7.95
CA LYS A 130 8.63 -2.39 6.86
C LYS A 130 10.12 -2.24 6.74
N ASP A 131 10.64 -3.24 6.17
CA ASP A 131 12.09 -3.42 5.95
C ASP A 131 12.19 -4.78 5.32
N ALA A 132 11.40 -5.68 5.85
CA ALA A 132 11.33 -7.03 5.28
C ALA A 132 10.60 -6.87 3.95
N ILE A 133 9.42 -6.32 4.01
CA ILE A 133 8.66 -6.06 2.78
C ILE A 133 9.55 -5.28 1.84
N LYS A 134 10.24 -4.29 2.36
CA LYS A 134 11.14 -3.45 1.54
C LYS A 134 12.17 -4.32 0.81
N LYS A 135 12.66 -5.36 1.42
CA LYS A 135 13.67 -6.21 0.72
C LYS A 135 13.14 -6.63 -0.65
N LYS A 136 11.85 -6.65 -0.80
CA LYS A 136 11.24 -7.01 -2.10
C LYS A 136 10.37 -5.84 -2.54
N PHE A 137 10.20 -4.87 -1.67
CA PHE A 137 9.41 -3.67 -2.03
C PHE A 137 10.37 -2.62 -2.54
N GLN A 138 11.26 -3.08 -3.34
CA GLN A 138 12.28 -2.20 -3.94
C GLN A 138 11.60 -1.42 -5.06
N GLY A 139 10.74 -2.08 -5.79
CA GLY A 139 9.98 -1.39 -6.87
C GLY A 139 8.66 -0.93 -6.27
N ILE A 140 8.67 -0.59 -5.01
CA ILE A 140 7.44 -0.15 -4.33
C ILE A 140 6.93 1.10 -4.98
N LYS A 141 7.79 1.82 -5.61
CA LYS A 141 7.39 3.09 -6.28
C LYS A 141 7.31 4.14 -5.21
N HIS A 142 6.72 3.81 -4.09
CA HIS A 142 6.64 4.83 -3.01
C HIS A 142 6.47 4.19 -1.66
N GLU A 143 7.09 4.75 -0.69
CA GLU A 143 6.88 4.24 0.67
C GLU A 143 6.10 5.32 1.41
N CYS A 144 4.87 5.05 1.63
CA CYS A 144 4.00 6.08 2.30
C CYS A 144 3.29 5.51 3.53
N GLN A 145 3.64 5.98 4.69
CA GLN A 145 2.97 5.48 5.94
C GLN A 145 1.73 6.33 6.23
N ALA A 146 0.87 5.84 7.08
CA ALA A 146 -0.36 6.61 7.42
C ALA A 146 -0.95 6.08 8.72
N ASN A 147 -0.92 6.86 9.75
CA ASN A 147 -1.51 6.42 11.05
C ASN A 147 -2.79 7.21 11.21
N GLY A 148 -3.45 7.28 10.12
CA GLY A 148 -4.70 8.00 9.96
C GLY A 148 -4.94 7.93 8.46
N PRO A 149 -6.14 7.77 8.07
CA PRO A 149 -6.45 7.65 6.66
C PRO A 149 -6.14 9.00 5.97
N GLU A 150 -5.69 9.97 6.73
CA GLU A 150 -5.36 11.30 6.18
C GLU A 150 -3.88 11.35 5.77
N ASP A 151 -3.04 10.51 6.32
CA ASP A 151 -1.62 10.53 5.88
C ASP A 151 -1.59 9.96 4.46
N LEU A 152 -2.66 9.30 4.09
CA LEU A 152 -2.80 8.73 2.73
C LEU A 152 -3.43 9.80 1.85
N ASN A 153 -3.86 10.87 2.47
CA ASN A 153 -4.50 11.99 1.78
C ASN A 153 -3.87 12.15 0.42
N ARG A 154 -4.67 12.40 -0.54
CA ARG A 154 -4.15 12.58 -1.92
C ARG A 154 -3.29 13.84 -1.97
N ALA A 155 -3.71 14.87 -1.28
CA ALA A 155 -2.91 16.13 -1.24
C ALA A 155 -1.56 15.78 -0.63
N CYS A 156 -1.59 14.86 0.29
CA CYS A 156 -0.33 14.44 0.97
C CYS A 156 0.38 13.46 0.09
N ILE A 157 -0.35 12.74 -0.66
CA ILE A 157 0.25 11.81 -1.57
C ILE A 157 0.74 12.71 -2.70
N ALA A 158 0.16 13.89 -2.69
CA ALA A 158 0.54 14.97 -3.63
C ALA A 158 1.64 15.78 -2.94
N GLU A 159 2.27 15.12 -2.03
CA GLU A 159 3.38 15.66 -1.23
C GLU A 159 4.45 14.56 -1.25
N LYS A 160 4.02 13.33 -1.26
CA LYS A 160 4.93 12.19 -1.35
C LYS A 160 5.36 12.15 -2.82
N LEU A 161 4.48 12.62 -3.67
CA LEU A 161 4.82 12.74 -5.10
C LEU A 161 4.81 14.25 -5.41
N GLY A 162 3.94 14.99 -4.75
CA GLY A 162 3.84 16.46 -4.96
C GLY A 162 4.86 17.18 -4.12
N GLY A 163 5.51 16.45 -3.29
CA GLY A 163 6.57 17.05 -2.43
C GLY A 163 7.92 16.61 -2.99
N SER A 164 7.94 16.25 -4.24
CA SER A 164 9.20 15.81 -4.87
C SER A 164 9.25 16.30 -6.31
N LEU A 165 8.31 15.91 -7.14
CA LEU A 165 8.39 16.35 -8.54
C LEU A 165 7.21 15.88 -9.39
N ILE A 166 5.99 16.24 -9.07
CA ILE A 166 4.91 15.79 -9.96
C ILE A 166 4.30 16.99 -10.70
N VAL A 167 3.01 17.04 -10.80
CA VAL A 167 2.33 18.13 -11.52
C VAL A 167 0.84 18.02 -11.20
N ALA A 168 0.38 16.82 -10.98
CA ALA A 168 -1.04 16.58 -10.62
C ALA A 168 -1.07 15.84 -9.30
N PHE A 169 -2.12 16.03 -8.57
CA PHE A 169 -2.23 15.48 -7.19
C PHE A 169 -1.70 16.60 -6.34
N GLU A 170 -0.58 17.11 -6.77
CA GLU A 170 0.04 18.28 -6.12
C GLU A 170 -0.28 19.49 -7.01
N GLY A 171 -0.70 19.26 -8.25
CA GLY A 171 -0.97 20.43 -9.13
C GLY A 171 -2.40 20.42 -9.75
N CYS A 172 -2.62 19.62 -10.78
CA CYS A 172 -3.96 19.65 -11.46
C CYS A 172 -5.13 19.31 -10.52
N PRO A 173 -5.29 18.06 -10.18
CA PRO A 173 -6.38 17.63 -9.28
C PRO A 173 -6.18 18.19 -7.88
N VAL A 174 -4.97 18.29 -7.43
CA VAL A 174 -4.74 18.88 -6.06
C VAL A 174 -3.29 19.34 -5.95
N THR A 1 29.69 -7.76 8.06
CA THR A 1 29.40 -9.15 7.63
C THR A 1 28.72 -9.90 8.78
N MET A 2 27.41 -9.88 8.83
CA MET A 2 26.69 -10.58 9.92
C MET A 2 25.38 -11.15 9.38
N ILE A 3 25.19 -12.43 9.51
CA ILE A 3 23.93 -13.05 9.00
C ILE A 3 22.88 -13.03 10.11
N THR A 4 21.64 -12.94 9.75
CA THR A 4 20.57 -12.90 10.79
C THR A 4 19.23 -12.56 10.12
N PRO A 5 18.46 -13.57 9.81
CA PRO A 5 17.14 -13.43 9.18
C PRO A 5 16.08 -13.01 10.20
N SER A 6 14.83 -13.17 9.88
CA SER A 6 13.76 -12.79 10.84
C SER A 6 14.06 -13.39 12.22
N SER A 7 13.31 -13.02 13.23
CA SER A 7 13.59 -13.58 14.58
C SER A 7 12.29 -13.84 15.36
N GLY A 8 11.15 -13.52 14.80
CA GLY A 8 9.88 -13.76 15.53
C GLY A 8 8.94 -12.56 15.34
N ASN A 9 7.67 -12.75 15.59
CA ASN A 9 6.70 -11.63 15.41
C ASN A 9 6.37 -11.01 16.77
N SER A 10 7.12 -11.36 17.79
CA SER A 10 6.86 -10.78 19.14
C SER A 10 7.45 -9.37 19.19
N ALA A 11 8.50 -9.13 18.45
CA ALA A 11 9.13 -7.79 18.42
C ALA A 11 9.11 -7.25 16.99
N SER A 12 9.19 -8.14 16.03
CA SER A 12 9.18 -7.73 14.60
C SER A 12 9.89 -8.81 13.77
N GLY A 13 9.15 -9.69 13.15
CA GLY A 13 9.80 -10.76 12.35
C GLY A 13 8.94 -11.16 11.16
N VAL A 14 7.98 -10.37 10.78
CA VAL A 14 7.16 -10.74 9.60
C VAL A 14 8.12 -11.07 8.49
N GLN A 15 7.74 -11.96 7.64
CA GLN A 15 8.67 -12.34 6.55
C GLN A 15 8.01 -12.17 5.19
N VAL A 16 7.17 -11.18 4.99
CA VAL A 16 6.56 -11.03 3.67
C VAL A 16 5.82 -12.30 3.34
N ALA A 17 4.89 -12.18 2.47
CA ALA A 17 4.04 -13.33 2.10
C ALA A 17 4.42 -13.87 0.73
N ASP A 18 5.25 -13.15 0.02
CA ASP A 18 5.61 -13.58 -1.37
C ASP A 18 4.55 -12.98 -2.27
N GLU A 19 3.31 -13.10 -1.88
CA GLU A 19 2.24 -12.48 -2.66
C GLU A 19 2.60 -11.00 -2.73
N VAL A 20 3.31 -10.52 -1.72
CA VAL A 20 3.77 -9.11 -1.71
C VAL A 20 4.91 -9.03 -2.70
N CYS A 21 5.70 -10.07 -2.75
CA CYS A 21 6.78 -10.10 -3.75
C CYS A 21 6.10 -10.18 -5.12
N ARG A 22 4.79 -10.32 -5.14
CA ARG A 22 4.04 -10.37 -6.42
C ARG A 22 2.99 -9.26 -6.38
N ILE A 23 2.82 -8.61 -5.24
CA ILE A 23 1.85 -7.49 -5.16
C ILE A 23 2.51 -6.34 -5.90
N PHE A 24 3.73 -6.07 -5.55
CA PHE A 24 4.50 -5.01 -6.26
C PHE A 24 4.45 -5.38 -7.74
N TYR A 25 4.51 -6.65 -8.04
CA TYR A 25 4.45 -7.12 -9.46
C TYR A 25 3.09 -6.80 -10.04
N ASP A 26 2.05 -6.91 -9.26
CA ASP A 26 0.70 -6.64 -9.80
C ASP A 26 0.60 -5.15 -10.13
N MET A 27 1.24 -4.35 -9.33
CA MET A 27 1.23 -2.90 -9.55
C MET A 27 1.97 -2.58 -10.86
N LYS A 28 3.19 -3.06 -10.95
CA LYS A 28 4.02 -2.80 -12.17
C LYS A 28 3.83 -3.93 -13.17
N VAL A 29 4.26 -5.12 -12.80
CA VAL A 29 4.16 -6.32 -13.67
C VAL A 29 4.66 -6.00 -15.06
N ARG A 30 3.84 -5.39 -15.81
CA ARG A 30 4.23 -5.01 -17.20
C ARG A 30 3.71 -3.60 -17.48
N LYS A 31 3.91 -2.68 -16.58
CA LYS A 31 3.38 -1.30 -16.79
C LYS A 31 1.98 -1.48 -17.38
N CYS A 32 1.30 -2.48 -16.89
CA CYS A 32 -0.06 -2.84 -17.39
C CYS A 32 -0.03 -2.89 -18.92
N SER A 33 0.36 -4.02 -19.48
CA SER A 33 0.40 -4.17 -20.99
C SER A 33 -0.66 -3.27 -21.56
N THR A 34 -1.84 -3.69 -21.37
CA THR A 34 -3.01 -2.92 -21.75
C THR A 34 -3.85 -2.92 -20.46
N PRO A 35 -3.85 -1.81 -19.82
CA PRO A 35 -4.47 -1.66 -18.50
C PRO A 35 -5.96 -1.97 -18.58
N GLU A 36 -6.49 -2.03 -19.77
CA GLU A 36 -7.92 -2.39 -19.90
C GLU A 36 -8.20 -3.63 -19.05
N GLU A 37 -7.17 -4.34 -18.65
CA GLU A 37 -7.32 -5.50 -17.83
C GLU A 37 -6.34 -5.36 -16.68
N ILE A 38 -5.24 -4.69 -16.90
CA ILE A 38 -4.28 -4.57 -15.80
C ILE A 38 -4.33 -3.26 -15.10
N LYS A 39 -5.53 -3.13 -14.73
CA LYS A 39 -6.06 -2.08 -13.87
C LYS A 39 -7.14 -2.79 -13.10
N LYS A 40 -7.88 -3.60 -13.82
CA LYS A 40 -8.97 -4.38 -13.16
C LYS A 40 -8.49 -5.78 -12.84
N ARG A 41 -7.24 -6.06 -13.10
CA ARG A 41 -6.73 -7.43 -12.81
C ARG A 41 -6.24 -7.48 -11.36
N LYS A 42 -6.58 -6.49 -10.59
CA LYS A 42 -6.19 -6.43 -9.14
C LYS A 42 -4.71 -6.05 -8.98
N LYS A 43 -4.47 -4.88 -8.43
CA LYS A 43 -3.09 -4.43 -8.18
C LYS A 43 -3.11 -3.70 -6.84
N ALA A 44 -4.04 -2.80 -6.65
CA ALA A 44 -4.15 -2.10 -5.38
C ALA A 44 -4.48 -3.13 -4.34
N VAL A 45 -3.78 -3.10 -3.30
CA VAL A 45 -3.95 -4.15 -2.26
C VAL A 45 -3.47 -3.74 -0.88
N ILE A 46 -3.98 -4.36 0.14
CA ILE A 46 -3.53 -4.09 1.50
C ILE A 46 -3.20 -5.43 2.17
N PHE A 47 -2.00 -5.64 2.57
CA PHE A 47 -1.65 -6.93 3.24
C PHE A 47 -1.56 -6.67 4.76
N CYS A 48 -1.29 -7.67 5.60
CA CYS A 48 -1.23 -7.41 7.07
C CYS A 48 -0.93 -8.70 7.84
N LEU A 49 0.13 -9.38 7.50
CA LEU A 49 0.53 -10.60 8.24
C LEU A 49 -0.44 -11.77 8.08
N SER A 50 0.10 -12.92 7.72
CA SER A 50 -0.71 -14.15 7.51
C SER A 50 -1.81 -14.28 8.58
N ALA A 51 -2.69 -15.24 8.42
CA ALA A 51 -3.77 -15.43 9.42
C ALA A 51 -3.17 -15.93 10.74
N ASP A 52 -1.91 -16.27 10.75
CA ASP A 52 -1.29 -16.76 12.01
C ASP A 52 -0.24 -15.75 12.48
N LYS A 53 -0.14 -14.64 11.81
CA LYS A 53 0.88 -13.63 12.20
C LYS A 53 2.20 -14.07 11.63
N LYS A 54 2.70 -13.31 10.69
CA LYS A 54 3.95 -13.63 10.00
C LYS A 54 3.77 -13.39 8.53
N CYS A 55 4.68 -12.71 7.95
CA CYS A 55 4.63 -12.46 6.49
C CYS A 55 3.66 -11.35 6.16
N ILE A 56 4.14 -10.27 5.63
CA ILE A 56 3.22 -9.22 5.19
C ILE A 56 2.12 -9.97 4.45
N ILE A 57 0.89 -9.57 4.43
CA ILE A 57 -0.04 -10.46 3.72
C ILE A 57 -1.42 -9.91 3.41
N VAL A 58 -1.78 -10.08 2.20
CA VAL A 58 -3.14 -9.69 1.77
C VAL A 58 -4.09 -10.57 2.56
N GLU A 59 -4.57 -10.12 3.68
CA GLU A 59 -5.44 -11.03 4.48
C GLU A 59 -6.45 -10.26 5.29
N GLU A 60 -7.55 -9.93 4.66
CA GLU A 60 -8.59 -9.18 5.38
C GLU A 60 -9.70 -8.78 4.41
N GLY A 61 -9.37 -8.63 3.18
CA GLY A 61 -10.39 -8.28 2.15
C GLY A 61 -10.35 -6.78 1.82
N LYS A 62 -9.30 -6.32 1.20
CA LYS A 62 -9.19 -4.89 0.83
C LYS A 62 -8.74 -4.84 -0.62
N GLU A 63 -7.82 -3.96 -0.95
CA GLU A 63 -7.30 -3.88 -2.34
C GLU A 63 -8.26 -3.14 -3.25
N ILE A 64 -7.71 -2.34 -4.12
CA ILE A 64 -8.52 -1.62 -5.10
C ILE A 64 -8.25 -2.24 -6.46
N LEU A 65 -9.10 -2.05 -7.40
CA LEU A 65 -8.83 -2.65 -8.72
C LEU A 65 -8.25 -1.56 -9.58
N VAL A 66 -7.35 -0.78 -9.04
CA VAL A 66 -6.71 0.35 -9.80
C VAL A 66 -7.69 0.91 -10.84
N GLY A 67 -7.96 0.20 -11.89
CA GLY A 67 -8.95 0.69 -12.90
C GLY A 67 -10.29 1.02 -12.21
N ASP A 68 -10.76 0.16 -11.31
CA ASP A 68 -12.05 0.45 -10.60
C ASP A 68 -12.04 1.91 -10.27
N VAL A 69 -10.87 2.40 -9.99
CA VAL A 69 -10.67 3.82 -9.66
C VAL A 69 -11.14 4.68 -10.83
N GLY A 70 -12.31 5.24 -10.67
CA GLY A 70 -12.90 6.08 -11.74
C GLY A 70 -14.35 5.64 -11.90
N VAL A 71 -14.58 4.37 -11.73
CA VAL A 71 -15.94 3.81 -11.81
C VAL A 71 -16.60 3.99 -10.44
N THR A 72 -16.32 3.11 -9.53
CA THR A 72 -16.87 3.23 -8.17
C THR A 72 -16.01 4.27 -7.45
N ILE A 73 -14.80 4.42 -7.91
CA ILE A 73 -13.89 5.40 -7.28
C ILE A 73 -13.66 6.56 -8.26
N THR A 74 -12.61 7.33 -8.14
CA THR A 74 -12.46 8.47 -9.10
C THR A 74 -11.02 8.87 -9.37
N ASP A 75 -10.06 8.08 -8.94
CA ASP A 75 -8.61 8.40 -9.21
C ASP A 75 -7.85 9.08 -8.06
N PRO A 76 -8.51 9.52 -7.00
CA PRO A 76 -7.80 10.14 -5.88
C PRO A 76 -7.13 9.05 -5.05
N PHE A 77 -7.70 8.68 -3.95
CA PHE A 77 -7.10 7.60 -3.10
C PHE A 77 -8.00 7.42 -1.85
N LYS A 78 -8.66 8.47 -1.44
CA LYS A 78 -9.55 8.44 -0.22
C LYS A 78 -10.59 7.32 -0.29
N HIS A 79 -10.68 6.58 -1.34
CA HIS A 79 -11.66 5.48 -1.34
C HIS A 79 -10.94 4.24 -0.84
N PHE A 80 -9.71 4.07 -1.28
CA PHE A 80 -8.90 2.91 -0.85
C PHE A 80 -8.62 3.08 0.65
N VAL A 81 -8.73 4.31 1.12
CA VAL A 81 -8.54 4.57 2.56
C VAL A 81 -9.68 3.93 3.30
N GLY A 82 -10.79 3.83 2.63
CA GLY A 82 -11.99 3.18 3.21
C GLY A 82 -11.64 1.70 3.38
N MET A 83 -10.75 1.20 2.54
CA MET A 83 -10.30 -0.21 2.68
C MET A 83 -9.19 -0.25 3.74
N LEU A 84 -9.11 0.77 4.53
CA LEU A 84 -8.06 0.83 5.58
C LEU A 84 -8.71 1.36 6.86
N PRO A 85 -9.14 0.48 7.73
CA PRO A 85 -9.79 0.88 8.99
C PRO A 85 -8.75 1.34 10.02
N GLU A 86 -9.17 1.67 11.21
CA GLU A 86 -8.21 2.14 12.24
C GLU A 86 -7.82 0.97 13.15
N LYS A 87 -8.47 -0.14 12.97
CA LYS A 87 -8.18 -1.34 13.81
C LYS A 87 -7.44 -2.39 12.98
N ASP A 88 -6.96 -2.00 11.85
CA ASP A 88 -6.22 -2.94 10.97
C ASP A 88 -5.11 -2.15 10.30
N CYS A 89 -3.89 -2.44 10.63
CA CYS A 89 -2.77 -1.72 10.00
C CYS A 89 -2.75 -2.18 8.55
N ARG A 90 -2.02 -3.20 8.28
CA ARG A 90 -2.01 -3.76 6.91
C ARG A 90 -1.24 -2.84 5.94
N TYR A 91 -0.12 -3.29 5.44
CA TYR A 91 0.61 -2.44 4.46
C TYR A 91 -0.25 -2.41 3.20
N ALA A 92 0.13 -1.74 2.16
CA ALA A 92 -0.76 -1.78 0.95
C ALA A 92 -0.14 -1.16 -0.29
N LEU A 93 -0.13 -1.92 -1.35
CA LEU A 93 0.38 -1.42 -2.65
C LEU A 93 -0.79 -0.97 -3.50
N TYR A 94 -1.02 0.31 -3.59
CA TYR A 94 -2.17 0.79 -4.39
C TYR A 94 -1.72 1.32 -5.74
N ASP A 95 -1.99 0.64 -6.82
CA ASP A 95 -1.60 1.20 -8.13
C ASP A 95 -2.13 2.63 -8.16
N ALA A 96 -1.26 3.60 -8.15
CA ALA A 96 -1.76 5.01 -8.12
C ALA A 96 -2.26 5.43 -9.49
N SER A 97 -2.25 6.69 -9.74
CA SER A 97 -2.72 7.20 -11.04
C SER A 97 -2.73 8.72 -11.00
N PHE A 98 -1.66 9.30 -11.42
CA PHE A 98 -1.54 10.78 -11.36
C PHE A 98 -0.57 11.31 -12.41
N GLU A 99 -0.80 12.51 -12.88
CA GLU A 99 0.19 13.10 -13.82
C GLU A 99 1.22 13.80 -12.98
N THR A 100 2.29 14.20 -13.56
CA THR A 100 3.33 14.89 -12.78
C THR A 100 4.00 15.91 -13.70
N LYS A 101 5.04 16.59 -13.27
CA LYS A 101 5.70 17.48 -14.23
C LYS A 101 6.04 16.56 -15.40
N GLU A 102 6.23 15.29 -15.08
CA GLU A 102 6.50 14.28 -16.14
C GLU A 102 5.23 14.08 -16.97
N SER A 103 4.09 14.14 -16.31
CA SER A 103 2.76 13.98 -16.98
C SER A 103 2.02 12.79 -16.38
N ARG A 104 0.92 12.44 -16.98
CA ARG A 104 0.18 11.28 -16.51
C ARG A 104 1.15 10.17 -16.33
N LYS A 105 1.00 9.50 -15.25
CA LYS A 105 1.90 8.40 -14.89
C LYS A 105 1.35 7.78 -13.61
N GLU A 106 0.98 6.53 -13.64
CA GLU A 106 0.41 5.91 -12.45
C GLU A 106 1.50 5.10 -11.74
N GLU A 107 1.82 5.50 -10.56
CA GLU A 107 2.88 4.79 -9.78
C GLU A 107 2.36 4.41 -8.41
N LEU A 108 2.06 3.16 -8.23
CA LEU A 108 1.57 2.65 -6.91
C LEU A 108 2.40 3.22 -5.79
N MET A 109 1.95 3.02 -4.59
CA MET A 109 2.70 3.54 -3.45
C MET A 109 2.52 2.67 -2.24
N PHE A 110 3.60 2.34 -1.63
CA PHE A 110 3.55 1.52 -0.43
C PHE A 110 2.65 2.19 0.59
N PHE A 111 1.79 1.47 1.22
CA PHE A 111 0.94 2.13 2.23
C PHE A 111 1.15 1.45 3.55
N LEU A 112 1.74 2.14 4.48
CA LEU A 112 1.98 1.53 5.80
C LEU A 112 0.78 1.83 6.65
N TRP A 113 -0.35 1.46 6.14
CA TRP A 113 -1.64 1.71 6.86
C TRP A 113 -1.35 1.49 8.34
N ALA A 114 -0.98 2.52 9.04
CA ALA A 114 -0.62 2.33 10.47
C ALA A 114 -1.48 3.22 11.34
N PRO A 115 -2.72 2.84 11.53
CA PRO A 115 -3.67 3.62 12.32
C PRO A 115 -3.22 3.67 13.78
N GLU A 116 -3.52 4.74 14.45
CA GLU A 116 -3.10 4.88 15.87
C GLU A 116 -3.74 3.79 16.75
N LEU A 117 -4.53 2.91 16.20
CA LEU A 117 -5.18 1.86 17.05
C LEU A 117 -4.85 0.46 16.56
N ALA A 118 -4.41 0.34 15.32
CA ALA A 118 -4.10 -1.01 14.73
C ALA A 118 -3.61 -1.99 15.80
N PRO A 119 -3.59 -3.23 15.42
CA PRO A 119 -3.17 -4.32 16.32
C PRO A 119 -1.68 -4.19 16.64
N LEU A 120 -1.27 -4.67 17.77
CA LEU A 120 0.16 -4.56 18.18
C LEU A 120 1.05 -5.24 17.13
N LYS A 121 0.54 -6.24 16.47
CA LYS A 121 1.37 -6.96 15.46
C LYS A 121 1.77 -6.05 14.30
N SER A 122 1.16 -4.93 14.16
CA SER A 122 1.52 -4.07 12.99
C SER A 122 2.23 -2.82 13.47
N LYS A 123 2.07 -2.49 14.71
CA LYS A 123 2.72 -1.29 15.25
C LYS A 123 3.96 -1.70 16.02
N MET A 124 4.14 -2.98 16.20
CA MET A 124 5.31 -3.47 16.95
C MET A 124 6.13 -4.39 16.07
N ILE A 125 5.47 -5.13 15.24
CA ILE A 125 6.16 -6.13 14.46
C ILE A 125 6.57 -5.60 13.10
N TYR A 126 5.61 -5.36 12.25
CA TYR A 126 5.94 -4.87 10.90
C TYR A 126 6.34 -3.43 11.04
N ALA A 127 6.02 -2.87 12.16
CA ALA A 127 6.49 -1.52 12.45
C ALA A 127 7.98 -1.55 12.16
N SER A 128 8.60 -2.69 12.43
CA SER A 128 10.05 -2.83 12.16
C SER A 128 10.26 -3.90 11.09
N SER A 129 9.23 -4.60 10.72
CA SER A 129 9.38 -5.68 9.69
C SER A 129 9.11 -5.17 8.27
N LYS A 130 8.89 -3.90 8.11
CA LYS A 130 8.66 -3.32 6.78
C LYS A 130 9.86 -3.54 5.89
N ASP A 131 10.95 -3.88 6.47
CA ASP A 131 12.20 -4.16 5.71
C ASP A 131 11.96 -5.46 5.00
N ALA A 132 11.26 -6.31 5.68
CA ALA A 132 10.91 -7.63 5.15
C ALA A 132 10.12 -7.44 3.86
N ILE A 133 9.04 -6.71 3.95
CA ILE A 133 8.23 -6.42 2.75
C ILE A 133 9.08 -5.65 1.79
N LYS A 134 9.92 -4.83 2.34
CA LYS A 134 10.82 -3.98 1.51
C LYS A 134 11.78 -4.87 0.73
N LYS A 135 12.04 -6.05 1.23
CA LYS A 135 12.96 -6.98 0.51
C LYS A 135 12.25 -7.54 -0.74
N LYS A 136 10.95 -7.48 -0.75
CA LYS A 136 10.18 -7.94 -1.93
C LYS A 136 9.61 -6.70 -2.62
N PHE A 137 9.64 -5.60 -1.92
CA PHE A 137 9.15 -4.31 -2.50
C PHE A 137 10.32 -3.60 -3.13
N GLN A 138 11.20 -4.38 -3.70
CA GLN A 138 12.42 -3.86 -4.39
C GLN A 138 12.21 -2.39 -4.74
N GLY A 139 11.17 -2.12 -5.48
CA GLY A 139 10.84 -0.73 -5.85
C GLY A 139 9.44 -0.43 -5.32
N ILE A 140 9.33 -0.06 -4.08
CA ILE A 140 8.00 0.21 -3.51
C ILE A 140 7.32 1.28 -4.31
N LYS A 141 8.09 2.07 -4.99
CA LYS A 141 7.51 3.19 -5.78
C LYS A 141 7.29 4.31 -4.80
N HIS A 142 6.66 4.01 -3.70
CA HIS A 142 6.42 5.11 -2.73
C HIS A 142 6.21 4.65 -1.30
N GLU A 143 7.25 4.49 -0.54
CA GLU A 143 7.03 4.13 0.88
C GLU A 143 6.36 5.33 1.53
N CYS A 144 5.11 5.19 1.80
CA CYS A 144 4.36 6.34 2.39
C CYS A 144 4.14 6.16 3.91
N GLN A 145 3.04 5.54 4.29
CA GLN A 145 2.68 5.34 5.72
C GLN A 145 1.43 6.17 6.03
N ALA A 146 0.74 5.86 7.09
CA ALA A 146 -0.51 6.62 7.42
C ALA A 146 -0.59 6.98 8.91
N ASN A 147 -1.41 6.28 9.63
CA ASN A 147 -1.66 6.55 11.08
C ASN A 147 -2.86 7.46 11.14
N GLY A 148 -3.63 7.32 10.11
CA GLY A 148 -4.87 8.04 9.90
C GLY A 148 -5.17 7.73 8.45
N PRO A 149 -6.38 7.52 8.12
CA PRO A 149 -6.71 7.24 6.73
C PRO A 149 -6.49 8.56 5.96
N GLU A 150 -6.14 9.60 6.69
CA GLU A 150 -5.86 10.92 6.10
C GLU A 150 -4.34 11.08 5.95
N ASP A 151 -3.54 10.22 6.56
CA ASP A 151 -2.09 10.37 6.38
C ASP A 151 -1.78 9.88 4.96
N LEU A 152 -2.74 9.22 4.35
CA LEU A 152 -2.62 8.75 2.96
C LEU A 152 -3.28 9.81 2.09
N ASN A 153 -3.64 10.92 2.68
CA ASN A 153 -4.31 12.01 1.98
C ASN A 153 -3.75 12.13 0.59
N ARG A 154 -4.57 12.49 -0.31
CA ARG A 154 -4.09 12.65 -1.71
C ARG A 154 -3.30 13.95 -1.81
N ALA A 155 -3.57 14.88 -0.94
CA ALA A 155 -2.84 16.17 -0.93
C ALA A 155 -1.45 15.86 -0.40
N CYS A 156 -1.40 14.92 0.48
CA CYS A 156 -0.11 14.50 1.10
C CYS A 156 0.57 13.55 0.17
N ILE A 157 -0.20 12.78 -0.51
CA ILE A 157 0.33 11.87 -1.47
C ILE A 157 0.71 12.78 -2.62
N ALA A 158 0.07 13.94 -2.60
CA ALA A 158 0.36 15.03 -3.57
C ALA A 158 1.51 15.85 -2.97
N GLU A 159 2.21 15.21 -2.11
CA GLU A 159 3.37 15.79 -1.40
C GLU A 159 4.45 14.72 -1.42
N LYS A 160 4.02 13.48 -1.42
CA LYS A 160 4.93 12.34 -1.52
C LYS A 160 5.29 12.30 -3.00
N LEU A 161 4.39 12.80 -3.80
CA LEU A 161 4.60 12.92 -5.27
C LEU A 161 4.44 14.41 -5.61
N GLY A 162 3.54 15.09 -4.93
CA GLY A 162 3.29 16.54 -5.19
C GLY A 162 4.15 17.38 -4.27
N GLY A 163 5.07 16.77 -3.64
CA GLY A 163 5.99 17.51 -2.75
C GLY A 163 7.33 17.65 -3.47
N SER A 164 7.32 17.51 -4.77
CA SER A 164 8.58 17.63 -5.55
C SER A 164 8.29 18.10 -6.97
N LEU A 165 7.73 17.26 -7.81
CA LEU A 165 7.50 17.72 -9.20
C LEU A 165 6.43 16.92 -9.94
N ILE A 166 5.19 17.03 -9.58
CA ILE A 166 4.19 16.30 -10.39
C ILE A 166 3.32 17.30 -11.16
N VAL A 167 2.03 17.14 -11.12
CA VAL A 167 1.13 18.05 -11.87
C VAL A 167 -0.31 17.78 -11.42
N ALA A 168 -0.57 16.59 -10.95
CA ALA A 168 -1.92 16.21 -10.44
C ALA A 168 -1.72 15.58 -9.09
N PHE A 169 -2.68 15.76 -8.23
CA PHE A 169 -2.58 15.32 -6.80
C PHE A 169 -2.02 16.55 -6.14
N GLU A 170 -1.00 17.05 -6.73
CA GLU A 170 -0.38 18.30 -6.30
C GLU A 170 -0.95 19.40 -7.21
N GLY A 171 -1.55 19.01 -8.32
CA GLY A 171 -2.08 20.05 -9.26
C GLY A 171 -3.57 19.82 -9.65
N CYS A 172 -3.83 18.99 -10.63
CA CYS A 172 -5.23 18.80 -11.11
C CYS A 172 -6.21 18.48 -9.95
N PRO A 173 -6.20 17.27 -9.47
CA PRO A 173 -7.08 16.87 -8.36
C PRO A 173 -6.70 17.58 -7.08
N VAL A 174 -5.43 17.81 -6.84
CA VAL A 174 -5.04 18.53 -5.60
C VAL A 174 -3.70 19.24 -5.81
N THR A 1 24.12 -7.06 21.15
CA THR A 1 22.90 -7.91 21.03
C THR A 1 23.23 -9.16 20.21
N MET A 2 23.92 -10.10 20.79
CA MET A 2 24.27 -11.33 20.04
C MET A 2 23.00 -12.17 19.82
N ILE A 3 22.34 -12.54 20.88
CA ILE A 3 21.09 -13.34 20.71
C ILE A 3 19.97 -12.42 20.23
N THR A 4 18.95 -12.96 19.65
CA THR A 4 17.82 -12.11 19.16
C THR A 4 16.50 -12.71 19.64
N PRO A 5 15.91 -12.08 20.63
CA PRO A 5 14.63 -12.53 21.21
C PRO A 5 13.46 -12.13 20.31
N SER A 6 13.33 -12.75 19.17
CA SER A 6 12.20 -12.41 18.25
C SER A 6 11.94 -13.62 17.35
N SER A 7 10.93 -14.40 17.67
CA SER A 7 10.63 -15.60 16.84
C SER A 7 9.89 -15.19 15.57
N GLY A 8 8.62 -14.98 15.64
CA GLY A 8 7.85 -14.60 14.41
C GLY A 8 7.09 -13.30 14.64
N ASN A 9 6.04 -13.11 13.90
CA ASN A 9 5.24 -11.85 14.03
C ASN A 9 5.02 -11.49 15.50
N SER A 10 5.10 -12.45 16.39
CA SER A 10 4.87 -12.15 17.84
C SER A 10 5.50 -10.79 18.20
N ALA A 11 6.69 -10.53 17.72
CA ALA A 11 7.33 -9.21 18.03
C ALA A 11 7.90 -8.63 16.74
N SER A 12 7.08 -8.44 15.75
CA SER A 12 7.56 -7.88 14.46
C SER A 12 8.44 -8.91 13.76
N GLY A 13 8.06 -10.15 13.85
CA GLY A 13 8.86 -11.22 13.20
C GLY A 13 8.20 -11.60 11.88
N VAL A 14 7.24 -10.82 11.41
CA VAL A 14 6.55 -11.15 10.13
C VAL A 14 7.55 -11.73 9.13
N GLN A 15 7.04 -12.40 8.13
CA GLN A 15 7.97 -13.05 7.14
C GLN A 15 7.61 -12.67 5.70
N VAL A 16 6.78 -11.68 5.51
CA VAL A 16 6.38 -11.28 4.14
C VAL A 16 5.92 -12.49 3.38
N ALA A 17 5.13 -12.25 2.39
CA ALA A 17 4.54 -13.37 1.63
C ALA A 17 4.87 -13.21 0.17
N ASP A 18 4.61 -14.20 -0.63
CA ASP A 18 4.90 -14.03 -2.06
C ASP A 18 4.15 -12.80 -2.55
N GLU A 19 3.18 -12.34 -1.80
CA GLU A 19 2.42 -11.15 -2.24
C GLU A 19 3.32 -9.94 -2.30
N VAL A 20 4.20 -9.71 -1.38
CA VAL A 20 5.04 -8.51 -1.60
C VAL A 20 5.74 -8.75 -2.93
N CYS A 21 5.87 -10.01 -3.28
CA CYS A 21 6.50 -10.36 -4.58
C CYS A 21 5.45 -10.28 -5.69
N ARG A 22 4.17 -10.42 -5.41
CA ARG A 22 3.19 -10.28 -6.53
C ARG A 22 2.32 -9.07 -6.26
N ILE A 23 2.63 -8.34 -5.24
CA ILE A 23 1.86 -7.13 -4.92
C ILE A 23 2.62 -6.04 -5.61
N PHE A 24 3.90 -6.02 -5.36
CA PHE A 24 4.78 -5.04 -6.04
C PHE A 24 4.80 -5.41 -7.51
N TYR A 25 4.78 -6.69 -7.81
CA TYR A 25 4.74 -7.12 -9.22
C TYR A 25 3.30 -7.01 -9.67
N ASP A 26 2.36 -7.03 -8.76
CA ASP A 26 0.94 -6.90 -9.19
C ASP A 26 0.85 -5.54 -9.89
N MET A 27 1.82 -4.72 -9.61
CA MET A 27 1.91 -3.32 -10.11
C MET A 27 2.50 -3.24 -11.53
N LYS A 28 3.69 -2.69 -11.66
CA LYS A 28 4.32 -2.55 -13.02
C LYS A 28 4.42 -3.89 -13.71
N VAL A 29 5.18 -4.79 -13.14
CA VAL A 29 5.35 -6.17 -13.69
C VAL A 29 5.53 -6.13 -15.20
N ARG A 30 4.47 -6.02 -15.90
CA ARG A 30 4.53 -5.98 -17.39
C ARG A 30 3.61 -4.89 -17.92
N LYS A 31 3.71 -3.71 -17.38
CA LYS A 31 2.85 -2.58 -17.85
C LYS A 31 1.42 -3.10 -18.12
N CYS A 32 0.83 -2.75 -19.23
CA CYS A 32 -0.56 -3.23 -19.50
C CYS A 32 -0.69 -3.72 -20.94
N SER A 33 -0.89 -5.01 -21.13
CA SER A 33 -1.08 -5.55 -22.52
C SER A 33 -1.93 -4.52 -23.23
N THR A 34 -3.05 -4.38 -22.65
CA THR A 34 -4.04 -3.39 -23.04
C THR A 34 -4.65 -3.05 -21.67
N PRO A 35 -4.50 -1.84 -21.27
CA PRO A 35 -4.89 -1.43 -19.92
C PRO A 35 -6.40 -1.41 -19.76
N GLU A 36 -7.12 -1.69 -20.82
CA GLU A 36 -8.60 -1.71 -20.76
C GLU A 36 -9.09 -2.96 -20.03
N GLU A 37 -8.17 -3.74 -19.53
CA GLU A 37 -8.53 -4.98 -18.81
C GLU A 37 -7.49 -5.15 -17.73
N ILE A 38 -6.32 -4.68 -18.03
CA ILE A 38 -5.19 -4.67 -17.14
C ILE A 38 -5.56 -4.09 -15.77
N LYS A 39 -6.47 -3.15 -15.74
CA LYS A 39 -6.86 -2.56 -14.45
C LYS A 39 -7.35 -3.72 -13.59
N LYS A 40 -7.92 -4.67 -14.26
CA LYS A 40 -8.45 -5.88 -13.56
C LYS A 40 -7.41 -6.99 -13.61
N ARG A 41 -6.16 -6.61 -13.59
CA ARG A 41 -5.06 -7.62 -13.61
C ARG A 41 -4.37 -7.56 -12.25
N LYS A 42 -5.00 -6.92 -11.31
CA LYS A 42 -4.43 -6.79 -9.94
C LYS A 42 -3.32 -5.73 -9.95
N LYS A 43 -3.47 -4.68 -9.18
CA LYS A 43 -2.41 -3.62 -9.17
C LYS A 43 -2.52 -2.69 -7.95
N ALA A 44 -3.44 -2.92 -7.06
CA ALA A 44 -3.56 -2.09 -5.85
C ALA A 44 -3.85 -3.07 -4.74
N VAL A 45 -3.34 -2.85 -3.58
CA VAL A 45 -3.57 -3.86 -2.54
C VAL A 45 -3.08 -3.43 -1.18
N ILE A 46 -3.66 -4.00 -0.18
CA ILE A 46 -3.20 -3.77 1.18
C ILE A 46 -2.84 -5.13 1.72
N PHE A 47 -2.07 -5.19 2.74
CA PHE A 47 -1.74 -6.51 3.30
C PHE A 47 -1.62 -6.37 4.81
N CYS A 48 -1.10 -7.38 5.44
CA CYS A 48 -0.95 -7.31 6.91
C CYS A 48 0.17 -8.24 7.26
N LEU A 49 -0.07 -9.51 7.23
CA LEU A 49 1.06 -10.41 7.51
C LEU A 49 0.73 -11.89 7.33
N SER A 50 -0.51 -12.31 7.43
CA SER A 50 -0.87 -13.76 7.22
C SER A 50 -1.90 -14.22 8.24
N ALA A 51 -2.56 -15.31 7.96
CA ALA A 51 -3.53 -15.86 8.94
C ALA A 51 -2.69 -16.40 10.09
N ASP A 52 -3.07 -16.15 11.31
CA ASP A 52 -2.24 -16.59 12.47
C ASP A 52 -1.18 -15.51 12.73
N LYS A 53 -1.03 -14.59 11.79
CA LYS A 53 -0.07 -13.47 11.94
C LYS A 53 1.36 -13.92 11.67
N LYS A 54 1.92 -13.43 10.59
CA LYS A 54 3.29 -13.82 10.20
C LYS A 54 3.80 -12.93 9.04
N CYS A 55 3.81 -13.46 7.83
CA CYS A 55 4.30 -12.73 6.62
C CYS A 55 3.71 -11.30 6.51
N ILE A 56 3.53 -10.83 5.30
CA ILE A 56 2.95 -9.48 5.01
C ILE A 56 1.62 -9.69 4.25
N ILE A 57 1.02 -10.79 4.51
CA ILE A 57 -0.22 -11.27 3.81
C ILE A 57 -1.30 -10.24 3.50
N VAL A 58 -1.90 -10.45 2.37
CA VAL A 58 -3.08 -9.64 1.96
C VAL A 58 -4.30 -10.41 2.47
N GLU A 59 -4.91 -9.99 3.53
CA GLU A 59 -6.04 -10.85 4.04
C GLU A 59 -7.10 -10.07 4.83
N GLU A 60 -7.61 -9.01 4.30
CA GLU A 60 -8.68 -8.28 5.03
C GLU A 60 -9.86 -8.03 4.11
N GLY A 61 -9.75 -8.48 2.90
CA GLY A 61 -10.84 -8.27 1.92
C GLY A 61 -10.76 -6.82 1.41
N LYS A 62 -9.64 -6.17 1.60
CA LYS A 62 -9.50 -4.78 1.12
C LYS A 62 -8.88 -4.82 -0.29
N GLU A 63 -7.81 -4.10 -0.52
CA GLU A 63 -7.12 -4.14 -1.85
C GLU A 63 -7.97 -3.50 -2.95
N ILE A 64 -7.30 -2.85 -3.86
CA ILE A 64 -7.97 -2.24 -5.03
C ILE A 64 -7.20 -2.67 -6.26
N LEU A 65 -7.71 -2.53 -7.42
CA LEU A 65 -6.90 -2.95 -8.59
C LEU A 65 -6.95 -1.90 -9.67
N VAL A 66 -7.17 -0.66 -9.32
CA VAL A 66 -7.23 0.39 -10.36
C VAL A 66 -8.49 0.21 -11.23
N GLY A 67 -8.69 -0.92 -11.86
CA GLY A 67 -9.93 -1.11 -12.67
C GLY A 67 -11.12 -0.60 -11.88
N ASP A 68 -11.20 -0.92 -10.62
CA ASP A 68 -12.35 -0.42 -9.83
C ASP A 68 -12.32 1.10 -9.83
N VAL A 69 -11.15 1.68 -9.64
CA VAL A 69 -11.06 3.17 -9.63
C VAL A 69 -11.93 3.74 -10.75
N GLY A 70 -13.13 4.13 -10.42
CA GLY A 70 -14.06 4.70 -11.43
C GLY A 70 -15.47 4.13 -11.21
N VAL A 71 -15.60 3.21 -10.31
CA VAL A 71 -16.93 2.62 -10.00
C VAL A 71 -17.27 3.13 -8.62
N THR A 72 -16.86 2.41 -7.62
CA THR A 72 -17.06 2.88 -6.24
C THR A 72 -15.92 3.87 -5.97
N ILE A 73 -14.92 3.85 -6.83
CA ILE A 73 -13.77 4.77 -6.63
C ILE A 73 -13.66 5.69 -7.85
N THR A 74 -12.61 6.46 -7.98
CA THR A 74 -12.51 7.37 -9.16
C THR A 74 -11.09 7.85 -9.40
N ASP A 75 -10.10 7.15 -8.90
CA ASP A 75 -8.67 7.56 -9.15
C ASP A 75 -8.00 8.35 -7.99
N PRO A 76 -8.73 8.83 -7.01
CA PRO A 76 -8.10 9.59 -5.90
C PRO A 76 -7.36 8.61 -4.98
N PHE A 77 -7.88 8.34 -3.81
CA PHE A 77 -7.19 7.40 -2.88
C PHE A 77 -8.01 7.29 -1.58
N LYS A 78 -8.76 8.32 -1.25
CA LYS A 78 -9.56 8.35 0.01
C LYS A 78 -10.58 7.20 0.04
N HIS A 79 -10.70 6.45 -1.01
CA HIS A 79 -11.63 5.30 -0.96
C HIS A 79 -10.82 4.13 -0.43
N PHE A 80 -9.65 3.96 -0.99
CA PHE A 80 -8.76 2.87 -0.60
C PHE A 80 -8.33 3.10 0.85
N VAL A 81 -8.30 4.33 1.29
CA VAL A 81 -7.98 4.59 2.72
C VAL A 81 -9.13 3.97 3.50
N GLY A 82 -10.24 3.86 2.85
CA GLY A 82 -11.42 3.18 3.45
C GLY A 82 -11.00 1.71 3.53
N MET A 83 -10.31 1.23 2.51
CA MET A 83 -9.76 -0.16 2.55
C MET A 83 -8.71 -0.16 3.64
N LEU A 84 -8.37 1.01 4.07
CA LEU A 84 -7.42 1.18 5.18
C LEU A 84 -8.24 1.61 6.41
N PRO A 85 -8.98 0.68 6.99
CA PRO A 85 -9.82 0.99 8.14
C PRO A 85 -8.94 1.40 9.32
N GLU A 86 -9.31 1.09 10.52
CA GLU A 86 -8.46 1.50 11.65
C GLU A 86 -8.22 0.33 12.57
N LYS A 87 -8.67 -0.80 12.18
CA LYS A 87 -8.54 -1.97 13.08
C LYS A 87 -7.63 -3.06 12.54
N ASP A 88 -7.02 -2.94 11.38
CA ASP A 88 -6.16 -4.11 10.97
C ASP A 88 -5.70 -4.10 9.52
N CYS A 89 -4.44 -3.79 9.31
CA CYS A 89 -3.82 -3.78 7.94
C CYS A 89 -2.75 -2.69 7.93
N ARG A 90 -1.67 -2.85 7.19
CA ARG A 90 -0.63 -1.79 7.25
C ARG A 90 0.17 -1.64 5.95
N TYR A 91 0.63 -2.69 5.29
CA TYR A 91 1.44 -2.45 4.06
C TYR A 91 0.57 -2.61 2.82
N ALA A 92 0.56 -1.62 1.95
CA ALA A 92 -0.32 -1.71 0.77
C ALA A 92 0.25 -1.04 -0.46
N LEU A 93 0.35 -1.78 -1.52
CA LEU A 93 0.84 -1.21 -2.80
C LEU A 93 -0.39 -0.90 -3.65
N TYR A 94 -0.68 0.35 -3.87
CA TYR A 94 -1.89 0.70 -4.67
C TYR A 94 -1.52 1.53 -5.90
N ASP A 95 -1.72 0.97 -7.05
CA ASP A 95 -1.40 1.71 -8.30
C ASP A 95 -2.01 3.12 -8.23
N ALA A 96 -1.20 4.13 -8.10
CA ALA A 96 -1.77 5.52 -8.03
C ALA A 96 -1.96 6.06 -9.44
N SER A 97 -2.88 6.96 -9.60
CA SER A 97 -3.10 7.54 -10.95
C SER A 97 -3.11 9.08 -10.85
N PHE A 98 -1.98 9.67 -11.09
CA PHE A 98 -1.84 11.16 -10.98
C PHE A 98 -1.03 11.72 -12.16
N GLU A 99 -1.04 13.01 -12.36
CA GLU A 99 -0.19 13.60 -13.43
C GLU A 99 0.99 14.29 -12.79
N THR A 100 1.99 14.57 -13.53
CA THR A 100 3.18 15.20 -12.93
C THR A 100 3.83 16.17 -13.91
N LYS A 101 4.98 16.72 -13.60
CA LYS A 101 5.60 17.56 -14.63
C LYS A 101 5.73 16.64 -15.84
N GLU A 102 5.71 15.34 -15.60
CA GLU A 102 5.76 14.35 -16.70
C GLU A 102 4.36 14.25 -17.32
N SER A 103 3.34 14.42 -16.51
CA SER A 103 1.92 14.35 -16.95
C SER A 103 1.23 13.19 -16.29
N ARG A 104 0.05 12.88 -16.72
CA ARG A 104 -0.66 11.74 -16.17
C ARG A 104 0.33 10.60 -16.14
N LYS A 105 0.22 9.83 -15.17
CA LYS A 105 1.14 8.70 -14.96
C LYS A 105 0.64 7.96 -13.72
N GLU A 106 0.28 6.72 -13.85
CA GLU A 106 -0.22 6.00 -12.68
C GLU A 106 0.92 5.20 -12.08
N GLU A 107 1.29 5.55 -10.89
CA GLU A 107 2.42 4.86 -10.21
C GLU A 107 2.03 4.45 -8.80
N LEU A 108 1.93 3.18 -8.56
CA LEU A 108 1.56 2.67 -7.21
C LEU A 108 2.43 3.32 -6.14
N MET A 109 2.11 3.09 -4.90
CA MET A 109 2.91 3.66 -3.80
C MET A 109 2.73 2.83 -2.55
N PHE A 110 3.79 2.61 -1.84
CA PHE A 110 3.71 1.79 -0.63
C PHE A 110 2.83 2.45 0.41
N PHE A 111 2.08 1.68 1.15
CA PHE A 111 1.24 2.31 2.19
C PHE A 111 1.44 1.58 3.51
N LEU A 112 1.99 2.24 4.49
CA LEU A 112 2.21 1.63 5.82
C LEU A 112 0.98 1.95 6.64
N TRP A 113 -0.12 1.74 6.01
CA TRP A 113 -1.44 2.05 6.60
C TRP A 113 -1.49 1.73 8.11
N ALA A 114 -0.99 2.62 8.91
CA ALA A 114 -1.05 2.43 10.37
C ALA A 114 -2.37 3.07 10.84
N PRO A 115 -3.24 2.27 11.37
CA PRO A 115 -4.56 2.74 11.83
C PRO A 115 -4.46 3.43 13.18
N GLU A 116 -3.28 3.56 13.70
CA GLU A 116 -3.08 4.23 15.03
C GLU A 116 -3.82 3.49 16.17
N LEU A 117 -4.61 2.50 15.87
CA LEU A 117 -5.36 1.78 16.95
C LEU A 117 -5.22 0.26 16.77
N ALA A 118 -4.88 -0.19 15.59
CA ALA A 118 -4.75 -1.65 15.31
C ALA A 118 -4.21 -2.39 16.52
N PRO A 119 -4.28 -3.69 16.43
CA PRO A 119 -3.80 -4.57 17.51
C PRO A 119 -2.27 -4.46 17.63
N LEU A 120 -1.81 -4.12 18.80
CA LEU A 120 -0.34 -3.94 19.05
C LEU A 120 0.52 -4.80 18.14
N LYS A 121 0.10 -5.98 17.80
CA LYS A 121 0.97 -6.83 16.93
C LYS A 121 1.37 -6.07 15.65
N SER A 122 0.44 -5.52 14.92
CA SER A 122 0.79 -4.80 13.66
C SER A 122 1.42 -3.45 13.98
N LYS A 123 1.05 -2.86 15.07
CA LYS A 123 1.61 -1.54 15.44
C LYS A 123 3.07 -1.73 15.86
N MET A 124 3.42 -2.93 16.25
CA MET A 124 4.81 -3.22 16.68
C MET A 124 5.45 -4.13 15.66
N ILE A 125 4.69 -4.64 14.73
CA ILE A 125 5.25 -5.58 13.79
C ILE A 125 5.78 -4.88 12.58
N TYR A 126 4.94 -4.07 12.05
CA TYR A 126 5.24 -3.33 10.82
C TYR A 126 6.43 -2.43 11.10
N ALA A 127 6.56 -2.07 12.33
CA ALA A 127 7.71 -1.26 12.75
C ALA A 127 8.95 -1.92 12.19
N SER A 128 8.99 -3.23 12.27
CA SER A 128 10.16 -3.99 11.75
C SER A 128 9.74 -4.76 10.49
N SER A 129 8.49 -4.70 10.12
CA SER A 129 8.05 -5.43 8.89
C SER A 129 8.49 -4.63 7.67
N LYS A 130 8.65 -3.35 7.84
CA LYS A 130 9.12 -2.52 6.72
C LYS A 130 10.62 -2.66 6.64
N ASP A 131 10.94 -3.73 6.07
CA ASP A 131 12.33 -4.18 5.87
C ASP A 131 12.19 -5.54 5.25
N ALA A 132 11.22 -6.25 5.74
CA ALA A 132 10.90 -7.57 5.16
C ALA A 132 10.14 -7.29 3.87
N ILE A 133 9.14 -6.47 3.97
CA ILE A 133 8.34 -6.08 2.81
C ILE A 133 9.14 -5.16 1.90
N LYS A 134 9.83 -4.23 2.48
CA LYS A 134 10.60 -3.26 1.69
C LYS A 134 11.75 -3.96 0.97
N LYS A 135 12.34 -4.94 1.60
CA LYS A 135 13.44 -5.69 0.93
C LYS A 135 12.84 -6.50 -0.23
N LYS A 136 11.54 -6.61 -0.26
CA LYS A 136 10.86 -7.33 -1.36
C LYS A 136 10.25 -6.27 -2.27
N PHE A 137 10.05 -5.09 -1.72
CA PHE A 137 9.52 -3.95 -2.52
C PHE A 137 10.68 -3.23 -3.16
N GLN A 138 11.58 -4.01 -3.67
CA GLN A 138 12.79 -3.48 -4.35
C GLN A 138 12.48 -2.09 -4.91
N GLY A 139 11.32 -1.96 -5.49
CA GLY A 139 10.90 -0.64 -6.06
C GLY A 139 9.52 -0.30 -5.49
N ILE A 140 9.45 0.03 -4.23
CA ILE A 140 8.14 0.38 -3.64
C ILE A 140 7.59 1.55 -4.41
N LYS A 141 8.48 2.38 -4.85
CA LYS A 141 8.10 3.62 -5.57
C LYS A 141 7.74 4.62 -4.51
N HIS A 142 6.92 4.23 -3.56
CA HIS A 142 6.58 5.25 -2.53
C HIS A 142 6.33 4.70 -1.13
N GLU A 143 7.34 4.58 -0.32
CA GLU A 143 7.09 4.16 1.06
C GLU A 143 6.32 5.31 1.72
N CYS A 144 5.08 5.10 1.95
CA CYS A 144 4.23 6.18 2.55
C CYS A 144 3.47 5.66 3.77
N GLN A 145 3.89 5.99 4.96
CA GLN A 145 3.17 5.52 6.18
C GLN A 145 2.00 6.45 6.51
N ALA A 146 1.01 5.93 7.20
CA ALA A 146 -0.15 6.76 7.60
C ALA A 146 -0.67 6.25 8.93
N ASN A 147 -0.52 7.03 9.96
CA ASN A 147 -1.03 6.59 11.29
C ASN A 147 -2.35 7.31 11.49
N GLY A 148 -3.11 7.28 10.45
CA GLY A 148 -4.42 7.94 10.37
C GLY A 148 -4.67 7.97 8.87
N PRO A 149 -5.87 7.86 8.46
CA PRO A 149 -6.17 7.86 7.04
C PRO A 149 -5.86 9.25 6.47
N GLU A 150 -5.41 10.17 7.32
CA GLU A 150 -5.08 11.55 6.87
C GLU A 150 -3.65 11.60 6.34
N ASP A 151 -2.80 10.65 6.67
CA ASP A 151 -1.44 10.68 6.09
C ASP A 151 -1.60 10.37 4.59
N LEU A 152 -2.71 9.75 4.27
CA LEU A 152 -3.06 9.44 2.85
C LEU A 152 -3.71 10.69 2.26
N ASN A 153 -3.75 11.71 3.06
CA ASN A 153 -4.34 13.03 2.75
C ASN A 153 -4.68 13.22 1.28
N ARG A 154 -3.82 12.80 0.40
CA ARG A 154 -4.01 12.98 -1.08
C ARG A 154 -3.15 14.15 -1.49
N ALA A 155 -3.27 15.23 -0.76
CA ALA A 155 -2.40 16.38 -1.04
C ALA A 155 -1.02 15.92 -0.63
N CYS A 156 -1.02 15.09 0.38
CA CYS A 156 0.23 14.48 0.88
C CYS A 156 0.60 13.34 -0.02
N ILE A 157 -0.38 12.64 -0.50
CA ILE A 157 -0.06 11.60 -1.44
C ILE A 157 0.37 12.36 -2.69
N ALA A 158 0.03 13.64 -2.68
CA ALA A 158 0.43 14.61 -3.72
C ALA A 158 1.72 15.25 -3.21
N GLU A 159 2.41 14.47 -2.48
CA GLU A 159 3.73 14.82 -1.88
C GLU A 159 4.62 13.64 -2.23
N LYS A 160 4.06 12.44 -2.17
CA LYS A 160 4.84 11.27 -2.61
C LYS A 160 5.30 11.65 -4.02
N LEU A 161 4.35 12.05 -4.83
CA LEU A 161 4.70 12.51 -6.20
C LEU A 161 4.69 14.05 -6.18
N GLY A 162 3.85 14.65 -5.35
CA GLY A 162 3.78 16.15 -5.32
C GLY A 162 4.76 16.69 -4.32
N GLY A 163 5.64 15.86 -3.90
CA GLY A 163 6.70 16.27 -2.96
C GLY A 163 8.00 16.21 -3.74
N SER A 164 7.88 16.28 -5.04
CA SER A 164 9.05 16.20 -5.91
C SER A 164 8.79 16.98 -7.21
N LEU A 165 8.11 16.39 -8.16
CA LEU A 165 7.89 17.09 -9.47
C LEU A 165 6.65 16.60 -10.20
N ILE A 166 5.46 16.82 -9.72
CA ILE A 166 4.33 16.37 -10.54
C ILE A 166 3.59 17.58 -11.10
N VAL A 167 2.29 17.53 -11.17
CA VAL A 167 1.51 18.66 -11.75
C VAL A 167 0.04 18.49 -11.38
N ALA A 168 -0.36 17.28 -11.09
CA ALA A 168 -1.76 17.00 -10.69
C ALA A 168 -1.69 16.12 -9.48
N PHE A 169 -2.67 16.23 -8.65
CA PHE A 169 -2.67 15.50 -7.36
C PHE A 169 -2.04 16.51 -6.41
N GLU A 170 -0.95 17.07 -6.86
CA GLU A 170 -0.27 18.14 -6.12
C GLU A 170 -0.55 19.45 -6.89
N GLY A 171 -1.07 19.35 -8.11
CA GLY A 171 -1.32 20.60 -8.89
C GLY A 171 -2.80 20.77 -9.29
N CYS A 172 -3.25 20.11 -10.34
CA CYS A 172 -4.65 20.31 -10.82
C CYS A 172 -5.71 19.92 -9.77
N PRO A 173 -5.89 18.65 -9.54
CA PRO A 173 -6.87 18.16 -8.55
C PRO A 173 -6.44 18.51 -7.13
N VAL A 174 -5.17 18.46 -6.84
CA VAL A 174 -4.73 18.83 -5.45
C VAL A 174 -3.30 19.34 -5.49
N THR A 1 18.68 -26.48 22.70
CA THR A 1 18.44 -27.58 21.72
C THR A 1 16.95 -27.81 21.57
N MET A 2 16.20 -26.78 21.32
CA MET A 2 14.73 -26.93 21.16
C MET A 2 14.25 -26.02 20.03
N ILE A 3 13.11 -26.32 19.46
CA ILE A 3 12.59 -25.47 18.35
C ILE A 3 11.18 -24.98 18.70
N THR A 4 10.94 -23.71 18.52
CA THR A 4 9.59 -23.16 18.84
C THR A 4 9.57 -21.65 18.61
N PRO A 5 10.47 -20.95 19.26
CA PRO A 5 10.58 -19.47 19.14
C PRO A 5 11.29 -19.10 17.84
N SER A 6 10.66 -19.32 16.71
CA SER A 6 11.30 -18.98 15.41
C SER A 6 10.57 -17.79 14.79
N SER A 7 9.37 -17.52 15.23
CA SER A 7 8.61 -16.37 14.66
C SER A 7 9.34 -15.07 15.01
N GLY A 8 9.21 -14.08 14.19
CA GLY A 8 9.90 -12.79 14.48
C GLY A 8 8.87 -11.67 14.63
N ASN A 9 7.62 -11.96 14.37
CA ASN A 9 6.57 -10.92 14.50
C ASN A 9 6.44 -10.53 15.97
N SER A 10 6.79 -11.41 16.88
CA SER A 10 6.71 -11.08 18.32
C SER A 10 7.30 -9.67 18.51
N ALA A 11 8.27 -9.35 17.70
CA ALA A 11 8.91 -8.01 17.77
C ALA A 11 9.27 -7.61 16.34
N SER A 12 8.29 -7.51 15.49
CA SER A 12 8.54 -7.15 14.07
C SER A 12 9.46 -8.18 13.43
N GLY A 13 8.88 -9.05 12.64
CA GLY A 13 9.68 -10.10 11.96
C GLY A 13 8.84 -10.68 10.83
N VAL A 14 7.91 -9.91 10.32
CA VAL A 14 7.04 -10.40 9.23
C VAL A 14 7.86 -11.22 8.26
N GLN A 15 7.23 -12.13 7.61
CA GLN A 15 7.94 -12.95 6.61
C GLN A 15 7.38 -12.65 5.21
N VAL A 16 6.57 -11.62 5.09
CA VAL A 16 6.02 -11.23 3.75
C VAL A 16 5.53 -12.41 2.96
N ALA A 17 4.26 -12.40 2.81
CA ALA A 17 3.59 -13.42 1.99
C ALA A 17 4.33 -13.41 0.65
N ASP A 18 4.55 -14.52 0.01
CA ASP A 18 5.26 -14.42 -1.28
C ASP A 18 4.36 -13.71 -2.25
N GLU A 19 3.09 -13.75 -2.00
CA GLU A 19 2.14 -13.07 -2.90
C GLU A 19 2.39 -11.57 -2.82
N VAL A 20 3.13 -11.12 -1.83
CA VAL A 20 3.37 -9.67 -1.74
C VAL A 20 4.29 -9.25 -2.86
N CYS A 21 5.07 -10.16 -3.39
CA CYS A 21 5.95 -9.80 -4.54
C CYS A 21 5.12 -9.88 -5.83
N ARG A 22 3.82 -9.97 -5.69
CA ARG A 22 2.93 -10.01 -6.87
C ARG A 22 2.01 -8.81 -6.75
N ILE A 23 2.42 -7.87 -5.97
CA ILE A 23 1.64 -6.65 -5.77
C ILE A 23 2.42 -5.50 -6.35
N PHE A 24 3.60 -5.32 -5.86
CA PHE A 24 4.48 -4.28 -6.44
C PHE A 24 4.69 -4.77 -7.86
N TYR A 25 4.87 -6.05 -7.93
CA TYR A 25 5.02 -6.77 -9.20
C TYR A 25 3.88 -6.41 -10.13
N ASP A 26 2.76 -6.08 -9.55
CA ASP A 26 1.57 -5.82 -10.37
C ASP A 26 1.53 -4.35 -10.78
N MET A 27 0.41 -3.72 -10.65
CA MET A 27 0.33 -2.30 -11.03
C MET A 27 0.82 -2.09 -12.47
N LYS A 28 2.10 -1.83 -12.60
CA LYS A 28 2.76 -1.59 -13.92
C LYS A 28 3.07 -0.11 -14.03
N VAL A 29 4.32 0.18 -14.05
CA VAL A 29 4.81 1.59 -14.12
C VAL A 29 4.00 2.44 -15.10
N ARG A 30 4.08 2.16 -16.36
CA ARG A 30 3.39 3.04 -17.33
C ARG A 30 2.14 2.41 -17.97
N LYS A 31 1.89 1.13 -17.88
CA LYS A 31 0.64 0.65 -18.57
C LYS A 31 0.21 -0.76 -18.13
N CYS A 32 -0.93 -1.16 -18.64
CA CYS A 32 -1.52 -2.50 -18.33
C CYS A 32 -1.29 -3.42 -19.56
N SER A 33 -0.52 -4.50 -19.40
CA SER A 33 -0.28 -5.45 -20.57
C SER A 33 -1.51 -5.36 -21.42
N THR A 34 -2.51 -5.99 -20.95
CA THR A 34 -3.82 -5.90 -21.54
C THR A 34 -4.66 -5.50 -20.32
N PRO A 35 -5.08 -4.28 -20.31
CA PRO A 35 -5.79 -3.69 -19.18
C PRO A 35 -7.15 -4.38 -19.02
N GLU A 36 -7.50 -5.21 -19.97
CA GLU A 36 -8.77 -5.96 -19.88
C GLU A 36 -8.74 -6.80 -18.60
N GLU A 37 -7.60 -6.91 -17.99
CA GLU A 37 -7.49 -7.71 -16.78
C GLU A 37 -6.43 -7.05 -15.92
N ILE A 38 -5.49 -6.34 -16.49
CA ILE A 38 -4.46 -5.77 -15.64
C ILE A 38 -4.59 -4.33 -15.32
N LYS A 39 -5.76 -4.20 -14.82
CA LYS A 39 -6.30 -3.01 -14.16
C LYS A 39 -7.18 -3.62 -13.07
N LYS A 40 -7.85 -4.71 -13.40
CA LYS A 40 -8.74 -5.37 -12.41
C LYS A 40 -8.13 -6.71 -12.02
N ARG A 41 -6.86 -6.83 -12.19
CA ARG A 41 -6.16 -8.10 -11.82
C ARG A 41 -5.84 -8.07 -10.33
N LYS A 42 -6.43 -7.17 -9.62
CA LYS A 42 -6.14 -7.04 -8.17
C LYS A 42 -4.71 -6.56 -8.05
N LYS A 43 -4.55 -5.28 -8.05
CA LYS A 43 -3.21 -4.70 -7.96
C LYS A 43 -3.17 -3.88 -6.68
N ALA A 44 -4.06 -2.93 -6.53
CA ALA A 44 -4.09 -2.13 -5.30
C ALA A 44 -4.38 -3.09 -4.21
N VAL A 45 -3.83 -2.87 -3.09
CA VAL A 45 -4.02 -3.88 -2.02
C VAL A 45 -3.50 -3.48 -0.66
N ILE A 46 -3.90 -4.25 0.32
CA ILE A 46 -3.39 -4.12 1.69
C ILE A 46 -3.01 -5.53 2.17
N PHE A 47 -2.04 -5.63 3.02
CA PHE A 47 -1.58 -6.98 3.47
C PHE A 47 -1.41 -6.98 5.00
N CYS A 48 -1.96 -7.94 5.74
CA CYS A 48 -1.80 -7.82 7.24
C CYS A 48 -1.37 -9.12 7.97
N LEU A 49 -0.14 -9.52 7.83
CA LEU A 49 0.39 -10.68 8.61
C LEU A 49 -0.49 -11.94 8.58
N SER A 50 0.14 -13.05 8.25
CA SER A 50 -0.55 -14.38 8.20
C SER A 50 -1.24 -14.71 9.53
N ALA A 51 -1.63 -15.94 9.73
CA ALA A 51 -2.30 -16.33 11.01
C ALA A 51 -1.32 -16.15 12.17
N ASP A 52 -1.79 -15.70 13.30
CA ASP A 52 -0.86 -15.47 14.45
C ASP A 52 -0.07 -14.18 14.19
N LYS A 53 -0.25 -13.61 13.03
CA LYS A 53 0.45 -12.35 12.68
C LYS A 53 1.91 -12.62 12.36
N LYS A 54 2.21 -12.64 11.09
CA LYS A 54 3.57 -12.90 10.64
C LYS A 54 3.77 -12.28 9.24
N CYS A 55 3.83 -13.08 8.20
CA CYS A 55 4.02 -12.58 6.80
C CYS A 55 3.01 -11.55 6.39
N ILE A 56 3.43 -10.58 5.62
CA ILE A 56 2.46 -9.66 5.02
C ILE A 56 1.44 -10.66 4.45
N ILE A 57 0.19 -10.36 4.32
CA ILE A 57 -0.67 -11.52 3.96
C ILE A 57 -2.02 -11.18 3.35
N VAL A 58 -2.33 -9.96 3.29
CA VAL A 58 -3.66 -9.52 2.77
C VAL A 58 -4.74 -10.46 3.32
N GLU A 59 -4.78 -10.64 4.60
CA GLU A 59 -5.83 -11.51 5.21
C GLU A 59 -7.02 -10.64 5.45
N GLU A 60 -7.78 -10.43 4.43
CA GLU A 60 -8.89 -9.51 4.57
C GLU A 60 -9.78 -9.54 3.33
N GLY A 61 -10.09 -8.40 2.80
CA GLY A 61 -10.97 -8.34 1.61
C GLY A 61 -11.02 -6.89 1.12
N LYS A 62 -9.89 -6.24 1.14
CA LYS A 62 -9.84 -4.84 0.69
C LYS A 62 -9.27 -4.82 -0.72
N GLU A 63 -8.28 -4.01 -0.98
CA GLU A 63 -7.65 -3.98 -2.32
C GLU A 63 -8.46 -3.16 -3.32
N ILE A 64 -7.79 -2.33 -4.06
CA ILE A 64 -8.45 -1.55 -5.10
C ILE A 64 -8.15 -2.25 -6.41
N LEU A 65 -8.89 -1.99 -7.43
CA LEU A 65 -8.61 -2.69 -8.71
C LEU A 65 -8.20 -1.70 -9.77
N VAL A 66 -7.37 -0.74 -9.43
CA VAL A 66 -6.89 0.31 -10.40
C VAL A 66 -7.97 0.60 -11.47
N GLY A 67 -8.24 -0.29 -12.37
CA GLY A 67 -9.30 -0.02 -13.36
C GLY A 67 -10.54 0.47 -12.61
N ASP A 68 -10.75 -0.06 -11.42
CA ASP A 68 -11.91 0.40 -10.60
C ASP A 68 -11.76 1.89 -10.46
N VAL A 69 -10.60 2.36 -10.06
CA VAL A 69 -10.37 3.82 -9.94
C VAL A 69 -11.05 4.49 -11.14
N GLY A 70 -12.23 5.01 -10.93
CA GLY A 70 -12.99 5.62 -12.04
C GLY A 70 -14.26 4.79 -12.27
N VAL A 71 -14.60 4.01 -11.28
CA VAL A 71 -15.79 3.14 -11.32
C VAL A 71 -16.42 3.28 -9.94
N THR A 72 -16.13 2.40 -9.05
CA THR A 72 -16.63 2.57 -7.67
C THR A 72 -15.82 3.73 -7.10
N ILE A 73 -14.75 4.09 -7.78
CA ILE A 73 -13.89 5.19 -7.33
C ILE A 73 -13.85 6.23 -8.45
N THR A 74 -13.05 7.26 -8.36
CA THR A 74 -13.08 8.27 -9.46
C THR A 74 -11.70 8.84 -9.79
N ASP A 75 -10.67 8.02 -9.78
CA ASP A 75 -9.30 8.49 -10.19
C ASP A 75 -8.29 8.69 -9.03
N PRO A 76 -8.73 9.08 -7.87
CA PRO A 76 -7.83 9.31 -6.75
C PRO A 76 -7.59 7.96 -6.07
N PHE A 77 -7.36 7.97 -4.80
CA PHE A 77 -7.14 6.70 -4.08
C PHE A 77 -7.64 6.80 -2.64
N LYS A 78 -7.98 7.98 -2.19
CA LYS A 78 -8.50 8.11 -0.80
C LYS A 78 -9.62 7.07 -0.65
N HIS A 79 -10.21 6.66 -1.72
CA HIS A 79 -11.25 5.61 -1.58
C HIS A 79 -10.56 4.41 -0.95
N PHE A 80 -9.43 4.03 -1.50
CA PHE A 80 -8.66 2.88 -0.97
C PHE A 80 -8.25 3.18 0.48
N VAL A 81 -8.04 4.44 0.82
CA VAL A 81 -7.68 4.73 2.23
C VAL A 81 -8.89 4.36 3.07
N GLY A 82 -10.02 4.41 2.44
CA GLY A 82 -11.28 3.98 3.09
C GLY A 82 -11.15 2.46 3.30
N MET A 83 -10.54 1.78 2.34
CA MET A 83 -10.28 0.32 2.51
C MET A 83 -9.33 0.17 3.68
N LEU A 84 -8.78 1.27 4.10
CA LEU A 84 -7.84 1.25 5.23
C LEU A 84 -8.55 1.80 6.49
N PRO A 85 -9.37 0.98 7.12
CA PRO A 85 -10.08 1.39 8.36
C PRO A 85 -9.11 1.51 9.54
N GLU A 86 -9.56 1.36 10.75
CA GLU A 86 -8.63 1.51 11.89
C GLU A 86 -8.34 0.16 12.55
N LYS A 87 -9.13 -0.84 12.29
CA LYS A 87 -8.90 -2.16 12.92
C LYS A 87 -8.01 -3.03 12.04
N ASP A 88 -7.57 -2.51 10.95
CA ASP A 88 -6.72 -3.32 10.04
C ASP A 88 -5.57 -2.46 9.52
N CYS A 89 -4.41 -2.61 10.08
CA CYS A 89 -3.28 -1.80 9.59
C CYS A 89 -3.01 -2.23 8.15
N ARG A 90 -2.05 -3.09 7.95
CA ARG A 90 -1.74 -3.62 6.58
C ARG A 90 -0.72 -2.77 5.82
N TYR A 91 -0.04 -3.40 4.89
CA TYR A 91 0.94 -2.71 4.03
C TYR A 91 0.19 -2.57 2.72
N ALA A 92 0.34 -1.52 1.99
CA ALA A 92 -0.53 -1.46 0.80
C ALA A 92 0.13 -0.88 -0.42
N LEU A 93 -0.04 -1.59 -1.49
CA LEU A 93 0.46 -1.15 -2.81
C LEU A 93 -0.74 -0.80 -3.65
N TYR A 94 -1.00 0.45 -3.79
CA TYR A 94 -2.19 0.86 -4.57
C TYR A 94 -1.79 1.39 -5.94
N ASP A 95 -2.27 0.78 -6.98
CA ASP A 95 -1.94 1.29 -8.34
C ASP A 95 -2.29 2.78 -8.40
N ALA A 96 -1.31 3.64 -8.28
CA ALA A 96 -1.60 5.11 -8.30
C ALA A 96 -1.61 5.66 -9.72
N SER A 97 -2.66 6.33 -10.10
CA SER A 97 -2.72 6.93 -11.46
C SER A 97 -2.69 8.45 -11.31
N PHE A 98 -1.53 9.02 -11.41
CA PHE A 98 -1.44 10.51 -11.24
C PHE A 98 -0.40 11.09 -12.18
N GLU A 99 -0.55 12.32 -12.56
CA GLU A 99 0.48 12.96 -13.41
C GLU A 99 1.44 13.68 -12.49
N THR A 100 2.52 14.09 -13.01
CA THR A 100 3.51 14.77 -12.16
C THR A 100 4.24 15.80 -13.02
N LYS A 101 5.26 16.46 -12.55
CA LYS A 101 5.99 17.34 -13.48
C LYS A 101 6.46 16.40 -14.59
N GLU A 102 6.49 15.11 -14.30
CA GLU A 102 6.88 14.10 -15.28
C GLU A 102 5.66 13.77 -16.14
N SER A 103 4.48 13.89 -15.55
CA SER A 103 3.18 13.64 -16.26
C SER A 103 2.55 12.32 -15.79
N ARG A 104 1.33 12.09 -16.21
CA ARG A 104 0.64 10.83 -15.87
C ARG A 104 1.64 9.71 -16.03
N LYS A 105 2.05 9.19 -14.95
CA LYS A 105 3.09 8.12 -14.99
C LYS A 105 2.77 7.02 -13.99
N GLU A 106 1.52 6.90 -13.64
CA GLU A 106 1.05 5.85 -12.68
C GLU A 106 2.17 5.28 -11.83
N GLU A 107 2.13 5.56 -10.56
CA GLU A 107 3.16 5.00 -9.65
C GLU A 107 2.51 4.60 -8.33
N LEU A 108 2.20 3.35 -8.21
CA LEU A 108 1.57 2.84 -6.96
C LEU A 108 2.40 3.26 -5.77
N MET A 109 1.89 3.05 -4.60
CA MET A 109 2.63 3.50 -3.42
C MET A 109 2.39 2.62 -2.20
N PHE A 110 3.45 2.21 -1.60
CA PHE A 110 3.39 1.40 -0.38
C PHE A 110 2.48 2.08 0.63
N PHE A 111 1.99 1.36 1.58
CA PHE A 111 1.12 1.99 2.60
C PHE A 111 1.21 1.23 3.90
N LEU A 112 1.85 1.79 4.89
CA LEU A 112 1.92 1.11 6.19
C LEU A 112 0.69 1.47 6.96
N TRP A 113 -0.43 1.24 6.36
CA TRP A 113 -1.70 1.55 7.01
C TRP A 113 -1.59 1.08 8.46
N ALA A 114 -1.26 1.96 9.35
CA ALA A 114 -1.11 1.54 10.77
C ALA A 114 -1.89 2.53 11.63
N PRO A 115 -3.15 2.27 11.77
CA PRO A 115 -4.05 3.14 12.54
C PRO A 115 -3.71 3.05 14.02
N GLU A 116 -4.17 3.97 14.80
CA GLU A 116 -3.84 3.93 16.24
C GLU A 116 -4.68 2.86 16.95
N LEU A 117 -5.39 2.04 16.23
CA LEU A 117 -6.26 1.03 16.89
C LEU A 117 -5.67 -0.38 16.74
N ALA A 118 -5.37 -0.75 15.52
CA ALA A 118 -4.84 -2.12 15.26
C ALA A 118 -3.50 -2.37 15.92
N PRO A 119 -2.57 -1.55 15.54
CA PRO A 119 -1.21 -1.71 15.96
C PRO A 119 -0.92 -1.49 17.43
N LEU A 120 0.33 -1.27 17.65
CA LEU A 120 0.95 -1.21 18.98
C LEU A 120 1.80 -2.46 18.87
N LYS A 121 1.39 -3.27 17.90
CA LYS A 121 2.10 -4.45 17.52
C LYS A 121 2.30 -4.30 16.00
N SER A 122 1.34 -3.75 15.23
CA SER A 122 1.60 -3.57 13.78
C SER A 122 2.52 -2.36 13.66
N LYS A 123 2.61 -1.58 14.71
CA LYS A 123 3.52 -0.40 14.71
C LYS A 123 4.93 -0.91 14.96
N MET A 124 5.06 -1.83 15.87
CA MET A 124 6.40 -2.39 16.19
C MET A 124 6.71 -3.47 15.21
N ILE A 125 5.75 -3.89 14.46
CA ILE A 125 5.97 -5.01 13.57
C ILE A 125 6.35 -4.52 12.18
N TYR A 126 5.50 -3.72 11.65
CA TYR A 126 5.71 -3.18 10.29
C TYR A 126 7.05 -2.49 10.32
N ALA A 127 7.43 -2.06 11.47
CA ALA A 127 8.74 -1.41 11.65
C ALA A 127 9.80 -2.24 10.91
N SER A 128 9.78 -3.54 11.12
CA SER A 128 10.77 -4.41 10.44
C SER A 128 10.09 -5.12 9.27
N SER A 129 8.81 -4.95 9.12
CA SER A 129 8.12 -5.61 7.98
C SER A 129 8.52 -4.90 6.71
N LYS A 130 8.77 -3.63 6.81
CA LYS A 130 9.22 -2.85 5.64
C LYS A 130 10.71 -3.03 5.54
N ASP A 131 11.01 -4.15 5.04
CA ASP A 131 12.40 -4.63 4.86
C ASP A 131 12.22 -6.03 4.32
N ALA A 132 11.24 -6.69 4.87
CA ALA A 132 10.88 -8.04 4.39
C ALA A 132 10.07 -7.82 3.13
N ILE A 133 8.96 -7.15 3.27
CA ILE A 133 8.13 -6.82 2.10
C ILE A 133 9.02 -6.13 1.08
N LYS A 134 10.00 -5.41 1.57
CA LYS A 134 10.94 -4.67 0.69
C LYS A 134 11.62 -5.64 -0.27
N LYS A 135 12.04 -6.76 0.23
CA LYS A 135 12.73 -7.73 -0.66
C LYS A 135 11.85 -8.00 -1.87
N LYS A 136 10.59 -7.75 -1.72
CA LYS A 136 9.64 -7.94 -2.86
C LYS A 136 9.24 -6.55 -3.34
N PHE A 137 9.36 -5.58 -2.46
CA PHE A 137 9.04 -4.16 -2.82
C PHE A 137 10.35 -3.48 -3.09
N GLN A 138 11.31 -4.27 -3.50
CA GLN A 138 12.68 -3.78 -3.82
C GLN A 138 12.86 -2.35 -3.29
N GLY A 139 12.45 -1.40 -4.07
CA GLY A 139 12.50 0.01 -3.60
C GLY A 139 11.22 0.64 -4.09
N ILE A 140 10.18 0.32 -3.40
CA ILE A 140 8.87 0.74 -3.76
C ILE A 140 8.78 2.16 -4.20
N LYS A 141 7.90 2.32 -5.10
CA LYS A 141 7.64 3.65 -5.68
C LYS A 141 7.29 4.56 -4.54
N HIS A 142 6.64 4.05 -3.53
CA HIS A 142 6.32 4.99 -2.42
C HIS A 142 6.17 4.33 -1.06
N GLU A 143 7.04 4.62 -0.17
CA GLU A 143 6.86 4.08 1.19
C GLU A 143 6.07 5.11 1.97
N CYS A 144 4.84 4.82 2.19
CA CYS A 144 3.97 5.81 2.90
C CYS A 144 3.22 5.20 4.07
N GLN A 145 3.62 5.49 5.28
CA GLN A 145 2.87 4.94 6.44
C GLN A 145 1.71 5.88 6.78
N ALA A 146 0.72 5.40 7.48
CA ALA A 146 -0.43 6.27 7.83
C ALA A 146 -1.07 5.79 9.13
N ASN A 147 -0.95 6.56 10.16
CA ASN A 147 -1.58 6.18 11.44
C ASN A 147 -2.80 7.05 11.59
N GLY A 148 -3.48 7.09 10.50
CA GLY A 148 -4.70 7.89 10.32
C GLY A 148 -4.88 7.84 8.82
N PRO A 149 -6.07 7.75 8.36
CA PRO A 149 -6.31 7.66 6.93
C PRO A 149 -5.92 9.01 6.28
N GLU A 150 -5.46 9.95 7.08
CA GLU A 150 -5.05 11.28 6.55
C GLU A 150 -3.61 11.21 6.05
N ASP A 151 -2.80 10.34 6.59
CA ASP A 151 -1.42 10.25 6.05
C ASP A 151 -1.55 9.73 4.62
N LEU A 152 -2.68 9.12 4.33
CA LEU A 152 -2.99 8.60 2.98
C LEU A 152 -3.67 9.70 2.20
N ASN A 153 -4.11 10.70 2.90
CA ASN A 153 -4.79 11.83 2.28
C ASN A 153 -4.16 12.08 0.93
N ARG A 154 -4.88 11.87 -0.10
CA ARG A 154 -4.30 12.05 -1.46
C ARG A 154 -3.58 13.40 -1.56
N ALA A 155 -4.07 14.41 -0.90
CA ALA A 155 -3.39 15.72 -0.93
C ALA A 155 -1.99 15.50 -0.38
N CYS A 156 -1.94 14.71 0.64
CA CYS A 156 -0.66 14.38 1.30
C CYS A 156 0.14 13.43 0.45
N ILE A 157 -0.53 12.56 -0.24
CA ILE A 157 0.15 11.66 -1.12
C ILE A 157 0.53 12.52 -2.30
N ALA A 158 -0.13 13.64 -2.35
CA ALA A 158 0.13 14.68 -3.37
C ALA A 158 1.16 15.62 -2.74
N GLU A 159 1.83 15.09 -1.80
CA GLU A 159 2.90 15.76 -1.05
C GLU A 159 4.06 14.77 -0.98
N LYS A 160 3.74 13.52 -0.93
CA LYS A 160 4.76 12.47 -0.96
C LYS A 160 5.20 12.39 -2.43
N LEU A 161 4.32 12.86 -3.29
CA LEU A 161 4.61 12.96 -4.75
C LEU A 161 4.57 14.46 -5.08
N GLY A 162 3.61 15.16 -4.50
CA GLY A 162 3.47 16.62 -4.75
C GLY A 162 4.41 17.40 -3.87
N GLY A 163 5.09 16.71 -3.03
CA GLY A 163 6.08 17.38 -2.14
C GLY A 163 7.46 17.30 -2.79
N SER A 164 7.47 17.12 -4.08
CA SER A 164 8.75 17.02 -4.81
C SER A 164 8.56 17.60 -6.21
N LEU A 165 7.62 17.09 -6.97
CA LEU A 165 7.44 17.63 -8.32
C LEU A 165 6.45 16.84 -9.14
N ILE A 166 5.18 16.90 -8.85
CA ILE A 166 4.25 16.17 -9.73
C ILE A 166 3.45 17.17 -10.56
N VAL A 167 2.15 17.08 -10.58
CA VAL A 167 1.32 18.00 -11.40
C VAL A 167 -0.14 17.75 -11.04
N ALA A 168 -0.46 16.54 -10.64
CA ALA A 168 -1.83 16.18 -10.24
C ALA A 168 -1.76 15.49 -8.91
N PHE A 169 -2.83 15.56 -8.17
CA PHE A 169 -2.87 15.01 -6.78
C PHE A 169 -2.47 16.18 -5.93
N GLU A 170 -1.42 16.82 -6.36
CA GLU A 170 -0.91 18.03 -5.71
C GLU A 170 -1.19 19.19 -6.67
N GLY A 171 -1.61 18.89 -7.89
CA GLY A 171 -1.86 19.99 -8.86
C GLY A 171 -3.30 19.99 -9.44
N CYS A 172 -3.58 19.16 -10.41
CA CYS A 172 -4.94 19.18 -11.06
C CYS A 172 -6.07 18.77 -10.09
N PRO A 173 -6.14 17.51 -9.76
CA PRO A 173 -7.19 16.99 -8.86
C PRO A 173 -6.98 17.50 -7.44
N VAL A 174 -5.75 17.62 -7.01
CA VAL A 174 -5.52 18.15 -5.62
C VAL A 174 -4.15 18.79 -5.55
N THR A 1 27.18 -1.19 23.52
CA THR A 1 27.08 -1.49 24.98
C THR A 1 26.79 -2.99 25.17
N MET A 2 25.89 -3.52 24.41
CA MET A 2 25.56 -4.97 24.53
C MET A 2 24.38 -5.31 23.63
N ILE A 3 24.64 -5.68 22.40
CA ILE A 3 23.53 -6.03 21.47
C ILE A 3 22.90 -7.34 21.92
N THR A 4 21.64 -7.54 21.60
CA THR A 4 20.96 -8.79 22.01
C THR A 4 19.81 -9.07 21.02
N PRO A 5 19.83 -10.25 20.44
CA PRO A 5 18.80 -10.66 19.48
C PRO A 5 17.51 -11.06 20.20
N SER A 6 16.37 -10.69 19.67
CA SER A 6 15.08 -11.03 20.32
C SER A 6 14.39 -12.14 19.51
N SER A 7 13.11 -12.33 19.69
CA SER A 7 12.41 -13.40 18.92
C SER A 7 10.91 -13.12 18.87
N GLY A 8 10.18 -13.87 18.08
CA GLY A 8 8.70 -13.65 17.99
C GLY A 8 8.42 -12.51 16.99
N ASN A 9 7.21 -12.02 16.97
CA ASN A 9 6.92 -10.90 16.02
C ASN A 9 7.71 -9.66 16.47
N SER A 10 7.96 -9.55 17.74
CA SER A 10 8.76 -8.38 18.23
C SER A 10 9.94 -8.18 17.29
N ALA A 11 10.38 -6.98 17.08
CA ALA A 11 11.51 -6.77 16.15
C ALA A 11 11.06 -7.27 14.77
N SER A 12 9.79 -7.27 14.53
CA SER A 12 9.24 -7.74 13.22
C SER A 12 9.53 -9.22 13.02
N GLY A 13 8.58 -10.07 13.29
CA GLY A 13 8.79 -11.53 13.09
C GLY A 13 8.18 -11.91 11.74
N VAL A 14 7.06 -11.33 11.41
CA VAL A 14 6.39 -11.63 10.10
C VAL A 14 7.44 -11.79 9.02
N GLN A 15 7.13 -12.57 8.04
CA GLN A 15 8.12 -12.84 6.96
C GLN A 15 7.53 -12.61 5.56
N VAL A 16 6.75 -11.58 5.35
CA VAL A 16 6.19 -11.36 3.99
C VAL A 16 5.57 -12.65 3.47
N ALA A 17 4.94 -12.57 2.34
CA ALA A 17 4.23 -13.73 1.79
C ALA A 17 4.84 -14.19 0.47
N ASP A 18 5.58 -13.33 -0.16
CA ASP A 18 6.16 -13.64 -1.50
C ASP A 18 5.14 -13.18 -2.52
N GLU A 19 3.89 -13.12 -2.11
CA GLU A 19 2.85 -12.61 -3.01
C GLU A 19 3.11 -11.12 -3.15
N VAL A 20 3.97 -10.59 -2.30
CA VAL A 20 4.32 -9.14 -2.38
C VAL A 20 5.20 -8.98 -3.60
N CYS A 21 5.93 -10.01 -3.94
CA CYS A 21 6.72 -9.93 -5.19
C CYS A 21 5.71 -9.77 -6.34
N ARG A 22 4.43 -9.89 -6.05
CA ARG A 22 3.37 -9.73 -7.07
C ARG A 22 2.65 -8.44 -6.74
N ILE A 23 2.76 -7.98 -5.52
CA ILE A 23 2.09 -6.72 -5.17
C ILE A 23 2.93 -5.57 -5.70
N PHE A 24 4.14 -5.46 -5.29
CA PHE A 24 4.98 -4.38 -5.84
C PHE A 24 4.93 -4.52 -7.36
N TYR A 25 4.72 -5.72 -7.79
CA TYR A 25 4.68 -6.05 -9.21
C TYR A 25 3.27 -5.89 -9.80
N ASP A 26 2.27 -5.88 -8.96
CA ASP A 26 0.88 -5.77 -9.49
C ASP A 26 0.65 -4.41 -10.12
N MET A 27 1.62 -3.56 -10.02
CA MET A 27 1.47 -2.20 -10.56
C MET A 27 2.29 -2.04 -11.86
N LYS A 28 3.03 -0.97 -11.99
CA LYS A 28 3.87 -0.76 -13.22
C LYS A 28 3.06 -0.71 -14.50
N VAL A 29 1.77 -0.88 -14.45
CA VAL A 29 0.94 -0.85 -15.69
C VAL A 29 1.67 -1.51 -16.88
N ARG A 30 2.61 -2.38 -16.65
CA ARG A 30 3.30 -3.01 -17.81
C ARG A 30 2.85 -4.46 -17.90
N LYS A 31 1.64 -4.71 -17.48
CA LYS A 31 1.10 -6.09 -17.53
C LYS A 31 -0.40 -6.01 -17.81
N CYS A 32 -0.77 -6.04 -19.06
CA CYS A 32 -2.22 -5.94 -19.38
C CYS A 32 -2.54 -6.57 -20.74
N SER A 33 -3.16 -7.72 -20.75
CA SER A 33 -3.56 -8.37 -22.04
C SER A 33 -4.02 -7.25 -22.93
N THR A 34 -5.10 -6.72 -22.50
CA THR A 34 -5.71 -5.53 -23.11
C THR A 34 -6.03 -4.72 -21.85
N PRO A 35 -5.42 -3.60 -21.72
CA PRO A 35 -5.51 -2.81 -20.50
C PRO A 35 -6.89 -2.17 -20.30
N GLU A 36 -7.75 -2.32 -21.26
CA GLU A 36 -9.13 -1.73 -21.16
C GLU A 36 -10.02 -2.60 -20.27
N GLU A 37 -9.44 -3.59 -19.67
CA GLU A 37 -10.20 -4.51 -18.78
C GLU A 37 -9.25 -4.91 -17.66
N ILE A 38 -8.01 -4.88 -17.98
CA ILE A 38 -6.90 -5.15 -17.09
C ILE A 38 -7.04 -4.38 -15.79
N LYS A 39 -7.58 -3.19 -15.85
CA LYS A 39 -7.76 -2.42 -14.60
C LYS A 39 -8.47 -3.34 -13.64
N LYS A 40 -9.34 -4.10 -14.22
CA LYS A 40 -10.14 -5.10 -13.45
C LYS A 40 -9.38 -6.43 -13.40
N ARG A 41 -8.08 -6.38 -13.30
CA ARG A 41 -7.29 -7.63 -13.25
C ARG A 41 -6.29 -7.57 -12.08
N LYS A 42 -6.37 -6.52 -11.31
CA LYS A 42 -5.46 -6.32 -10.11
C LYS A 42 -4.49 -5.15 -10.38
N LYS A 43 -4.42 -4.20 -9.48
CA LYS A 43 -3.50 -3.03 -9.70
C LYS A 43 -3.08 -2.42 -8.36
N ALA A 44 -3.95 -2.47 -7.39
CA ALA A 44 -3.66 -1.91 -6.06
C ALA A 44 -3.90 -3.00 -5.04
N VAL A 45 -3.46 -2.81 -3.86
CA VAL A 45 -3.65 -3.90 -2.86
C VAL A 45 -3.24 -3.51 -1.43
N ILE A 46 -3.94 -4.03 -0.45
CA ILE A 46 -3.53 -3.84 0.95
C ILE A 46 -3.11 -5.24 1.43
N PHE A 47 -2.35 -5.36 2.49
CA PHE A 47 -1.89 -6.71 2.91
C PHE A 47 -1.65 -6.74 4.45
N CYS A 48 -2.04 -7.77 5.20
CA CYS A 48 -1.74 -7.71 6.69
C CYS A 48 -1.48 -9.08 7.34
N LEU A 49 -0.28 -9.57 7.23
CA LEU A 49 0.11 -10.82 7.94
C LEU A 49 -0.88 -11.99 7.83
N SER A 50 -0.32 -13.13 7.50
CA SER A 50 -1.11 -14.39 7.32
C SER A 50 -2.01 -14.67 8.53
N ALA A 51 -2.40 -15.91 8.70
CA ALA A 51 -3.28 -16.28 9.85
C ALA A 51 -2.45 -16.31 11.14
N ASP A 52 -2.97 -15.78 12.21
CA ASP A 52 -2.21 -15.75 13.49
C ASP A 52 -1.15 -14.66 13.41
N LYS A 53 -1.08 -13.97 12.31
CA LYS A 53 -0.07 -12.90 12.13
C LYS A 53 1.26 -13.54 11.79
N LYS A 54 1.90 -13.01 10.78
CA LYS A 54 3.18 -13.54 10.29
C LYS A 54 3.13 -13.50 8.79
N CYS A 55 4.09 -12.88 8.20
CA CYS A 55 4.16 -12.82 6.72
C CYS A 55 3.31 -11.69 6.18
N ILE A 56 3.92 -10.62 5.74
CA ILE A 56 3.11 -9.57 5.11
C ILE A 56 2.19 -10.33 4.19
N ILE A 57 0.94 -10.00 4.12
CA ILE A 57 0.06 -10.86 3.30
C ILE A 57 -1.26 -10.16 3.06
N VAL A 58 -2.24 -10.86 2.57
CA VAL A 58 -3.56 -10.25 2.36
C VAL A 58 -4.49 -10.92 3.38
N GLU A 59 -5.18 -10.20 4.22
CA GLU A 59 -5.98 -10.93 5.25
C GLU A 59 -7.17 -10.13 5.78
N GLU A 60 -8.16 -9.86 4.98
CA GLU A 60 -9.32 -9.11 5.50
C GLU A 60 -10.27 -8.72 4.37
N GLY A 61 -9.74 -8.58 3.21
CA GLY A 61 -10.57 -8.21 2.03
C GLY A 61 -10.41 -6.70 1.74
N LYS A 62 -9.30 -6.32 1.15
CA LYS A 62 -9.06 -4.91 0.84
C LYS A 62 -8.58 -4.85 -0.62
N GLU A 63 -7.65 -3.99 -0.91
CA GLU A 63 -7.06 -3.92 -2.28
C GLU A 63 -7.94 -3.19 -3.29
N ILE A 64 -7.32 -2.38 -4.09
CA ILE A 64 -7.99 -1.69 -5.18
C ILE A 64 -7.33 -2.24 -6.43
N LEU A 65 -7.74 -1.86 -7.58
CA LEU A 65 -7.05 -2.36 -8.78
C LEU A 65 -7.35 -1.46 -9.95
N VAL A 66 -7.65 -0.20 -9.71
CA VAL A 66 -7.93 0.74 -10.82
C VAL A 66 -9.24 0.38 -11.57
N GLY A 67 -9.47 -0.86 -11.88
CA GLY A 67 -10.73 -1.23 -12.58
C GLY A 67 -11.88 -0.73 -11.73
N ASP A 68 -11.83 -0.99 -10.46
CA ASP A 68 -12.90 -0.47 -9.58
C ASP A 68 -12.93 1.03 -9.80
N VAL A 69 -11.82 1.70 -9.58
CA VAL A 69 -11.75 3.17 -9.80
C VAL A 69 -12.69 3.55 -10.95
N GLY A 70 -13.90 3.92 -10.61
CA GLY A 70 -14.90 4.29 -11.64
C GLY A 70 -16.28 3.78 -11.20
N VAL A 71 -16.33 2.99 -10.18
CA VAL A 71 -17.61 2.47 -9.66
C VAL A 71 -17.71 2.90 -8.21
N THR A 72 -17.13 2.13 -7.33
CA THR A 72 -17.11 2.53 -5.92
C THR A 72 -16.05 3.63 -5.81
N ILE A 73 -15.28 3.79 -6.86
CA ILE A 73 -14.21 4.82 -6.82
C ILE A 73 -14.22 5.63 -8.12
N THR A 74 -13.15 6.31 -8.44
CA THR A 74 -13.14 7.12 -9.68
C THR A 74 -11.76 7.68 -9.99
N ASP A 75 -10.71 6.98 -9.60
CA ASP A 75 -9.31 7.42 -9.91
C ASP A 75 -8.57 8.17 -8.76
N PRO A 76 -9.24 8.61 -7.73
CA PRO A 76 -8.55 9.28 -6.62
C PRO A 76 -7.85 8.20 -5.79
N PHE A 77 -8.08 8.12 -4.52
CA PHE A 77 -7.41 7.06 -3.71
C PHE A 77 -8.07 6.96 -2.31
N LYS A 78 -8.68 8.01 -1.83
CA LYS A 78 -9.32 7.98 -0.48
C LYS A 78 -10.18 6.73 -0.33
N HIS A 79 -10.96 6.39 -1.31
CA HIS A 79 -11.77 5.15 -1.15
C HIS A 79 -10.84 4.06 -0.63
N PHE A 80 -9.67 3.96 -1.22
CA PHE A 80 -8.70 2.93 -0.79
C PHE A 80 -8.32 3.21 0.67
N VAL A 81 -8.22 4.46 1.06
CA VAL A 81 -7.92 4.75 2.48
C VAL A 81 -9.05 4.16 3.31
N GLY A 82 -10.19 4.07 2.69
CA GLY A 82 -11.38 3.47 3.35
C GLY A 82 -11.08 1.99 3.50
N MET A 83 -10.41 1.42 2.51
CA MET A 83 -10.01 -0.01 2.63
C MET A 83 -9.03 -0.06 3.79
N LEU A 84 -8.55 1.07 4.20
CA LEU A 84 -7.61 1.14 5.34
C LEU A 84 -8.37 1.67 6.57
N PRO A 85 -9.01 0.80 7.32
CA PRO A 85 -9.79 1.20 8.51
C PRO A 85 -8.87 1.52 9.69
N GLU A 86 -9.42 1.61 10.87
CA GLU A 86 -8.59 1.92 12.06
C GLU A 86 -8.33 0.64 12.85
N LYS A 87 -9.08 -0.39 12.56
CA LYS A 87 -8.92 -1.68 13.28
C LYS A 87 -8.04 -2.67 12.51
N ASP A 88 -7.31 -2.23 11.54
CA ASP A 88 -6.45 -3.17 10.78
C ASP A 88 -5.39 -2.39 10.03
N CYS A 89 -4.15 -2.67 10.29
CA CYS A 89 -3.06 -1.93 9.60
C CYS A 89 -3.04 -2.37 8.14
N ARG A 90 -2.33 -3.41 7.85
CA ARG A 90 -2.28 -3.89 6.46
C ARG A 90 -1.50 -2.94 5.57
N TYR A 91 -0.35 -3.31 5.10
CA TYR A 91 0.39 -2.38 4.20
C TYR A 91 -0.42 -2.24 2.92
N ALA A 92 0.09 -1.60 1.91
CA ALA A 92 -0.74 -1.52 0.67
C ALA A 92 -0.04 -0.87 -0.54
N LEU A 93 0.03 -1.61 -1.63
CA LEU A 93 0.60 -1.10 -2.91
C LEU A 93 -0.55 -0.83 -3.86
N TYR A 94 -0.85 0.41 -4.07
CA TYR A 94 -1.98 0.76 -4.93
C TYR A 94 -1.50 1.47 -6.19
N ASP A 95 -1.84 0.94 -7.34
CA ASP A 95 -1.40 1.59 -8.60
C ASP A 95 -1.80 3.06 -8.56
N ALA A 96 -0.92 3.92 -8.12
CA ALA A 96 -1.27 5.36 -8.06
C ALA A 96 -1.34 5.94 -9.45
N SER A 97 -2.50 6.37 -9.87
CA SER A 97 -2.61 6.97 -11.22
C SER A 97 -2.57 8.49 -11.07
N PHE A 98 -1.41 9.06 -11.18
CA PHE A 98 -1.27 10.53 -11.03
C PHE A 98 -0.31 11.09 -12.06
N GLU A 99 -0.45 12.34 -12.39
CA GLU A 99 0.51 12.96 -13.34
C GLU A 99 1.52 13.75 -12.54
N THR A 100 2.57 14.15 -13.17
CA THR A 100 3.61 14.91 -12.42
C THR A 100 4.25 15.91 -13.39
N LYS A 101 5.28 16.63 -12.99
CA LYS A 101 5.92 17.50 -14.00
C LYS A 101 6.25 16.55 -15.16
N GLU A 102 6.39 15.28 -14.83
CA GLU A 102 6.66 14.25 -15.86
C GLU A 102 5.36 13.95 -16.60
N SER A 103 4.25 14.01 -15.88
CA SER A 103 2.89 13.75 -16.43
C SER A 103 2.34 12.47 -15.84
N ARG A 104 1.32 11.93 -16.43
CA ARG A 104 0.77 10.68 -15.94
C ARG A 104 1.89 9.67 -16.02
N LYS A 105 2.09 8.97 -14.98
CA LYS A 105 3.20 7.97 -14.94
C LYS A 105 2.88 6.89 -13.93
N GLU A 106 1.63 6.79 -13.56
CA GLU A 106 1.18 5.78 -12.56
C GLU A 106 2.31 5.24 -11.71
N GLU A 107 2.33 5.63 -10.48
CA GLU A 107 3.41 5.14 -9.59
C GLU A 107 2.83 4.73 -8.23
N LEU A 108 2.65 3.45 -8.08
CA LEU A 108 2.08 2.88 -6.82
C LEU A 108 2.97 3.23 -5.63
N MET A 109 2.52 2.92 -4.44
CA MET A 109 3.29 3.35 -3.24
C MET A 109 3.01 2.50 -2.01
N PHE A 110 4.03 1.87 -1.48
CA PHE A 110 3.85 1.11 -0.21
C PHE A 110 2.91 1.87 0.70
N PHE A 111 2.11 1.21 1.46
CA PHE A 111 1.25 1.98 2.39
C PHE A 111 1.42 1.39 3.76
N LEU A 112 2.00 2.12 4.66
CA LEU A 112 2.23 1.63 6.03
C LEU A 112 0.97 1.93 6.80
N TRP A 113 -0.11 1.35 6.34
CA TRP A 113 -1.43 1.62 6.96
C TRP A 113 -1.41 1.41 8.47
N ALA A 114 -0.99 2.38 9.22
CA ALA A 114 -1.00 2.27 10.70
C ALA A 114 -2.21 3.08 11.19
N PRO A 115 -3.20 2.40 11.71
CA PRO A 115 -4.43 3.05 12.17
C PRO A 115 -4.25 3.73 13.53
N GLU A 116 -3.06 3.76 14.02
CA GLU A 116 -2.79 4.41 15.34
C GLU A 116 -3.59 3.73 16.48
N LEU A 117 -4.44 2.79 16.17
CA LEU A 117 -5.24 2.12 17.22
C LEU A 117 -5.12 0.60 17.07
N ALA A 118 -4.77 0.15 15.89
CA ALA A 118 -4.64 -1.32 15.65
C ALA A 118 -3.97 -1.98 16.84
N PRO A 119 -3.97 -3.28 16.81
CA PRO A 119 -3.36 -4.09 17.87
C PRO A 119 -1.84 -3.92 17.82
N LEU A 120 -1.21 -3.82 18.96
CA LEU A 120 0.27 -3.61 19.00
C LEU A 120 0.96 -4.57 18.04
N LYS A 121 0.46 -5.76 17.91
CA LYS A 121 1.13 -6.74 17.02
C LYS A 121 1.48 -6.12 15.66
N SER A 122 0.64 -5.28 15.10
CA SER A 122 0.98 -4.67 13.77
C SER A 122 1.68 -3.33 13.97
N LYS A 123 1.40 -2.67 15.06
CA LYS A 123 2.04 -1.35 15.31
C LYS A 123 3.47 -1.58 15.80
N MET A 124 3.81 -2.80 16.09
CA MET A 124 5.19 -3.14 16.56
C MET A 124 5.90 -3.96 15.51
N ILE A 125 5.15 -4.76 14.81
CA ILE A 125 5.71 -5.63 13.83
C ILE A 125 6.09 -4.88 12.59
N TYR A 126 5.11 -4.22 12.05
CA TYR A 126 5.30 -3.45 10.82
C TYR A 126 6.45 -2.50 11.06
N ALA A 127 6.58 -2.10 12.27
CA ALA A 127 7.69 -1.22 12.68
C ALA A 127 8.96 -1.72 11.99
N SER A 128 9.24 -2.99 12.10
CA SER A 128 10.45 -3.55 11.44
C SER A 128 10.04 -4.40 10.25
N SER A 129 8.75 -4.53 10.01
CA SER A 129 8.28 -5.34 8.85
C SER A 129 8.38 -4.47 7.60
N LYS A 130 8.42 -3.19 7.80
CA LYS A 130 8.57 -2.24 6.66
C LYS A 130 10.05 -2.12 6.40
N ASP A 131 10.51 -3.13 5.82
CA ASP A 131 11.94 -3.31 5.48
C ASP A 131 12.00 -4.71 4.92
N ALA A 132 11.26 -5.57 5.55
CA ALA A 132 11.14 -6.97 5.09
C ALA A 132 10.32 -6.91 3.82
N ILE A 133 9.21 -6.24 3.90
CA ILE A 133 8.34 -6.05 2.73
C ILE A 133 9.16 -5.39 1.67
N LYS A 134 10.05 -4.54 2.11
CA LYS A 134 10.93 -3.80 1.17
C LYS A 134 11.80 -4.78 0.40
N LYS A 135 12.20 -5.84 1.03
CA LYS A 135 13.04 -6.84 0.31
C LYS A 135 12.29 -7.29 -0.94
N LYS A 136 11.01 -7.09 -0.93
CA LYS A 136 10.19 -7.45 -2.11
C LYS A 136 9.60 -6.16 -2.66
N PHE A 137 9.59 -5.12 -1.86
CA PHE A 137 9.06 -3.81 -2.34
C PHE A 137 10.24 -2.97 -2.74
N GLN A 138 11.16 -3.59 -3.38
CA GLN A 138 12.38 -2.90 -3.82
C GLN A 138 12.11 -2.17 -5.13
N GLY A 139 10.94 -2.33 -5.67
CA GLY A 139 10.63 -1.65 -6.96
C GLY A 139 9.56 -0.58 -6.76
N ILE A 140 9.04 -0.40 -5.57
CA ILE A 140 8.03 0.62 -5.38
C ILE A 140 8.48 1.91 -5.99
N LYS A 141 7.58 2.80 -6.03
CA LYS A 141 7.89 4.17 -6.44
C LYS A 141 8.13 4.88 -5.10
N HIS A 142 7.55 4.33 -4.04
CA HIS A 142 7.82 4.88 -2.68
C HIS A 142 7.06 4.20 -1.60
N GLU A 143 7.52 4.45 -0.43
CA GLU A 143 6.86 3.93 0.77
C GLU A 143 6.13 5.10 1.41
N CYS A 144 4.87 4.95 1.52
CA CYS A 144 4.00 6.02 2.08
C CYS A 144 3.40 5.55 3.40
N GLN A 145 3.98 5.95 4.50
CA GLN A 145 3.42 5.52 5.82
C GLN A 145 2.28 6.43 6.22
N ALA A 146 1.35 5.89 6.95
CA ALA A 146 0.20 6.70 7.41
C ALA A 146 -0.28 6.20 8.77
N ASN A 147 -0.11 6.99 9.78
CA ASN A 147 -0.60 6.57 11.12
C ASN A 147 -1.93 7.28 11.33
N GLY A 148 -2.67 7.30 10.29
CA GLY A 148 -3.97 7.94 10.22
C GLY A 148 -4.32 7.82 8.75
N PRO A 149 -5.56 7.72 8.45
CA PRO A 149 -5.99 7.59 7.08
C PRO A 149 -5.74 8.95 6.38
N GLU A 150 -5.19 9.89 7.13
CA GLU A 150 -4.90 11.25 6.65
C GLU A 150 -3.46 11.32 6.17
N ASP A 151 -2.61 10.46 6.64
CA ASP A 151 -1.24 10.49 6.13
C ASP A 151 -1.31 9.97 4.70
N LEU A 152 -2.45 9.44 4.32
CA LEU A 152 -2.63 8.95 2.91
C LEU A 152 -3.32 10.10 2.15
N ASN A 153 -3.73 11.07 2.90
CA ASN A 153 -4.41 12.29 2.42
C ASN A 153 -4.72 12.30 0.93
N ARG A 154 -3.69 12.36 0.12
CA ARG A 154 -3.81 12.48 -1.37
C ARG A 154 -3.10 13.78 -1.70
N ALA A 155 -3.42 14.80 -0.95
CA ALA A 155 -2.72 16.09 -1.11
C ALA A 155 -1.34 15.81 -0.54
N CYS A 156 -1.33 14.95 0.44
CA CYS A 156 -0.06 14.53 1.07
C CYS A 156 0.57 13.51 0.18
N ILE A 157 -0.20 12.68 -0.42
CA ILE A 157 0.40 11.77 -1.34
C ILE A 157 0.89 12.66 -2.46
N ALA A 158 0.28 13.81 -2.50
CA ALA A 158 0.62 14.89 -3.46
C ALA A 158 1.69 15.77 -2.82
N GLU A 159 2.46 15.13 -2.01
CA GLU A 159 3.59 15.74 -1.29
C GLU A 159 4.71 14.72 -1.39
N LYS A 160 4.35 13.49 -1.17
CA LYS A 160 5.31 12.39 -1.31
C LYS A 160 5.66 12.37 -2.80
N LEU A 161 4.76 12.89 -3.60
CA LEU A 161 5.00 13.06 -5.05
C LEU A 161 4.82 14.55 -5.37
N GLY A 162 3.88 15.19 -4.69
CA GLY A 162 3.63 16.64 -4.93
C GLY A 162 4.44 17.45 -3.95
N GLY A 163 5.40 16.82 -3.36
CA GLY A 163 6.30 17.53 -2.43
C GLY A 163 7.61 17.74 -3.15
N SER A 164 7.57 17.63 -4.45
CA SER A 164 8.80 17.81 -5.27
C SER A 164 8.42 18.38 -6.63
N LEU A 165 7.90 17.58 -7.52
CA LEU A 165 7.56 18.12 -8.85
C LEU A 165 6.59 17.24 -9.62
N ILE A 166 5.33 17.22 -9.26
CA ILE A 166 4.41 16.41 -10.09
C ILE A 166 3.55 17.35 -10.94
N VAL A 167 2.25 17.20 -10.87
CA VAL A 167 1.35 18.05 -11.70
C VAL A 167 -0.09 17.75 -11.29
N ALA A 168 -0.32 16.57 -10.79
CA ALA A 168 -1.67 16.16 -10.34
C ALA A 168 -1.49 15.49 -8.99
N PHE A 169 -2.52 15.56 -8.19
CA PHE A 169 -2.46 15.06 -6.78
C PHE A 169 -2.07 16.29 -6.02
N GLU A 170 -1.10 16.95 -6.54
CA GLU A 170 -0.64 18.23 -5.99
C GLU A 170 -1.06 19.32 -6.98
N GLY A 171 -1.53 18.92 -8.16
CA GLY A 171 -1.92 19.95 -9.17
C GLY A 171 -3.38 19.79 -9.67
N CYS A 172 -3.63 18.91 -10.61
CA CYS A 172 -5.01 18.78 -11.19
C CYS A 172 -6.06 18.35 -10.16
N PRO A 173 -6.04 17.12 -9.73
CA PRO A 173 -6.99 16.60 -8.75
C PRO A 173 -6.76 17.25 -7.39
N VAL A 174 -5.54 17.50 -7.04
CA VAL A 174 -5.26 18.15 -5.73
C VAL A 174 -3.92 18.88 -5.79
#